data_9FNE
#
_entry.id   9FNE
#
_cell.length_a   1.00
_cell.length_b   1.00
_cell.length_c   1.00
_cell.angle_alpha   90.00
_cell.angle_beta   90.00
_cell.angle_gamma   90.00
#
_symmetry.space_group_name_H-M   'P 1'
#
loop_
_entity.id
_entity.type
_entity.pdbx_description
1 polymer 'DNA-directed RNA polymerase subunit alpha'
2 polymer 'DNA-directed RNA polymerase subunit beta'
3 polymer "DNA-directed RNA polymerase subunit beta'"
4 polymer 'DNA-directed RNA polymerase subunit omega'
5 polymer 'RNA polymerase sigma factor SigA'
6 polymer 'RNA polymerase-binding protein RbpA'
7 polymer 'recA-op non-template strand'
8 polymer 'recA-op template strand'
9 polymer PafC
10 polymer 'Transcriptional regulator-like protein'
11 non-polymer 'ZINC ION'
12 non-polymer 'MAGNESIUM ION'
#
loop_
_entity_poly.entity_id
_entity_poly.type
_entity_poly.pdbx_seq_one_letter_code
_entity_poly.pdbx_strand_id
1 'polypeptide(L)'
;MLISQRPTLSEETVAENRSRFVIEPLEPGFGYTLGNSLRRTLLSSIPGAAVTSIRIDGVLHEFTTVPGVKEDVTDIILNL
KGLVVSSDDDEPVTMYLRKQGPGVVTAGDIVPPAGVTVHNPDMHIATLNDKGKLEVELVVERGRGYVPAVQNKASGAEIG
RIPVDSIYSPVLKVTYKVEATRVEQRTDFDKLIIDVETKNSISPRDALASAGGTLVELFGLARELNADSEHIEIGPSPAE
ADHIASFALPIDDLDLTVRSYNCLKREGVHTVGELVARTESDLLDIRNFGQKSIDEVKIKLHQLGLSLKDSPATFDPSEV
AGYDAATGTWTSDAGYDLDDNQDYAETEQL
;
A,B
2 'polypeptide(L)'
;MLEGCILAVSSQSKSNAITNNSVPGAPNRVSFAKLREPLEVPGLLDVQTDSFEWLVGSDRWRQAAIDRGEENPVGGLEEV
LAELSPIEDFSGSMSLSFSDPRFDEVKASVDECKDKDMTYAAPLFVTAEFINNNTGEIKSQTVFMGDFPMMTEKGTFIIN
GTERVVVSQLVRSPGVYFDETIDKSTEKTLHSVKVIPGRGAWLEFDVDKRDTVGVRIDRKRRQPVTVLLKALGWTNEQIV
ERFGFSEIMMGTLEKDTTSGTDEALLDIYRKLRPGEPPTKESAQTLLENLFFKEKRYDLARVGRYKVNKKLGLNAGKPIT
SSTLTEEDVVATIEYLVRLHEGQTSMTVPGGVEVPVEVDDIDHFGNRRLRTVGELIQNQIRVGLSRMERVVRERMTTQDV
EAITPQTLINIRPVVAAIKEFFGTSQLSQFMDQNNPLSGLTHKRRLSALGPGGLSRERAGLEVRDVHPSHYGRMCPIETP
EGPNIGLIGSLSVYARVNPFGFIETPYRKVENGVVTDQIDYLTADEEDRHVVAQANSPTDENGRFTEDRVMVRKKGGEVE
FVSADQVDYMDVSPRQMVSVATAMIPFLEHDDANRALMGANMQRQAVPLVRSEAPLVGTGMELRAAIDAGDVVVADKTGV
IEEVSADYITVMADDGTRQSYRLRKFARSNHGTCANQRPIVDAGQRVEAGQVIADGPCTQNGEMALGKNLLVAIMPWEGH
NYEDAIILSNRLVEEDVLTSIHIEEHEIDARDTKLGAEEITRDIPNVSDEVLADLDERGIVRIGAEVRDGDILVGKVTPK
GETELTPEERLLRAIFGEKAREVRDTSLKVPHGESGKVIGIRVFSREDDDELPAGVNELVRVYVAQKRKISDGDKLAGRH
GNKGVIGKILPVEDMPFLPDGTPVDIILNTHGVPRRMNIGQILETHLGWVAKAGWNIDVAAGVPDWASKLPEELYSAPAD
STVATPVFDGAQEGELAGLLGSTLPNRDGEVMVDADGKSTLFDGRSGEPFPYPVTVGYMYILKLHHLVDDKIHARSTGPY
SMITQQPLGGKAQFGGQRFGEMECWAMQAYGAAYTLQELLTIKSDDTVGRVKVYEAIVKGENIPEPGIPESFKVLLKELQ
SLCLNVEVLSSDGAAIEMRDGDDEDLERAAANLGINLSRNESASVEDLA
;
C
3 'polypeptide(L)'
;MLDVNFFDELRIGLATADDIRNWSYGEVKKPETINYRTLKPEKDGLFCEKIFGPTRDWECYCGKYKRVRFKGIICERCGV
EVTRAKVRRERMGHIELAAPVTHIWYFKGVPSRLGYLLDLAPKDLEKIIYFAAYVITSVDDEMRHNELSTLEAEMAVEKK
AVEDQRDADLEARAQKLEADLAELEAEGAKSDVRRKVRDSGEREMRQLRDRAQRELDRLDEIWNTFTKLAPKQLIVDEVL
YRELQDRYGEYFTGAMGAESIKKLIENFDIDAEAESLREVIRSGKGQKKLRALKRLKVVAAFQQSGNSPMGMVLDAVPVI
PPELRPMVQLDGGRFATSDLNDLYRRVINRNNRLKRLIDLGAPEIIVNNEKRMLQESVDALFDNGRRGRPVTGPGNRPLK
SLSDLLKGKQGRFRQNLLGKRVDYSGRSVIVVGPQLKLHQCGLPKLMALELFKPFVMKRLVDLNHAQNIKSAKRMVERQR
PQVWDVLEEVIAEHPVLLNRAPTLHRLGIQAFEPQLVEGKAIQLHPLVCEAFNADFDGDQMAVHLPLSAEAQAEARILML
SSNNILSPASGKPLAMPRLDMVTGLYYLTTLVEGATGEYQAATKDAPEQGVYSSPAEAIMAMDRGALSVRAKIKVRLTEL
RPPTDLEAQLFENGWKPGDAWTAETTLGRVMFNELLPKSYPFVNEQMHKKVQARIINDLAERFPMIVVAQTVDKLKDAGF
YWATRSGVTVSMADVLVPPQKQEILERHEAEADAIERKYQRGALNHTERNESLVKIWQDATEEVGKALEEFYPADNPIIT
IVKSGATGNLTQTRTLAGMKGLVTNPKGEFIPRPIKSSFREGLTVLEYFINTHGARKGLADTALRTADSGYLTRRLVDVS
QDVIVREHDCETERGINVTLAERGPDGTLIRDAHVETSAFARTLATDAVDANGNVIIERGHDLGDPAIDALLAAGITTVK
VRSVLTCTSATGVCAMCYGRSMATGKLVDIGEAVGIVAAQSIGEPGTQLTMRTFHQGGVTGGADIVGGLPRVQELFEARV
PRNKAPIADVAGRVRLEESDKFFKITIVPDDGGEEVVYDKLSKRQRLRVITHEDGTEGVLSDGDHVEVGDQLMEGAADPH
EVLRVQGPREVQIHLVKEVQEVYRAQGVSIHDKHIEVIVRQMLRRVTIIDSGSTEFLPGSLTERAEFEAENRRVVAEGGE
PAAGRPVLMGITKASLATDSWLSAASFQETTRVLTDAAINCRSDKLNGLKENVIIGKLIPAGTGISRYRNIQVQPTEEAR
AAAYTIPSYEDQYYSPDFGQATGAAVPLDDYGYSDYR
;
D
4 'polypeptide(L)'
;MSTPHADAQLNAADDLGIDSSAASAYDTPLGITNPPIDELLSRASSKYALVIYAAKRARQINDYYNQLGDGILEYVGPLV
EPGLQEKPLSIALREIHGDLLEHTEGE
;
E
5 'polypeptide(L)'
;MAATKASPATEEPVKRTATKTPAKKAPAKRAAKSAAAKAGGKAPAKKAPAKRAAKGTAAKPEDGVTDDLEVTDDLEAEPG
EDLDVEDTDLELDDLDSDDDTAVEDEEEEADAATPAVATAKAADDDIDEPSEKDKASGDFVWDEEESEALRQARKDAELT
ASADSVRAYLKQIGKVALLNAEEEVELAKRIEAGLYATQKLAELAEKGEKLPVQQRRDMQWICRDGDRAKNHLLEANLRL
VVSLAKRYTGRGMAFLDLIQEGNLGLIRAVEKFDYTKGYKFSTYATWWIRQAITRAMADQARTIRIPVHMVEVINKLGRI
QRELLQDLGREPTPEELAKEMDITPEKVLEIQQYAREPISLDQTIGDEGDSQLGDFIEDSEAVVAVDAVSFTLLQDQLQS
VLETLSEREAGVVRLRFGLTDGQPRTLDEIGQVYGVTRERIRQIESKTMSKLRHPSRSQVLRDYLD
;
F
6 'polypeptide(L)'
;MADRVLRGSRLGAVSYETDRNHDLAPRQVARYRTDNGEEFDVPFADDAEIPGTWLCRNGLEGTLIEGDVPEPKKVKPPRT
HWDMLLERRSVEELEELLKERLDLIKAKRRGTGS
;
J
7 'polydeoxyribonucleotide'
;(DG)(DT)(DG)(DG)(DT)(DG)(DA)(DA)(DG)(DA)(DG)(DT)(DT)(DC)(DG)(DA)(DC)(DC)(DG)(DG)
(DA)(DC)(DT)(DT)(DG)(DT)(DC)(DG)(DG)(DT)(DG)(DG)(DT)(DC)(DT)(DG)(DC)(DT)(DC)(DT)
(DA)(DA)(DC)(DG)(DT)(DC)(DA)(DC)(DG)(DG)(DC)(DC)(DA)(DA)(DC)(DC)(DG)(DA)(DT)(DC)
(DG)(DG)(DA)(DA)(DC)(DA)(DC)(DC)
;
O
8 'polydeoxyribonucleotide'
;(DG)(DG)(DT)(DG)(DT)(DT)(DC)(DC)(DG)(DA)(DT)(DC)(DG)(DG)(DT)(DA)(DC)(DC)(DG)(DG)
(DA)(DC)(DA)(DT)(DG)(DT)(DA)(DA)(DA)(DG)(DA)(DG)(DC)(DA)(DG)(DA)(DC)(DC)(DA)(DC)
(DC)(DG)(DA)(DC)(DA)(DA)(DG)(DT)(DC)(DC)(DG)(DG)(DT)(DC)(DG)(DA)(DA)(DC)(DT)(DC)
(DT)(DT)(DC)(DA)(DC)(DC)(DA)(DC)
;
P
9 'polypeptide(L)'
;MSQVSTRLVRLLNMVPYFQANPKVTRAEAAAALGVTGKQLDADLDQLWMCGLPGYSPGDLIDFDFVGDTIEVTFSAGVDH
PLRLTSTEATGILVALRALVDVPGMVDPEAARSAIAKIESAVGSQRAVVEGITEDTSAEPGAAATVRTAVRENRALTLEY
YSASRDSLATRTVDPIRVVLVGDNSYLEAWCRSAEAVRLFRFDRIVDAQLLDDPAAPPPPAVAAGPDTSLFDADPSLPSA
TLLIGAAAAWMFDYYPLRDITERPDGSCEATMTYASEDWMARFILGFGAEVQVLAPESLATRVRQAAEAALQAYARCV
;
Y
10 'polypeptide(L)'
;GLSAVSKVERLMNLVIALLSTRTYLPAEKIRTTVAGYADSPSDEAFSRMFERDKNELRDLGIPLETGRVSKWDSTEGYRI
NRDSYALPPIGLTADEAAAVAVATQLWQSPELVTATQNAVLKLRAAGVDVDADGVGVAIASTATLPGVRGSEEVLQSLLS
AIDEGRAVQFEHRPSRSADYTTRTVEPWGVVTHRGRWYLVGHDRDREDTRTFRLSRISAAARPIGPAGAVQKPQDVNLRD
IVRRAVAEQPTGERARIWIAGGRATALRRQAVTSTPRTIGGRAGEEITVDIGTWDRLAREIASYGSDAVALEPSSLRDDV
VERLRAHAAGGER
;
X
#
# COMPACT_ATOMS: atom_id res chain seq x y z
N LEU A 2 43.37 21.09 -60.38
CA LEU A 2 42.15 21.07 -61.20
C LEU A 2 42.20 19.92 -62.21
N ILE A 3 41.37 18.92 -61.99
CA ILE A 3 41.27 17.75 -62.86
C ILE A 3 39.84 17.64 -63.36
N SER A 4 39.70 17.51 -64.68
CA SER A 4 38.39 17.43 -65.33
C SER A 4 37.89 16.01 -65.52
N GLN A 5 38.62 15.01 -64.98
CA GLN A 5 38.21 13.61 -65.11
C GLN A 5 37.10 13.32 -64.12
N ARG A 6 35.88 13.15 -64.62
CA ARG A 6 34.75 12.87 -63.74
C ARG A 6 34.83 11.44 -63.20
N PRO A 7 34.31 11.22 -62.00
CA PRO A 7 34.35 9.86 -61.43
C PRO A 7 33.44 8.90 -62.18
N THR A 8 33.79 7.62 -62.09
CA THR A 8 33.02 6.54 -62.70
C THR A 8 32.79 5.43 -61.68
N LEU A 9 31.69 4.70 -61.86
CA LEU A 9 31.31 3.62 -60.96
C LEU A 9 31.35 2.29 -61.69
N SER A 10 31.98 1.30 -61.06
CA SER A 10 32.09 -0.04 -61.61
C SER A 10 31.65 -1.05 -60.57
N GLU A 11 31.20 -2.22 -61.04
CA GLU A 11 30.66 -3.26 -60.18
C GLU A 11 31.41 -4.57 -60.40
N GLU A 12 31.73 -5.24 -59.30
CA GLU A 12 32.28 -6.59 -59.33
C GLU A 12 31.53 -7.46 -58.34
N THR A 13 31.23 -8.69 -58.73
CA THR A 13 30.39 -9.59 -57.95
C THR A 13 31.27 -10.53 -57.12
N VAL A 14 30.93 -10.67 -55.85
CA VAL A 14 31.62 -11.59 -54.95
C VAL A 14 30.84 -12.88 -54.75
N ALA A 15 29.52 -12.77 -54.61
CA ALA A 15 28.66 -13.93 -54.44
C ALA A 15 27.32 -13.63 -55.12
N GLU A 16 26.35 -14.51 -54.92
CA GLU A 16 25.03 -14.31 -55.53
C GLU A 16 24.35 -13.07 -54.97
N ASN A 17 24.41 -12.87 -53.66
CA ASN A 17 23.70 -11.77 -53.00
C ASN A 17 24.63 -10.67 -52.52
N ARG A 18 25.89 -10.68 -52.93
CA ARG A 18 26.85 -9.66 -52.56
C ARG A 18 27.41 -8.99 -53.81
N SER A 19 27.91 -7.77 -53.63
CA SER A 19 28.55 -7.03 -54.71
C SER A 19 29.49 -6.01 -54.13
N ARG A 20 30.48 -5.61 -54.94
CA ARG A 20 31.46 -4.62 -54.56
C ARG A 20 31.55 -3.54 -55.63
N PHE A 21 31.30 -2.30 -55.23
CA PHE A 21 31.29 -1.17 -56.15
C PHE A 21 32.47 -0.25 -55.87
N VAL A 22 33.08 0.27 -56.92
CA VAL A 22 34.24 1.15 -56.82
C VAL A 22 33.92 2.47 -57.49
N ILE A 23 34.21 3.58 -56.82
CA ILE A 23 34.01 4.92 -57.34
C ILE A 23 35.36 5.63 -57.33
N GLU A 24 35.76 6.16 -58.49
CA GLU A 24 37.06 6.78 -58.63
C GLU A 24 37.05 7.65 -59.88
N PRO A 25 37.84 8.73 -59.92
CA PRO A 25 38.63 9.31 -58.82
C PRO A 25 37.79 10.23 -57.93
N LEU A 26 38.25 10.49 -56.70
CA LEU A 26 37.56 11.40 -55.80
C LEU A 26 38.57 12.32 -55.14
N GLU A 27 38.10 13.49 -54.72
CA GLU A 27 38.95 14.45 -54.04
C GLU A 27 39.39 13.91 -52.69
N PRO A 28 40.57 14.28 -52.21
CA PRO A 28 41.03 13.79 -50.91
C PRO A 28 40.11 14.20 -49.78
N GLY A 29 39.93 13.30 -48.82
CA GLY A 29 39.05 13.56 -47.70
C GLY A 29 37.58 13.45 -48.02
N PHE A 30 37.23 12.94 -49.20
CA PHE A 30 35.84 12.85 -49.63
C PHE A 30 35.36 11.44 -49.88
N GLY A 31 36.26 10.44 -49.87
CA GLY A 31 35.84 9.06 -50.05
C GLY A 31 35.01 8.55 -48.88
N TYR A 32 35.40 8.92 -47.66
CA TYR A 32 34.73 8.39 -46.47
C TYR A 32 33.30 8.87 -46.37
N THR A 33 33.06 10.16 -46.58
CA THR A 33 31.73 10.72 -46.34
C THR A 33 30.70 10.17 -47.31
N LEU A 34 31.07 9.99 -48.58
CA LEU A 34 30.15 9.41 -49.55
C LEU A 34 29.79 7.98 -49.15
N GLY A 35 30.78 7.20 -48.74
CA GLY A 35 30.50 5.85 -48.29
C GLY A 35 29.58 5.82 -47.09
N ASN A 36 29.79 6.74 -46.14
CA ASN A 36 28.93 6.79 -44.96
C ASN A 36 27.50 7.18 -45.34
N SER A 37 27.34 8.15 -46.23
CA SER A 37 26.00 8.55 -46.66
C SER A 37 25.29 7.40 -47.36
N LEU A 38 25.99 6.70 -48.25
CA LEU A 38 25.40 5.56 -48.94
C LEU A 38 25.03 4.46 -47.96
N ARG A 39 25.90 4.18 -46.99
CA ARG A 39 25.61 3.14 -46.00
C ARG A 39 24.39 3.49 -45.16
N ARG A 40 24.30 4.75 -44.70
CA ARG A 40 23.16 5.14 -43.90
C ARG A 40 21.86 5.08 -44.71
N THR A 41 21.90 5.53 -45.97
CA THR A 41 20.69 5.46 -46.80
C THR A 41 20.30 4.01 -47.06
N LEU A 42 21.28 3.14 -47.32
CA LEU A 42 20.99 1.73 -47.57
C LEU A 42 20.39 1.06 -46.34
N LEU A 43 20.92 1.36 -45.15
CA LEU A 43 20.42 0.73 -43.94
C LEU A 43 19.16 1.39 -43.40
N SER A 44 18.76 2.54 -43.91
CA SER A 44 17.62 3.27 -43.36
C SER A 44 16.40 3.33 -44.27
N SER A 45 16.57 3.60 -45.56
CA SER A 45 15.45 3.94 -46.42
C SER A 45 15.44 3.10 -47.70
N ILE A 46 15.55 1.80 -47.55
CA ILE A 46 15.35 0.86 -48.66
C ILE A 46 14.02 0.14 -48.46
N PRO A 47 13.04 0.36 -49.32
CA PRO A 47 11.72 -0.26 -49.11
C PRO A 47 11.75 -1.76 -49.34
N GLY A 48 10.80 -2.44 -48.71
CA GLY A 48 10.67 -3.88 -48.84
C GLY A 48 9.29 -4.33 -48.42
N ALA A 49 9.14 -5.64 -48.25
CA ALA A 49 7.88 -6.24 -47.87
C ALA A 49 8.10 -7.26 -46.77
N ALA A 50 7.18 -7.30 -45.80
CA ALA A 50 7.26 -8.28 -44.72
C ALA A 50 5.86 -8.46 -44.13
N VAL A 51 5.68 -9.57 -43.42
CA VAL A 51 4.39 -9.89 -42.84
C VAL A 51 4.07 -8.91 -41.72
N THR A 52 2.78 -8.74 -41.43
CA THR A 52 2.34 -7.83 -40.38
C THR A 52 1.36 -8.44 -39.39
N SER A 53 0.61 -9.47 -39.79
CA SER A 53 -0.34 -10.10 -38.88
C SER A 53 -0.58 -11.53 -39.33
N ILE A 54 -0.84 -12.40 -38.36
CA ILE A 54 -1.16 -13.81 -38.61
C ILE A 54 -2.43 -14.15 -37.84
N ARG A 55 -3.04 -15.28 -38.25
CA ARG A 55 -4.28 -15.72 -37.61
C ARG A 55 -4.28 -17.25 -37.63
N ILE A 56 -3.98 -17.85 -36.48
CA ILE A 56 -4.04 -19.31 -36.37
C ILE A 56 -5.48 -19.74 -36.12
N ASP A 57 -5.77 -21.00 -36.46
CA ASP A 57 -7.14 -21.49 -36.42
C ASP A 57 -7.71 -21.46 -35.00
N GLY A 58 -7.09 -22.22 -34.09
CA GLY A 58 -7.67 -22.46 -32.78
C GLY A 58 -7.15 -21.63 -31.63
N VAL A 59 -6.37 -20.59 -31.89
CA VAL A 59 -5.84 -19.75 -30.82
C VAL A 59 -6.55 -18.40 -30.85
N LEU A 60 -6.49 -17.72 -29.70
CA LEU A 60 -7.09 -16.39 -29.55
C LEU A 60 -6.08 -15.31 -29.25
N HIS A 61 -4.96 -15.64 -28.61
CA HIS A 61 -3.93 -14.67 -28.27
C HIS A 61 -2.56 -15.30 -28.52
N GLU A 62 -1.51 -14.51 -28.27
CA GLU A 62 -0.16 -15.00 -28.50
C GLU A 62 0.30 -15.93 -27.38
N PHE A 63 -0.13 -15.68 -26.14
CA PHE A 63 0.34 -16.45 -24.98
C PHE A 63 -0.48 -17.70 -24.78
N THR A 64 -0.32 -18.66 -25.70
CA THR A 64 -1.02 -19.93 -25.62
C THR A 64 -0.20 -20.99 -26.33
N THR A 65 -0.78 -22.17 -26.46
CA THR A 65 -0.14 -23.28 -27.16
C THR A 65 -1.16 -23.98 -28.05
N VAL A 66 -0.68 -24.52 -29.16
CA VAL A 66 -1.50 -25.27 -30.11
C VAL A 66 -1.32 -26.74 -29.84
N PRO A 67 -2.40 -27.52 -29.68
CA PRO A 67 -2.25 -28.95 -29.42
C PRO A 67 -1.54 -29.65 -30.56
N GLY A 68 -0.65 -30.57 -30.20
CA GLY A 68 0.09 -31.34 -31.18
C GLY A 68 1.27 -30.63 -31.83
N VAL A 69 1.61 -29.43 -31.38
CA VAL A 69 2.70 -28.64 -31.96
C VAL A 69 3.78 -28.49 -30.89
N LYS A 70 5.01 -28.81 -31.25
CA LYS A 70 6.11 -28.72 -30.29
C LYS A 70 6.38 -27.29 -29.85
N GLU A 71 6.30 -26.35 -30.79
CA GLU A 71 6.50 -24.94 -30.48
C GLU A 71 5.18 -24.26 -30.20
N ASP A 72 5.14 -23.49 -29.11
CA ASP A 72 3.96 -22.70 -28.79
C ASP A 72 3.83 -21.52 -29.76
N VAL A 73 2.80 -20.70 -29.55
CA VAL A 73 2.52 -19.63 -30.51
C VAL A 73 3.63 -18.58 -30.50
N THR A 74 4.22 -18.32 -29.34
CA THR A 74 5.29 -17.33 -29.29
C THR A 74 6.49 -17.76 -30.13
N ASP A 75 6.88 -19.04 -30.05
CA ASP A 75 7.99 -19.53 -30.85
C ASP A 75 7.66 -19.51 -32.34
N ILE A 76 6.41 -19.82 -32.69
CA ILE A 76 6.01 -19.77 -34.09
C ILE A 76 6.10 -18.34 -34.61
N ILE A 77 5.66 -17.37 -33.82
CA ILE A 77 5.74 -15.96 -34.23
C ILE A 77 7.19 -15.53 -34.38
N LEU A 78 8.05 -15.95 -33.43
CA LEU A 78 9.46 -15.60 -33.53
C LEU A 78 10.09 -16.21 -34.78
N ASN A 79 9.72 -17.45 -35.12
CA ASN A 79 10.23 -18.07 -36.34
C ASN A 79 9.72 -17.37 -37.58
N LEU A 80 8.45 -16.95 -37.58
CA LEU A 80 7.86 -16.33 -38.76
C LEU A 80 8.47 -14.97 -39.07
N LYS A 81 9.17 -14.35 -38.12
CA LYS A 81 9.80 -13.07 -38.39
C LYS A 81 11.05 -13.19 -39.25
N GLY A 82 11.53 -14.40 -39.51
CA GLY A 82 12.67 -14.62 -40.35
C GLY A 82 12.37 -14.82 -41.82
N LEU A 83 11.10 -14.70 -42.23
CA LEU A 83 10.72 -14.89 -43.62
C LEU A 83 11.14 -13.70 -44.46
N VAL A 84 11.73 -13.98 -45.63
CA VAL A 84 12.04 -12.95 -46.62
C VAL A 84 11.05 -13.10 -47.77
N VAL A 85 10.13 -12.15 -47.89
CA VAL A 85 9.06 -12.21 -48.87
C VAL A 85 9.02 -10.89 -49.63
N SER A 86 8.99 -10.99 -50.97
CA SER A 86 8.95 -9.83 -51.84
C SER A 86 7.57 -9.71 -52.46
N SER A 87 6.99 -8.51 -52.40
CA SER A 87 5.66 -8.26 -52.92
C SER A 87 5.68 -7.02 -53.82
N ASP A 88 4.84 -7.04 -54.85
CA ASP A 88 4.73 -5.92 -55.78
C ASP A 88 3.33 -5.33 -55.80
N ASP A 89 2.52 -5.61 -54.79
CA ASP A 89 1.16 -5.10 -54.69
C ASP A 89 1.06 -4.17 -53.49
N ASP A 90 0.56 -2.95 -53.72
CA ASP A 90 0.55 -1.93 -52.67
C ASP A 90 -0.36 -2.33 -51.52
N GLU A 91 -1.59 -2.74 -51.83
CA GLU A 91 -2.52 -3.11 -50.78
C GLU A 91 -2.10 -4.44 -50.14
N PRO A 92 -2.46 -4.67 -48.89
CA PRO A 92 -2.08 -5.92 -48.23
C PRO A 92 -2.68 -7.13 -48.94
N VAL A 93 -1.90 -8.22 -48.99
CA VAL A 93 -2.35 -9.48 -49.54
C VAL A 93 -2.40 -10.49 -48.39
N THR A 94 -2.94 -11.67 -48.68
CA THR A 94 -3.12 -12.71 -47.68
C THR A 94 -2.53 -14.02 -48.18
N MET A 95 -1.61 -14.58 -47.41
CA MET A 95 -1.04 -15.89 -47.68
C MET A 95 -1.64 -16.93 -46.73
N TYR A 96 -1.61 -18.18 -47.16
CA TYR A 96 -2.21 -19.27 -46.40
C TYR A 96 -1.19 -20.37 -46.15
N LEU A 97 -1.12 -20.84 -44.90
CA LEU A 97 -0.32 -22.00 -44.52
C LEU A 97 -1.23 -22.99 -43.82
N ARG A 98 -1.17 -24.25 -44.24
CA ARG A 98 -2.06 -25.26 -43.67
C ARG A 98 -1.45 -26.63 -43.90
N LYS A 99 -1.02 -27.28 -42.81
CA LYS A 99 -0.49 -28.64 -42.88
C LYS A 99 -1.11 -29.46 -41.74
N GLN A 100 -1.34 -30.74 -42.02
CA GLN A 100 -1.95 -31.64 -41.06
C GLN A 100 -1.15 -32.93 -41.01
N GLY A 101 -1.16 -33.57 -39.83
CA GLY A 101 -0.50 -34.83 -39.64
C GLY A 101 0.96 -34.69 -39.27
N PRO A 102 1.63 -35.82 -39.09
CA PRO A 102 3.06 -35.78 -38.70
C PRO A 102 3.92 -35.18 -39.80
N GLY A 103 4.96 -34.49 -39.38
CA GLY A 103 5.88 -33.85 -40.31
C GLY A 103 6.47 -32.60 -39.71
N VAL A 104 7.24 -31.90 -40.52
CA VAL A 104 7.87 -30.64 -40.14
C VAL A 104 7.35 -29.56 -41.08
N VAL A 105 6.77 -28.50 -40.51
CA VAL A 105 6.22 -27.41 -41.29
C VAL A 105 7.33 -26.42 -41.59
N THR A 106 7.58 -26.19 -42.87
CA THR A 106 8.64 -25.29 -43.33
C THR A 106 8.01 -24.13 -44.10
N ALA A 107 8.87 -23.24 -44.60
CA ALA A 107 8.40 -22.11 -45.39
C ALA A 107 7.96 -22.51 -46.79
N GLY A 108 8.25 -23.74 -47.22
CA GLY A 108 7.82 -24.20 -48.53
C GLY A 108 6.36 -24.61 -48.62
N ASP A 109 5.70 -24.80 -47.48
CA ASP A 109 4.29 -25.17 -47.46
C ASP A 109 3.36 -23.97 -47.58
N ILE A 110 3.88 -22.76 -47.50
CA ILE A 110 3.07 -21.56 -47.67
C ILE A 110 2.82 -21.33 -49.15
N VAL A 111 1.55 -21.20 -49.52
CA VAL A 111 1.16 -20.97 -50.91
C VAL A 111 0.86 -19.48 -51.06
N PRO A 112 1.69 -18.72 -51.78
CA PRO A 112 1.46 -17.28 -51.91
C PRO A 112 0.61 -16.97 -53.13
N PRO A 113 -0.12 -15.86 -53.11
CA PRO A 113 -0.88 -15.46 -54.30
C PRO A 113 0.02 -14.97 -55.41
N ALA A 114 -0.57 -14.52 -56.52
CA ALA A 114 0.21 -13.98 -57.61
C ALA A 114 0.89 -12.68 -57.20
N GLY A 115 2.17 -12.53 -57.57
CA GLY A 115 2.93 -11.36 -57.25
C GLY A 115 3.67 -11.41 -55.93
N VAL A 116 3.48 -12.47 -55.13
CA VAL A 116 4.15 -12.63 -53.85
C VAL A 116 4.91 -13.94 -53.87
N THR A 117 6.17 -13.90 -53.44
CA THR A 117 7.01 -15.09 -53.44
C THR A 117 7.81 -15.16 -52.16
N VAL A 118 8.25 -16.37 -51.80
CA VAL A 118 9.09 -16.61 -50.65
C VAL A 118 10.44 -17.11 -51.15
N HIS A 119 11.51 -16.46 -50.70
CA HIS A 119 12.85 -16.71 -51.23
C HIS A 119 13.65 -17.73 -50.44
N ASN A 120 13.14 -18.22 -49.31
CA ASN A 120 13.83 -19.23 -48.50
C ASN A 120 12.88 -20.37 -48.15
N PRO A 121 12.59 -21.25 -49.10
CA PRO A 121 11.70 -22.39 -48.81
C PRO A 121 12.41 -23.51 -48.06
N ASP A 122 13.19 -23.16 -47.03
CA ASP A 122 13.88 -24.16 -46.24
C ASP A 122 13.93 -23.85 -44.75
N MET A 123 13.31 -22.77 -44.29
CA MET A 123 13.38 -22.42 -42.89
C MET A 123 12.45 -23.31 -42.07
N HIS A 124 12.61 -23.25 -40.75
CA HIS A 124 11.85 -24.08 -39.82
C HIS A 124 10.83 -23.23 -39.09
N ILE A 125 9.57 -23.67 -39.11
CA ILE A 125 8.47 -22.96 -38.45
C ILE A 125 7.96 -23.73 -37.24
N ALA A 126 7.48 -24.95 -37.46
CA ALA A 126 6.99 -25.78 -36.36
C ALA A 126 7.03 -27.23 -36.80
N THR A 127 7.00 -28.13 -35.81
CA THR A 127 7.00 -29.56 -36.04
C THR A 127 5.76 -30.17 -35.39
N LEU A 128 5.11 -31.07 -36.10
CA LEU A 128 3.83 -31.63 -35.69
C LEU A 128 3.95 -33.14 -35.50
N ASN A 129 3.29 -33.64 -34.46
CA ASN A 129 3.20 -35.07 -34.22
C ASN A 129 1.95 -35.62 -34.89
N ASP A 130 1.56 -36.85 -34.54
CA ASP A 130 0.43 -37.51 -35.19
C ASP A 130 -0.91 -36.84 -34.88
N LYS A 131 -0.98 -36.01 -33.84
CA LYS A 131 -2.24 -35.43 -33.39
C LYS A 131 -2.28 -33.91 -33.56
N GLY A 132 -1.44 -33.35 -34.42
CA GLY A 132 -1.38 -31.91 -34.56
C GLY A 132 -1.76 -31.40 -35.93
N LYS A 133 -2.52 -30.30 -35.96
CA LYS A 133 -2.92 -29.65 -37.20
C LYS A 133 -2.65 -28.15 -37.07
N LEU A 134 -2.00 -27.58 -38.08
CA LEU A 134 -1.67 -26.16 -38.10
C LEU A 134 -2.32 -25.51 -39.31
N GLU A 135 -2.97 -24.37 -39.09
CA GLU A 135 -3.66 -23.63 -40.15
C GLU A 135 -3.57 -22.15 -39.82
N VAL A 136 -2.61 -21.46 -40.42
CA VAL A 136 -2.35 -20.05 -40.14
C VAL A 136 -2.31 -19.28 -41.45
N GLU A 137 -3.02 -18.15 -41.49
CA GLU A 137 -3.01 -17.25 -42.64
C GLU A 137 -2.27 -15.97 -42.27
N LEU A 138 -1.42 -15.51 -43.19
CA LEU A 138 -0.56 -14.36 -42.95
C LEU A 138 -0.95 -13.22 -43.88
N VAL A 139 -0.59 -12.00 -43.49
CA VAL A 139 -0.85 -10.80 -44.27
C VAL A 139 0.48 -10.14 -44.61
N VAL A 140 0.69 -9.86 -45.89
CA VAL A 140 1.94 -9.27 -46.38
C VAL A 140 1.65 -7.85 -46.85
N GLU A 141 2.42 -6.90 -46.34
CA GLU A 141 2.25 -5.50 -46.68
C GLU A 141 3.61 -4.87 -46.94
N ARG A 142 3.64 -3.84 -47.76
CA ARG A 142 4.87 -3.17 -48.16
C ARG A 142 5.14 -1.96 -47.27
N GLY A 143 6.40 -1.52 -47.28
CA GLY A 143 6.80 -0.38 -46.48
C GLY A 143 8.32 -0.28 -46.43
N ARG A 144 8.80 0.45 -45.43
CA ARG A 144 10.24 0.62 -45.24
C ARG A 144 10.53 0.85 -43.76
N GLY A 145 11.78 0.59 -43.38
CA GLY A 145 12.18 0.79 -42.01
C GLY A 145 11.61 -0.27 -41.07
N TYR A 146 11.51 0.11 -39.81
CA TYR A 146 10.97 -0.74 -38.75
C TYR A 146 9.68 -0.13 -38.22
N VAL A 147 8.61 -0.92 -38.20
CA VAL A 147 7.30 -0.49 -37.73
C VAL A 147 6.87 -1.43 -36.61
N PRO A 148 6.57 -0.92 -35.41
CA PRO A 148 6.17 -1.81 -34.31
C PRO A 148 4.78 -2.40 -34.51
N ALA A 149 4.34 -3.22 -33.56
CA ALA A 149 3.03 -3.86 -33.68
C ALA A 149 1.91 -2.84 -33.59
N VAL A 150 0.89 -3.02 -34.43
CA VAL A 150 -0.30 -2.17 -34.42
C VAL A 150 -1.40 -2.88 -33.65
N GLN A 151 -1.89 -2.24 -32.60
CA GLN A 151 -2.81 -2.89 -31.67
C GLN A 151 -4.18 -3.10 -32.31
N ASN A 152 -4.94 -4.04 -31.75
CA ASN A 152 -6.29 -4.31 -32.24
C ASN A 152 -7.21 -3.13 -32.01
N LYS A 153 -7.06 -2.43 -30.87
CA LYS A 153 -7.90 -1.29 -30.59
C LYS A 153 -7.72 -0.18 -31.63
N ALA A 154 -6.47 0.09 -32.00
CA ALA A 154 -6.22 1.14 -33.00
C ALA A 154 -6.71 0.71 -34.38
N SER A 155 -6.50 -0.54 -34.76
CA SER A 155 -6.89 -1.04 -36.06
C SER A 155 -8.35 -1.50 -36.12
N GLY A 156 -9.00 -1.65 -34.98
CA GLY A 156 -10.38 -2.12 -34.98
C GLY A 156 -10.55 -3.52 -35.53
N ALA A 157 -9.66 -4.43 -35.14
CA ALA A 157 -9.67 -5.80 -35.63
C ALA A 157 -10.46 -6.69 -34.66
N GLU A 158 -10.47 -7.98 -34.95
CA GLU A 158 -11.18 -8.96 -34.14
C GLU A 158 -10.27 -9.44 -33.00
N ILE A 159 -10.68 -10.51 -32.32
CA ILE A 159 -9.91 -11.04 -31.21
C ILE A 159 -8.85 -12.03 -31.69
N GLY A 160 -9.16 -12.82 -32.71
CA GLY A 160 -8.25 -13.85 -33.18
C GLY A 160 -7.06 -13.35 -33.97
N ARG A 161 -7.03 -12.07 -34.33
CA ARG A 161 -5.92 -11.52 -35.10
C ARG A 161 -4.76 -11.19 -34.18
N ILE A 162 -3.56 -11.64 -34.56
CA ILE A 162 -2.36 -11.49 -33.76
C ILE A 162 -1.41 -10.54 -34.49
N PRO A 163 -1.26 -9.29 -34.03
CA PRO A 163 -0.29 -8.40 -34.66
C PRO A 163 1.13 -8.91 -34.49
N VAL A 164 1.97 -8.65 -35.51
CA VAL A 164 3.36 -9.09 -35.53
C VAL A 164 4.22 -7.92 -35.98
N ASP A 165 5.38 -7.77 -35.34
CA ASP A 165 6.33 -6.75 -35.76
C ASP A 165 6.85 -7.03 -37.17
N SER A 166 7.13 -5.97 -37.92
CA SER A 166 7.57 -6.08 -39.30
C SER A 166 8.90 -5.38 -39.47
N ILE A 167 9.82 -6.02 -40.18
CA ILE A 167 11.10 -5.43 -40.56
C ILE A 167 11.19 -5.50 -42.07
N TYR A 168 11.02 -4.35 -42.73
CA TYR A 168 10.96 -4.30 -44.19
C TYR A 168 12.32 -4.15 -44.85
N SER A 169 13.38 -3.90 -44.09
CA SER A 169 14.68 -3.61 -44.69
C SER A 169 15.32 -4.89 -45.22
N PRO A 170 15.65 -4.97 -46.50
CA PRO A 170 16.29 -6.17 -47.05
C PRO A 170 17.81 -6.15 -47.07
N VAL A 171 18.46 -5.19 -46.41
CA VAL A 171 19.92 -5.05 -46.44
C VAL A 171 20.49 -5.60 -45.14
N LEU A 172 21.51 -6.45 -45.26
CA LEU A 172 22.12 -7.10 -44.10
C LEU A 172 23.32 -6.32 -43.58
N LYS A 173 24.34 -6.13 -44.42
CA LYS A 173 25.61 -5.59 -43.96
C LYS A 173 26.25 -4.79 -45.08
N VAL A 174 26.62 -3.54 -44.78
CA VAL A 174 27.26 -2.65 -45.74
C VAL A 174 28.50 -2.05 -45.07
N THR A 175 29.62 -2.08 -45.79
CA THR A 175 30.85 -1.46 -45.31
C THR A 175 31.54 -0.79 -46.49
N TYR A 176 32.63 -0.08 -46.19
CA TYR A 176 33.36 0.63 -47.24
C TYR A 176 34.83 0.77 -46.82
N LYS A 177 35.66 1.06 -47.81
CA LYS A 177 37.09 1.28 -47.59
C LYS A 177 37.63 2.14 -48.73
N VAL A 178 38.59 3.00 -48.39
CA VAL A 178 39.20 3.88 -49.37
C VAL A 178 40.65 3.47 -49.56
N GLU A 179 41.20 3.80 -50.72
CA GLU A 179 42.55 3.40 -51.09
C GLU A 179 43.52 4.56 -51.24
N ALA A 180 43.05 5.72 -51.71
CA ALA A 180 43.91 6.87 -51.97
C ALA A 180 45.06 6.51 -52.90
N THR A 181 44.75 5.75 -53.96
CA THR A 181 45.76 5.29 -54.91
C THR A 181 45.57 5.87 -56.32
N ARG A 182 44.44 6.50 -56.61
CA ARG A 182 44.24 7.06 -57.94
C ARG A 182 45.18 8.24 -58.18
N VAL A 183 45.92 8.19 -59.28
CA VAL A 183 46.90 9.21 -59.62
C VAL A 183 46.67 9.64 -61.06
N GLU A 184 46.43 10.92 -61.28
CA GLU A 184 46.42 11.52 -62.61
C GLU A 184 47.54 12.53 -62.79
N GLN A 185 47.62 13.52 -61.91
CA GLN A 185 48.77 14.40 -61.81
C GLN A 185 49.32 14.52 -60.39
N ARG A 186 48.54 14.18 -59.37
CA ARG A 186 48.98 14.16 -57.99
C ARG A 186 48.55 12.82 -57.37
N THR A 187 49.25 12.43 -56.31
CA THR A 187 49.05 11.13 -55.68
C THR A 187 48.18 11.21 -54.43
N ASP A 188 47.18 12.08 -54.42
CA ASP A 188 46.35 12.33 -53.24
C ASP A 188 44.88 12.32 -53.62
N PHE A 189 44.46 11.31 -54.39
CA PHE A 189 43.07 11.16 -54.81
C PHE A 189 42.53 9.83 -54.30
N ASP A 190 41.38 9.87 -53.65
CA ASP A 190 40.81 8.70 -53.01
C ASP A 190 40.16 7.78 -54.04
N LYS A 191 39.71 6.63 -53.56
CA LYS A 191 39.05 5.62 -54.39
C LYS A 191 38.10 4.84 -53.50
N LEU A 192 36.82 5.19 -53.54
CA LEU A 192 35.84 4.58 -52.65
C LEU A 192 35.49 3.18 -53.13
N ILE A 193 35.53 2.21 -52.20
CA ILE A 193 35.14 0.83 -52.47
C ILE A 193 34.11 0.43 -51.41
N ILE A 194 32.89 0.10 -51.86
CA ILE A 194 31.77 -0.15 -50.97
C ILE A 194 31.26 -1.56 -51.21
N ASP A 195 31.00 -2.29 -50.13
CA ASP A 195 30.49 -3.66 -50.17
C ASP A 195 29.03 -3.66 -49.74
N VAL A 196 28.19 -4.32 -50.53
CA VAL A 196 26.75 -4.37 -50.27
C VAL A 196 26.31 -5.83 -50.22
N GLU A 197 25.53 -6.18 -49.20
CA GLU A 197 24.96 -7.51 -49.07
C GLU A 197 23.49 -7.39 -48.71
N THR A 198 22.65 -8.20 -49.36
CA THR A 198 21.21 -8.15 -49.17
C THR A 198 20.69 -9.52 -48.69
N LYS A 199 19.39 -9.56 -48.38
CA LYS A 199 18.73 -10.76 -47.90
C LYS A 199 18.13 -11.58 -49.03
N ASN A 200 18.67 -11.47 -50.23
CA ASN A 200 18.23 -12.15 -51.44
C ASN A 200 16.88 -11.65 -51.93
N SER A 201 16.23 -10.74 -51.19
CA SER A 201 14.96 -10.18 -51.67
C SER A 201 15.16 -9.31 -52.89
N ILE A 202 16.18 -8.45 -52.86
CA ILE A 202 16.52 -7.59 -54.00
C ILE A 202 18.01 -7.66 -54.23
N SER A 203 18.39 -7.55 -55.51
CA SER A 203 19.79 -7.54 -55.87
C SER A 203 20.47 -6.27 -55.35
N PRO A 204 21.76 -6.34 -55.01
CA PRO A 204 22.44 -5.15 -54.47
C PRO A 204 22.44 -3.97 -55.42
N ARG A 205 22.41 -4.23 -56.73
CA ARG A 205 22.35 -3.13 -57.69
C ARG A 205 21.09 -2.30 -57.50
N ASP A 206 19.94 -2.96 -57.28
CA ASP A 206 18.70 -2.23 -57.07
C ASP A 206 18.73 -1.44 -55.77
N ALA A 207 19.32 -2.00 -54.71
CA ALA A 207 19.43 -1.28 -53.45
C ALA A 207 20.29 -0.03 -53.62
N LEU A 208 21.42 -0.16 -54.31
CA LEU A 208 22.27 1.00 -54.54
C LEU A 208 21.58 2.03 -55.41
N ALA A 209 20.80 1.58 -56.40
CA ALA A 209 20.06 2.51 -57.24
C ALA A 209 19.02 3.27 -56.43
N SER A 210 18.31 2.59 -55.53
CA SER A 210 17.33 3.26 -54.69
C SER A 210 18.00 4.28 -53.77
N ALA A 211 19.14 3.91 -53.18
CA ALA A 211 19.86 4.85 -52.33
C ALA A 211 20.31 6.07 -53.13
N GLY A 212 20.83 5.86 -54.34
CA GLY A 212 21.23 6.97 -55.18
C GLY A 212 20.05 7.86 -55.53
N GLY A 213 18.90 7.26 -55.82
CA GLY A 213 17.72 8.06 -56.14
C GLY A 213 17.26 8.92 -54.97
N THR A 214 17.23 8.33 -53.77
CA THR A 214 16.83 9.10 -52.59
C THR A 214 17.78 10.26 -52.35
N LEU A 215 19.09 10.00 -52.44
CA LEU A 215 20.06 11.07 -52.21
C LEU A 215 20.00 12.12 -53.30
N VAL A 216 19.71 11.72 -54.55
CA VAL A 216 19.54 12.68 -55.63
C VAL A 216 18.37 13.61 -55.33
N GLU A 217 17.24 13.03 -54.90
CA GLU A 217 16.08 13.85 -54.57
C GLU A 217 16.41 14.84 -53.46
N LEU A 218 17.08 14.36 -52.41
CA LEU A 218 17.39 15.24 -51.28
C LEU A 218 18.34 16.37 -51.68
N PHE A 219 19.45 16.02 -52.33
CA PHE A 219 20.42 17.04 -52.70
C PHE A 219 19.98 17.88 -53.89
N GLY A 220 18.88 17.52 -54.56
CA GLY A 220 18.31 18.37 -55.57
C GLY A 220 17.36 19.37 -54.97
N LEU A 221 16.55 18.94 -54.00
CA LEU A 221 15.73 19.90 -53.27
C LEU A 221 16.58 20.82 -52.41
N ALA A 222 17.80 20.40 -52.05
CA ALA A 222 18.70 21.26 -51.29
C ALA A 222 19.28 22.39 -52.13
N ARG A 223 19.10 22.37 -53.45
CA ARG A 223 19.62 23.43 -54.31
C ARG A 223 18.57 24.12 -55.16
N GLU A 224 17.45 23.46 -55.45
CA GLU A 224 16.44 24.08 -56.31
C GLU A 224 15.67 25.16 -55.58
N LEU A 225 15.55 25.07 -54.26
CA LEU A 225 14.76 26.01 -53.48
C LEU A 225 15.55 27.25 -53.06
N ASN A 226 16.65 27.53 -53.74
CA ASN A 226 17.44 28.73 -53.44
C ASN A 226 16.72 29.99 -53.94
N MET B 1 7.91 5.13 -52.34
CA MET B 1 7.19 5.70 -51.21
C MET B 1 7.19 7.22 -51.28
N LEU B 2 6.50 7.86 -50.35
CA LEU B 2 6.40 9.31 -50.29
C LEU B 2 6.83 9.81 -48.92
N ILE B 3 7.56 10.93 -48.91
CA ILE B 3 7.96 11.55 -47.65
C ILE B 3 6.76 12.23 -47.01
N SER B 4 6.76 12.28 -45.68
CA SER B 4 5.64 12.87 -44.95
C SER B 4 5.49 14.35 -45.27
N GLN B 5 6.60 15.09 -45.31
CA GLN B 5 6.56 16.52 -45.59
C GLN B 5 7.81 16.91 -46.37
N ARG B 6 7.63 17.78 -47.36
CA ARG B 6 8.75 18.22 -48.18
C ARG B 6 9.64 19.18 -47.40
N PRO B 7 10.95 18.94 -47.33
CA PRO B 7 11.83 19.88 -46.63
C PRO B 7 11.91 21.22 -47.35
N THR B 8 12.19 22.26 -46.56
CA THR B 8 12.30 23.61 -47.07
C THR B 8 13.64 24.21 -46.68
N LEU B 9 14.18 25.06 -47.55
CA LEU B 9 15.47 25.70 -47.34
C LEU B 9 15.28 27.22 -47.25
N SER B 10 15.88 27.83 -46.24
CA SER B 10 15.78 29.27 -46.04
C SER B 10 17.17 29.81 -45.70
N GLU B 11 17.36 31.10 -45.97
CA GLU B 11 18.62 31.78 -45.75
C GLU B 11 18.45 32.91 -44.74
N GLU B 12 19.45 33.08 -43.88
CA GLU B 12 19.46 34.14 -42.87
C GLU B 12 20.83 34.82 -42.92
N THR B 13 20.86 36.07 -43.39
CA THR B 13 22.11 36.80 -43.48
C THR B 13 22.64 37.14 -42.09
N VAL B 14 23.94 36.96 -41.90
CA VAL B 14 24.58 37.21 -40.61
C VAL B 14 25.59 38.34 -40.74
N ALA B 15 26.19 38.47 -41.91
CA ALA B 15 27.22 39.48 -42.15
C ALA B 15 27.27 39.77 -43.65
N GLU B 16 28.32 40.47 -44.08
CA GLU B 16 28.45 40.80 -45.50
C GLU B 16 28.60 39.53 -46.34
N ASN B 17 29.41 38.58 -45.88
CA ASN B 17 29.59 37.29 -46.55
C ASN B 17 29.44 36.19 -45.49
N ARG B 18 28.20 35.79 -45.23
CA ARG B 18 27.89 34.73 -44.27
C ARG B 18 26.39 34.46 -44.35
N SER B 19 26.00 33.25 -43.98
CA SER B 19 24.60 32.88 -43.97
C SER B 19 24.39 31.73 -43.01
N ARG B 20 23.12 31.51 -42.64
CA ARG B 20 22.72 30.41 -41.76
C ARG B 20 21.56 29.69 -42.44
N PHE B 21 21.88 28.71 -43.28
CA PHE B 21 20.85 27.95 -43.99
C PHE B 21 20.22 26.91 -43.08
N VAL B 22 18.90 26.80 -43.16
CA VAL B 22 18.14 25.85 -42.35
C VAL B 22 17.32 24.97 -43.28
N ILE B 23 17.45 23.65 -43.10
CA ILE B 23 16.71 22.67 -43.88
C ILE B 23 15.84 21.87 -42.91
N GLU B 24 14.53 21.88 -43.15
CA GLU B 24 13.59 21.22 -42.26
C GLU B 24 12.26 21.07 -42.99
N PRO B 25 11.45 20.07 -42.64
CA PRO B 25 11.74 18.93 -41.75
C PRO B 25 12.47 17.82 -42.49
N LEU B 26 13.25 16.99 -41.80
CA LEU B 26 13.95 15.88 -42.41
C LEU B 26 13.60 14.60 -41.68
N GLU B 27 13.61 13.49 -42.43
CA GLU B 27 13.35 12.19 -41.83
C GLU B 27 14.41 11.88 -40.77
N PRO B 28 14.04 11.13 -39.73
CA PRO B 28 14.99 10.89 -38.62
C PRO B 28 16.23 10.16 -39.11
N GLY B 29 17.38 10.81 -38.95
CA GLY B 29 18.65 10.25 -39.33
C GLY B 29 19.26 10.82 -40.60
N PHE B 30 18.49 11.56 -41.39
CA PHE B 30 19.03 12.14 -42.62
C PHE B 30 19.79 13.44 -42.40
N GLY B 31 19.64 14.08 -41.23
CA GLY B 31 20.36 15.32 -40.98
C GLY B 31 21.86 15.14 -41.01
N TYR B 32 22.35 14.06 -40.40
CA TYR B 32 23.79 13.80 -40.42
C TYR B 32 24.26 13.30 -41.76
N THR B 33 23.39 12.65 -42.54
CA THR B 33 23.76 12.30 -43.91
C THR B 33 23.97 13.54 -44.76
N LEU B 34 23.08 14.53 -44.61
CA LEU B 34 23.19 15.73 -45.42
C LEU B 34 24.33 16.65 -44.95
N GLY B 35 24.49 16.82 -43.64
CA GLY B 35 25.35 17.87 -43.13
C GLY B 35 26.82 17.68 -43.49
N ASN B 36 27.36 16.50 -43.19
CA ASN B 36 28.79 16.27 -43.43
C ASN B 36 29.10 16.25 -44.93
N SER B 37 28.22 15.64 -45.73
CA SER B 37 28.43 15.63 -47.17
C SER B 37 28.42 17.04 -47.74
N LEU B 38 27.47 17.87 -47.32
CA LEU B 38 27.44 19.25 -47.79
C LEU B 38 28.66 20.02 -47.34
N ARG B 39 29.12 19.79 -46.10
CA ARG B 39 30.30 20.49 -45.62
C ARG B 39 31.53 20.12 -46.44
N ARG B 40 31.74 18.82 -46.69
CA ARG B 40 32.88 18.39 -47.48
C ARG B 40 32.81 18.92 -48.89
N THR B 41 31.62 18.89 -49.51
CA THR B 41 31.49 19.38 -50.88
C THR B 41 31.73 20.88 -50.95
N LEU B 42 31.22 21.64 -49.97
CA LEU B 42 31.47 23.07 -49.96
C LEU B 42 32.96 23.37 -49.81
N LEU B 43 33.66 22.60 -48.97
CA LEU B 43 35.06 22.89 -48.71
C LEU B 43 35.98 22.45 -49.85
N SER B 44 35.69 21.34 -50.54
CA SER B 44 36.68 20.76 -51.44
C SER B 44 36.06 20.35 -52.77
N SER B 45 35.14 21.15 -53.30
CA SER B 45 34.65 20.89 -54.66
C SER B 45 34.69 22.14 -55.53
N ILE B 46 34.45 23.30 -54.94
CA ILE B 46 34.31 24.54 -55.69
C ILE B 46 35.68 24.99 -56.22
N PRO B 47 35.82 25.23 -57.51
CA PRO B 47 37.10 25.68 -58.05
C PRO B 47 37.37 27.14 -57.71
N GLY B 48 38.64 27.51 -57.77
CA GLY B 48 39.04 28.87 -57.48
C GLY B 48 40.49 29.08 -57.84
N ALA B 49 40.96 30.31 -57.61
CA ALA B 49 42.33 30.69 -57.90
C ALA B 49 42.96 31.33 -56.68
N ALA B 50 44.25 31.07 -56.50
CA ALA B 50 45.00 31.61 -55.37
C ALA B 50 46.48 31.64 -55.70
N VAL B 51 47.23 32.39 -54.89
CA VAL B 51 48.67 32.55 -55.10
C VAL B 51 49.37 31.24 -54.74
N THR B 52 50.27 30.79 -55.62
CA THR B 52 50.99 29.55 -55.40
C THR B 52 52.38 29.76 -54.80
N SER B 53 53.19 30.62 -55.43
CA SER B 53 54.52 30.91 -54.93
C SER B 53 54.90 32.33 -55.29
N ILE B 54 55.79 32.91 -54.50
CA ILE B 54 56.23 34.30 -54.68
C ILE B 54 57.74 34.34 -54.66
N ARG B 55 58.29 35.41 -55.23
CA ARG B 55 59.72 35.69 -55.18
C ARG B 55 59.91 37.16 -54.88
N ILE B 56 60.56 37.46 -53.77
CA ILE B 56 60.78 38.84 -53.31
C ILE B 56 62.18 39.26 -53.72
N ASP B 57 62.27 40.39 -54.43
CA ASP B 57 63.56 40.90 -54.84
C ASP B 57 64.35 41.39 -53.63
N GLY B 58 65.64 41.08 -53.62
CA GLY B 58 66.51 41.45 -52.52
C GLY B 58 66.63 40.41 -51.41
N VAL B 59 65.82 39.37 -51.43
CA VAL B 59 65.87 38.29 -50.46
C VAL B 59 66.07 36.99 -51.26
N LEU B 60 67.28 36.45 -51.23
CA LEU B 60 67.63 35.26 -51.99
C LEU B 60 67.98 34.07 -51.12
N HIS B 61 68.93 34.23 -50.19
CA HIS B 61 69.40 33.12 -49.37
C HIS B 61 68.78 33.13 -47.97
N GLU B 62 68.90 34.24 -47.25
CA GLU B 62 68.42 34.33 -45.88
C GLU B 62 66.99 34.85 -45.88
N PHE B 63 66.05 34.00 -45.49
CA PHE B 63 64.64 34.38 -45.43
C PHE B 63 64.28 34.79 -44.00
N THR B 64 64.86 35.91 -43.57
CA THR B 64 64.62 36.44 -42.24
C THR B 64 63.89 37.77 -42.25
N THR B 65 64.39 38.77 -42.99
CA THR B 65 63.75 40.07 -43.06
C THR B 65 64.04 40.71 -44.41
N VAL B 66 63.20 41.66 -44.77
CA VAL B 66 63.32 42.42 -46.01
C VAL B 66 63.74 43.84 -45.66
N PRO B 67 64.92 44.29 -46.06
CA PRO B 67 65.34 45.66 -45.73
C PRO B 67 64.48 46.70 -46.42
N GLY B 68 64.29 47.83 -45.73
CA GLY B 68 63.53 48.94 -46.26
C GLY B 68 62.05 48.91 -45.98
N VAL B 69 61.53 47.82 -45.41
CA VAL B 69 60.11 47.68 -45.11
C VAL B 69 59.97 47.11 -43.69
N LYS B 70 59.01 47.65 -42.94
CA LYS B 70 58.83 47.24 -41.55
C LYS B 70 58.44 45.76 -41.45
N GLU B 71 57.49 45.32 -42.27
CA GLU B 71 57.06 43.93 -42.23
C GLU B 71 58.16 43.01 -42.74
N ASP B 72 58.37 41.89 -42.05
CA ASP B 72 59.36 40.91 -42.43
C ASP B 72 58.75 39.95 -43.47
N VAL B 73 59.47 38.87 -43.77
CA VAL B 73 59.01 37.94 -44.80
C VAL B 73 57.72 37.26 -44.37
N THR B 74 57.63 36.84 -43.10
CA THR B 74 56.47 36.10 -42.64
C THR B 74 55.19 36.94 -42.73
N ASP B 75 55.26 38.21 -42.30
CA ASP B 75 54.08 39.06 -42.36
C ASP B 75 53.66 39.33 -43.79
N ILE B 76 54.62 39.55 -44.69
CA ILE B 76 54.29 39.76 -46.09
C ILE B 76 53.62 38.52 -46.68
N ILE B 77 54.14 37.34 -46.35
CA ILE B 77 53.54 36.10 -46.84
C ILE B 77 52.12 35.95 -46.31
N LEU B 78 51.92 36.23 -45.03
CA LEU B 78 50.58 36.11 -44.45
C LEU B 78 49.61 37.09 -45.10
N ASN B 79 50.07 38.32 -45.36
CA ASN B 79 49.20 39.30 -46.02
C ASN B 79 48.88 38.87 -47.45
N LEU B 80 49.85 38.30 -48.17
CA LEU B 80 49.62 37.90 -49.55
C LEU B 80 48.72 36.67 -49.63
N LYS B 81 48.78 35.77 -48.65
CA LYS B 81 47.93 34.58 -48.68
C LYS B 81 46.46 34.91 -48.56
N GLY B 82 46.11 36.07 -47.98
CA GLY B 82 44.73 36.49 -47.87
C GLY B 82 44.18 37.22 -49.08
N LEU B 83 44.99 37.37 -50.12
CA LEU B 83 44.55 38.04 -51.34
C LEU B 83 43.60 37.14 -52.12
N VAL B 84 42.48 37.71 -52.56
CA VAL B 84 41.50 36.99 -53.37
C VAL B 84 41.72 37.36 -54.82
N VAL B 85 41.73 36.36 -55.70
CA VAL B 85 42.02 36.58 -57.11
C VAL B 85 41.29 35.52 -57.93
N SER B 86 40.68 35.94 -59.03
CA SER B 86 40.00 35.03 -59.94
C SER B 86 40.76 34.98 -61.25
N SER B 87 41.12 33.77 -61.69
CA SER B 87 41.90 33.55 -62.89
C SER B 87 41.06 32.79 -63.92
N ASP B 88 41.15 33.21 -65.17
CA ASP B 88 40.41 32.57 -66.25
C ASP B 88 41.20 31.47 -66.94
N ASP B 89 42.52 31.52 -66.89
CA ASP B 89 43.38 30.54 -67.55
C ASP B 89 43.83 29.50 -66.54
N ASP B 90 43.70 28.22 -66.90
CA ASP B 90 44.11 27.15 -66.00
C ASP B 90 45.62 27.11 -65.81
N GLU B 91 46.38 27.49 -66.83
CA GLU B 91 47.83 27.53 -66.72
C GLU B 91 48.25 28.64 -65.75
N PRO B 92 49.38 28.46 -65.07
CA PRO B 92 49.84 29.50 -64.13
C PRO B 92 50.16 30.80 -64.84
N VAL B 93 49.92 31.91 -64.15
CA VAL B 93 50.19 33.24 -64.67
C VAL B 93 51.03 33.99 -63.63
N THR B 94 51.76 35.00 -64.09
CA THR B 94 52.68 35.75 -63.25
C THR B 94 52.20 37.19 -63.14
N MET B 95 52.14 37.69 -61.91
CA MET B 95 51.80 39.08 -61.63
C MET B 95 53.00 39.80 -61.02
N TYR B 96 52.95 41.12 -61.06
CA TYR B 96 54.03 41.97 -60.59
C TYR B 96 53.50 43.01 -59.61
N LEU B 97 54.35 43.40 -58.66
CA LEU B 97 54.02 44.41 -57.67
C LEU B 97 55.21 45.33 -57.51
N ARG B 98 55.05 46.59 -57.90
CA ARG B 98 56.11 47.59 -57.83
C ARG B 98 55.62 48.81 -57.07
N LYS B 99 56.42 49.26 -56.10
CA LYS B 99 56.12 50.47 -55.35
C LYS B 99 57.42 51.24 -55.11
N GLN B 100 57.35 52.55 -55.27
CA GLN B 100 58.51 53.42 -55.13
C GLN B 100 58.25 54.46 -54.04
N GLY B 101 59.23 54.62 -53.16
CA GLY B 101 59.16 55.64 -52.12
C GLY B 101 58.37 55.20 -50.91
N PRO B 102 58.38 56.01 -49.86
CA PRO B 102 57.63 55.67 -48.65
C PRO B 102 56.13 55.73 -48.89
N GLY B 103 55.40 54.94 -48.12
CA GLY B 103 53.96 54.88 -48.23
C GLY B 103 53.46 53.53 -47.76
N VAL B 104 52.20 53.24 -48.11
CA VAL B 104 51.54 52.00 -47.78
C VAL B 104 51.24 51.25 -49.06
N VAL B 105 51.70 50.00 -49.15
CA VAL B 105 51.50 49.18 -50.33
C VAL B 105 50.21 48.37 -50.14
N THR B 106 49.25 48.58 -51.03
CA THR B 106 47.97 47.88 -50.98
C THR B 106 47.86 46.91 -52.16
N ALA B 107 46.80 46.10 -52.12
CA ALA B 107 46.58 45.12 -53.17
C ALA B 107 46.21 45.77 -54.51
N GLY B 108 45.82 47.04 -54.50
CA GLY B 108 45.49 47.73 -55.73
C GLY B 108 46.67 48.14 -56.57
N ASP B 109 47.87 48.06 -56.02
CA ASP B 109 49.08 48.39 -56.77
C ASP B 109 49.53 47.26 -57.69
N ILE B 110 48.97 46.06 -57.54
CA ILE B 110 49.32 44.94 -58.39
C ILE B 110 48.67 45.13 -59.76
N VAL B 111 49.47 44.98 -60.81
CA VAL B 111 48.96 45.13 -62.18
C VAL B 111 48.31 43.82 -62.60
N PRO B 112 47.01 43.81 -62.89
CA PRO B 112 46.34 42.57 -63.29
C PRO B 112 46.55 42.29 -64.76
N PRO B 113 47.08 41.12 -65.10
CA PRO B 113 47.20 40.75 -66.52
C PRO B 113 45.85 40.40 -67.12
N ALA B 114 45.85 39.97 -68.38
CA ALA B 114 44.60 39.62 -69.05
C ALA B 114 43.99 38.37 -68.41
N GLY B 115 42.70 38.44 -68.09
CA GLY B 115 42.00 37.32 -67.51
C GLY B 115 42.16 37.17 -66.02
N VAL B 116 42.92 38.04 -65.36
CA VAL B 116 43.17 37.98 -63.93
C VAL B 116 42.64 39.25 -63.29
N THR B 117 41.83 39.10 -62.25
CA THR B 117 41.24 40.23 -61.56
C THR B 117 41.35 40.03 -60.05
N VAL B 118 41.36 41.14 -59.32
CA VAL B 118 41.37 41.12 -57.86
C VAL B 118 40.08 41.72 -57.36
N HIS B 119 39.65 41.26 -56.18
CA HIS B 119 38.36 41.68 -55.62
C HIS B 119 38.48 42.52 -54.35
N ASN B 120 39.68 42.65 -53.77
CA ASN B 120 39.90 43.45 -52.57
C ASN B 120 41.07 44.40 -52.80
N PRO B 121 40.84 45.50 -53.51
CA PRO B 121 41.92 46.48 -53.73
C PRO B 121 42.34 47.22 -52.47
N ASP B 122 41.67 47.02 -51.34
CA ASP B 122 41.96 47.73 -50.10
C ASP B 122 42.57 46.82 -49.05
N MET B 123 43.45 45.90 -49.46
CA MET B 123 44.11 45.00 -48.54
C MET B 123 45.52 45.49 -48.25
N HIS B 124 45.84 45.67 -46.97
CA HIS B 124 47.18 46.09 -46.59
C HIS B 124 48.18 44.96 -46.82
N ILE B 125 49.33 45.30 -47.40
CA ILE B 125 50.35 44.32 -47.71
C ILE B 125 51.61 44.60 -46.91
N ALA B 126 52.20 45.77 -47.11
CA ALA B 126 53.42 46.14 -46.40
C ALA B 126 53.50 47.66 -46.29
N THR B 127 54.32 48.11 -45.34
CA THR B 127 54.53 49.53 -45.08
C THR B 127 56.00 49.84 -45.33
N LEU B 128 56.28 50.52 -46.45
CA LEU B 128 57.65 50.87 -46.79
C LEU B 128 58.17 52.00 -45.92
N ASN B 129 59.46 51.95 -45.63
CA ASN B 129 60.13 53.01 -44.88
C ASN B 129 60.53 54.13 -45.84
N ASP B 130 61.28 55.11 -45.34
CA ASP B 130 61.73 56.20 -46.18
C ASP B 130 62.75 55.72 -47.19
N LYS B 131 62.55 56.08 -48.46
CA LYS B 131 63.43 55.70 -49.56
C LYS B 131 63.61 54.18 -49.64
N GLY B 132 62.49 53.50 -49.91
CA GLY B 132 62.49 52.07 -50.01
C GLY B 132 61.78 51.60 -51.27
N LYS B 133 62.07 50.36 -51.66
CA LYS B 133 61.47 49.74 -52.84
C LYS B 133 61.01 48.34 -52.49
N LEU B 134 60.02 47.86 -53.25
CA LEU B 134 59.47 46.53 -53.04
C LEU B 134 59.01 45.98 -54.38
N GLU B 135 59.65 44.92 -54.84
CA GLU B 135 59.31 44.27 -56.11
C GLU B 135 59.09 42.78 -55.83
N VAL B 136 57.83 42.36 -55.86
CA VAL B 136 57.45 40.97 -55.58
C VAL B 136 56.69 40.44 -56.77
N GLU B 137 57.05 39.24 -57.22
CA GLU B 137 56.40 38.58 -58.33
C GLU B 137 55.52 37.45 -57.81
N LEU B 138 54.24 37.46 -58.21
CA LEU B 138 53.26 36.51 -57.73
C LEU B 138 52.87 35.56 -58.85
N VAL B 139 52.70 34.28 -58.51
CA VAL B 139 52.26 33.26 -59.45
C VAL B 139 50.87 32.80 -59.03
N VAL B 140 49.91 32.85 -59.96
CA VAL B 140 48.53 32.52 -59.69
C VAL B 140 48.15 31.30 -60.52
N GLU B 141 47.66 30.26 -59.87
CA GLU B 141 47.16 29.06 -60.52
C GLU B 141 45.67 28.91 -60.22
N ARG B 142 45.09 27.83 -60.74
CA ARG B 142 43.67 27.55 -60.54
C ARG B 142 43.49 26.12 -60.09
N GLY B 143 42.54 25.91 -59.18
CA GLY B 143 42.31 24.57 -58.65
C GLY B 143 41.17 24.58 -57.67
N ARG B 144 41.06 23.50 -56.90
CA ARG B 144 40.01 23.36 -55.90
C ARG B 144 40.61 22.81 -54.62
N GLY B 145 39.96 23.14 -53.50
CA GLY B 145 40.40 22.66 -52.21
C GLY B 145 41.52 23.51 -51.61
N TYR B 146 42.25 22.90 -50.69
CA TYR B 146 43.39 23.52 -50.03
C TYR B 146 44.57 22.57 -50.13
N VAL B 147 45.62 23.00 -50.84
CA VAL B 147 46.81 22.19 -51.06
C VAL B 147 47.97 22.83 -50.32
N PRO B 148 48.71 22.08 -49.50
CA PRO B 148 49.84 22.68 -48.77
C PRO B 148 50.95 23.15 -49.71
N ALA B 149 51.94 23.85 -49.16
CA ALA B 149 53.02 24.42 -49.96
C ALA B 149 53.87 23.30 -50.53
N VAL B 150 53.74 23.04 -51.83
CA VAL B 150 54.57 22.04 -52.49
C VAL B 150 55.99 22.57 -52.61
N GLN B 151 56.97 21.71 -52.33
CA GLN B 151 58.36 22.12 -52.37
C GLN B 151 58.78 22.41 -53.81
N ASN B 152 60.01 22.92 -53.95
CA ASN B 152 60.52 23.30 -55.25
C ASN B 152 60.60 22.08 -56.17
N LYS B 153 60.14 22.25 -57.41
CA LYS B 153 60.15 21.19 -58.40
C LYS B 153 61.45 21.12 -59.17
N ALA B 154 62.41 22.01 -58.88
CA ALA B 154 63.69 22.04 -59.57
C ALA B 154 64.81 21.80 -58.57
N SER B 155 65.91 21.22 -59.06
CA SER B 155 67.06 20.90 -58.24
C SER B 155 68.01 22.09 -58.06
N GLY B 156 67.54 23.31 -58.29
CA GLY B 156 68.38 24.49 -58.13
C GLY B 156 68.30 25.44 -59.30
N ALA B 157 67.37 25.20 -60.22
CA ALA B 157 67.20 26.09 -61.36
C ALA B 157 66.77 27.49 -60.90
N GLU B 158 65.84 27.56 -59.96
CA GLU B 158 65.37 28.81 -59.40
C GLU B 158 65.51 28.76 -57.88
N ILE B 159 66.10 29.80 -57.30
CA ILE B 159 66.39 29.83 -55.88
C ILE B 159 65.52 30.84 -55.13
N GLY B 160 65.02 31.87 -55.80
CA GLY B 160 64.24 32.89 -55.12
C GLY B 160 62.79 32.55 -54.85
N ARG B 161 62.29 31.44 -55.39
CA ARG B 161 60.90 31.08 -55.19
C ARG B 161 60.63 30.74 -53.73
N ILE B 162 59.51 31.24 -53.22
CA ILE B 162 59.07 30.98 -51.85
C ILE B 162 57.70 30.33 -51.92
N PRO B 163 57.63 29.00 -51.87
CA PRO B 163 56.32 28.33 -51.90
C PRO B 163 55.46 28.71 -50.70
N VAL B 164 54.16 28.89 -50.95
CA VAL B 164 53.20 29.21 -49.90
C VAL B 164 51.99 28.31 -50.07
N ASP B 165 51.23 28.16 -48.98
CA ASP B 165 50.01 27.39 -49.03
C ASP B 165 48.96 28.10 -49.88
N SER B 166 48.18 27.33 -50.62
CA SER B 166 47.20 27.86 -51.55
C SER B 166 45.79 27.53 -51.07
N ILE B 167 44.97 28.56 -50.89
CA ILE B 167 43.57 28.39 -50.50
C ILE B 167 42.75 28.59 -51.78
N TYR B 168 42.51 27.50 -52.51
CA TYR B 168 41.77 27.59 -53.76
C TYR B 168 40.27 27.76 -53.53
N SER B 169 39.73 27.12 -52.50
CA SER B 169 38.28 27.11 -52.32
C SER B 169 37.79 28.49 -51.89
N PRO B 170 36.82 29.08 -52.59
CA PRO B 170 36.28 30.38 -52.15
C PRO B 170 35.62 30.34 -50.78
N VAL B 171 35.20 29.17 -50.32
CA VAL B 171 34.54 29.05 -49.02
C VAL B 171 35.59 28.78 -47.95
N LEU B 172 35.53 29.54 -46.85
CA LEU B 172 36.54 29.47 -45.80
C LEU B 172 36.11 28.60 -44.63
N LYS B 173 34.93 28.82 -44.05
CA LYS B 173 34.54 28.12 -42.84
C LYS B 173 33.09 27.68 -42.96
N VAL B 174 32.84 26.39 -42.73
CA VAL B 174 31.50 25.82 -42.72
C VAL B 174 31.33 25.02 -41.44
N THR B 175 30.29 25.31 -40.69
CA THR B 175 29.95 24.56 -39.48
C THR B 175 28.47 24.20 -39.52
N TYR B 176 28.17 22.93 -39.27
CA TYR B 176 26.82 22.43 -39.35
C TYR B 176 26.37 21.90 -38.00
N LYS B 177 25.11 22.18 -37.66
CA LYS B 177 24.52 21.74 -36.40
C LYS B 177 23.15 21.16 -36.68
N VAL B 178 22.86 20.00 -36.09
CA VAL B 178 21.61 19.29 -36.32
C VAL B 178 20.81 19.29 -35.02
N GLU B 179 19.57 19.72 -35.10
CA GLU B 179 18.66 19.77 -33.96
C GLU B 179 17.46 18.85 -34.24
N ALA B 180 16.50 18.87 -33.32
CA ALA B 180 15.29 18.05 -33.42
C ALA B 180 14.06 18.94 -33.37
N THR B 181 13.06 18.61 -34.17
CA THR B 181 11.80 19.33 -34.24
C THR B 181 10.64 18.35 -34.07
N ARG B 182 9.42 18.87 -34.15
CA ARG B 182 8.22 18.06 -34.06
C ARG B 182 7.19 18.57 -35.04
N VAL B 183 6.47 17.65 -35.69
CA VAL B 183 5.43 18.00 -36.65
C VAL B 183 4.04 17.63 -36.12
N GLU B 184 3.80 16.35 -35.86
CA GLU B 184 2.52 15.88 -35.30
C GLU B 184 2.84 14.74 -34.33
N GLN B 185 3.05 15.11 -33.06
CA GLN B 185 3.37 14.14 -32.01
C GLN B 185 4.55 13.25 -32.40
N ARG B 186 5.54 13.86 -33.05
CA ARG B 186 6.73 13.14 -33.52
C ARG B 186 7.95 14.02 -33.21
N THR B 187 8.55 13.81 -32.04
CA THR B 187 9.75 14.55 -31.65
C THR B 187 11.02 13.81 -32.06
N ASP B 188 11.11 13.47 -33.35
CA ASP B 188 12.28 12.79 -33.89
C ASP B 188 12.76 13.35 -35.22
N PHE B 189 11.99 14.20 -35.88
CA PHE B 189 12.43 14.78 -37.14
C PHE B 189 13.59 15.75 -36.90
N ASP B 190 14.59 15.67 -37.77
CA ASP B 190 15.81 16.44 -37.60
C ASP B 190 15.78 17.72 -38.45
N LYS B 191 16.34 18.78 -37.90
CA LYS B 191 16.48 20.06 -38.60
C LYS B 191 17.97 20.36 -38.76
N LEU B 192 18.37 20.65 -39.99
CA LEU B 192 19.77 20.87 -40.33
C LEU B 192 20.04 22.37 -40.39
N ILE B 193 21.10 22.82 -39.71
CA ILE B 193 21.51 24.21 -39.72
C ILE B 193 22.94 24.27 -40.22
N ILE B 194 23.19 25.07 -41.25
CA ILE B 194 24.50 25.21 -41.86
C ILE B 194 24.90 26.68 -41.83
N ASP B 195 26.09 26.95 -41.32
CA ASP B 195 26.65 28.30 -41.26
C ASP B 195 27.88 28.34 -42.17
N VAL B 196 27.78 29.09 -43.26
CA VAL B 196 28.82 29.12 -44.29
C VAL B 196 29.34 30.54 -44.42
N GLU B 197 30.66 30.70 -44.32
CA GLU B 197 31.34 31.96 -44.54
C GLU B 197 32.27 31.82 -45.74
N THR B 198 32.19 32.78 -46.67
CA THR B 198 32.92 32.70 -47.92
C THR B 198 33.65 34.02 -48.17
N LYS B 199 34.47 34.03 -49.21
CA LYS B 199 35.18 35.23 -49.63
C LYS B 199 34.19 36.17 -50.32
N ASN B 200 34.69 37.30 -50.83
CA ASN B 200 33.86 38.24 -51.56
C ASN B 200 33.80 37.93 -53.05
N SER B 201 34.47 36.87 -53.50
CA SER B 201 34.45 36.48 -54.91
C SER B 201 33.24 35.62 -55.27
N ILE B 202 32.46 35.18 -54.28
CA ILE B 202 31.26 34.39 -54.52
C ILE B 202 30.33 34.54 -53.33
N SER B 203 29.04 34.43 -53.58
CA SER B 203 28.06 34.49 -52.52
C SER B 203 27.80 33.11 -51.95
N PRO B 204 27.45 33.02 -50.66
CA PRO B 204 27.23 31.69 -50.06
C PRO B 204 26.13 30.89 -50.74
N ARG B 205 25.09 31.56 -51.25
CA ARG B 205 24.03 30.85 -51.94
C ARG B 205 24.55 30.16 -53.20
N ASP B 206 25.42 30.85 -53.95
CA ASP B 206 26.02 30.24 -55.14
C ASP B 206 26.90 29.05 -54.78
N ALA B 207 27.64 29.17 -53.67
CA ALA B 207 28.47 28.05 -53.21
C ALA B 207 27.61 26.84 -52.86
N LEU B 208 26.51 27.07 -52.14
CA LEU B 208 25.62 25.98 -51.79
C LEU B 208 24.99 25.36 -53.04
N ALA B 209 24.62 26.20 -54.01
CA ALA B 209 24.05 25.67 -55.24
C ALA B 209 25.04 24.81 -56.00
N SER B 210 26.30 25.25 -56.08
CA SER B 210 27.32 24.46 -56.77
C SER B 210 27.59 23.14 -56.05
N ALA B 211 27.64 23.17 -54.71
CA ALA B 211 27.83 21.94 -53.96
C ALA B 211 26.66 20.98 -54.18
N GLY B 212 25.44 21.49 -54.15
CA GLY B 212 24.28 20.66 -54.42
C GLY B 212 24.31 20.07 -55.81
N GLY B 213 24.72 20.86 -56.80
CA GLY B 213 24.81 20.34 -58.16
C GLY B 213 25.84 19.24 -58.30
N THR B 214 27.02 19.41 -57.70
CA THR B 214 28.03 18.37 -57.78
C THR B 214 27.58 17.10 -57.07
N LEU B 215 26.95 17.24 -55.91
CA LEU B 215 26.45 16.06 -55.20
C LEU B 215 25.35 15.36 -55.99
N VAL B 216 24.47 16.14 -56.63
CA VAL B 216 23.44 15.54 -57.48
C VAL B 216 24.07 14.77 -58.62
N GLU B 217 25.11 15.34 -59.24
CA GLU B 217 25.80 14.62 -60.32
C GLU B 217 26.39 13.31 -59.82
N LEU B 218 27.05 13.35 -58.66
CA LEU B 218 27.66 12.14 -58.11
C LEU B 218 26.63 11.06 -57.84
N PHE B 219 25.56 11.41 -57.11
CA PHE B 219 24.59 10.38 -56.75
C PHE B 219 23.72 9.97 -57.93
N GLY B 220 23.60 10.80 -58.97
CA GLY B 220 22.99 10.35 -60.21
C GLY B 220 23.88 9.36 -60.93
N LEU B 221 25.20 9.59 -60.90
CA LEU B 221 26.14 8.57 -61.39
C LEU B 221 25.94 7.26 -60.65
N ALA B 222 25.72 7.33 -59.34
CA ALA B 222 25.42 6.11 -58.58
C ALA B 222 24.04 5.55 -58.95
N ARG B 223 23.12 6.43 -59.36
CA ARG B 223 21.74 6.00 -59.60
C ARG B 223 21.58 5.26 -60.93
N GLU B 224 22.44 5.55 -61.91
CA GLU B 224 22.23 5.07 -63.27
C GLU B 224 22.34 3.55 -63.41
N LEU B 225 22.64 2.86 -62.30
CA LEU B 225 22.67 1.39 -62.34
C LEU B 225 21.28 0.82 -62.66
N ASN B 226 20.24 1.39 -62.07
CA ASN B 226 18.87 0.96 -62.33
C ASN B 226 17.96 2.16 -62.12
N ALA B 227 17.57 2.82 -63.21
CA ALA B 227 16.82 4.07 -63.12
C ALA B 227 15.35 3.86 -62.85
N ASP B 228 14.85 2.63 -62.85
CA ASP B 228 13.44 2.33 -62.64
C ASP B 228 13.23 1.51 -61.37
N SER B 229 13.95 1.85 -60.31
CA SER B 229 13.81 1.18 -59.02
C SER B 229 12.96 2.01 -58.08
N GLU B 230 12.41 1.35 -57.06
CA GLU B 230 11.52 1.99 -56.10
C GLU B 230 12.35 2.76 -55.09
N HIS B 231 12.10 4.07 -54.98
CA HIS B 231 12.79 4.91 -54.01
C HIS B 231 11.80 5.84 -53.32
N ILE B 232 12.32 6.78 -52.53
CA ILE B 232 11.49 7.75 -51.81
C ILE B 232 11.34 8.99 -52.69
N GLU B 233 10.11 9.34 -53.02
CA GLU B 233 9.82 10.48 -53.88
C GLU B 233 9.42 11.67 -53.00
N ILE B 234 10.20 12.74 -53.07
CA ILE B 234 9.91 13.92 -52.27
C ILE B 234 8.62 14.58 -52.74
N GLY B 235 8.46 14.73 -54.05
CA GLY B 235 7.26 15.31 -54.61
C GLY B 235 7.55 16.33 -55.68
N PRO B 236 6.94 17.52 -55.56
CA PRO B 236 7.11 18.61 -56.53
C PRO B 236 8.26 19.55 -56.17
N ASN C 21 30.80 -34.33 -16.27
CA ASN C 21 30.52 -35.57 -16.98
C ASN C 21 29.51 -36.42 -16.23
N SER C 22 29.19 -36.00 -15.00
CA SER C 22 28.21 -36.74 -14.20
C SER C 22 26.83 -36.70 -14.85
N VAL C 23 26.43 -35.55 -15.37
CA VAL C 23 25.13 -35.44 -16.05
C VAL C 23 25.19 -36.18 -17.37
N PRO C 24 24.24 -37.09 -17.65
CA PRO C 24 24.28 -37.84 -18.91
C PRO C 24 24.24 -36.94 -20.14
N GLY C 25 23.21 -36.09 -20.23
CA GLY C 25 23.10 -35.17 -21.35
C GLY C 25 23.51 -33.76 -20.98
N ALA C 26 24.72 -33.37 -21.37
CA ALA C 26 25.25 -32.06 -21.06
C ALA C 26 25.91 -31.45 -22.29
N PRO C 27 25.78 -30.15 -22.49
CA PRO C 27 26.46 -29.51 -23.62
C PRO C 27 27.97 -29.52 -23.43
N ASN C 28 28.68 -29.61 -24.55
CA ASN C 28 30.14 -29.61 -24.50
C ASN C 28 30.66 -28.22 -24.18
N ARG C 29 31.59 -28.13 -23.24
CA ARG C 29 32.13 -26.85 -22.80
C ARG C 29 33.56 -27.09 -22.32
N VAL C 30 34.52 -26.72 -23.15
CA VAL C 30 35.93 -26.87 -22.80
C VAL C 30 36.24 -26.02 -21.58
N SER C 31 37.08 -26.54 -20.69
CA SER C 31 37.37 -25.91 -19.42
C SER C 31 38.85 -25.60 -19.30
N PHE C 32 39.17 -24.49 -18.63
CA PHE C 32 40.54 -24.10 -18.34
C PHE C 32 41.05 -24.68 -17.02
N ALA C 33 40.25 -25.50 -16.34
CA ALA C 33 40.64 -26.03 -15.05
C ALA C 33 41.86 -26.93 -15.18
N LYS C 34 42.76 -26.84 -14.20
CA LYS C 34 43.99 -27.61 -14.19
C LYS C 34 44.09 -28.56 -13.00
N LEU C 35 43.09 -28.58 -12.12
CA LEU C 35 43.11 -29.41 -10.93
C LEU C 35 41.97 -30.42 -10.99
N ARG C 36 42.28 -31.69 -10.73
CA ARG C 36 41.26 -32.72 -10.69
C ARG C 36 40.36 -32.52 -9.48
N GLU C 37 39.06 -32.75 -9.68
CA GLU C 37 38.09 -32.60 -8.59
C GLU C 37 38.04 -33.88 -7.77
N PRO C 38 38.41 -33.86 -6.50
CA PRO C 38 38.36 -35.08 -5.70
C PRO C 38 36.94 -35.42 -5.25
N LEU C 39 36.14 -34.40 -4.98
CA LEU C 39 34.78 -34.57 -4.49
C LEU C 39 33.82 -33.79 -5.38
N GLU C 40 32.69 -34.41 -5.71
CA GLU C 40 31.66 -33.74 -6.47
C GLU C 40 30.82 -32.85 -5.56
N VAL C 41 30.14 -31.89 -6.17
CA VAL C 41 29.30 -30.97 -5.41
C VAL C 41 28.13 -31.74 -4.81
N PRO C 42 27.88 -31.61 -3.51
CA PRO C 42 26.74 -32.32 -2.90
C PRO C 42 25.41 -31.73 -3.34
N GLY C 43 24.30 -32.39 -3.02
CA GLY C 43 22.99 -31.86 -3.34
C GLY C 43 22.77 -30.50 -2.71
N LEU C 44 22.37 -29.52 -3.50
CA LEU C 44 22.24 -28.16 -3.02
C LEU C 44 20.98 -27.91 -2.21
N LEU C 45 20.06 -28.89 -2.15
CA LEU C 45 18.83 -28.75 -1.39
C LEU C 45 18.73 -29.74 -0.23
N ASP C 46 19.84 -30.36 0.17
CA ASP C 46 19.80 -31.31 1.27
C ASP C 46 19.60 -30.59 2.60
N VAL C 47 20.02 -29.34 2.70
CA VAL C 47 20.05 -28.59 3.94
C VAL C 47 18.66 -28.51 4.56
N GLN C 48 17.62 -28.51 3.73
CA GLN C 48 16.25 -28.46 4.20
C GLN C 48 15.51 -29.79 4.08
N THR C 49 15.73 -30.53 2.98
CA THR C 49 15.04 -31.81 2.81
C THR C 49 15.46 -32.82 3.88
N ASP C 50 16.76 -32.89 4.18
CA ASP C 50 17.21 -33.82 5.21
C ASP C 50 16.65 -33.44 6.57
N SER C 51 16.63 -32.13 6.88
CA SER C 51 16.08 -31.69 8.16
C SER C 51 14.60 -32.02 8.27
N PHE C 52 13.83 -31.80 7.20
CA PHE C 52 12.41 -32.07 7.27
C PHE C 52 12.12 -33.56 7.34
N GLU C 53 12.89 -34.38 6.62
CA GLU C 53 12.67 -35.82 6.71
C GLU C 53 13.12 -36.36 8.06
N TRP C 54 14.09 -35.70 8.71
CA TRP C 54 14.38 -36.02 10.10
C TRP C 54 13.20 -35.66 11.01
N LEU C 55 12.60 -34.49 10.78
CA LEU C 55 11.46 -34.07 11.60
C LEU C 55 10.29 -35.04 11.46
N VAL C 56 9.97 -35.44 10.22
CA VAL C 56 8.89 -36.40 10.01
C VAL C 56 9.31 -37.79 10.50
N GLY C 57 10.52 -38.21 10.16
CA GLY C 57 10.98 -39.54 10.53
C GLY C 57 10.79 -40.55 9.43
N SER C 58 11.17 -40.17 8.21
CA SER C 58 10.98 -41.04 7.05
C SER C 58 11.93 -42.24 7.11
N ASP C 59 11.61 -43.26 6.32
CA ASP C 59 12.38 -44.49 6.32
C ASP C 59 13.80 -44.26 5.83
N ARG C 60 13.97 -43.43 4.80
CA ARG C 60 15.31 -43.17 4.28
C ARG C 60 16.17 -42.45 5.32
N TRP C 61 15.57 -41.53 6.08
CA TRP C 61 16.30 -40.90 7.18
C TRP C 61 16.69 -41.93 8.23
N ARG C 62 15.79 -42.89 8.51
CA ARG C 62 16.12 -43.94 9.46
C ARG C 62 17.31 -44.76 8.99
N GLN C 63 17.33 -45.13 7.71
CA GLN C 63 18.44 -45.90 7.17
C GLN C 63 19.73 -45.10 7.20
N ALA C 64 19.66 -43.80 6.86
CA ALA C 64 20.86 -42.97 6.89
C ALA C 64 21.40 -42.84 8.31
N ALA C 65 20.52 -42.65 9.29
CA ALA C 65 20.96 -42.56 10.67
C ALA C 65 21.57 -43.88 11.15
N ILE C 66 20.98 -45.01 10.77
CA ILE C 66 21.52 -46.31 11.16
C ILE C 66 22.91 -46.50 10.56
N ASP C 67 23.07 -46.17 9.28
CA ASP C 67 24.37 -46.35 8.64
C ASP C 67 25.42 -45.39 9.19
N ARG C 68 25.02 -44.17 9.54
CA ARG C 68 25.97 -43.18 10.03
C ARG C 68 26.49 -43.46 11.42
N GLY C 69 25.84 -44.34 12.18
CA GLY C 69 26.23 -44.60 13.55
C GLY C 69 25.39 -43.80 14.53
N GLU C 70 24.69 -44.49 15.43
CA GLU C 70 23.72 -43.84 16.30
C GLU C 70 23.45 -44.76 17.49
N GLU C 71 22.59 -44.28 18.39
CA GLU C 71 22.13 -45.06 19.52
C GLU C 71 20.63 -45.31 19.50
N ASN C 72 19.83 -44.30 19.18
CA ASN C 72 18.38 -44.44 19.10
C ASN C 72 17.80 -43.41 18.14
N PRO C 73 17.52 -43.78 16.89
CA PRO C 73 16.97 -42.81 15.93
C PRO C 73 15.56 -42.41 16.33
N VAL C 74 15.36 -41.12 16.60
CA VAL C 74 14.05 -40.58 16.94
C VAL C 74 13.86 -39.27 16.19
N GLY C 75 12.70 -39.11 15.56
CA GLY C 75 12.37 -37.89 14.86
C GLY C 75 11.91 -36.80 15.82
N GLY C 76 11.58 -35.65 15.23
CA GLY C 76 11.11 -34.53 16.05
C GLY C 76 9.80 -34.83 16.75
N LEU C 77 8.84 -35.38 16.01
CA LEU C 77 7.54 -35.70 16.60
C LEU C 77 7.67 -36.77 17.68
N GLU C 78 8.47 -37.80 17.42
CA GLU C 78 8.68 -38.84 18.42
C GLU C 78 9.34 -38.26 19.67
N GLU C 79 10.32 -37.38 19.48
CA GLU C 79 11.01 -36.78 20.62
C GLU C 79 10.06 -35.93 21.46
N VAL C 80 9.25 -35.08 20.80
CA VAL C 80 8.36 -34.22 21.57
C VAL C 80 7.26 -35.03 22.25
N LEU C 81 6.77 -36.09 21.60
CA LEU C 81 5.75 -36.92 22.24
C LEU C 81 6.33 -37.71 23.40
N ALA C 82 7.60 -38.13 23.30
CA ALA C 82 8.26 -38.79 24.43
C ALA C 82 8.47 -37.82 25.58
N GLU C 83 8.81 -36.57 25.28
CA GLU C 83 8.94 -35.56 26.33
C GLU C 83 7.60 -35.29 27.00
N LEU C 84 6.51 -35.27 26.22
CA LEU C 84 5.19 -34.97 26.74
C LEU C 84 4.46 -36.20 27.26
N SER C 85 5.06 -37.38 27.19
CA SER C 85 4.36 -38.59 27.63
C SER C 85 3.93 -38.55 29.09
N PRO C 86 4.75 -38.10 30.06
CA PRO C 86 4.26 -38.04 31.45
C PRO C 86 3.35 -36.84 31.67
N ILE C 87 2.05 -37.10 31.78
CA ILE C 87 1.06 -36.07 32.08
C ILE C 87 0.31 -36.54 33.32
N GLU C 88 0.74 -36.08 34.50
CA GLU C 88 0.13 -36.45 35.76
C GLU C 88 -0.17 -35.19 36.56
N ASP C 89 -1.35 -35.15 37.17
CA ASP C 89 -1.76 -34.01 37.99
C ASP C 89 -1.10 -34.07 39.36
N PHE C 90 -1.49 -33.13 40.23
CA PHE C 90 -0.93 -33.10 41.59
C PHE C 90 -1.30 -34.35 42.36
N SER C 91 -2.54 -34.83 42.21
CA SER C 91 -2.95 -36.04 42.90
C SER C 91 -2.16 -37.25 42.41
N GLY C 92 -1.88 -37.32 41.11
CA GLY C 92 -1.14 -38.44 40.56
C GLY C 92 -1.93 -39.72 40.42
N SER C 93 -3.26 -39.64 40.39
CA SER C 93 -4.10 -40.82 40.23
C SER C 93 -4.43 -41.14 38.79
N MET C 94 -4.24 -40.20 37.87
CA MET C 94 -4.55 -40.39 36.46
C MET C 94 -3.38 -39.90 35.62
N SER C 95 -3.24 -40.50 34.43
CA SER C 95 -2.14 -40.15 33.53
C SER C 95 -2.58 -40.34 32.09
N LEU C 96 -2.08 -39.47 31.22
CA LEU C 96 -2.36 -39.53 29.78
C LEU C 96 -1.03 -39.62 29.04
N SER C 97 -0.95 -40.53 28.08
CA SER C 97 0.28 -40.80 27.35
C SER C 97 0.04 -40.72 25.84
N PHE C 98 1.01 -40.16 25.13
CA PHE C 98 0.99 -40.09 23.67
C PHE C 98 2.11 -40.96 23.10
N SER C 99 1.82 -41.65 22.00
CA SER C 99 2.82 -42.51 21.38
C SER C 99 2.45 -42.76 19.92
N ASP C 100 3.47 -43.15 19.16
CA ASP C 100 3.35 -43.64 17.78
C ASP C 100 2.67 -42.63 16.85
N PRO C 101 3.34 -41.53 16.51
CA PRO C 101 2.78 -40.64 15.47
C PRO C 101 2.78 -41.32 14.12
N ARG C 102 1.78 -41.00 13.30
CA ARG C 102 1.62 -41.61 11.99
C ARG C 102 1.04 -40.60 11.01
N PHE C 103 1.51 -40.67 9.77
CA PHE C 103 1.07 -39.78 8.71
C PHE C 103 0.29 -40.56 7.66
N ASP C 104 -0.75 -39.94 7.11
CA ASP C 104 -1.58 -40.53 6.09
C ASP C 104 -1.19 -39.98 4.72
N GLU C 105 -1.93 -40.38 3.69
CA GLU C 105 -1.66 -39.91 2.34
C GLU C 105 -2.00 -38.44 2.20
N VAL C 106 -1.31 -37.78 1.26
CA VAL C 106 -1.51 -36.35 1.04
C VAL C 106 -2.90 -36.09 0.51
N LYS C 107 -3.50 -34.98 0.95
CA LYS C 107 -4.86 -34.66 0.54
C LYS C 107 -4.95 -34.39 -0.95
N ALA C 108 -4.01 -33.61 -1.49
CA ALA C 108 -4.04 -33.24 -2.90
C ALA C 108 -2.63 -32.99 -3.39
N SER C 109 -2.47 -33.05 -4.71
CA SER C 109 -1.17 -32.84 -5.34
C SER C 109 -0.79 -31.35 -5.32
N VAL C 110 0.47 -31.08 -5.66
CA VAL C 110 0.99 -29.72 -5.60
C VAL C 110 0.27 -28.82 -6.60
N ASP C 111 0.06 -29.31 -7.82
CA ASP C 111 -0.58 -28.49 -8.85
C ASP C 111 -2.00 -28.11 -8.46
N GLU C 112 -2.76 -29.06 -7.93
CA GLU C 112 -4.13 -28.78 -7.50
C GLU C 112 -4.13 -27.79 -6.34
N CYS C 113 -3.20 -27.94 -5.40
CA CYS C 113 -3.11 -27.00 -4.28
C CYS C 113 -2.80 -25.59 -4.75
N LYS C 114 -1.89 -25.46 -5.72
CA LYS C 114 -1.57 -24.13 -6.25
C LYS C 114 -2.72 -23.54 -7.05
N ASP C 115 -3.47 -24.38 -7.79
CA ASP C 115 -4.55 -23.86 -8.61
C ASP C 115 -5.75 -23.46 -7.76
N LYS C 116 -6.10 -24.26 -6.76
CA LYS C 116 -7.29 -24.04 -5.95
C LYS C 116 -7.04 -23.21 -4.70
N ASP C 117 -5.81 -22.73 -4.51
CA ASP C 117 -5.45 -21.95 -3.32
C ASP C 117 -5.68 -22.74 -2.03
N MET C 118 -5.11 -23.93 -1.98
CA MET C 118 -5.20 -24.81 -0.83
C MET C 118 -3.83 -24.92 -0.16
N THR C 119 -3.77 -25.75 0.88
CA THR C 119 -2.55 -25.99 1.64
C THR C 119 -2.10 -27.43 1.46
N TYR C 120 -0.84 -27.61 1.07
CA TYR C 120 -0.27 -28.94 0.86
C TYR C 120 0.03 -29.54 2.23
N ALA C 121 -0.88 -30.38 2.72
CA ALA C 121 -0.77 -30.95 4.04
C ALA C 121 -1.19 -32.42 4.01
N ALA C 122 -0.86 -33.13 5.08
CA ALA C 122 -1.24 -34.52 5.27
C ALA C 122 -1.75 -34.75 6.68
N PRO C 123 -2.71 -35.65 6.85
CA PRO C 123 -3.25 -35.90 8.19
C PRO C 123 -2.22 -36.53 9.12
N LEU C 124 -2.38 -36.25 10.41
CA LEU C 124 -1.50 -36.78 11.45
C LEU C 124 -2.35 -37.48 12.50
N PHE C 125 -1.97 -38.72 12.85
CA PHE C 125 -2.68 -39.52 13.84
C PHE C 125 -1.72 -39.91 14.95
N VAL C 126 -2.15 -39.73 16.20
CA VAL C 126 -1.36 -40.06 17.37
C VAL C 126 -2.19 -40.96 18.27
N THR C 127 -1.62 -42.08 18.68
CA THR C 127 -2.31 -43.00 19.58
C THR C 127 -2.13 -42.54 21.03
N ALA C 128 -3.25 -42.33 21.73
CA ALA C 128 -3.24 -41.81 23.08
C ALA C 128 -3.82 -42.87 24.03
N GLU C 129 -3.20 -42.99 25.21
CA GLU C 129 -3.62 -43.97 26.20
C GLU C 129 -3.90 -43.25 27.52
N PHE C 130 -5.03 -43.57 28.13
CA PHE C 130 -5.43 -43.00 29.42
C PHE C 130 -5.31 -44.08 30.49
N ILE C 131 -4.58 -43.77 31.55
CA ILE C 131 -4.30 -44.72 32.62
C ILE C 131 -4.82 -44.14 33.93
N ASN C 132 -5.59 -44.93 34.66
CA ASN C 132 -6.09 -44.56 35.98
C ASN C 132 -5.38 -45.43 37.02
N ASN C 133 -4.62 -44.79 37.91
CA ASN C 133 -3.75 -45.53 38.82
C ASN C 133 -4.54 -46.27 39.89
N ASN C 134 -5.61 -45.67 40.40
CA ASN C 134 -6.33 -46.26 41.53
C ASN C 134 -6.97 -47.58 41.14
N THR C 135 -7.56 -47.67 39.95
CA THR C 135 -8.22 -48.89 39.50
C THR C 135 -7.37 -49.73 38.56
N GLY C 136 -6.32 -49.15 37.97
CA GLY C 136 -5.47 -49.89 37.05
C GLY C 136 -6.06 -50.15 35.69
N GLU C 137 -7.18 -49.49 35.35
CA GLU C 137 -7.83 -49.67 34.07
C GLU C 137 -7.28 -48.66 33.06
N ILE C 138 -7.08 -49.12 31.83
CA ILE C 138 -6.48 -48.29 30.78
C ILE C 138 -7.38 -48.30 29.56
N LYS C 139 -7.27 -47.24 28.75
CA LYS C 139 -8.02 -47.10 27.51
C LYS C 139 -7.07 -46.68 26.40
N SER C 140 -7.33 -47.17 25.20
CA SER C 140 -6.50 -46.86 24.03
C SER C 140 -7.39 -46.43 22.87
N GLN C 141 -7.09 -45.28 22.29
CA GLN C 141 -7.86 -44.76 21.17
C GLN C 141 -6.92 -44.02 20.23
N THR C 142 -7.36 -43.87 18.98
CA THR C 142 -6.62 -43.14 17.96
C THR C 142 -7.15 -41.72 17.88
N VAL C 143 -6.25 -40.75 17.93
CA VAL C 143 -6.60 -39.33 18.02
C VAL C 143 -6.10 -38.63 16.76
N PHE C 144 -6.99 -37.89 16.11
CA PHE C 144 -6.62 -37.08 14.95
C PHE C 144 -6.06 -35.74 15.42
N MET C 145 -4.86 -35.39 14.93
CA MET C 145 -4.16 -34.21 15.40
C MET C 145 -4.25 -33.01 14.47
N GLY C 146 -4.66 -33.21 13.22
CA GLY C 146 -4.82 -32.13 12.27
C GLY C 146 -4.08 -32.41 10.98
N ASP C 147 -4.09 -31.40 10.12
CA ASP C 147 -3.41 -31.47 8.83
C ASP C 147 -2.02 -30.84 8.97
N PHE C 148 -0.99 -31.68 8.96
CA PHE C 148 0.38 -31.20 9.11
C PHE C 148 0.94 -30.81 7.75
N PRO C 149 1.40 -29.58 7.57
CA PRO C 149 1.96 -29.18 6.26
C PRO C 149 3.17 -30.04 5.90
N MET C 150 3.29 -30.34 4.62
CA MET C 150 4.35 -31.21 4.11
C MET C 150 5.21 -30.47 3.10
N MET C 151 6.50 -30.73 3.16
CA MET C 151 7.44 -30.13 2.21
C MET C 151 7.37 -30.87 0.88
N THR C 152 7.39 -30.12 -0.22
CA THR C 152 7.38 -30.70 -1.54
C THR C 152 8.78 -31.20 -1.90
N GLU C 153 8.97 -31.66 -3.14
CA GLU C 153 10.28 -32.14 -3.55
C GLU C 153 11.28 -31.00 -3.78
N LYS C 154 10.80 -29.76 -3.91
CA LYS C 154 11.66 -28.62 -4.15
C LYS C 154 12.07 -27.89 -2.89
N GLY C 155 11.67 -28.38 -1.72
CA GLY C 155 12.02 -27.72 -0.48
C GLY C 155 11.17 -26.54 -0.11
N THR C 156 10.00 -26.38 -0.71
CA THR C 156 9.12 -25.26 -0.45
C THR C 156 7.77 -25.75 0.07
N PHE C 157 7.19 -24.99 0.99
CA PHE C 157 5.87 -25.27 1.54
C PHE C 157 4.84 -24.42 0.81
N ILE C 158 3.78 -25.06 0.31
CA ILE C 158 2.68 -24.35 -0.31
C ILE C 158 1.67 -24.01 0.78
N ILE C 159 1.45 -22.71 1.00
CA ILE C 159 0.52 -22.23 2.01
C ILE C 159 -0.47 -21.30 1.32
N ASN C 160 -1.74 -21.68 1.29
CA ASN C 160 -2.81 -20.89 0.66
C ASN C 160 -2.49 -20.61 -0.81
N GLY C 161 -1.85 -21.56 -1.47
CA GLY C 161 -1.54 -21.44 -2.89
C GLY C 161 -0.27 -20.70 -3.22
N THR C 162 0.45 -20.16 -2.23
CA THR C 162 1.70 -19.46 -2.45
C THR C 162 2.83 -20.23 -1.79
N GLU C 163 3.91 -20.46 -2.55
CA GLU C 163 5.04 -21.20 -2.02
C GLU C 163 5.82 -20.34 -1.04
N ARG C 164 6.13 -20.92 0.13
CA ARG C 164 6.88 -20.23 1.16
C ARG C 164 8.10 -21.05 1.53
N VAL C 165 9.20 -20.35 1.78
CA VAL C 165 10.49 -20.96 2.10
C VAL C 165 10.89 -20.53 3.51
N VAL C 166 11.23 -21.49 4.35
CA VAL C 166 11.67 -21.22 5.71
C VAL C 166 13.19 -21.06 5.71
N VAL C 167 13.67 -19.93 6.22
CA VAL C 167 15.08 -19.58 6.19
C VAL C 167 15.72 -20.01 7.51
N SER C 168 16.87 -20.67 7.41
CA SER C 168 17.56 -21.14 8.61
C SER C 168 18.04 -19.96 9.45
N GLN C 169 18.21 -20.22 10.75
CA GLN C 169 18.58 -19.18 11.70
C GLN C 169 19.86 -19.55 12.42
N LEU C 170 20.71 -18.55 12.67
CA LEU C 170 21.94 -18.73 13.42
C LEU C 170 21.76 -18.24 14.85
N VAL C 171 21.94 -19.14 15.82
CA VAL C 171 21.86 -18.81 17.22
C VAL C 171 23.08 -19.38 17.94
N ARG C 172 23.36 -18.83 19.13
CA ARG C 172 24.50 -19.26 19.91
C ARG C 172 24.14 -20.51 20.70
N SER C 173 24.98 -21.54 20.58
CA SER C 173 24.68 -22.82 21.19
C SER C 173 24.77 -22.73 22.71
N PRO C 174 23.93 -23.48 23.43
CA PRO C 174 24.02 -23.48 24.90
C PRO C 174 25.33 -24.06 25.39
N GLY C 175 25.79 -23.56 26.52
CA GLY C 175 27.05 -23.99 27.08
C GLY C 175 27.56 -22.96 28.08
N VAL C 176 28.88 -23.01 28.29
CA VAL C 176 29.57 -22.09 29.20
C VAL C 176 30.52 -21.23 28.37
N TYR C 177 30.52 -19.93 28.63
CA TYR C 177 31.36 -18.98 27.91
C TYR C 177 32.13 -18.12 28.89
N PHE C 178 33.43 -17.97 28.65
CA PHE C 178 34.32 -17.18 29.49
C PHE C 178 34.78 -15.95 28.71
N ASP C 179 34.65 -14.77 29.33
CA ASP C 179 35.00 -13.52 28.68
C ASP C 179 35.89 -12.71 29.60
N GLU C 180 36.85 -11.99 29.01
CA GLU C 180 37.79 -11.17 29.75
C GLU C 180 37.62 -9.71 29.35
N THR C 181 37.53 -8.83 30.36
CA THR C 181 37.37 -7.41 30.14
C THR C 181 38.45 -6.65 30.89
N ILE C 182 38.85 -5.51 30.34
CA ILE C 182 39.88 -4.65 30.92
C ILE C 182 39.25 -3.32 31.29
N ASP C 183 39.35 -2.94 32.55
CA ASP C 183 38.81 -1.68 33.02
C ASP C 183 39.72 -0.53 32.63
N LYS C 184 39.10 0.63 32.41
CA LYS C 184 39.83 1.86 32.07
C LYS C 184 40.18 2.70 33.28
N SER C 185 39.82 2.25 34.49
CA SER C 185 40.13 3.01 35.70
C SER C 185 41.43 2.52 36.34
N THR C 186 41.49 1.25 36.69
CA THR C 186 42.69 0.66 37.31
C THR C 186 43.53 -0.13 36.31
N GLU C 187 43.09 -0.25 35.06
CA GLU C 187 43.82 -0.98 34.03
C GLU C 187 44.13 -2.41 34.46
N LYS C 188 43.14 -3.06 35.08
CA LYS C 188 43.26 -4.44 35.53
C LYS C 188 42.25 -5.31 34.80
N THR C 189 42.67 -6.52 34.45
CA THR C 189 41.80 -7.44 33.72
C THR C 189 40.77 -8.07 34.65
N LEU C 190 39.55 -8.19 34.15
CA LEU C 190 38.45 -8.80 34.88
C LEU C 190 37.86 -9.93 34.05
N HIS C 191 37.69 -11.09 34.67
CA HIS C 191 37.20 -12.29 33.98
C HIS C 191 35.82 -12.66 34.50
N SER C 192 34.92 -12.98 33.57
CA SER C 192 33.56 -13.38 33.92
C SER C 192 33.17 -14.58 33.07
N VAL C 193 32.28 -15.42 33.63
CA VAL C 193 31.79 -16.61 32.96
C VAL C 193 30.28 -16.60 33.00
N LYS C 194 29.64 -16.83 31.85
CA LYS C 194 28.20 -16.88 31.72
C LYS C 194 27.79 -18.28 31.30
N VAL C 195 26.82 -18.86 32.01
CA VAL C 195 26.27 -20.17 31.67
C VAL C 195 24.93 -19.93 30.98
N ILE C 196 24.84 -20.31 29.71
CA ILE C 196 23.65 -20.04 28.91
C ILE C 196 22.96 -21.35 28.57
N PRO C 197 21.88 -21.70 29.25
CA PRO C 197 21.16 -22.94 28.94
C PRO C 197 20.02 -22.71 27.96
N GLY C 198 19.40 -23.81 27.56
CA GLY C 198 18.20 -23.74 26.75
C GLY C 198 16.95 -23.81 27.59
N ARG C 199 16.17 -22.73 27.60
CA ARG C 199 14.96 -22.61 28.40
C ARG C 199 15.26 -22.84 29.89
N GLY C 200 16.05 -21.91 30.42
CA GLY C 200 16.44 -21.97 31.82
C GLY C 200 16.98 -20.64 32.29
N ALA C 201 17.28 -20.59 33.59
CA ALA C 201 17.82 -19.38 34.20
C ALA C 201 19.32 -19.27 33.93
N TRP C 202 19.83 -18.05 34.06
CA TRP C 202 21.24 -17.76 33.81
C TRP C 202 22.03 -17.77 35.10
N LEU C 203 23.22 -18.38 35.05
CA LEU C 203 24.15 -18.42 36.16
C LEU C 203 25.45 -17.77 35.71
N GLU C 204 25.90 -16.77 36.46
CA GLU C 204 27.08 -16.00 36.08
C GLU C 204 28.04 -15.88 37.26
N PHE C 205 29.33 -15.75 36.94
CA PHE C 205 30.35 -15.46 37.93
C PHE C 205 31.26 -14.39 37.34
N ASP C 206 31.88 -13.59 38.21
CA ASP C 206 32.77 -12.53 37.74
C ASP C 206 33.72 -12.14 38.85
N VAL C 207 34.79 -11.44 38.46
CA VAL C 207 35.79 -10.93 39.38
C VAL C 207 35.89 -9.42 39.18
N ASP C 208 35.81 -8.68 40.27
CA ASP C 208 35.85 -7.22 40.23
C ASP C 208 37.25 -6.72 40.56
N LYS C 209 37.39 -5.40 40.70
CA LYS C 209 38.69 -4.82 41.02
C LYS C 209 39.15 -5.24 42.41
N ARG C 210 38.23 -5.37 43.36
CA ARG C 210 38.55 -5.78 44.73
C ARG C 210 38.89 -7.27 44.85
N ASP C 211 39.03 -7.98 43.73
CA ASP C 211 39.40 -9.40 43.72
C ASP C 211 38.41 -10.24 44.53
N THR C 212 37.12 -9.89 44.42
CA THR C 212 36.06 -10.61 45.11
C THR C 212 35.21 -11.32 44.07
N VAL C 213 35.21 -12.65 44.10
CA VAL C 213 34.42 -13.43 43.15
C VAL C 213 32.95 -13.33 43.54
N GLY C 214 32.12 -12.99 42.58
CA GLY C 214 30.69 -12.85 42.82
C GLY C 214 29.86 -13.66 41.84
N VAL C 215 28.77 -14.23 42.34
CA VAL C 215 27.84 -15.02 41.55
C VAL C 215 26.53 -14.27 41.46
N ARG C 216 25.99 -14.17 40.25
CA ARG C 216 24.74 -13.46 39.99
C ARG C 216 23.71 -14.46 39.48
N ILE C 217 22.98 -15.07 40.39
CA ILE C 217 21.92 -16.01 40.01
C ILE C 217 20.81 -15.25 39.31
N ASP C 218 20.39 -15.74 38.14
CA ASP C 218 19.40 -15.08 37.28
C ASP C 218 19.92 -13.69 36.96
N ARG C 219 19.18 -12.62 37.24
CA ARG C 219 19.64 -11.26 36.99
C ARG C 219 19.56 -10.40 38.24
N LYS C 220 19.85 -10.99 39.40
CA LYS C 220 19.77 -10.29 40.67
C LYS C 220 21.11 -9.61 40.98
N ARG C 221 21.25 -9.10 42.20
CA ARG C 221 22.47 -8.43 42.61
C ARG C 221 23.59 -9.43 42.85
N ARG C 222 24.82 -8.91 42.88
CA ARG C 222 25.99 -9.75 43.07
C ARG C 222 26.02 -10.33 44.48
N GLN C 223 26.40 -11.59 44.59
CA GLN C 223 26.61 -12.28 45.85
C GLN C 223 27.94 -13.03 45.80
N PRO C 224 28.65 -13.11 46.91
CA PRO C 224 29.90 -13.89 46.93
C PRO C 224 29.62 -15.36 46.65
N VAL C 225 30.52 -15.98 45.88
CA VAL C 225 30.32 -17.38 45.48
C VAL C 225 30.46 -18.33 46.65
N THR C 226 31.11 -17.91 47.74
CA THR C 226 31.20 -18.75 48.92
C THR C 226 29.82 -19.01 49.52
N VAL C 227 28.93 -18.02 49.45
CA VAL C 227 27.56 -18.21 49.94
C VAL C 227 26.87 -19.29 49.13
N LEU C 228 27.02 -19.25 47.80
CA LEU C 228 26.42 -20.28 46.95
C LEU C 228 27.03 -21.65 47.24
N LEU C 229 28.34 -21.71 47.43
CA LEU C 229 28.98 -22.99 47.72
C LEU C 229 28.49 -23.57 49.04
N LYS C 230 28.36 -22.73 50.07
CA LYS C 230 27.84 -23.21 51.35
C LYS C 230 26.38 -23.64 51.23
N ALA C 231 25.60 -22.92 50.41
CA ALA C 231 24.18 -23.27 50.25
C ALA C 231 24.00 -24.59 49.53
N LEU C 232 25.01 -25.05 48.79
CA LEU C 232 24.94 -26.31 48.06
C LEU C 232 25.30 -27.51 48.93
N GLY C 233 25.65 -27.30 50.19
CA GLY C 233 25.99 -28.38 51.09
C GLY C 233 27.46 -28.50 51.44
N TRP C 234 28.29 -27.56 51.01
CA TRP C 234 29.70 -27.58 51.36
C TRP C 234 29.96 -26.75 52.62
N THR C 235 31.01 -27.11 53.33
CA THR C 235 31.43 -26.42 54.55
C THR C 235 32.69 -25.60 54.27
N ASN C 236 33.15 -24.90 55.32
CA ASN C 236 34.36 -24.10 55.19
C ASN C 236 35.58 -24.97 54.89
N GLU C 237 35.67 -26.13 55.55
CA GLU C 237 36.79 -27.03 55.32
C GLU C 237 36.81 -27.53 53.88
N GLN C 238 35.63 -27.85 53.34
CA GLN C 238 35.55 -28.29 51.95
C GLN C 238 36.03 -27.21 51.00
N ILE C 239 35.61 -25.96 51.23
CA ILE C 239 36.04 -24.86 50.38
C ILE C 239 37.55 -24.66 50.48
N VAL C 240 38.10 -24.73 51.70
CA VAL C 240 39.53 -24.54 51.88
C VAL C 240 40.33 -25.64 51.17
N GLU C 241 39.90 -26.89 51.32
CA GLU C 241 40.64 -28.00 50.71
C GLU C 241 40.43 -28.08 49.21
N ARG C 242 39.33 -27.52 48.69
CA ARG C 242 39.07 -27.58 47.26
C ARG C 242 39.66 -26.40 46.51
N PHE C 243 39.62 -25.20 47.08
CA PHE C 243 40.10 -23.99 46.44
C PHE C 243 41.24 -23.37 47.23
N GLY C 244 42.16 -24.21 47.72
CA GLY C 244 43.29 -23.72 48.50
C GLY C 244 44.44 -23.17 47.69
N PHE C 245 44.40 -23.32 46.36
CA PHE C 245 45.46 -22.85 45.48
C PHE C 245 45.22 -21.43 44.98
N SER C 246 44.13 -20.78 45.39
CA SER C 246 43.76 -19.46 44.90
C SER C 246 43.72 -18.46 46.04
N GLU C 247 44.06 -17.21 45.73
CA GLU C 247 44.05 -16.14 46.71
C GLU C 247 42.72 -15.39 46.71
N ILE C 248 42.09 -15.23 45.54
CA ILE C 248 40.82 -14.50 45.46
C ILE C 248 39.73 -15.25 46.22
N MET C 249 39.70 -16.58 46.09
CA MET C 249 38.70 -17.37 46.81
C MET C 249 38.85 -17.24 48.32
N MET C 250 40.09 -17.29 48.80
CA MET C 250 40.33 -17.14 50.24
C MET C 250 39.95 -15.74 50.71
N GLY C 251 40.28 -14.72 49.92
CA GLY C 251 39.89 -13.37 50.27
C GLY C 251 38.39 -13.19 50.34
N THR C 252 37.66 -13.77 49.38
CA THR C 252 36.21 -13.71 49.41
C THR C 252 35.65 -14.47 50.61
N LEU C 253 36.22 -15.62 50.92
CA LEU C 253 35.74 -16.42 52.05
C LEU C 253 35.97 -15.71 53.38
N GLU C 254 37.09 -14.99 53.49
CA GLU C 254 37.34 -14.24 54.72
C GLU C 254 36.50 -12.98 54.81
N LYS C 255 36.12 -12.40 53.67
CA LYS C 255 35.37 -11.16 53.64
C LYS C 255 33.86 -11.38 53.49
N ASP C 256 33.40 -12.63 53.50
CA ASP C 256 31.98 -12.89 53.30
C ASP C 256 31.15 -12.39 54.47
N THR C 257 31.69 -12.44 55.69
CA THR C 257 30.97 -12.05 56.91
C THR C 257 29.66 -12.82 57.06
N THR C 258 29.70 -14.10 56.70
CA THR C 258 28.53 -14.97 56.81
C THR C 258 29.01 -16.40 57.04
N SER C 259 28.41 -17.07 58.02
CA SER C 259 28.78 -18.43 58.38
C SER C 259 27.54 -19.31 58.45
N GLY C 260 27.76 -20.60 58.29
CA GLY C 260 26.69 -21.57 58.34
C GLY C 260 26.01 -21.78 57.00
N THR C 261 25.14 -22.78 56.96
CA THR C 261 24.41 -23.14 55.76
C THR C 261 23.02 -22.53 55.68
N ASP C 262 22.26 -22.57 56.78
CA ASP C 262 20.90 -22.03 56.77
C ASP C 262 20.90 -20.53 56.54
N GLU C 263 21.84 -19.80 57.17
CA GLU C 263 21.89 -18.36 56.98
C GLU C 263 22.19 -17.98 55.54
N ALA C 264 23.15 -18.67 54.92
CA ALA C 264 23.46 -18.39 53.52
C ALA C 264 22.29 -18.72 52.61
N LEU C 265 21.60 -19.83 52.88
CA LEU C 265 20.45 -20.20 52.08
C LEU C 265 19.34 -19.17 52.20
N LEU C 266 19.08 -18.68 53.41
CA LEU C 266 18.07 -17.65 53.61
C LEU C 266 18.46 -16.35 52.92
N ASP C 267 19.74 -15.99 52.97
CA ASP C 267 20.20 -14.79 52.27
C ASP C 267 20.01 -14.93 50.77
N ILE C 268 20.32 -16.10 50.21
CA ILE C 268 20.13 -16.33 48.78
C ILE C 268 18.65 -16.23 48.42
N TYR C 269 17.78 -16.83 49.25
CA TYR C 269 16.35 -16.77 48.98
C TYR C 269 15.83 -15.33 49.04
N ARG C 270 16.30 -14.56 50.02
CA ARG C 270 15.88 -13.17 50.12
C ARG C 270 16.35 -12.35 48.92
N LYS C 271 17.59 -12.57 48.47
CA LYS C 271 18.10 -11.86 47.31
C LYS C 271 17.33 -12.21 46.05
N LEU C 272 17.04 -13.50 45.85
CA LEU C 272 16.37 -13.94 44.63
C LEU C 272 14.92 -13.48 44.59
N ARG C 273 14.18 -13.69 45.67
CA ARG C 273 12.74 -13.42 45.71
C ARG C 273 12.42 -12.58 46.94
N PRO C 274 12.62 -11.26 46.87
CA PRO C 274 12.28 -10.41 48.02
C PRO C 274 10.79 -10.41 48.29
N GLY C 275 10.44 -10.31 49.58
CA GLY C 275 9.07 -10.24 50.00
C GLY C 275 8.42 -11.57 50.32
N GLU C 276 9.09 -12.69 50.04
CA GLU C 276 8.55 -14.01 50.33
C GLU C 276 9.13 -14.53 51.64
N PRO C 277 8.30 -14.82 52.63
CA PRO C 277 8.82 -15.34 53.91
C PRO C 277 9.53 -16.67 53.72
N PRO C 278 10.83 -16.73 54.00
CA PRO C 278 11.57 -17.97 53.79
C PRO C 278 11.30 -18.99 54.89
N THR C 279 11.66 -20.24 54.58
CA THR C 279 11.59 -21.32 55.55
C THR C 279 12.73 -22.30 55.24
N LYS C 280 12.70 -23.46 55.90
CA LYS C 280 13.80 -24.42 55.77
C LYS C 280 13.79 -25.09 54.40
N GLU C 281 12.61 -25.39 53.86
CA GLU C 281 12.50 -26.20 52.66
C GLU C 281 12.17 -25.44 51.38
N SER C 282 11.56 -24.25 51.49
CA SER C 282 11.16 -23.53 50.29
C SER C 282 12.36 -23.14 49.44
N ALA C 283 13.44 -22.65 50.08
CA ALA C 283 14.61 -22.23 49.33
C ALA C 283 15.28 -23.40 48.64
N GLN C 284 15.38 -24.55 49.32
CA GLN C 284 15.99 -25.72 48.69
C GLN C 284 15.18 -26.20 47.49
N THR C 285 13.85 -26.24 47.63
CA THR C 285 13.02 -26.63 46.50
C THR C 285 13.14 -25.64 45.35
N LEU C 286 13.20 -24.34 45.66
CA LEU C 286 13.38 -23.33 44.61
C LEU C 286 14.71 -23.53 43.89
N LEU C 287 15.78 -23.78 44.63
CA LEU C 287 17.09 -23.99 44.00
C LEU C 287 17.09 -25.25 43.13
N GLU C 288 16.48 -26.33 43.63
CA GLU C 288 16.40 -27.56 42.84
C GLU C 288 15.60 -27.35 41.56
N ASN C 289 14.48 -26.62 41.66
CA ASN C 289 13.70 -26.31 40.47
C ASN C 289 14.50 -25.47 39.48
N LEU C 290 15.23 -24.48 40.00
CA LEU C 290 15.99 -23.57 39.12
C LEU C 290 17.10 -24.31 38.39
N PHE C 291 17.84 -25.18 39.07
CA PHE C 291 19.05 -25.75 38.50
C PHE C 291 18.97 -27.25 38.25
N PHE C 292 18.67 -28.05 39.28
CA PHE C 292 18.87 -29.50 39.21
C PHE C 292 17.57 -30.26 38.95
N LYS C 293 16.64 -29.69 38.20
CA LYS C 293 15.40 -30.38 37.85
C LYS C 293 15.05 -30.09 36.40
N GLU C 294 14.33 -31.04 35.79
CA GLU C 294 13.95 -30.94 34.38
C GLU C 294 12.79 -29.97 34.15
N LYS C 295 12.07 -29.58 35.20
CA LYS C 295 10.88 -28.74 35.00
C LYS C 295 11.27 -27.35 34.49
N ARG C 296 12.26 -26.73 35.11
CA ARG C 296 12.64 -25.37 34.76
C ARG C 296 14.05 -25.25 34.19
N TYR C 297 14.84 -26.32 34.17
CA TYR C 297 16.18 -26.30 33.62
C TYR C 297 16.39 -27.53 32.76
N ASP C 298 16.90 -27.34 31.54
CA ASP C 298 17.09 -28.46 30.62
C ASP C 298 18.20 -28.07 29.65
N LEU C 299 19.40 -28.60 29.87
CA LEU C 299 20.49 -28.45 28.92
C LEU C 299 20.28 -29.44 27.78
N ALA C 300 20.18 -28.93 26.55
CA ALA C 300 19.95 -29.78 25.40
C ALA C 300 21.17 -30.67 25.15
N ARG C 301 21.04 -31.55 24.16
CA ARG C 301 22.16 -32.42 23.80
C ARG C 301 23.36 -31.61 23.34
N VAL C 302 23.12 -30.55 22.56
CA VAL C 302 24.20 -29.67 22.13
C VAL C 302 24.86 -29.01 23.32
N GLY C 303 24.05 -28.50 24.27
CA GLY C 303 24.62 -27.85 25.44
C GLY C 303 25.42 -28.80 26.31
N ARG C 304 24.88 -30.00 26.54
CA ARG C 304 25.62 -30.99 27.33
C ARG C 304 26.93 -31.38 26.65
N TYR C 305 26.89 -31.58 25.34
CA TYR C 305 28.11 -31.92 24.60
C TYR C 305 29.14 -30.79 24.70
N LYS C 306 28.69 -29.54 24.55
CA LYS C 306 29.62 -28.42 24.63
C LYS C 306 30.22 -28.30 26.03
N VAL C 307 29.40 -28.47 27.07
CA VAL C 307 29.91 -28.37 28.43
C VAL C 307 30.92 -29.49 28.71
N ASN C 308 30.60 -30.71 28.27
CA ASN C 308 31.52 -31.82 28.48
C ASN C 308 32.84 -31.60 27.75
N LYS C 309 32.77 -31.09 26.51
CA LYS C 309 34.00 -30.82 25.77
C LYS C 309 34.82 -29.71 26.42
N LYS C 310 34.15 -28.66 26.89
CA LYS C 310 34.86 -27.51 27.44
C LYS C 310 35.50 -27.84 28.78
N LEU C 311 34.77 -28.50 29.67
CA LEU C 311 35.26 -28.80 31.01
C LEU C 311 35.96 -30.14 31.10
N GLY C 312 35.94 -30.95 30.04
CA GLY C 312 36.56 -32.26 30.10
C GLY C 312 35.92 -33.20 31.09
N LEU C 313 34.59 -33.26 31.10
CA LEU C 313 33.84 -34.10 32.03
C LEU C 313 33.10 -35.18 31.27
N ASN C 314 32.93 -36.33 31.93
CA ASN C 314 32.17 -37.46 31.38
C ASN C 314 32.70 -37.88 30.01
N ALA C 315 34.02 -37.99 29.91
CA ALA C 315 34.64 -38.35 28.63
C ALA C 315 34.31 -39.80 28.30
N GLY C 316 33.68 -40.01 27.14
CA GLY C 316 33.30 -41.32 26.69
C GLY C 316 31.90 -41.77 27.08
N LYS C 317 31.30 -41.13 28.08
CA LYS C 317 29.95 -41.49 28.50
C LYS C 317 28.92 -40.96 27.49
N PRO C 318 27.85 -41.71 27.23
CA PRO C 318 26.81 -41.22 26.33
C PRO C 318 26.06 -40.04 26.93
N ILE C 319 25.50 -39.21 26.05
CA ILE C 319 24.77 -38.02 26.47
C ILE C 319 23.40 -38.47 26.98
N THR C 320 23.28 -38.60 28.30
CA THR C 320 22.02 -38.99 28.93
C THR C 320 21.46 -37.90 29.83
N SER C 321 22.27 -37.37 30.74
CA SER C 321 21.82 -36.29 31.60
C SER C 321 21.61 -35.02 30.78
N SER C 322 20.67 -34.19 31.25
CA SER C 322 20.35 -32.95 30.54
C SER C 322 20.15 -31.77 31.49
N THR C 323 20.68 -31.85 32.70
CA THR C 323 20.53 -30.79 33.69
C THR C 323 21.88 -30.48 34.33
N LEU C 324 22.02 -29.23 34.79
CA LEU C 324 23.24 -28.81 35.46
C LEU C 324 23.39 -29.54 36.79
N THR C 325 24.64 -29.76 37.19
CA THR C 325 24.96 -30.46 38.42
C THR C 325 25.99 -29.65 39.21
N GLU C 326 26.11 -29.97 40.50
CA GLU C 326 27.08 -29.28 41.35
C GLU C 326 28.50 -29.51 40.88
N GLU C 327 28.78 -30.68 40.28
CA GLU C 327 30.10 -30.93 39.73
C GLU C 327 30.43 -29.94 38.62
N ASP C 328 29.46 -29.66 37.75
CA ASP C 328 29.67 -28.68 36.69
C ASP C 328 29.90 -27.28 37.27
N VAL C 329 29.16 -26.94 38.33
CA VAL C 329 29.30 -25.62 38.93
C VAL C 329 30.69 -25.45 39.54
N VAL C 330 31.13 -26.45 40.31
CA VAL C 330 32.46 -26.34 40.93
C VAL C 330 33.55 -26.38 39.88
N ALA C 331 33.38 -27.16 38.81
CA ALA C 331 34.35 -27.15 37.73
C ALA C 331 34.42 -25.79 37.05
N THR C 332 33.26 -25.15 36.86
CA THR C 332 33.24 -23.81 36.27
C THR C 332 33.94 -22.81 37.17
N ILE C 333 33.71 -22.89 38.48
CA ILE C 333 34.37 -21.97 39.41
C ILE C 333 35.88 -22.17 39.39
N GLU C 334 36.33 -23.43 39.40
CA GLU C 334 37.75 -23.72 39.34
C GLU C 334 38.36 -23.22 38.04
N TYR C 335 37.66 -23.43 36.92
CA TYR C 335 38.14 -22.94 35.63
C TYR C 335 38.27 -21.42 35.64
N LEU C 336 37.28 -20.73 36.20
CA LEU C 336 37.32 -19.28 36.25
C LEU C 336 38.49 -18.78 37.10
N VAL C 337 38.69 -19.37 38.28
CA VAL C 337 39.75 -18.89 39.15
C VAL C 337 41.13 -19.19 38.54
N ARG C 338 41.27 -20.35 37.90
CA ARG C 338 42.55 -20.67 37.26
C ARG C 338 42.80 -19.78 36.05
N LEU C 339 41.74 -19.42 35.32
CA LEU C 339 41.90 -18.46 34.23
C LEU C 339 42.31 -17.09 34.76
N HIS C 340 41.73 -16.66 35.88
CA HIS C 340 42.10 -15.38 36.46
C HIS C 340 43.54 -15.39 36.94
N GLU C 341 44.00 -16.51 37.51
CA GLU C 341 45.40 -16.61 37.92
C GLU C 341 46.34 -16.51 36.71
N GLY C 342 45.99 -17.18 35.62
CA GLY C 342 46.81 -17.14 34.42
C GLY C 342 47.30 -18.49 33.97
N GLN C 343 46.84 -19.56 34.64
CA GLN C 343 47.26 -20.90 34.26
C GLN C 343 46.72 -21.28 32.90
N THR C 344 47.52 -22.01 32.13
CA THR C 344 47.17 -22.43 30.79
C THR C 344 46.69 -23.88 30.72
N SER C 345 46.46 -24.51 31.86
CA SER C 345 45.98 -25.89 31.88
C SER C 345 45.14 -26.12 33.13
N MET C 346 44.28 -27.13 33.06
CA MET C 346 43.41 -27.47 34.18
C MET C 346 43.12 -28.96 34.14
N THR C 347 42.83 -29.53 35.30
CA THR C 347 42.51 -30.95 35.39
C THR C 347 41.49 -31.13 36.52
N VAL C 348 40.22 -31.17 36.17
CA VAL C 348 39.16 -31.45 37.15
C VAL C 348 39.31 -32.88 37.65
N PRO C 349 39.18 -33.14 38.94
CA PRO C 349 39.26 -34.53 39.42
C PRO C 349 38.20 -35.40 38.76
N GLY C 350 38.59 -36.62 38.42
CA GLY C 350 37.71 -37.50 37.67
C GLY C 350 37.37 -36.97 36.30
N GLY C 351 38.35 -36.39 35.60
CA GLY C 351 38.12 -35.83 34.29
C GLY C 351 39.33 -35.90 33.38
N VAL C 352 39.33 -35.08 32.32
CA VAL C 352 40.41 -35.05 31.35
C VAL C 352 40.96 -33.63 31.28
N GLU C 353 42.28 -33.51 31.20
CA GLU C 353 42.93 -32.20 31.14
C GLU C 353 42.49 -31.44 29.90
N VAL C 354 42.14 -30.17 30.08
CA VAL C 354 41.71 -29.31 28.98
C VAL C 354 42.45 -27.97 29.09
N PRO C 355 42.69 -27.28 27.98
CA PRO C 355 43.34 -25.97 28.05
C PRO C 355 42.42 -24.92 28.65
N VAL C 356 43.05 -23.87 29.19
CA VAL C 356 42.34 -22.77 29.82
C VAL C 356 42.46 -21.55 28.92
N GLU C 357 41.33 -21.05 28.42
CA GLU C 357 41.32 -19.88 27.55
C GLU C 357 39.93 -19.30 27.53
N VAL C 358 39.84 -18.06 27.04
CA VAL C 358 38.57 -17.36 26.91
C VAL C 358 37.83 -17.89 25.68
N ASP C 359 36.54 -17.60 25.59
CA ASP C 359 35.71 -18.05 24.47
C ASP C 359 35.22 -16.85 23.68
N ASP C 360 35.15 -17.00 22.36
CA ASP C 360 34.69 -15.95 21.47
C ASP C 360 33.29 -16.29 20.98
N ILE C 361 32.35 -15.35 21.15
CA ILE C 361 30.96 -15.60 20.79
C ILE C 361 30.73 -15.61 19.30
N ASP C 362 31.64 -15.00 18.52
CA ASP C 362 31.51 -14.99 17.07
C ASP C 362 32.14 -16.21 16.40
N HIS C 363 32.81 -17.07 17.17
CA HIS C 363 33.39 -18.28 16.62
C HIS C 363 32.30 -19.18 16.06
N PHE C 364 32.57 -19.79 14.92
CA PHE C 364 31.56 -20.64 14.29
C PHE C 364 31.45 -22.01 14.96
N GLY C 365 32.33 -22.32 15.90
CA GLY C 365 32.13 -23.49 16.73
C GLY C 365 31.18 -23.27 17.89
N ASN C 366 30.73 -22.03 18.09
CA ASN C 366 29.78 -21.70 19.15
C ASN C 366 28.41 -21.29 18.62
N ARG C 367 28.28 -21.05 17.32
CA ARG C 367 27.01 -20.65 16.72
C ARG C 367 26.44 -21.82 15.94
N ARG C 368 25.32 -22.35 16.40
CA ARG C 368 24.66 -23.47 15.75
C ARG C 368 23.58 -22.96 14.79
N LEU C 369 23.15 -23.84 13.91
CA LEU C 369 22.19 -23.51 12.87
C LEU C 369 20.88 -24.24 13.16
N ARG C 370 19.79 -23.47 13.26
CA ARG C 370 18.45 -24.03 13.44
C ARG C 370 17.77 -24.06 12.07
N THR C 371 17.62 -25.25 11.51
CA THR C 371 16.95 -25.41 10.23
C THR C 371 15.44 -25.31 10.40
N VAL C 372 14.71 -25.62 9.33
CA VAL C 372 13.24 -25.56 9.39
C VAL C 372 12.71 -26.62 10.34
N GLY C 373 13.36 -27.79 10.38
CA GLY C 373 12.88 -28.87 11.23
C GLY C 373 12.86 -28.50 12.70
N GLU C 374 13.94 -27.85 13.17
CA GLU C 374 14.00 -27.48 14.59
C GLU C 374 12.98 -26.40 14.93
N LEU C 375 12.76 -25.45 14.02
CA LEU C 375 11.77 -24.41 14.27
C LEU C 375 10.37 -25.01 14.36
N ILE C 376 10.02 -25.90 13.43
CA ILE C 376 8.72 -26.55 13.49
C ILE C 376 8.61 -27.40 14.75
N GLN C 377 9.70 -28.05 15.15
CA GLN C 377 9.68 -28.84 16.38
C GLN C 377 9.42 -27.96 17.59
N ASN C 378 10.03 -26.79 17.65
CA ASN C 378 9.78 -25.87 18.76
C ASN C 378 8.32 -25.41 18.78
N GLN C 379 7.77 -25.09 17.61
CA GLN C 379 6.37 -24.67 17.57
C GLN C 379 5.44 -25.80 18.01
N ILE C 380 5.72 -27.03 17.58
CA ILE C 380 4.91 -28.16 18.00
C ILE C 380 5.07 -28.40 19.50
N ARG C 381 6.26 -28.16 20.05
CA ARG C 381 6.45 -28.29 21.49
C ARG C 381 5.60 -27.28 22.25
N VAL C 382 5.55 -26.03 21.76
CA VAL C 382 4.72 -25.02 22.40
C VAL C 382 3.24 -25.42 22.35
N GLY C 383 2.80 -25.88 21.18
CA GLY C 383 1.41 -26.32 21.05
C GLY C 383 1.08 -27.48 21.96
N LEU C 384 1.98 -28.46 22.07
CA LEU C 384 1.74 -29.60 22.93
C LEU C 384 1.75 -29.19 24.39
N SER C 385 2.58 -28.21 24.77
CA SER C 385 2.55 -27.71 26.14
C SER C 385 1.21 -27.06 26.46
N ARG C 386 0.69 -26.25 25.53
CA ARG C 386 -0.63 -25.65 25.75
C ARG C 386 -1.71 -26.72 25.85
N MET C 387 -1.65 -27.74 24.99
CA MET C 387 -2.62 -28.83 25.06
C MET C 387 -2.52 -29.59 26.38
N GLU C 388 -1.30 -29.80 26.87
CA GLU C 388 -1.12 -30.46 28.17
C GLU C 388 -1.71 -29.63 29.29
N ARG C 389 -1.53 -28.29 29.23
CA ARG C 389 -2.15 -27.44 30.24
C ARG C 389 -3.66 -27.54 30.20
N VAL C 390 -4.24 -27.55 29.01
CA VAL C 390 -5.70 -27.68 28.89
C VAL C 390 -6.16 -29.03 29.42
N VAL C 391 -5.41 -30.10 29.14
CA VAL C 391 -5.77 -31.43 29.62
C VAL C 391 -5.73 -31.46 31.14
N ARG C 392 -4.69 -30.89 31.74
CA ARG C 392 -4.60 -30.85 33.20
C ARG C 392 -5.75 -30.05 33.79
N GLU C 393 -6.13 -28.95 33.15
CA GLU C 393 -7.26 -28.15 33.62
C GLU C 393 -8.55 -28.95 33.55
N ARG C 394 -8.75 -29.73 32.49
CA ARG C 394 -9.98 -30.50 32.33
C ARG C 394 -10.02 -31.71 33.27
N MET C 395 -8.87 -32.25 33.63
CA MET C 395 -8.85 -33.48 34.44
C MET C 395 -9.44 -33.25 35.81
N THR C 396 -9.18 -32.09 36.42
CA THR C 396 -9.64 -31.82 37.78
C THR C 396 -11.14 -31.52 37.84
N THR C 397 -11.80 -31.33 36.70
CA THR C 397 -13.22 -30.98 36.68
C THR C 397 -14.12 -32.14 36.28
N GLN C 398 -13.75 -32.92 35.26
CA GLN C 398 -14.59 -34.01 34.82
C GLN C 398 -14.58 -35.15 35.84
N ASP C 399 -15.63 -35.97 35.80
CA ASP C 399 -15.79 -37.06 36.74
C ASP C 399 -15.03 -38.30 36.27
N VAL C 400 -14.52 -39.07 37.24
CA VAL C 400 -13.77 -40.28 36.95
C VAL C 400 -14.74 -41.36 36.48
N GLU C 401 -14.20 -42.44 35.90
CA GLU C 401 -14.95 -43.57 35.36
C GLU C 401 -15.83 -43.18 34.18
N ALA C 402 -15.72 -41.94 33.68
CA ALA C 402 -16.48 -41.51 32.51
C ALA C 402 -15.62 -40.67 31.57
N ILE C 403 -14.30 -40.80 31.64
CA ILE C 403 -13.37 -39.99 30.86
C ILE C 403 -12.73 -40.87 29.79
N THR C 404 -12.80 -40.42 28.54
CA THR C 404 -12.15 -41.05 27.41
C THR C 404 -11.02 -40.17 26.89
N PRO C 405 -10.01 -40.76 26.25
CA PRO C 405 -8.90 -39.93 25.73
C PRO C 405 -9.35 -38.81 24.80
N GLN C 406 -10.40 -39.03 24.00
CA GLN C 406 -10.80 -38.02 23.02
C GLN C 406 -11.48 -36.82 23.65
N THR C 407 -12.17 -37.01 24.78
CA THR C 407 -12.85 -35.89 25.42
C THR C 407 -11.92 -35.00 26.21
N LEU C 408 -10.67 -35.39 26.41
CA LEU C 408 -9.69 -34.58 27.10
C LEU C 408 -8.72 -33.87 26.16
N ILE C 409 -8.44 -34.45 25.00
CA ILE C 409 -7.46 -33.89 24.08
C ILE C 409 -8.11 -32.79 23.25
N ASN C 410 -7.53 -31.60 23.30
CA ASN C 410 -7.96 -30.47 22.49
C ASN C 410 -6.87 -30.20 21.45
N ILE C 411 -7.15 -30.54 20.19
CA ILE C 411 -6.14 -30.45 19.15
C ILE C 411 -6.05 -29.08 18.51
N ARG C 412 -6.93 -28.15 18.89
CA ARG C 412 -6.90 -26.81 18.30
C ARG C 412 -5.59 -26.06 18.54
N PRO C 413 -5.02 -26.04 19.75
CA PRO C 413 -3.79 -25.23 19.94
C PRO C 413 -2.62 -25.66 19.08
N VAL C 414 -2.45 -26.96 18.80
CA VAL C 414 -1.29 -27.41 18.02
C VAL C 414 -1.37 -26.88 16.60
N VAL C 415 -2.52 -27.10 15.94
CA VAL C 415 -2.68 -26.62 14.57
C VAL C 415 -2.69 -25.10 14.53
N ALA C 416 -3.24 -24.46 15.56
CA ALA C 416 -3.22 -22.99 15.61
C ALA C 416 -1.78 -22.48 15.68
N ALA C 417 -0.94 -23.11 16.50
CA ALA C 417 0.45 -22.70 16.60
C ALA C 417 1.20 -22.93 15.30
N ILE C 418 0.97 -24.07 14.64
CA ILE C 418 1.64 -24.34 13.38
C ILE C 418 1.24 -23.31 12.33
N LYS C 419 -0.05 -23.03 12.23
CA LYS C 419 -0.53 -22.05 11.26
C LYS C 419 0.02 -20.65 11.57
N GLU C 420 0.06 -20.29 12.84
CA GLU C 420 0.59 -18.99 13.22
C GLU C 420 2.06 -18.87 12.86
N PHE C 421 2.84 -19.93 13.09
CA PHE C 421 4.24 -19.91 12.69
C PHE C 421 4.38 -19.75 11.18
N PHE C 422 3.59 -20.52 10.41
CA PHE C 422 3.72 -20.45 8.95
C PHE C 422 3.22 -19.13 8.37
N GLY C 423 2.33 -18.43 9.07
CA GLY C 423 1.78 -17.21 8.52
C GLY C 423 2.27 -15.91 9.12
N THR C 424 3.02 -15.97 10.21
CA THR C 424 3.42 -14.77 10.92
C THR C 424 4.92 -14.68 11.23
N SER C 425 5.62 -15.81 11.39
CA SER C 425 7.02 -15.76 11.77
C SER C 425 7.86 -15.10 10.68
N GLN C 426 8.87 -14.34 11.11
CA GLN C 426 9.72 -13.63 10.16
C GLN C 426 10.55 -14.59 9.32
N LEU C 427 10.82 -15.79 9.83
CA LEU C 427 11.62 -16.76 9.10
C LEU C 427 10.84 -17.49 8.01
N SER C 428 9.53 -17.28 7.94
CA SER C 428 8.70 -17.84 6.87
C SER C 428 8.42 -16.71 5.87
N GLN C 429 9.13 -16.73 4.75
CA GLN C 429 9.10 -15.64 3.79
C GLN C 429 8.63 -16.14 2.43
N PHE C 430 8.07 -15.22 1.65
CA PHE C 430 7.68 -15.54 0.28
C PHE C 430 8.91 -15.88 -0.55
N MET C 431 8.81 -16.95 -1.33
CA MET C 431 9.92 -17.39 -2.15
C MET C 431 10.16 -16.42 -3.31
N ASP C 432 11.41 -16.04 -3.51
CA ASP C 432 11.79 -15.19 -4.65
C ASP C 432 11.82 -16.05 -5.90
N GLN C 433 11.09 -15.64 -6.93
CA GLN C 433 10.97 -16.41 -8.17
C GLN C 433 11.26 -15.54 -9.39
N ASN C 434 12.21 -14.62 -9.28
CA ASN C 434 12.68 -13.90 -10.46
C ASN C 434 13.35 -14.84 -11.44
N ASN C 435 14.16 -15.76 -10.93
CA ASN C 435 14.85 -16.75 -11.74
C ASN C 435 15.23 -17.91 -10.83
N PRO C 436 15.52 -19.09 -11.41
CA PRO C 436 15.85 -20.25 -10.55
C PRO C 436 17.00 -20.01 -9.59
N LEU C 437 17.98 -19.18 -9.97
CA LEU C 437 19.08 -18.87 -9.07
C LEU C 437 18.58 -18.16 -7.81
N SER C 438 17.62 -17.24 -7.96
CA SER C 438 17.09 -16.55 -6.79
C SER C 438 16.41 -17.51 -5.83
N GLY C 439 15.62 -18.45 -6.36
CA GLY C 439 14.98 -19.44 -5.50
C GLY C 439 16.00 -20.33 -4.80
N LEU C 440 17.00 -20.79 -5.55
CA LEU C 440 18.02 -21.65 -4.96
C LEU C 440 18.79 -20.91 -3.87
N THR C 441 19.12 -19.64 -4.08
CA THR C 441 19.81 -18.86 -3.06
C THR C 441 18.92 -18.65 -1.84
N HIS C 442 17.63 -18.39 -2.06
CA HIS C 442 16.72 -18.18 -0.94
C HIS C 442 16.58 -19.44 -0.10
N LYS C 443 16.57 -20.61 -0.73
CA LYS C 443 16.47 -21.86 0.02
C LYS C 443 17.73 -22.14 0.84
N ARG C 444 18.85 -21.53 0.48
CA ARG C 444 20.14 -21.77 1.14
C ARG C 444 20.62 -20.55 1.91
N ARG C 445 19.73 -19.79 2.52
CA ARG C 445 20.09 -18.55 3.20
C ARG C 445 20.21 -18.79 4.70
N LEU C 446 21.21 -18.15 5.31
CA LEU C 446 21.38 -18.16 6.75
C LEU C 446 21.05 -16.78 7.29
N SER C 447 20.07 -16.71 8.18
CA SER C 447 19.58 -15.45 8.72
C SER C 447 19.89 -15.37 10.21
N ALA C 448 20.40 -14.23 10.65
CA ALA C 448 20.71 -14.01 12.05
C ALA C 448 19.65 -13.18 12.76
N LEU C 449 18.50 -12.95 12.11
CA LEU C 449 17.43 -12.13 12.65
C LEU C 449 16.19 -12.98 12.86
N GLY C 450 15.37 -12.58 13.84
CA GLY C 450 14.14 -13.26 14.13
C GLY C 450 13.94 -13.49 15.61
N PRO C 451 12.98 -14.35 15.96
CA PRO C 451 12.75 -14.67 17.37
C PRO C 451 13.95 -15.41 17.96
N GLY C 452 14.45 -14.87 19.08
CA GLY C 452 15.60 -15.46 19.74
C GLY C 452 16.94 -15.11 19.14
N GLY C 453 16.99 -14.15 18.22
CA GLY C 453 18.24 -13.76 17.61
C GLY C 453 18.56 -12.29 17.78
N LEU C 454 19.44 -11.76 16.95
CA LEU C 454 19.84 -10.37 17.04
C LEU C 454 18.78 -9.47 16.42
N SER C 455 19.07 -8.17 16.37
CA SER C 455 18.20 -7.20 15.73
C SER C 455 19.06 -6.23 14.93
N ARG C 456 18.44 -5.60 13.93
CA ARG C 456 19.16 -4.71 13.05
C ARG C 456 19.66 -3.45 13.74
N GLU C 457 19.10 -3.11 14.91
CA GLU C 457 19.50 -1.93 15.64
C GLU C 457 20.43 -2.23 16.81
N ARG C 458 20.20 -3.34 17.51
CA ARG C 458 21.05 -3.73 18.64
C ARG C 458 22.17 -4.69 18.21
N ALA C 459 22.96 -4.27 17.23
CA ALA C 459 24.07 -5.09 16.73
C ALA C 459 25.16 -4.16 16.24
N GLY C 460 26.29 -4.14 16.95
CA GLY C 460 27.40 -3.28 16.61
C GLY C 460 28.33 -3.92 15.60
N LEU C 461 29.49 -3.28 15.42
CA LEU C 461 30.51 -3.76 14.49
C LEU C 461 31.38 -4.84 15.14
N GLU C 462 30.70 -5.88 15.60
CA GLU C 462 31.35 -7.06 16.18
C GLU C 462 30.87 -8.34 15.53
N VAL C 463 29.59 -8.42 15.16
CA VAL C 463 29.06 -9.60 14.47
C VAL C 463 29.03 -9.40 12.95
N ARG C 464 29.13 -8.16 12.47
CA ARG C 464 29.14 -7.88 11.04
C ARG C 464 30.57 -7.90 10.49
N ASP C 465 31.30 -8.98 10.77
CA ASP C 465 32.66 -9.15 10.29
C ASP C 465 32.86 -10.61 9.89
N VAL C 466 33.84 -10.83 9.01
CA VAL C 466 34.12 -12.16 8.50
C VAL C 466 35.14 -12.81 9.45
N HIS C 467 34.65 -13.65 10.34
CA HIS C 467 35.53 -14.42 11.21
C HIS C 467 36.33 -15.42 10.38
N PRO C 468 37.57 -15.71 10.77
CA PRO C 468 38.39 -16.65 10.00
C PRO C 468 37.86 -18.09 10.00
N SER C 469 36.77 -18.38 10.71
CA SER C 469 36.16 -19.70 10.69
C SER C 469 35.05 -19.82 9.66
N HIS C 470 34.84 -18.80 8.82
CA HIS C 470 33.84 -18.86 7.77
C HIS C 470 34.33 -19.57 6.52
N TYR C 471 35.59 -19.99 6.48
CA TYR C 471 36.16 -20.61 5.29
C TYR C 471 35.54 -22.00 5.10
N GLY C 472 34.62 -22.12 4.14
CA GLY C 472 33.98 -23.38 3.85
C GLY C 472 32.66 -23.61 4.54
N ARG C 473 32.16 -22.64 5.29
CA ARG C 473 30.90 -22.76 6.03
C ARG C 473 29.95 -21.63 5.75
N MET C 474 30.44 -20.46 5.35
CA MET C 474 29.60 -19.31 5.07
C MET C 474 30.34 -18.40 4.09
N CYS C 475 29.63 -17.93 3.07
CA CYS C 475 30.27 -17.14 2.02
C CYS C 475 30.56 -15.73 2.54
N PRO C 476 31.82 -15.26 2.47
CA PRO C 476 32.13 -13.89 2.91
C PRO C 476 31.79 -12.83 1.88
N ILE C 477 31.49 -13.20 0.64
CA ILE C 477 31.16 -12.22 -0.40
C ILE C 477 29.67 -11.93 -0.43
N GLU C 478 28.84 -12.96 -0.49
CA GLU C 478 27.41 -12.81 -0.70
C GLU C 478 26.74 -12.39 0.60
N THR C 479 26.24 -11.16 0.64
CA THR C 479 25.49 -10.63 1.77
C THR C 479 24.78 -9.37 1.33
N PRO C 480 23.61 -9.06 1.87
CA PRO C 480 22.91 -7.84 1.48
C PRO C 480 23.76 -6.59 1.75
N GLU C 481 23.64 -5.62 0.86
CA GLU C 481 24.41 -4.38 0.95
C GLU C 481 23.65 -3.26 1.65
N GLY C 482 22.46 -3.54 2.17
CA GLY C 482 21.67 -2.54 2.85
C GLY C 482 21.91 -2.53 4.34
N PRO C 483 20.86 -2.27 5.12
CA PRO C 483 21.00 -2.27 6.59
C PRO C 483 21.28 -3.64 7.17
N ASN C 484 21.05 -4.72 6.43
CA ASN C 484 21.26 -6.08 6.90
C ASN C 484 22.60 -6.65 6.45
N ILE C 485 23.63 -5.82 6.35
CA ILE C 485 24.93 -6.27 5.88
C ILE C 485 25.62 -7.05 7.00
N GLY C 486 26.02 -8.29 6.69
CA GLY C 486 26.71 -9.13 7.63
C GLY C 486 25.81 -10.01 8.48
N LEU C 487 24.52 -9.68 8.56
CA LEU C 487 23.58 -10.48 9.33
C LEU C 487 22.90 -11.56 8.49
N ILE C 488 23.10 -11.55 7.18
CA ILE C 488 22.50 -12.52 6.28
C ILE C 488 23.56 -13.01 5.29
N GLY C 489 23.67 -14.33 5.14
CA GLY C 489 24.64 -14.90 4.24
C GLY C 489 24.13 -16.14 3.55
N SER C 490 25.02 -16.90 2.92
CA SER C 490 24.65 -18.13 2.25
C SER C 490 25.68 -19.21 2.55
N LEU C 491 25.22 -20.46 2.51
CA LEU C 491 26.12 -21.59 2.75
C LEU C 491 27.12 -21.73 1.61
N SER C 492 28.26 -22.35 1.92
CA SER C 492 29.25 -22.65 0.91
C SER C 492 28.75 -23.78 0.02
N VAL C 493 29.54 -24.07 -1.02
CA VAL C 493 29.14 -25.12 -1.96
C VAL C 493 29.17 -26.49 -1.29
N TYR C 494 30.21 -26.77 -0.52
CA TYR C 494 30.43 -28.09 0.06
C TYR C 494 30.00 -28.20 1.52
N ALA C 495 29.43 -27.14 2.10
CA ALA C 495 29.09 -27.16 3.51
C ALA C 495 27.94 -28.12 3.79
N ARG C 496 28.07 -28.87 4.88
CA ARG C 496 27.03 -29.76 5.38
C ARG C 496 26.61 -29.28 6.77
N VAL C 497 25.58 -29.92 7.33
CA VAL C 497 25.06 -29.55 8.63
C VAL C 497 25.17 -30.75 9.57
N ASN C 498 25.75 -30.53 10.74
CA ASN C 498 25.88 -31.57 11.76
C ASN C 498 24.52 -31.91 12.34
N PRO C 499 24.37 -33.11 12.90
CA PRO C 499 23.11 -33.44 13.59
C PRO C 499 22.79 -32.50 14.73
N PHE C 500 23.80 -31.97 15.42
CA PHE C 500 23.58 -31.01 16.50
C PHE C 500 23.25 -29.61 16.00
N GLY C 501 23.37 -29.36 14.70
CA GLY C 501 23.10 -28.06 14.12
C GLY C 501 24.33 -27.27 13.72
N PHE C 502 25.53 -27.82 13.91
CA PHE C 502 26.75 -27.15 13.47
C PHE C 502 26.95 -27.37 11.98
N ILE C 503 27.80 -26.54 11.38
CA ILE C 503 28.06 -26.58 9.95
C ILE C 503 29.41 -27.22 9.71
N GLU C 504 29.43 -28.28 8.90
CA GLU C 504 30.65 -29.02 8.59
C GLU C 504 31.06 -28.81 7.14
N THR C 505 32.37 -28.93 6.90
CA THR C 505 32.94 -28.83 5.56
C THR C 505 33.94 -29.96 5.39
N PRO C 506 34.07 -30.50 4.18
CA PRO C 506 34.96 -31.64 3.98
C PRO C 506 36.41 -31.24 3.75
N TYR C 507 37.31 -32.09 4.23
CA TYR C 507 38.73 -31.93 4.03
C TYR C 507 39.34 -33.28 3.67
N ARG C 508 40.45 -33.25 2.94
CA ARG C 508 41.15 -34.45 2.50
C ARG C 508 42.27 -34.74 3.49
N LYS C 509 42.29 -35.95 4.02
CA LYS C 509 43.31 -36.34 5.00
C LYS C 509 44.62 -36.68 4.30
N VAL C 510 45.70 -36.04 4.73
CA VAL C 510 47.04 -36.27 4.18
C VAL C 510 47.96 -36.66 5.33
N GLU C 511 48.68 -37.76 5.14
CA GLU C 511 49.61 -38.27 6.15
C GLU C 511 50.99 -38.48 5.53
N ASN C 512 52.02 -38.12 6.29
CA ASN C 512 53.42 -38.29 5.87
C ASN C 512 53.70 -37.57 4.56
N GLY C 513 53.03 -36.45 4.33
CA GLY C 513 53.22 -35.68 3.12
C GLY C 513 52.61 -36.28 1.88
N VAL C 514 51.78 -37.31 2.01
CA VAL C 514 51.13 -37.96 0.88
C VAL C 514 49.62 -37.76 1.04
N VAL C 515 49.00 -37.15 0.04
CA VAL C 515 47.57 -36.85 0.09
C VAL C 515 46.79 -38.12 -0.24
N THR C 516 45.93 -38.53 0.68
CA THR C 516 45.12 -39.73 0.47
C THR C 516 43.80 -39.37 -0.21
N ASP C 517 42.94 -40.37 -0.38
CA ASP C 517 41.65 -40.20 -1.03
C ASP C 517 40.49 -40.34 -0.07
N GLN C 518 40.71 -40.08 1.21
CA GLN C 518 39.67 -40.17 2.24
C GLN C 518 39.25 -38.77 2.65
N ILE C 519 37.96 -38.49 2.55
CA ILE C 519 37.40 -37.19 2.85
C ILE C 519 36.78 -37.22 4.24
N ASP C 520 37.18 -36.27 5.08
CA ASP C 520 36.65 -36.14 6.43
C ASP C 520 35.99 -34.78 6.59
N TYR C 521 34.84 -34.77 7.26
CA TYR C 521 34.10 -33.54 7.54
C TYR C 521 34.48 -33.05 8.93
N LEU C 522 34.97 -31.81 9.00
CA LEU C 522 35.43 -31.23 10.26
C LEU C 522 34.72 -29.91 10.52
N THR C 523 34.19 -29.76 11.73
CA THR C 523 33.63 -28.50 12.15
C THR C 523 34.74 -27.55 12.59
N ALA C 524 34.36 -26.36 13.05
CA ALA C 524 35.36 -25.37 13.44
C ALA C 524 36.20 -25.84 14.61
N ASP C 525 35.58 -26.48 15.61
CA ASP C 525 36.31 -26.96 16.78
C ASP C 525 37.34 -28.02 16.38
N GLU C 526 36.95 -28.95 15.52
CA GLU C 526 37.86 -29.99 15.08
C GLU C 526 38.88 -29.45 14.09
N GLU C 527 38.54 -28.38 13.37
CA GLU C 527 39.49 -27.77 12.44
C GLU C 527 40.58 -26.98 13.15
N ASP C 528 40.25 -26.34 14.28
CA ASP C 528 41.24 -25.53 14.98
C ASP C 528 42.41 -26.37 15.46
N ARG C 529 42.15 -27.58 15.95
CA ARG C 529 43.22 -28.41 16.48
C ARG C 529 44.19 -28.84 15.39
N HIS C 530 43.70 -29.11 14.19
CA HIS C 530 44.53 -29.54 13.09
C HIS C 530 45.06 -28.32 12.31
N VAL C 531 45.95 -28.60 11.35
CA VAL C 531 46.51 -27.58 10.47
C VAL C 531 46.12 -27.95 9.05
N VAL C 532 45.45 -27.02 8.35
CA VAL C 532 44.85 -27.28 7.05
C VAL C 532 45.64 -26.54 5.98
N ALA C 533 45.99 -27.25 4.91
CA ALA C 533 46.79 -26.69 3.83
C ALA C 533 45.89 -26.00 2.81
N GLN C 534 46.47 -25.67 1.65
CA GLN C 534 45.76 -24.99 0.57
C GLN C 534 45.47 -25.97 -0.56
N ALA C 535 44.35 -25.77 -1.23
CA ALA C 535 43.91 -26.69 -2.28
C ALA C 535 44.75 -26.57 -3.55
N ASN C 536 45.42 -25.44 -3.76
CA ASN C 536 46.16 -25.20 -4.99
C ASN C 536 47.63 -25.60 -4.88
N SER C 537 48.04 -26.19 -3.77
CA SER C 537 49.43 -26.59 -3.61
C SER C 537 49.78 -27.71 -4.59
N PRO C 538 50.89 -27.60 -5.32
CA PRO C 538 51.24 -28.64 -6.29
C PRO C 538 51.48 -29.98 -5.61
N THR C 539 51.10 -31.06 -6.30
CA THR C 539 51.28 -32.42 -5.82
C THR C 539 51.87 -33.28 -6.92
N ASP C 540 52.56 -34.33 -6.51
CA ASP C 540 53.18 -35.27 -7.43
C ASP C 540 52.12 -36.21 -7.99
N GLU C 541 52.54 -37.22 -8.75
CA GLU C 541 51.60 -38.19 -9.28
C GLU C 541 50.97 -39.04 -8.18
N ASN C 542 51.70 -39.27 -7.08
CA ASN C 542 51.19 -40.05 -5.97
C ASN C 542 50.55 -39.19 -4.90
N GLY C 543 51.04 -37.96 -4.70
CA GLY C 543 50.50 -37.08 -3.68
C GLY C 543 51.57 -36.33 -2.92
N ARG C 544 52.83 -36.70 -3.15
CA ARG C 544 53.94 -36.03 -2.48
C ARG C 544 54.00 -34.56 -2.89
N PHE C 545 54.27 -33.70 -1.92
CA PHE C 545 54.37 -32.27 -2.21
C PHE C 545 55.70 -31.97 -2.90
N THR C 546 55.62 -31.27 -4.03
CA THR C 546 56.84 -30.91 -4.75
C THR C 546 57.66 -29.87 -3.99
N GLU C 547 56.99 -28.90 -3.37
CA GLU C 547 57.65 -27.83 -2.65
C GLU C 547 57.72 -28.14 -1.17
N ASP C 548 58.79 -27.66 -0.52
CA ASP C 548 58.94 -27.84 0.92
C ASP C 548 58.05 -26.88 1.71
N ARG C 549 57.71 -25.73 1.14
CA ARG C 549 56.87 -24.74 1.81
C ARG C 549 55.44 -24.87 1.33
N VAL C 550 54.51 -25.02 2.26
CA VAL C 550 53.09 -25.19 1.97
C VAL C 550 52.30 -24.15 2.74
N MET C 551 51.40 -23.45 2.05
CA MET C 551 50.53 -22.49 2.71
C MET C 551 49.51 -23.22 3.57
N VAL C 552 49.42 -22.83 4.84
CA VAL C 552 48.53 -23.49 5.79
C VAL C 552 47.79 -22.44 6.61
N ARG C 553 46.71 -22.89 7.25
CA ARG C 553 45.93 -22.06 8.16
C ARG C 553 45.98 -22.66 9.56
N LYS C 554 46.40 -21.84 10.52
CA LYS C 554 46.57 -22.29 11.90
C LYS C 554 45.29 -22.06 12.68
N LYS C 555 45.38 -22.12 14.02
CA LYS C 555 44.21 -21.97 14.87
C LYS C 555 43.59 -20.58 14.73
N GLY C 556 44.41 -19.53 14.78
CA GLY C 556 43.90 -18.19 14.64
C GLY C 556 44.07 -17.65 13.24
N GLY C 557 43.90 -18.52 12.25
CA GLY C 557 44.18 -18.18 10.87
C GLY C 557 45.66 -18.33 10.58
N GLU C 558 46.44 -17.32 10.96
CA GLU C 558 47.90 -17.37 10.96
C GLU C 558 48.44 -18.04 9.70
N VAL C 559 48.14 -17.44 8.55
CA VAL C 559 48.58 -17.97 7.27
C VAL C 559 50.12 -17.97 7.25
N GLU C 560 50.71 -19.15 7.23
CA GLU C 560 52.16 -19.31 7.33
C GLU C 560 52.61 -20.44 6.43
N PHE C 561 53.91 -20.47 6.16
CA PHE C 561 54.54 -21.54 5.40
C PHE C 561 55.17 -22.52 6.37
N VAL C 562 54.81 -23.80 6.25
CA VAL C 562 55.37 -24.86 7.09
C VAL C 562 55.86 -25.98 6.20
N SER C 563 56.60 -26.92 6.79
CA SER C 563 57.12 -28.05 6.06
C SER C 563 55.98 -29.00 5.68
N ALA C 564 56.25 -29.83 4.67
CA ALA C 564 55.22 -30.73 4.14
C ALA C 564 54.82 -31.80 5.14
N ASP C 565 55.73 -32.17 6.05
CA ASP C 565 55.41 -33.21 7.03
C ASP C 565 54.46 -32.72 8.12
N GLN C 566 54.40 -31.40 8.34
CA GLN C 566 53.50 -30.86 9.36
C GLN C 566 52.05 -30.84 8.92
N VAL C 567 51.79 -30.88 7.62
CA VAL C 567 50.43 -30.80 7.09
C VAL C 567 49.71 -32.13 7.33
N ASP C 568 48.48 -32.05 7.83
CA ASP C 568 47.66 -33.24 8.03
C ASP C 568 46.25 -33.08 7.49
N TYR C 569 45.95 -31.99 6.78
CA TYR C 569 44.66 -31.83 6.11
C TYR C 569 44.82 -30.91 4.91
N MET C 570 43.89 -31.01 3.98
CA MET C 570 43.91 -30.24 2.75
C MET C 570 42.49 -30.00 2.27
N ASP C 571 42.28 -28.85 1.64
CA ASP C 571 40.98 -28.53 1.06
C ASP C 571 40.70 -29.44 -0.14
N VAL C 572 39.46 -29.40 -0.61
CA VAL C 572 39.02 -30.20 -1.75
C VAL C 572 39.11 -29.42 -3.06
N SER C 573 38.61 -28.19 -3.09
CA SER C 573 38.59 -27.39 -4.30
C SER C 573 38.92 -25.95 -3.96
N PRO C 574 39.53 -25.21 -4.89
CA PRO C 574 39.82 -23.78 -4.62
C PRO C 574 38.58 -22.93 -4.40
N ARG C 575 37.42 -23.36 -4.88
CA ARG C 575 36.18 -22.60 -4.76
C ARG C 575 35.33 -23.08 -3.59
N GLN C 576 35.96 -23.52 -2.50
CA GLN C 576 35.22 -24.03 -1.36
C GLN C 576 34.59 -22.91 -0.53
N MET C 577 35.20 -21.72 -0.54
CA MET C 577 34.74 -20.64 0.32
C MET C 577 33.56 -19.87 -0.26
N VAL C 578 33.26 -20.03 -1.53
CA VAL C 578 32.24 -19.23 -2.20
C VAL C 578 30.92 -19.99 -2.20
N SER C 579 29.83 -19.25 -2.36
CA SER C 579 28.49 -19.83 -2.40
C SER C 579 28.12 -20.19 -3.84
N VAL C 580 26.85 -20.53 -4.06
CA VAL C 580 26.40 -20.90 -5.40
C VAL C 580 26.39 -19.67 -6.32
N ALA C 581 25.82 -18.56 -5.84
CA ALA C 581 25.71 -17.38 -6.68
C ALA C 581 27.06 -16.79 -7.02
N THR C 582 27.98 -16.75 -6.06
CA THR C 582 29.30 -16.16 -6.29
C THR C 582 30.21 -17.07 -7.10
N ALA C 583 29.87 -18.35 -7.23
CA ALA C 583 30.70 -19.28 -8.00
C ALA C 583 30.43 -19.22 -9.49
N MET C 584 29.48 -18.39 -9.94
CA MET C 584 29.16 -18.26 -11.35
C MET C 584 29.73 -16.98 -11.95
N ILE C 585 30.64 -16.30 -11.25
CA ILE C 585 31.27 -15.08 -11.75
C ILE C 585 32.66 -15.45 -12.27
N PRO C 586 32.92 -15.35 -13.57
CA PRO C 586 34.28 -15.62 -14.06
C PRO C 586 35.25 -14.54 -13.63
N PHE C 587 36.50 -14.95 -13.44
CA PHE C 587 37.58 -14.05 -13.03
C PHE C 587 37.20 -13.32 -11.73
N LEU C 588 36.78 -14.09 -10.73
CA LEU C 588 36.39 -13.50 -9.46
C LEU C 588 37.59 -12.93 -8.72
N GLU C 589 38.74 -13.60 -8.80
CA GLU C 589 39.90 -13.17 -8.04
C GLU C 589 40.44 -11.83 -8.49
N HIS C 590 40.13 -11.40 -9.72
CA HIS C 590 40.58 -10.11 -10.23
C HIS C 590 39.66 -8.97 -9.84
N ASP C 591 38.55 -9.24 -9.16
CA ASP C 591 37.57 -8.23 -8.80
C ASP C 591 37.68 -7.89 -7.32
N ASP C 592 37.35 -6.64 -7.00
CA ASP C 592 37.30 -6.20 -5.61
C ASP C 592 36.14 -6.88 -4.90
N ALA C 593 36.25 -6.95 -3.57
CA ALA C 593 35.20 -7.62 -2.79
C ALA C 593 33.88 -6.88 -2.89
N ASN C 594 33.91 -5.55 -2.88
CA ASN C 594 32.67 -4.78 -3.04
C ASN C 594 32.03 -5.03 -4.39
N ARG C 595 32.84 -5.04 -5.46
CA ARG C 595 32.31 -5.29 -6.79
C ARG C 595 31.75 -6.71 -6.90
N ALA C 596 32.44 -7.68 -6.31
CA ALA C 596 31.94 -9.05 -6.31
C ALA C 596 30.62 -9.15 -5.55
N LEU C 597 30.51 -8.45 -4.42
CA LEU C 597 29.27 -8.44 -3.65
C LEU C 597 28.13 -7.86 -4.47
N MET C 598 28.37 -6.73 -5.14
CA MET C 598 27.33 -6.11 -5.95
C MET C 598 26.95 -7.01 -7.12
N GLY C 599 27.92 -7.66 -7.74
CA GLY C 599 27.60 -8.58 -8.83
C GLY C 599 26.79 -9.77 -8.37
N ALA C 600 27.13 -10.33 -7.21
CA ALA C 600 26.37 -11.45 -6.66
C ALA C 600 24.94 -11.03 -6.32
N ASN C 601 24.77 -9.83 -5.76
CA ASN C 601 23.43 -9.37 -5.40
C ASN C 601 22.60 -9.09 -6.64
N MET C 602 23.20 -8.48 -7.67
CA MET C 602 22.45 -8.16 -8.88
C MET C 602 22.19 -9.39 -9.74
N GLN C 603 22.97 -10.46 -9.55
CA GLN C 603 22.77 -11.67 -10.33
C GLN C 603 21.49 -12.40 -9.95
N ARG C 604 20.89 -12.05 -8.80
CA ARG C 604 19.65 -12.67 -8.38
C ARG C 604 18.41 -11.88 -8.78
N GLN C 605 18.57 -10.76 -9.49
CA GLN C 605 17.45 -9.91 -9.88
C GLN C 605 17.17 -9.95 -11.37
N ALA C 606 17.85 -10.81 -12.12
CA ALA C 606 17.61 -10.89 -13.57
C ALA C 606 16.21 -11.43 -13.84
N VAL C 607 15.62 -10.94 -14.93
CA VAL C 607 14.26 -11.34 -15.31
C VAL C 607 14.33 -12.38 -16.42
N PRO C 608 13.35 -13.27 -16.53
CA PRO C 608 13.36 -14.22 -17.65
C PRO C 608 12.99 -13.55 -18.96
N LEU C 609 13.74 -13.88 -20.01
CA LEU C 609 13.50 -13.35 -21.34
C LEU C 609 12.67 -14.32 -22.17
N VAL C 610 12.26 -13.87 -23.35
CA VAL C 610 11.42 -14.69 -24.21
C VAL C 610 12.20 -15.93 -24.68
N ARG C 611 13.44 -15.74 -25.09
CA ARG C 611 14.32 -16.84 -25.48
C ARG C 611 15.67 -16.65 -24.81
N SER C 612 16.18 -17.71 -24.21
CA SER C 612 17.39 -17.65 -23.40
C SER C 612 18.58 -18.17 -24.18
N GLU C 613 19.77 -17.67 -23.80
CA GLU C 613 21.01 -18.03 -24.48
C GLU C 613 22.10 -18.22 -23.45
N ALA C 614 22.75 -19.37 -23.47
CA ALA C 614 23.81 -19.66 -22.52
C ALA C 614 25.01 -18.76 -22.76
N PRO C 615 25.71 -18.35 -21.70
CA PRO C 615 26.85 -17.45 -21.87
C PRO C 615 28.01 -18.11 -22.60
N LEU C 616 28.76 -17.29 -23.34
CA LEU C 616 29.92 -17.79 -24.05
C LEU C 616 31.01 -18.26 -23.09
N VAL C 617 31.24 -17.51 -22.02
CA VAL C 617 32.24 -17.84 -21.01
C VAL C 617 31.53 -18.05 -19.68
N GLY C 618 31.72 -19.23 -19.08
CA GLY C 618 31.09 -19.54 -17.82
C GLY C 618 32.08 -20.05 -16.80
N THR C 619 31.58 -20.58 -15.68
CA THR C 619 32.44 -21.06 -14.61
C THR C 619 32.23 -22.54 -14.27
N GLY C 620 31.32 -23.23 -14.95
CA GLY C 620 31.06 -24.63 -14.69
C GLY C 620 30.03 -24.91 -13.63
N MET C 621 29.71 -23.93 -12.79
CA MET C 621 28.64 -24.07 -11.80
C MET C 621 27.31 -23.56 -12.35
N GLU C 622 26.95 -24.07 -13.51
CA GLU C 622 25.69 -23.70 -14.16
C GLU C 622 24.78 -24.89 -14.43
N LEU C 623 25.35 -26.04 -14.80
CA LEU C 623 24.54 -27.25 -14.94
C LEU C 623 23.97 -27.67 -13.59
N ARG C 624 24.80 -27.71 -12.55
CA ARG C 624 24.34 -28.14 -11.24
C ARG C 624 23.32 -27.16 -10.67
N ALA C 625 23.56 -25.85 -10.83
CA ALA C 625 22.63 -24.87 -10.31
C ALA C 625 21.27 -24.99 -10.98
N ALA C 626 21.26 -25.13 -12.30
CA ALA C 626 20.00 -25.27 -13.03
C ALA C 626 19.27 -26.57 -12.66
N ILE C 627 20.01 -27.66 -12.54
CA ILE C 627 19.38 -28.95 -12.23
C ILE C 627 18.81 -28.95 -10.82
N ASP C 628 19.57 -28.45 -9.84
CA ASP C 628 19.13 -28.47 -8.45
C ASP C 628 18.21 -27.31 -8.10
N ALA C 629 18.05 -26.33 -8.97
CA ALA C 629 17.12 -25.24 -8.69
C ALA C 629 15.68 -25.74 -8.65
N GLY C 630 15.35 -26.73 -9.47
CA GLY C 630 14.03 -27.32 -9.48
C GLY C 630 13.13 -26.88 -10.62
N ASP C 631 13.51 -25.86 -11.37
CA ASP C 631 12.70 -25.38 -12.49
C ASP C 631 12.97 -26.15 -13.78
N VAL C 632 13.86 -27.13 -13.76
CA VAL C 632 14.13 -27.97 -14.91
C VAL C 632 13.41 -29.29 -14.71
N VAL C 633 13.22 -30.02 -15.82
CA VAL C 633 12.56 -31.32 -15.80
C VAL C 633 13.61 -32.39 -16.00
N VAL C 634 13.63 -33.37 -15.09
CA VAL C 634 14.64 -34.42 -15.07
C VAL C 634 13.94 -35.77 -15.20
N ALA C 635 14.40 -36.58 -16.14
CA ALA C 635 13.83 -37.91 -16.34
C ALA C 635 14.09 -38.79 -15.12
N ASP C 636 13.11 -39.64 -14.79
CA ASP C 636 13.23 -40.53 -13.65
C ASP C 636 13.94 -41.84 -14.01
N LYS C 637 13.59 -42.44 -15.14
CA LYS C 637 14.20 -43.68 -15.58
C LYS C 637 14.53 -43.59 -17.07
N THR C 638 15.54 -44.36 -17.46
CA THR C 638 16.00 -44.35 -18.85
C THR C 638 14.94 -44.94 -19.79
N GLY C 639 14.98 -44.50 -21.03
CA GLY C 639 14.03 -45.00 -22.02
C GLY C 639 14.05 -44.13 -23.26
N VAL C 640 12.95 -44.21 -24.01
CA VAL C 640 12.80 -43.48 -25.26
C VAL C 640 11.58 -42.58 -25.18
N ILE C 641 11.58 -41.53 -25.99
CA ILE C 641 10.48 -40.58 -26.02
C ILE C 641 9.42 -41.07 -27.00
N GLU C 642 8.18 -41.17 -26.54
CA GLU C 642 7.08 -41.59 -27.40
C GLU C 642 6.36 -40.38 -28.01
N GLU C 643 5.83 -39.50 -27.17
CA GLU C 643 5.10 -38.33 -27.61
C GLU C 643 5.68 -37.10 -26.93
N VAL C 644 6.02 -36.09 -27.73
CA VAL C 644 6.53 -34.82 -27.22
C VAL C 644 5.67 -33.70 -27.78
N SER C 645 5.17 -32.85 -26.90
CA SER C 645 4.31 -31.73 -27.29
C SER C 645 4.69 -30.53 -26.43
N ALA C 646 4.03 -29.40 -26.71
CA ALA C 646 4.32 -28.17 -25.97
C ALA C 646 3.73 -28.16 -24.57
N ASP C 647 2.87 -29.14 -24.23
CA ASP C 647 2.24 -29.16 -22.92
C ASP C 647 2.30 -30.51 -22.21
N TYR C 648 2.82 -31.56 -22.86
CA TYR C 648 2.97 -32.85 -22.19
C TYR C 648 4.05 -33.65 -22.89
N ILE C 649 4.80 -34.41 -22.10
CA ILE C 649 5.87 -35.27 -22.59
C ILE C 649 5.67 -36.66 -22.01
N THR C 650 5.64 -37.67 -22.88
CA THR C 650 5.48 -39.06 -22.46
C THR C 650 6.76 -39.82 -22.75
N VAL C 651 7.31 -40.46 -21.73
CA VAL C 651 8.59 -41.17 -21.82
C VAL C 651 8.33 -42.65 -21.55
N MET C 652 8.66 -43.50 -22.53
CA MET C 652 8.68 -44.93 -22.31
C MET C 652 9.94 -45.31 -21.55
N ALA C 653 9.88 -46.44 -20.85
CA ALA C 653 11.00 -46.92 -20.05
C ALA C 653 11.34 -48.34 -20.44
N ASP C 654 12.58 -48.74 -20.15
CA ASP C 654 13.00 -50.11 -20.44
C ASP C 654 12.23 -51.12 -19.60
N ASP C 655 11.82 -50.75 -18.38
CA ASP C 655 11.02 -51.65 -17.56
C ASP C 655 9.67 -51.92 -18.20
N GLY C 656 9.06 -50.89 -18.79
CA GLY C 656 7.75 -51.03 -19.41
C GLY C 656 6.72 -50.14 -18.76
N THR C 657 7.17 -49.06 -18.14
CA THR C 657 6.30 -48.12 -17.46
C THR C 657 6.36 -46.77 -18.17
N ARG C 658 5.18 -46.20 -18.42
CA ARG C 658 5.07 -44.92 -19.11
C ARG C 658 4.95 -43.80 -18.10
N GLN C 659 5.79 -42.78 -18.25
CA GLN C 659 5.77 -41.60 -17.40
C GLN C 659 5.33 -40.40 -18.21
N SER C 660 4.38 -39.64 -17.67
CA SER C 660 3.87 -38.44 -18.32
C SER C 660 4.26 -37.22 -17.50
N TYR C 661 4.87 -36.24 -18.17
CA TYR C 661 5.32 -35.02 -17.53
C TYR C 661 4.49 -33.85 -18.05
N ARG C 662 3.91 -33.08 -17.13
CA ARG C 662 3.14 -31.90 -17.47
C ARG C 662 4.02 -30.66 -17.37
N LEU C 663 4.04 -29.85 -18.41
CA LEU C 663 4.89 -28.68 -18.47
C LEU C 663 4.05 -27.43 -18.21
N ARG C 664 4.47 -26.63 -17.23
CA ARG C 664 3.81 -25.36 -16.95
C ARG C 664 4.05 -24.40 -18.11
N LYS C 665 2.97 -23.77 -18.58
CA LYS C 665 3.04 -22.86 -19.72
C LYS C 665 2.46 -21.51 -19.31
N PHE C 666 3.30 -20.49 -19.28
CA PHE C 666 2.90 -19.12 -18.96
C PHE C 666 2.18 -19.06 -17.61
N ALA C 667 2.91 -19.42 -16.57
CA ALA C 667 2.41 -19.40 -15.20
C ALA C 667 3.02 -18.22 -14.46
N ARG C 668 2.18 -17.42 -13.82
CA ARG C 668 2.66 -16.25 -13.09
C ARG C 668 3.43 -16.68 -11.84
N SER C 669 4.60 -16.09 -11.65
CA SER C 669 5.40 -16.33 -10.46
C SER C 669 4.97 -15.36 -9.36
N ASN C 670 5.72 -15.32 -8.26
CA ASN C 670 5.36 -14.44 -7.16
C ASN C 670 5.59 -12.97 -7.51
N HIS C 671 6.60 -12.68 -8.33
CA HIS C 671 6.99 -11.31 -8.62
C HIS C 671 6.50 -10.82 -9.97
N GLY C 672 5.57 -11.54 -10.60
CA GLY C 672 4.94 -11.09 -11.82
C GLY C 672 5.59 -11.56 -13.11
N THR C 673 6.76 -12.18 -13.05
CA THR C 673 7.41 -12.65 -14.26
C THR C 673 6.72 -13.91 -14.77
N CYS C 674 7.07 -14.30 -16.00
CA CYS C 674 6.47 -15.45 -16.66
C CYS C 674 7.44 -16.63 -16.61
N ALA C 675 6.93 -17.79 -16.21
CA ALA C 675 7.74 -19.00 -16.08
C ALA C 675 7.08 -20.12 -16.88
N ASN C 676 7.70 -20.48 -18.01
CA ASN C 676 7.18 -21.52 -18.87
C ASN C 676 8.31 -22.49 -19.23
N GLN C 677 7.94 -23.74 -19.47
CA GLN C 677 8.89 -24.80 -19.79
C GLN C 677 8.67 -25.29 -21.21
N ARG C 678 9.77 -25.49 -21.94
CA ARG C 678 9.71 -25.96 -23.32
C ARG C 678 10.56 -27.21 -23.48
N PRO C 679 10.07 -28.21 -24.20
CA PRO C 679 10.86 -29.43 -24.40
C PRO C 679 12.04 -29.20 -25.32
N ILE C 680 13.06 -30.02 -25.16
CA ILE C 680 14.25 -29.96 -26.01
C ILE C 680 14.54 -31.35 -26.58
N VAL C 681 13.55 -32.24 -26.52
CA VAL C 681 13.71 -33.59 -27.03
C VAL C 681 12.77 -33.79 -28.21
N ASP C 682 13.04 -34.85 -28.96
CA ASP C 682 12.27 -35.19 -30.15
C ASP C 682 11.71 -36.60 -30.01
N ALA C 683 10.63 -36.87 -30.74
CA ALA C 683 10.02 -38.19 -30.71
C ALA C 683 10.98 -39.24 -31.22
N GLY C 684 11.09 -40.34 -30.48
CA GLY C 684 12.01 -41.42 -30.81
C GLY C 684 13.39 -41.28 -30.22
N GLN C 685 13.72 -40.14 -29.63
CA GLN C 685 15.03 -39.95 -29.01
C GLN C 685 15.14 -40.78 -27.73
N ARG C 686 16.32 -41.34 -27.49
CA ARG C 686 16.57 -42.14 -26.29
C ARG C 686 17.21 -41.26 -25.22
N VAL C 687 16.56 -41.19 -24.06
CA VAL C 687 17.05 -40.39 -22.95
C VAL C 687 17.62 -41.33 -21.87
N GLU C 688 18.31 -40.75 -20.91
CA GLU C 688 18.92 -41.48 -19.81
C GLU C 688 18.45 -40.88 -18.49
N ALA C 689 18.55 -41.68 -17.43
CA ALA C 689 18.16 -41.22 -16.11
C ALA C 689 19.01 -40.03 -15.69
N GLY C 690 18.36 -38.97 -15.22
CA GLY C 690 19.06 -37.76 -14.84
C GLY C 690 19.25 -36.74 -15.94
N GLN C 691 18.82 -37.04 -17.17
CA GLN C 691 19.00 -36.13 -18.30
C GLN C 691 17.89 -35.10 -18.35
N VAL C 692 18.25 -33.88 -18.73
CA VAL C 692 17.27 -32.79 -18.84
C VAL C 692 16.38 -33.02 -20.05
N ILE C 693 15.07 -32.89 -19.85
CA ILE C 693 14.10 -33.05 -20.92
C ILE C 693 13.50 -31.73 -21.35
N ALA C 694 13.19 -30.85 -20.40
CA ALA C 694 12.58 -29.57 -20.71
C ALA C 694 13.26 -28.47 -19.92
N ASP C 695 13.51 -27.34 -20.58
CA ASP C 695 14.17 -26.21 -19.96
C ASP C 695 13.20 -25.44 -19.07
N GLY C 696 13.77 -24.56 -18.24
CA GLY C 696 12.98 -23.69 -17.41
C GLY C 696 12.89 -22.30 -18.00
N PRO C 697 12.52 -21.31 -17.19
CA PRO C 697 12.47 -19.92 -17.67
C PRO C 697 13.83 -19.45 -18.16
N CYS C 698 14.81 -19.43 -17.26
CA CYS C 698 16.19 -19.04 -17.60
C CYS C 698 17.06 -20.29 -17.69
N THR C 699 16.94 -21.00 -18.81
CA THR C 699 17.72 -22.21 -19.02
C THR C 699 17.81 -22.50 -20.51
N GLN C 700 18.99 -22.96 -20.95
CA GLN C 700 19.19 -23.44 -22.31
C GLN C 700 20.00 -24.72 -22.26
N ASN C 701 19.37 -25.83 -22.64
CA ASN C 701 20.01 -27.16 -22.62
C ASN C 701 20.54 -27.51 -21.23
N GLY C 702 19.80 -27.13 -20.19
CA GLY C 702 20.18 -27.48 -18.83
C GLY C 702 21.17 -26.54 -18.18
N GLU C 703 21.53 -25.43 -18.83
CA GLU C 703 22.49 -24.48 -18.29
C GLU C 703 21.79 -23.18 -17.92
N MET C 704 22.19 -22.60 -16.80
CA MET C 704 21.63 -21.32 -16.39
C MET C 704 22.02 -20.23 -17.38
N ALA C 705 21.03 -19.42 -17.78
CA ALA C 705 21.25 -18.38 -18.78
C ALA C 705 20.33 -17.21 -18.43
N LEU C 706 20.90 -16.18 -17.80
CA LEU C 706 20.13 -15.04 -17.33
C LEU C 706 20.19 -13.83 -18.27
N GLY C 707 21.02 -13.87 -19.30
CA GLY C 707 21.19 -12.72 -20.17
C GLY C 707 21.64 -13.10 -21.55
N LYS C 708 22.18 -12.10 -22.26
CA LYS C 708 22.56 -12.25 -23.65
C LYS C 708 24.00 -11.79 -23.87
N ASN C 709 24.60 -12.30 -24.93
CA ASN C 709 25.95 -11.91 -25.32
C ASN C 709 25.86 -10.77 -26.34
N LEU C 710 26.31 -9.59 -25.95
CA LEU C 710 26.24 -8.40 -26.79
C LEU C 710 27.63 -7.85 -27.06
N LEU C 711 27.88 -7.46 -28.30
CA LEU C 711 29.16 -6.86 -28.67
C LEU C 711 29.30 -5.51 -27.96
N VAL C 712 30.43 -5.29 -27.31
CA VAL C 712 30.61 -4.12 -26.47
C VAL C 712 31.86 -3.36 -26.91
N ALA C 713 31.84 -2.05 -26.71
CA ALA C 713 32.98 -1.18 -27.00
C ALA C 713 33.19 -0.26 -25.81
N ILE C 714 34.43 -0.20 -25.33
CA ILE C 714 34.77 0.57 -24.13
C ILE C 714 35.26 1.94 -24.59
N MET C 715 34.34 2.91 -24.67
CA MET C 715 34.68 4.25 -25.12
C MET C 715 33.58 5.24 -24.76
N PRO C 716 33.92 6.49 -24.42
CA PRO C 716 32.89 7.52 -24.30
C PRO C 716 32.28 7.82 -25.67
N TRP C 717 31.01 8.24 -25.66
CA TRP C 717 30.33 8.51 -26.93
C TRP C 717 29.39 9.69 -26.72
N GLU C 718 29.88 10.89 -27.06
CA GLU C 718 29.09 12.12 -27.12
C GLU C 718 28.38 12.44 -25.80
N GLY C 719 28.79 11.81 -24.71
CA GLY C 719 28.22 12.12 -23.41
C GLY C 719 26.92 11.46 -23.09
N HIS C 720 26.37 10.62 -23.98
CA HIS C 720 25.15 9.90 -23.66
C HIS C 720 25.39 8.77 -22.67
N ASN C 721 26.63 8.30 -22.54
CA ASN C 721 27.01 7.31 -21.53
C ASN C 721 27.83 7.94 -20.42
N TYR C 722 27.48 9.15 -20.03
CA TYR C 722 28.17 9.86 -18.95
C TYR C 722 27.65 9.39 -17.60
N GLU C 723 28.57 9.14 -16.66
CA GLU C 723 28.25 8.78 -15.29
C GLU C 723 27.42 7.48 -15.25
N ASP C 724 28.06 6.40 -15.69
CA ASP C 724 27.54 5.04 -15.59
C ASP C 724 26.30 4.79 -16.45
N ALA C 725 26.05 5.62 -17.45
CA ALA C 725 24.94 5.34 -18.36
C ALA C 725 25.38 4.35 -19.43
N ILE C 726 24.41 3.85 -20.18
CA ILE C 726 24.63 2.82 -21.20
C ILE C 726 23.92 3.24 -22.48
N ILE C 727 24.60 3.04 -23.61
CA ILE C 727 24.04 3.27 -24.94
C ILE C 727 23.78 1.92 -25.58
N LEU C 728 22.58 1.74 -26.14
CA LEU C 728 22.21 0.49 -26.79
C LEU C 728 21.90 0.72 -28.25
N SER C 729 22.01 -0.34 -29.03
CA SER C 729 21.64 -0.32 -30.43
C SER C 729 20.16 -0.63 -30.61
N ASN C 730 19.62 -0.26 -31.77
CA ASN C 730 18.22 -0.51 -32.07
C ASN C 730 17.95 -1.95 -32.51
N ARG C 731 19.01 -2.72 -32.79
CA ARG C 731 18.83 -4.12 -33.14
C ARG C 731 18.24 -4.91 -31.99
N LEU C 732 18.57 -4.54 -30.75
CA LEU C 732 18.00 -5.22 -29.59
C LEU C 732 16.49 -5.04 -29.53
N VAL C 733 16.00 -3.84 -29.84
CA VAL C 733 14.56 -3.60 -29.86
C VAL C 733 13.93 -4.30 -31.06
N GLU C 734 14.56 -4.21 -32.23
CA GLU C 734 13.96 -4.76 -33.45
C GLU C 734 13.80 -6.28 -33.39
N GLU C 735 14.83 -6.98 -32.91
CA GLU C 735 14.86 -8.43 -32.96
C GLU C 735 14.42 -9.08 -31.65
N ASP C 736 13.89 -8.30 -30.71
CA ASP C 736 13.37 -8.83 -29.44
C ASP C 736 14.44 -9.63 -28.69
N VAL C 737 15.65 -9.08 -28.64
CA VAL C 737 16.72 -9.72 -27.90
C VAL C 737 16.46 -9.61 -26.40
N LEU C 738 16.32 -8.39 -25.91
CA LEU C 738 16.03 -8.15 -24.49
C LEU C 738 14.53 -7.83 -24.30
N THR C 739 13.71 -8.86 -24.48
CA THR C 739 12.26 -8.75 -24.34
C THR C 739 11.80 -9.76 -23.29
N SER C 740 10.97 -9.30 -22.36
CA SER C 740 10.45 -10.14 -21.29
C SER C 740 8.93 -10.02 -21.25
N ILE C 741 8.30 -11.05 -20.72
CA ILE C 741 6.84 -11.13 -20.60
C ILE C 741 6.47 -11.03 -19.12
N HIS C 742 5.61 -10.08 -18.80
CA HIS C 742 5.16 -9.85 -17.43
C HIS C 742 3.66 -10.06 -17.36
N ILE C 743 3.21 -10.81 -16.35
CA ILE C 743 1.81 -11.16 -16.19
C ILE C 743 1.30 -10.54 -14.89
N GLU C 744 0.18 -9.82 -14.98
CA GLU C 744 -0.43 -9.17 -13.84
C GLU C 744 -1.79 -9.79 -13.56
N GLU C 745 -2.15 -9.87 -12.29
CA GLU C 745 -3.39 -10.51 -11.86
C GLU C 745 -4.27 -9.47 -11.17
N HIS C 746 -5.51 -9.34 -11.65
CA HIS C 746 -6.51 -8.45 -11.06
C HIS C 746 -7.67 -9.29 -10.53
N GLU C 747 -8.06 -9.04 -9.29
CA GLU C 747 -9.13 -9.80 -8.64
C GLU C 747 -10.14 -8.85 -8.00
N ILE C 748 -11.41 -9.22 -8.07
CA ILE C 748 -12.49 -8.48 -7.45
C ILE C 748 -13.49 -9.48 -6.88
N ASP C 749 -14.00 -9.19 -5.69
CA ASP C 749 -14.93 -10.08 -5.00
C ASP C 749 -16.22 -9.36 -4.68
N ALA C 750 -17.33 -10.11 -4.76
CA ALA C 750 -18.66 -9.60 -4.43
C ALA C 750 -19.13 -10.33 -3.17
N ARG C 751 -18.77 -9.78 -2.02
CA ARG C 751 -19.09 -10.40 -0.74
C ARG C 751 -20.53 -10.10 -0.34
N ASP C 752 -20.93 -10.66 0.80
CA ASP C 752 -22.26 -10.44 1.35
C ASP C 752 -22.21 -9.28 2.33
N THR C 753 -22.95 -8.21 2.03
CA THR C 753 -22.96 -7.01 2.84
C THR C 753 -24.19 -6.97 3.73
N LYS C 754 -24.08 -6.17 4.80
CA LYS C 754 -25.21 -6.00 5.72
C LYS C 754 -26.38 -5.27 5.04
N LEU C 755 -26.09 -4.26 4.24
CA LEU C 755 -27.15 -3.45 3.64
C LEU C 755 -27.72 -4.03 2.36
N GLY C 756 -27.15 -5.12 1.84
CA GLY C 756 -27.68 -5.72 0.64
C GLY C 756 -26.74 -6.80 0.13
N ALA C 757 -27.07 -7.29 -1.07
CA ALA C 757 -26.31 -8.35 -1.72
C ALA C 757 -25.62 -7.79 -2.96
N GLU C 758 -24.37 -8.20 -3.16
CA GLU C 758 -23.56 -7.72 -4.27
C GLU C 758 -23.62 -8.72 -5.41
N GLU C 759 -23.92 -8.23 -6.61
CA GLU C 759 -24.06 -9.07 -7.79
C GLU C 759 -23.17 -8.53 -8.90
N ILE C 760 -22.49 -9.44 -9.59
CA ILE C 760 -21.58 -9.08 -10.68
C ILE C 760 -22.33 -9.29 -11.99
N THR C 761 -22.62 -8.20 -12.69
CA THR C 761 -23.32 -8.26 -13.96
C THR C 761 -23.04 -6.98 -14.73
N ARG C 762 -23.33 -7.02 -16.03
CA ARG C 762 -23.05 -5.89 -16.91
C ARG C 762 -24.20 -4.90 -16.96
N ASP C 763 -24.65 -4.45 -15.79
CA ASP C 763 -25.67 -3.40 -15.74
C ASP C 763 -25.03 -2.03 -15.98
N ILE C 764 -24.15 -1.61 -15.08
CA ILE C 764 -23.35 -0.39 -15.20
C ILE C 764 -24.25 0.78 -15.58
N PRO C 765 -25.05 1.30 -14.64
CA PRO C 765 -26.12 2.25 -15.02
C PRO C 765 -25.63 3.49 -15.75
N ASN C 766 -24.49 4.05 -15.36
CA ASN C 766 -24.03 5.32 -15.94
C ASN C 766 -22.74 5.11 -16.72
N VAL C 767 -22.88 4.73 -18.00
CA VAL C 767 -21.76 4.69 -18.94
C VAL C 767 -22.29 5.00 -20.34
N SER C 768 -21.41 4.94 -21.32
CA SER C 768 -21.80 5.01 -22.72
C SER C 768 -22.05 3.60 -23.25
N ASP C 769 -22.19 3.46 -24.56
CA ASP C 769 -22.44 2.16 -25.18
C ASP C 769 -21.17 1.48 -25.69
N GLU C 770 -20.13 2.24 -26.03
CA GLU C 770 -18.92 1.65 -26.57
C GLU C 770 -18.04 1.01 -25.50
N VAL C 771 -18.26 1.33 -24.22
CA VAL C 771 -17.41 0.79 -23.17
C VAL C 771 -17.63 -0.70 -23.00
N LEU C 772 -18.88 -1.16 -23.15
CA LEU C 772 -19.24 -2.55 -22.92
C LEU C 772 -19.15 -3.40 -24.18
N ALA C 773 -18.29 -3.03 -25.13
CA ALA C 773 -18.18 -3.80 -26.35
C ALA C 773 -17.47 -5.14 -26.11
N ASP C 774 -16.48 -5.15 -25.23
CA ASP C 774 -15.65 -6.33 -25.00
C ASP C 774 -16.22 -7.28 -23.96
N LEU C 775 -17.27 -6.90 -23.24
CA LEU C 775 -17.81 -7.73 -22.17
C LEU C 775 -18.74 -8.78 -22.73
N ASP C 776 -18.70 -9.97 -22.13
CA ASP C 776 -19.55 -11.08 -22.55
C ASP C 776 -20.90 -10.99 -21.85
N GLU C 777 -21.69 -12.06 -21.93
CA GLU C 777 -23.03 -12.04 -21.36
C GLU C 777 -23.01 -11.95 -19.83
N ARG C 778 -21.96 -12.47 -19.19
CA ARG C 778 -21.88 -12.48 -17.74
C ARG C 778 -21.16 -11.27 -17.16
N GLY C 779 -20.77 -10.31 -17.99
CA GLY C 779 -20.20 -9.07 -17.49
C GLY C 779 -18.70 -9.05 -17.33
N ILE C 780 -17.98 -9.98 -17.93
CA ILE C 780 -16.52 -10.04 -17.85
C ILE C 780 -15.96 -9.95 -19.26
N VAL C 781 -14.70 -9.49 -19.34
CA VAL C 781 -14.06 -9.36 -20.65
C VAL C 781 -13.84 -10.74 -21.26
N ARG C 782 -13.62 -10.76 -22.57
CA ARG C 782 -13.36 -11.98 -23.31
C ARG C 782 -11.87 -12.28 -23.32
N ILE C 783 -11.54 -13.56 -23.37
CA ILE C 783 -10.14 -13.99 -23.41
C ILE C 783 -9.52 -13.57 -24.73
N GLY C 784 -8.37 -12.91 -24.65
CA GLY C 784 -7.69 -12.43 -25.84
C GLY C 784 -8.03 -11.02 -26.25
N ALA C 785 -8.93 -10.35 -25.54
CA ALA C 785 -9.31 -8.98 -25.87
C ALA C 785 -8.35 -8.02 -25.18
N GLU C 786 -7.68 -7.18 -25.98
CA GLU C 786 -6.75 -6.21 -25.42
C GLU C 786 -7.49 -5.17 -24.60
N VAL C 787 -6.92 -4.83 -23.45
CA VAL C 787 -7.49 -3.85 -22.54
C VAL C 787 -6.49 -2.73 -22.34
N ARG C 788 -6.96 -1.49 -22.49
CA ARG C 788 -6.14 -0.31 -22.31
C ARG C 788 -6.33 0.24 -20.89
N ASP C 789 -5.69 1.36 -20.60
CA ASP C 789 -5.84 1.99 -19.30
C ASP C 789 -7.24 2.59 -19.17
N GLY C 790 -7.91 2.29 -18.05
CA GLY C 790 -9.24 2.78 -17.80
C GLY C 790 -10.36 1.90 -18.31
N ASP C 791 -10.05 0.84 -19.06
CA ASP C 791 -11.08 -0.05 -19.56
C ASP C 791 -11.66 -0.91 -18.44
N ILE C 792 -12.92 -1.32 -18.61
CA ILE C 792 -13.62 -2.11 -17.61
C ILE C 792 -13.28 -3.58 -17.80
N LEU C 793 -12.80 -4.21 -16.74
CA LEU C 793 -12.50 -5.64 -16.75
C LEU C 793 -13.69 -6.46 -16.26
N VAL C 794 -14.12 -6.21 -15.02
CA VAL C 794 -15.24 -6.90 -14.41
C VAL C 794 -16.26 -5.86 -13.96
N GLY C 795 -17.51 -6.04 -14.34
CA GLY C 795 -18.56 -5.11 -13.95
C GLY C 795 -19.34 -5.59 -12.74
N LYS C 796 -19.11 -4.96 -11.59
CA LYS C 796 -19.81 -5.30 -10.36
C LYS C 796 -20.63 -4.10 -9.90
N VAL C 797 -21.89 -4.37 -9.54
CA VAL C 797 -22.79 -3.36 -9.02
C VAL C 797 -23.21 -3.76 -7.61
N THR C 798 -22.99 -2.85 -6.66
CA THR C 798 -23.30 -3.11 -5.26
C THR C 798 -24.40 -2.18 -4.79
N PRO C 799 -25.27 -2.63 -3.88
CA PRO C 799 -26.32 -1.76 -3.37
C PRO C 799 -25.75 -0.55 -2.63
N LYS C 800 -26.43 0.57 -2.78
CA LYS C 800 -26.01 1.83 -2.18
C LYS C 800 -26.76 2.17 -0.90
N GLY C 801 -28.03 1.77 -0.80
CA GLY C 801 -28.83 2.10 0.36
C GLY C 801 -29.60 3.40 0.17
N GLU C 802 -30.39 3.73 1.20
CA GLU C 802 -31.22 4.93 1.17
C GLU C 802 -30.35 6.14 1.48
N THR C 803 -30.21 7.03 0.51
CA THR C 803 -29.42 8.25 0.65
C THR C 803 -30.24 9.46 0.22
N GLU C 804 -29.97 10.59 0.86
CA GLU C 804 -30.64 11.84 0.54
C GLU C 804 -29.86 12.55 -0.56
N LEU C 805 -30.32 12.41 -1.79
CA LEU C 805 -29.66 13.06 -2.92
C LEU C 805 -29.90 14.57 -2.88
N THR C 806 -28.95 15.31 -3.44
CA THR C 806 -29.08 16.76 -3.54
C THR C 806 -30.24 17.10 -4.47
N PRO C 807 -30.92 18.23 -4.23
CA PRO C 807 -32.06 18.58 -5.08
C PRO C 807 -31.72 18.70 -6.55
N GLU C 808 -30.54 19.21 -6.88
CA GLU C 808 -30.14 19.32 -8.28
C GLU C 808 -30.03 17.96 -8.94
N GLU C 809 -29.46 16.98 -8.24
CA GLU C 809 -29.33 15.64 -8.79
C GLU C 809 -30.70 15.01 -9.02
N ARG C 810 -31.62 15.20 -8.06
CA ARG C 810 -32.98 14.69 -8.24
C ARG C 810 -33.66 15.34 -9.44
N LEU C 811 -33.49 16.65 -9.60
CA LEU C 811 -34.08 17.34 -10.75
C LEU C 811 -33.51 16.81 -12.06
N LEU C 812 -32.19 16.61 -12.12
CA LEU C 812 -31.58 16.08 -13.33
C LEU C 812 -32.09 14.69 -13.65
N ARG C 813 -32.19 13.83 -12.62
CA ARG C 813 -32.67 12.47 -12.85
C ARG C 813 -34.13 12.48 -13.29
N ALA C 814 -34.93 13.39 -12.74
CA ALA C 814 -36.32 13.51 -13.17
C ALA C 814 -36.42 13.97 -14.62
N ILE C 815 -35.57 14.93 -15.01
CA ILE C 815 -35.63 15.45 -16.38
C ILE C 815 -35.19 14.37 -17.38
N PHE C 816 -34.06 13.71 -17.11
CA PHE C 816 -33.55 12.74 -18.06
C PHE C 816 -34.19 11.36 -17.91
N GLY C 817 -34.94 11.11 -16.84
CA GLY C 817 -35.64 9.87 -16.68
C GLY C 817 -34.83 8.71 -16.13
N GLU C 818 -33.54 8.92 -15.85
CA GLU C 818 -32.72 7.88 -15.24
C GLU C 818 -33.12 7.69 -13.78
N LYS C 819 -33.79 6.58 -13.49
CA LYS C 819 -34.28 6.33 -12.14
C LYS C 819 -33.13 6.18 -11.16
N ALA C 820 -33.27 6.78 -9.98
CA ALA C 820 -32.26 6.72 -8.95
C ALA C 820 -32.40 5.41 -8.17
N ARG C 821 -31.57 4.44 -8.51
CA ARG C 821 -31.58 3.14 -7.84
C ARG C 821 -30.47 3.10 -6.78
N GLU C 822 -30.78 2.45 -5.65
CA GLU C 822 -29.84 2.38 -4.53
C GLU C 822 -28.70 1.40 -4.85
N VAL C 823 -27.90 1.78 -5.83
CA VAL C 823 -26.78 0.97 -6.30
C VAL C 823 -25.56 1.86 -6.45
N ARG C 824 -24.41 1.36 -6.01
CA ARG C 824 -23.14 2.07 -6.15
C ARG C 824 -22.29 1.31 -7.17
N ASP C 825 -21.76 2.04 -8.15
CA ASP C 825 -20.94 1.43 -9.18
C ASP C 825 -19.55 1.11 -8.63
N THR C 826 -19.15 -0.14 -8.73
CA THR C 826 -17.85 -0.62 -8.25
C THR C 826 -17.19 -1.48 -9.32
N SER C 827 -17.23 -1.01 -10.57
CA SER C 827 -16.65 -1.75 -11.67
C SER C 827 -15.13 -1.79 -11.55
N LEU C 828 -14.56 -2.96 -11.83
CA LEU C 828 -13.11 -3.11 -11.83
C LEU C 828 -12.54 -2.53 -13.12
N LYS C 829 -11.50 -1.71 -12.99
CA LYS C 829 -10.86 -1.09 -14.13
C LYS C 829 -9.36 -1.34 -14.07
N VAL C 830 -8.73 -1.30 -15.23
CA VAL C 830 -7.28 -1.48 -15.31
C VAL C 830 -6.59 -0.32 -14.59
N PRO C 831 -5.65 -0.58 -13.70
CA PRO C 831 -5.00 0.52 -12.97
C PRO C 831 -4.25 1.45 -13.89
N HIS C 832 -3.84 2.58 -13.33
CA HIS C 832 -3.16 3.61 -14.12
C HIS C 832 -1.85 3.10 -14.67
N GLY C 833 -1.59 3.39 -15.94
CA GLY C 833 -0.32 3.04 -16.55
C GLY C 833 -0.11 1.56 -16.80
N GLU C 834 -1.18 0.80 -16.96
CA GLU C 834 -1.07 -0.62 -17.24
C GLU C 834 -1.96 -0.99 -18.42
N SER C 835 -1.52 -2.00 -19.16
CA SER C 835 -2.26 -2.48 -20.32
C SER C 835 -1.74 -3.89 -20.64
N GLY C 836 -2.31 -4.49 -21.68
CA GLY C 836 -1.88 -5.81 -22.08
C GLY C 836 -3.05 -6.56 -22.72
N LYS C 837 -2.93 -7.88 -22.70
CA LYS C 837 -3.89 -8.77 -23.35
C LYS C 837 -4.35 -9.82 -22.35
N VAL C 838 -5.67 -9.93 -22.18
CA VAL C 838 -6.23 -10.87 -21.21
C VAL C 838 -5.97 -12.29 -21.67
N ILE C 839 -5.43 -13.12 -20.79
CA ILE C 839 -5.06 -14.49 -21.13
C ILE C 839 -5.81 -15.53 -20.32
N GLY C 840 -6.45 -15.16 -19.21
CA GLY C 840 -7.13 -16.15 -18.40
C GLY C 840 -8.03 -15.56 -17.33
N ILE C 841 -9.20 -16.16 -17.15
CA ILE C 841 -10.17 -15.70 -16.16
C ILE C 841 -10.58 -16.90 -15.31
N ARG C 842 -10.48 -16.75 -13.99
CA ARG C 842 -10.87 -17.78 -13.04
C ARG C 842 -11.99 -17.23 -12.17
N VAL C 843 -13.10 -17.96 -12.10
CA VAL C 843 -14.29 -17.53 -11.37
C VAL C 843 -14.59 -18.55 -10.28
N PHE C 844 -14.74 -18.07 -9.05
CA PHE C 844 -15.08 -18.90 -7.91
C PHE C 844 -16.47 -18.52 -7.41
N SER C 845 -17.30 -19.53 -7.12
CA SER C 845 -18.64 -19.33 -6.59
C SER C 845 -18.87 -20.27 -5.43
N ARG C 846 -19.60 -19.80 -4.42
CA ARG C 846 -19.87 -20.61 -3.24
C ARG C 846 -20.75 -21.80 -3.58
N GLU C 847 -21.73 -21.61 -4.47
CA GLU C 847 -22.67 -22.67 -4.81
C GLU C 847 -22.01 -23.85 -5.49
N ASP C 848 -20.80 -23.67 -6.04
CA ASP C 848 -20.09 -24.75 -6.72
C ASP C 848 -19.19 -25.54 -5.78
N ASP C 849 -19.48 -25.52 -4.48
CA ASP C 849 -18.71 -26.26 -3.48
C ASP C 849 -17.24 -25.86 -3.49
N ASP C 850 -17.00 -24.59 -3.21
CA ASP C 850 -15.66 -24.02 -3.13
C ASP C 850 -15.40 -23.53 -1.72
N GLU C 851 -14.18 -23.78 -1.22
CA GLU C 851 -13.80 -23.40 0.15
C GLU C 851 -13.52 -21.91 0.20
N LEU C 852 -14.57 -21.13 -0.03
CA LEU C 852 -14.46 -19.67 0.05
C LEU C 852 -14.51 -19.22 1.50
N PRO C 853 -13.86 -18.09 1.81
CA PRO C 853 -13.97 -17.53 3.17
C PRO C 853 -15.41 -17.09 3.46
N ALA C 854 -15.76 -17.14 4.73
CA ALA C 854 -17.11 -16.81 5.16
C ALA C 854 -17.47 -15.38 4.79
N GLY C 855 -18.70 -15.18 4.35
CA GLY C 855 -19.17 -13.87 3.93
C GLY C 855 -18.89 -13.52 2.49
N VAL C 856 -18.28 -14.42 1.72
CA VAL C 856 -17.92 -14.18 0.33
C VAL C 856 -18.79 -15.04 -0.56
N ASN C 857 -19.37 -14.43 -1.60
CA ASN C 857 -20.24 -15.13 -2.53
C ASN C 857 -19.61 -15.33 -3.91
N GLU C 858 -18.97 -14.32 -4.46
CA GLU C 858 -18.36 -14.41 -5.78
C GLU C 858 -16.94 -13.87 -5.73
N LEU C 859 -16.08 -14.44 -6.57
CA LEU C 859 -14.68 -14.03 -6.63
C LEU C 859 -14.15 -14.38 -8.02
N VAL C 860 -13.77 -13.36 -8.79
CA VAL C 860 -13.29 -13.54 -10.16
C VAL C 860 -11.93 -12.87 -10.29
N ARG C 861 -10.96 -13.60 -10.83
CA ARG C 861 -9.61 -13.10 -11.04
C ARG C 861 -9.32 -13.05 -12.53
N VAL C 862 -8.77 -11.92 -12.98
CA VAL C 862 -8.46 -11.68 -14.38
C VAL C 862 -6.96 -11.47 -14.51
N TYR C 863 -6.33 -12.22 -15.41
CA TYR C 863 -4.90 -12.13 -15.65
C TYR C 863 -4.64 -11.31 -16.91
N VAL C 864 -3.70 -10.38 -16.83
CA VAL C 864 -3.33 -9.51 -17.94
C VAL C 864 -1.86 -9.75 -18.25
N ALA C 865 -1.56 -10.10 -19.49
CA ALA C 865 -0.21 -10.39 -19.94
C ALA C 865 0.30 -9.26 -20.82
N GLN C 866 1.57 -8.91 -20.65
CA GLN C 866 2.18 -7.81 -21.39
C GLN C 866 3.62 -8.15 -21.73
N LYS C 867 4.03 -7.78 -22.94
CA LYS C 867 5.42 -7.93 -23.39
C LYS C 867 6.10 -6.57 -23.32
N ARG C 868 7.18 -6.49 -22.55
CA ARG C 868 7.92 -5.25 -22.37
C ARG C 868 9.26 -5.34 -23.09
N LYS C 869 9.46 -4.44 -24.05
CA LYS C 869 10.73 -4.34 -24.73
C LYS C 869 11.66 -3.39 -23.97
N ILE C 870 12.95 -3.46 -24.31
CA ILE C 870 13.92 -2.58 -23.65
C ILE C 870 13.68 -1.15 -24.11
N SER C 871 13.94 -0.21 -23.21
CA SER C 871 13.67 1.20 -23.49
C SER C 871 14.50 2.06 -22.55
N ASP C 872 14.38 3.37 -22.69
CA ASP C 872 15.10 4.30 -21.85
C ASP C 872 14.64 4.19 -20.40
N GLY C 873 15.60 4.21 -19.48
CA GLY C 873 15.32 4.13 -18.06
C GLY C 873 15.44 2.74 -17.47
N ASP C 874 15.36 1.70 -18.29
CA ASP C 874 15.55 0.35 -17.79
C ASP C 874 17.00 0.11 -17.41
N LYS C 875 17.21 -0.67 -16.36
CA LYS C 875 18.53 -0.90 -15.80
C LYS C 875 19.10 -2.20 -16.34
N LEU C 876 20.33 -2.13 -16.83
CA LEU C 876 21.10 -3.30 -17.24
C LEU C 876 22.36 -3.41 -16.39
N ALA C 877 22.82 -4.64 -16.19
CA ALA C 877 24.02 -4.86 -15.40
C ALA C 877 24.64 -6.20 -15.78
N GLY C 878 25.94 -6.32 -15.51
CA GLY C 878 26.67 -7.53 -15.75
C GLY C 878 26.86 -8.35 -14.50
N ARG C 879 27.82 -9.28 -14.56
CA ARG C 879 28.13 -10.15 -13.44
C ARG C 879 29.24 -9.62 -12.55
N HIS C 880 29.81 -8.45 -12.87
CA HIS C 880 30.95 -7.91 -12.15
C HIS C 880 30.61 -6.64 -11.37
N GLY C 881 29.32 -6.38 -11.15
CA GLY C 881 28.93 -5.23 -10.37
C GLY C 881 28.84 -3.92 -11.15
N ASN C 882 28.83 -3.99 -12.48
CA ASN C 882 28.72 -2.79 -13.31
C ASN C 882 27.26 -2.64 -13.74
N LYS C 883 26.59 -1.63 -13.21
CA LYS C 883 25.19 -1.37 -13.50
C LYS C 883 25.02 0.04 -14.06
N GLY C 884 23.87 0.28 -14.68
CA GLY C 884 23.57 1.59 -15.20
C GLY C 884 22.33 1.62 -16.08
N VAL C 885 21.53 2.68 -15.94
CA VAL C 885 20.31 2.81 -16.72
C VAL C 885 20.65 3.15 -18.15
N ILE C 886 19.70 2.91 -19.05
CA ILE C 886 19.89 3.18 -20.47
C ILE C 886 19.46 4.61 -20.77
N GLY C 887 20.35 5.38 -21.38
CA GLY C 887 20.07 6.78 -21.64
C GLY C 887 19.82 7.11 -23.09
N LYS C 888 20.10 6.17 -23.99
CA LYS C 888 19.93 6.41 -25.41
C LYS C 888 19.92 5.08 -26.15
N ILE C 889 19.06 4.97 -27.16
CA ILE C 889 18.99 3.79 -28.02
C ILE C 889 19.18 4.28 -29.45
N LEU C 890 20.42 4.28 -29.91
CA LEU C 890 20.75 4.75 -31.25
C LEU C 890 20.28 3.77 -32.30
N PRO C 891 19.99 4.25 -33.51
CA PRO C 891 19.63 3.33 -34.60
C PRO C 891 20.80 2.46 -35.02
N VAL C 892 20.58 1.55 -35.98
CA VAL C 892 21.63 0.65 -36.41
C VAL C 892 22.78 1.41 -37.07
N GLU C 893 22.45 2.41 -37.90
CA GLU C 893 23.47 3.12 -38.67
C GLU C 893 24.35 4.03 -37.82
N ASP C 894 23.84 4.58 -36.73
CA ASP C 894 24.62 5.53 -35.93
C ASP C 894 25.68 4.86 -35.05
N MET C 895 25.53 3.58 -34.76
CA MET C 895 26.49 2.92 -33.89
C MET C 895 27.83 2.78 -34.60
N PRO C 896 28.95 2.94 -33.87
CA PRO C 896 30.26 2.65 -34.48
C PRO C 896 30.32 1.20 -34.92
N PHE C 897 30.95 0.97 -36.08
CA PHE C 897 30.99 -0.35 -36.66
C PHE C 897 32.42 -0.78 -36.93
N LEU C 898 32.66 -2.09 -36.83
CA LEU C 898 33.94 -2.66 -37.16
C LEU C 898 34.23 -2.48 -38.65
N PRO C 899 35.51 -2.52 -39.04
CA PRO C 899 35.83 -2.41 -40.48
C PRO C 899 35.18 -3.48 -41.33
N ASP C 900 34.83 -4.63 -40.76
CA ASP C 900 34.08 -5.65 -41.49
C ASP C 900 32.66 -5.18 -41.80
N GLY C 901 32.09 -4.29 -40.99
CA GLY C 901 30.75 -3.80 -41.19
C GLY C 901 29.74 -4.20 -40.12
N THR C 902 30.18 -4.82 -39.03
CA THR C 902 29.28 -5.24 -37.96
C THR C 902 29.18 -4.13 -36.93
N PRO C 903 28.01 -3.50 -36.76
CA PRO C 903 27.87 -2.47 -35.73
C PRO C 903 27.94 -3.07 -34.33
N VAL C 904 28.43 -2.27 -33.39
CA VAL C 904 28.45 -2.68 -31.99
C VAL C 904 27.08 -2.45 -31.38
N ASP C 905 26.74 -3.26 -30.37
CA ASP C 905 25.40 -3.25 -29.79
C ASP C 905 25.30 -2.48 -28.49
N ILE C 906 26.41 -2.30 -27.76
CA ILE C 906 26.38 -1.60 -26.49
C ILE C 906 27.72 -0.92 -26.29
N ILE C 907 27.70 0.29 -25.72
CA ILE C 907 28.90 1.10 -25.51
C ILE C 907 29.00 1.41 -24.02
N LEU C 908 30.17 1.15 -23.44
CA LEU C 908 30.42 1.37 -22.03
C LEU C 908 31.44 2.48 -21.83
N ASN C 909 31.26 3.27 -20.78
CA ASN C 909 32.16 4.37 -20.49
C ASN C 909 33.50 3.85 -20.00
N THR C 910 34.58 4.52 -20.42
CA THR C 910 35.93 4.12 -20.03
C THR C 910 36.23 4.50 -18.58
N HIS C 911 35.83 5.70 -18.17
CA HIS C 911 36.22 6.24 -16.86
C HIS C 911 35.69 5.43 -15.69
N GLY C 912 34.69 4.58 -15.89
CA GLY C 912 34.13 3.82 -14.79
C GLY C 912 34.93 2.59 -14.39
N VAL C 913 35.82 2.12 -15.25
CA VAL C 913 36.57 0.90 -14.98
C VAL C 913 37.75 1.16 -14.04
N PRO C 914 38.67 2.10 -14.32
CA PRO C 914 39.86 2.22 -13.48
C PRO C 914 39.57 2.59 -12.04
N ARG C 915 38.54 3.37 -11.79
CA ARG C 915 38.26 3.88 -10.44
C ARG C 915 37.43 2.93 -9.59
N ARG C 916 37.05 1.77 -10.14
CA ARG C 916 36.24 0.81 -9.39
C ARG C 916 36.90 -0.55 -9.25
N MET C 917 38.06 -0.77 -9.87
CA MET C 917 38.85 -1.98 -9.69
C MET C 917 38.07 -3.23 -10.09
N ASN C 918 37.65 -3.26 -11.34
CA ASN C 918 36.85 -4.36 -11.87
C ASN C 918 37.39 -4.81 -13.23
N ILE C 919 38.70 -4.99 -13.34
CA ILE C 919 39.30 -5.47 -14.58
C ILE C 919 38.85 -6.87 -14.95
N GLY C 920 38.09 -7.54 -14.07
CA GLY C 920 37.48 -8.80 -14.44
C GLY C 920 36.57 -8.67 -15.65
N GLN C 921 35.88 -7.54 -15.77
CA GLN C 921 35.03 -7.34 -16.94
C GLN C 921 35.85 -7.18 -18.22
N ILE C 922 37.02 -6.54 -18.13
CA ILE C 922 37.88 -6.42 -19.31
C ILE C 922 38.41 -7.79 -19.72
N LEU C 923 38.85 -8.59 -18.75
CA LEU C 923 39.31 -9.94 -19.07
C LEU C 923 38.19 -10.79 -19.63
N GLU C 924 36.98 -10.65 -19.08
CA GLU C 924 35.82 -11.37 -19.60
C GLU C 924 35.51 -10.95 -21.04
N THR C 925 35.62 -9.66 -21.33
CA THR C 925 35.40 -9.19 -22.70
C THR C 925 36.41 -9.80 -23.65
N HIS C 926 37.70 -9.82 -23.25
CA HIS C 926 38.72 -10.41 -24.11
C HIS C 926 38.46 -11.89 -24.35
N LEU C 927 38.16 -12.64 -23.29
CA LEU C 927 37.93 -14.07 -23.45
C LEU C 927 36.64 -14.34 -24.22
N GLY C 928 35.63 -13.48 -24.09
CA GLY C 928 34.42 -13.64 -24.88
C GLY C 928 34.66 -13.42 -26.35
N TRP C 929 35.49 -12.42 -26.69
CA TRP C 929 35.85 -12.22 -28.09
C TRP C 929 36.64 -13.42 -28.61
N VAL C 930 37.54 -13.96 -27.80
CA VAL C 930 38.25 -15.18 -28.19
C VAL C 930 37.26 -16.33 -28.33
N ALA C 931 36.25 -16.40 -27.46
CA ALA C 931 35.32 -17.52 -27.47
C ALA C 931 34.49 -17.53 -28.76
N LYS C 932 33.87 -16.41 -29.10
CA LYS C 932 33.07 -16.33 -30.32
C LYS C 932 33.90 -15.84 -31.50
N ALA C 933 35.09 -16.41 -31.64
CA ALA C 933 35.89 -16.25 -32.86
C ALA C 933 36.58 -17.53 -33.31
N GLY C 934 36.80 -18.50 -32.43
CA GLY C 934 37.59 -19.66 -32.75
C GLY C 934 39.07 -19.33 -32.71
N TRP C 935 39.89 -20.25 -32.20
CA TRP C 935 41.33 -20.04 -32.14
C TRP C 935 42.05 -21.32 -32.53
N ASN C 936 43.27 -21.16 -33.03
CA ASN C 936 44.09 -22.30 -33.45
C ASN C 936 45.54 -21.97 -33.12
N ILE C 937 46.02 -22.49 -32.00
CA ILE C 937 47.39 -22.24 -31.57
C ILE C 937 48.35 -22.93 -32.52
N ASP C 938 49.32 -22.17 -33.04
CA ASP C 938 50.29 -22.69 -34.00
C ASP C 938 51.30 -23.55 -33.25
N VAL C 939 51.01 -24.85 -33.16
CA VAL C 939 51.91 -25.77 -32.46
C VAL C 939 53.12 -26.16 -33.28
N ALA C 940 53.27 -25.60 -34.48
CA ALA C 940 54.44 -25.90 -35.30
C ALA C 940 55.70 -25.36 -34.65
N ALA C 941 56.83 -26.04 -34.90
CA ALA C 941 58.12 -25.68 -34.35
C ALA C 941 58.09 -25.63 -32.82
N GLY C 942 57.37 -26.58 -32.22
CA GLY C 942 57.31 -26.70 -30.78
C GLY C 942 56.10 -25.98 -30.20
N VAL C 943 55.68 -26.43 -29.03
CA VAL C 943 54.56 -25.81 -28.33
C VAL C 943 55.00 -24.45 -27.80
N PRO C 944 54.18 -23.40 -27.95
CA PRO C 944 54.58 -22.08 -27.44
C PRO C 944 54.78 -22.10 -25.93
N ASP C 945 55.67 -21.22 -25.46
CA ASP C 945 56.01 -21.19 -24.05
C ASP C 945 54.81 -20.83 -23.18
N TRP C 946 54.01 -19.86 -23.61
CA TRP C 946 52.88 -19.41 -22.80
C TRP C 946 51.78 -20.45 -22.71
N ALA C 947 51.74 -21.43 -23.62
CA ALA C 947 50.72 -22.46 -23.63
C ALA C 947 51.22 -23.80 -23.12
N SER C 948 52.18 -23.79 -22.19
CA SER C 948 52.70 -25.04 -21.66
C SER C 948 51.68 -25.75 -20.77
N LYS C 949 50.92 -24.98 -19.99
CA LYS C 949 49.98 -25.53 -19.03
C LYS C 949 48.58 -25.70 -19.59
N LEU C 950 48.35 -25.36 -20.85
CA LEU C 950 47.01 -25.49 -21.41
C LEU C 950 46.66 -26.97 -21.60
N PRO C 951 45.41 -27.35 -21.35
CA PRO C 951 45.00 -28.73 -21.61
C PRO C 951 45.06 -29.06 -23.10
N GLU C 952 45.15 -30.35 -23.39
CA GLU C 952 45.28 -30.78 -24.78
C GLU C 952 44.07 -30.45 -25.63
N GLU C 953 42.90 -30.23 -25.01
CA GLU C 953 41.69 -29.95 -25.77
C GLU C 953 41.46 -28.46 -26.01
N LEU C 954 42.36 -27.60 -25.54
CA LEU C 954 42.24 -26.15 -25.76
C LEU C 954 43.16 -25.64 -26.85
N TYR C 955 43.85 -26.52 -27.58
CA TYR C 955 44.75 -26.08 -28.63
C TYR C 955 44.00 -25.58 -29.86
N SER C 956 42.74 -25.93 -30.03
CA SER C 956 41.96 -25.49 -31.17
C SER C 956 40.48 -25.64 -30.86
N ALA C 957 39.68 -24.69 -31.34
CA ALA C 957 38.24 -24.70 -31.15
C ALA C 957 37.58 -23.98 -32.32
N PRO C 958 36.41 -24.43 -32.75
CA PRO C 958 35.71 -23.77 -33.86
C PRO C 958 35.06 -22.46 -33.41
N ALA C 959 34.39 -21.82 -34.34
CA ALA C 959 33.69 -20.57 -34.05
C ALA C 959 32.45 -20.83 -33.20
N ASP C 960 32.03 -19.80 -32.48
CA ASP C 960 30.86 -19.86 -31.59
C ASP C 960 31.02 -20.92 -30.50
N SER C 961 32.27 -21.25 -30.17
CA SER C 961 32.52 -22.23 -29.12
C SER C 961 32.30 -21.60 -27.74
N THR C 962 32.09 -22.47 -26.76
CA THR C 962 31.90 -22.05 -25.38
C THR C 962 33.07 -22.53 -24.53
N VAL C 963 33.48 -21.71 -23.56
CA VAL C 963 34.60 -22.03 -22.69
C VAL C 963 34.15 -21.91 -21.24
N ALA C 964 34.86 -22.61 -20.37
CA ALA C 964 34.58 -22.60 -18.94
C ALA C 964 35.81 -22.10 -18.20
N THR C 965 35.62 -21.09 -17.36
CA THR C 965 36.67 -20.51 -16.53
C THR C 965 36.24 -20.63 -15.07
N PRO C 966 36.70 -21.65 -14.35
CA PRO C 966 36.34 -21.79 -12.93
C PRO C 966 36.77 -20.57 -12.13
N VAL C 967 36.30 -20.52 -10.88
CA VAL C 967 36.41 -19.29 -10.11
C VAL C 967 37.87 -18.97 -9.81
N PHE C 968 38.55 -19.83 -9.04
CA PHE C 968 39.91 -19.56 -8.61
C PHE C 968 40.94 -20.44 -9.31
N ASP C 969 40.54 -21.13 -10.38
CA ASP C 969 41.50 -21.91 -11.18
C ASP C 969 41.00 -21.88 -12.62
N GLY C 970 41.51 -20.92 -13.38
CA GLY C 970 41.05 -20.69 -14.74
C GLY C 970 42.12 -20.06 -15.58
N ALA C 971 41.69 -19.34 -16.62
CA ALA C 971 42.63 -18.76 -17.57
C ALA C 971 43.44 -17.64 -16.91
N GLN C 972 44.73 -17.61 -17.22
CA GLN C 972 45.64 -16.60 -16.72
C GLN C 972 45.79 -15.47 -17.75
N GLU C 973 46.54 -14.44 -17.37
CA GLU C 973 46.75 -13.31 -18.27
C GLU C 973 47.56 -13.74 -19.49
N GLY C 974 48.60 -14.55 -19.31
CA GLY C 974 49.42 -14.97 -20.43
C GLY C 974 48.67 -15.83 -21.42
N GLU C 975 47.90 -16.80 -20.92
CA GLU C 975 47.11 -17.63 -21.81
C GLU C 975 46.06 -16.81 -22.55
N LEU C 976 45.45 -15.84 -21.86
CA LEU C 976 44.47 -14.97 -22.51
C LEU C 976 45.11 -14.15 -23.62
N ALA C 977 46.31 -13.60 -23.37
CA ALA C 977 46.99 -12.85 -24.42
C ALA C 977 47.36 -13.73 -25.59
N GLY C 978 47.83 -14.95 -25.31
CA GLY C 978 48.15 -15.87 -26.39
C GLY C 978 46.96 -16.25 -27.23
N LEU C 979 45.81 -16.48 -26.58
CA LEU C 979 44.58 -16.77 -27.30
C LEU C 979 44.13 -15.58 -28.14
N LEU C 980 44.27 -14.37 -27.60
CA LEU C 980 43.93 -13.18 -28.37
C LEU C 980 44.81 -13.05 -29.60
N GLY C 981 46.10 -13.35 -29.46
CA GLY C 981 47.01 -13.25 -30.60
C GLY C 981 46.92 -14.38 -31.60
N SER C 982 46.19 -15.45 -31.29
CA SER C 982 46.13 -16.63 -32.15
C SER C 982 44.71 -16.96 -32.60
N THR C 983 43.82 -15.97 -32.65
CA THR C 983 42.47 -16.22 -33.13
C THR C 983 42.47 -16.37 -34.65
N LEU C 984 41.35 -16.93 -35.17
CA LEU C 984 41.34 -17.13 -36.61
C LEU C 984 40.48 -16.07 -37.30
N PRO C 985 40.81 -15.71 -38.54
CA PRO C 985 40.11 -14.60 -39.21
C PRO C 985 38.65 -14.90 -39.50
N ASN C 986 37.94 -13.90 -40.05
CA ASN C 986 36.55 -14.04 -40.43
C ASN C 986 36.47 -14.61 -41.86
N ARG C 987 35.28 -14.53 -42.46
CA ARG C 987 35.09 -15.08 -43.80
C ARG C 987 35.91 -14.36 -44.87
N ASP C 988 36.34 -13.13 -44.60
CA ASP C 988 37.14 -12.37 -45.57
C ASP C 988 38.63 -12.65 -45.45
N GLY C 989 39.05 -13.46 -44.49
CA GLY C 989 40.46 -13.75 -44.33
C GLY C 989 41.28 -12.66 -43.67
N GLU C 990 40.66 -11.83 -42.84
CA GLU C 990 41.35 -10.75 -42.15
C GLU C 990 41.01 -10.79 -40.66
N VAL C 991 41.94 -10.31 -39.85
CA VAL C 991 41.76 -10.24 -38.40
C VAL C 991 41.34 -8.83 -38.03
N MET C 992 40.21 -8.71 -37.33
CA MET C 992 39.67 -7.42 -36.96
C MET C 992 40.24 -6.90 -35.64
N VAL C 993 40.70 -7.78 -34.76
CA VAL C 993 41.20 -7.40 -33.45
C VAL C 993 42.64 -7.89 -33.33
N ASP C 994 43.56 -6.98 -33.02
CA ASP C 994 44.98 -7.30 -32.95
C ASP C 994 45.29 -7.96 -31.60
N ALA C 995 46.57 -8.11 -31.30
CA ALA C 995 47.00 -8.84 -30.11
C ALA C 995 46.68 -8.10 -28.81
N ASP C 996 46.37 -6.80 -28.88
CA ASP C 996 46.07 -6.03 -27.68
C ASP C 996 44.59 -6.01 -27.34
N GLY C 997 43.76 -6.69 -28.14
CA GLY C 997 42.33 -6.67 -27.89
C GLY C 997 41.62 -5.41 -28.33
N LYS C 998 42.20 -4.67 -29.26
CA LYS C 998 41.64 -3.40 -29.71
C LYS C 998 41.41 -3.44 -31.22
N SER C 999 40.46 -2.62 -31.67
CA SER C 999 40.12 -2.55 -33.09
C SER C 999 39.88 -1.10 -33.47
N THR C 1000 40.02 -0.82 -34.77
CA THR C 1000 39.83 0.53 -35.30
C THR C 1000 38.37 0.69 -35.71
N LEU C 1001 37.54 1.18 -34.79
CA LEU C 1001 36.14 1.40 -35.06
C LEU C 1001 35.95 2.67 -35.88
N PHE C 1002 35.02 2.61 -36.83
CA PHE C 1002 34.62 3.77 -37.60
C PHE C 1002 33.58 4.58 -36.82
N ASP C 1003 33.11 5.65 -37.44
CA ASP C 1003 32.07 6.49 -36.85
C ASP C 1003 30.79 6.35 -37.66
N GLY C 1004 29.69 6.08 -36.96
CA GLY C 1004 28.43 5.86 -37.65
C GLY C 1004 27.89 7.10 -38.33
N ARG C 1005 27.91 8.24 -37.64
CA ARG C 1005 27.27 9.45 -38.12
C ARG C 1005 28.22 10.42 -38.81
N SER C 1006 29.50 10.09 -38.93
CA SER C 1006 30.44 10.98 -39.59
C SER C 1006 31.20 10.25 -40.69
N GLY C 1007 31.50 8.98 -40.47
CA GLY C 1007 32.21 8.17 -41.43
C GLY C 1007 33.71 8.15 -41.25
N GLU C 1008 34.27 9.11 -40.54
CA GLU C 1008 35.71 9.14 -40.32
C GLU C 1008 36.09 8.11 -39.26
N PRO C 1009 37.15 7.33 -39.47
CA PRO C 1009 37.57 6.38 -38.45
C PRO C 1009 38.06 7.09 -37.20
N PHE C 1010 37.84 6.45 -36.05
CA PHE C 1010 38.33 7.01 -34.80
C PHE C 1010 39.86 7.04 -34.80
N PRO C 1011 40.48 8.12 -34.31
CA PRO C 1011 41.93 8.23 -34.40
C PRO C 1011 42.70 7.16 -33.64
N TYR C 1012 42.10 6.55 -32.63
CA TYR C 1012 42.78 5.56 -31.83
C TYR C 1012 41.95 4.29 -31.73
N PRO C 1013 42.60 3.12 -31.62
CA PRO C 1013 41.85 1.87 -31.53
C PRO C 1013 41.04 1.79 -30.24
N VAL C 1014 39.94 1.06 -30.30
CA VAL C 1014 39.00 0.93 -29.19
C VAL C 1014 38.81 -0.55 -28.89
N THR C 1015 38.78 -0.89 -27.60
CA THR C 1015 38.58 -2.27 -27.19
C THR C 1015 37.17 -2.74 -27.55
N VAL C 1016 37.09 -3.91 -28.17
CA VAL C 1016 35.81 -4.51 -28.54
C VAL C 1016 35.80 -5.97 -28.12
N GLY C 1017 34.60 -6.51 -27.96
CA GLY C 1017 34.43 -7.89 -27.56
C GLY C 1017 33.00 -8.13 -27.13
N TYR C 1018 32.75 -9.36 -26.70
CA TYR C 1018 31.42 -9.80 -26.29
C TYR C 1018 31.33 -9.84 -24.78
N MET C 1019 30.33 -9.13 -24.24
CA MET C 1019 30.09 -9.10 -22.80
C MET C 1019 28.68 -9.61 -22.52
N TYR C 1020 28.57 -10.48 -21.51
CA TYR C 1020 27.30 -11.08 -21.12
C TYR C 1020 26.63 -10.19 -20.09
N ILE C 1021 25.57 -9.48 -20.50
CA ILE C 1021 24.89 -8.55 -19.63
C ILE C 1021 23.50 -9.10 -19.29
N LEU C 1022 23.00 -8.66 -18.14
CA LEU C 1022 21.72 -9.11 -17.60
C LEU C 1022 20.75 -7.94 -17.54
N LYS C 1023 19.46 -8.24 -17.69
CA LYS C 1023 18.41 -7.24 -17.57
C LYS C 1023 17.83 -7.33 -16.17
N LEU C 1024 18.05 -6.30 -15.37
CA LEU C 1024 17.62 -6.31 -13.98
C LEU C 1024 16.16 -5.92 -13.86
N HIS C 1025 15.58 -6.24 -12.71
CA HIS C 1025 14.16 -6.00 -12.45
C HIS C 1025 13.92 -4.64 -11.81
N HIS C 1026 14.44 -3.58 -12.46
CA HIS C 1026 14.20 -2.20 -12.07
C HIS C 1026 13.77 -1.47 -13.33
N LEU C 1027 12.48 -1.53 -13.64
CA LEU C 1027 11.93 -1.00 -14.87
C LEU C 1027 11.12 0.26 -14.60
N VAL C 1028 11.23 1.23 -15.51
CA VAL C 1028 10.50 2.48 -15.36
C VAL C 1028 8.99 2.26 -15.45
N ASP C 1029 8.55 1.18 -16.08
CA ASP C 1029 7.12 0.88 -16.13
C ASP C 1029 6.55 0.68 -14.74
N ASP C 1030 7.37 0.26 -13.78
CA ASP C 1030 6.92 0.05 -12.41
C ASP C 1030 7.38 1.12 -11.45
N LYS C 1031 8.34 1.96 -11.84
CA LYS C 1031 8.89 2.98 -10.95
C LYS C 1031 8.29 4.36 -11.14
N ILE C 1032 7.69 4.64 -12.31
CA ILE C 1032 7.13 5.96 -12.56
C ILE C 1032 5.91 6.18 -11.67
N HIS C 1033 5.77 7.41 -11.17
CA HIS C 1033 4.68 7.73 -10.26
C HIS C 1033 4.36 9.22 -10.38
N ALA C 1034 3.09 9.55 -10.25
CA ALA C 1034 2.63 10.94 -10.29
C ALA C 1034 1.30 11.03 -9.57
N ARG C 1035 0.96 12.25 -9.15
CA ARG C 1035 -0.28 12.47 -8.43
C ARG C 1035 -0.67 13.94 -8.51
N SER C 1036 -1.94 14.20 -8.76
CA SER C 1036 -2.53 15.53 -8.68
C SER C 1036 -3.53 15.68 -7.55
N THR C 1037 -4.36 14.65 -7.32
CA THR C 1037 -5.29 14.64 -6.20
C THR C 1037 -5.76 13.19 -6.01
N GLY C 1038 -5.62 12.69 -4.79
CA GLY C 1038 -5.93 11.31 -4.50
C GLY C 1038 -6.50 11.09 -3.12
N PRO C 1039 -6.32 9.89 -2.57
CA PRO C 1039 -6.87 9.58 -1.26
C PRO C 1039 -6.13 10.30 -0.14
N TYR C 1040 -6.81 10.41 1.00
CA TYR C 1040 -6.27 11.06 2.18
C TYR C 1040 -6.47 10.17 3.40
N SER C 1041 -5.62 10.38 4.40
CA SER C 1041 -5.66 9.57 5.61
C SER C 1041 -6.81 10.02 6.52
N MET C 1042 -6.98 9.31 7.63
CA MET C 1042 -8.13 9.51 8.52
C MET C 1042 -7.79 10.35 9.75
N ILE C 1043 -6.83 9.91 10.56
CA ILE C 1043 -6.51 10.62 11.79
C ILE C 1043 -5.96 12.00 11.48
N THR C 1044 -4.99 12.08 10.57
CA THR C 1044 -4.47 13.33 10.06
C THR C 1044 -4.80 13.43 8.57
N GLN C 1045 -5.38 14.56 8.16
CA GLN C 1045 -5.84 14.73 6.78
C GLN C 1045 -4.65 14.99 5.85
N GLN C 1046 -3.88 13.93 5.61
CA GLN C 1046 -2.72 13.97 4.73
C GLN C 1046 -2.81 12.90 3.66
N PRO C 1047 -2.20 13.12 2.49
CA PRO C 1047 -2.25 12.11 1.43
C PRO C 1047 -1.53 10.83 1.84
N LEU C 1048 -1.96 9.71 1.26
CA LEU C 1048 -1.38 8.41 1.53
C LEU C 1048 -0.01 8.31 0.85
N GLY C 1049 0.60 7.15 0.93
CA GLY C 1049 1.91 6.94 0.34
C GLY C 1049 2.04 5.62 -0.40
N GLY C 1050 2.68 5.66 -1.57
CA GLY C 1050 2.87 4.45 -2.36
C GLY C 1050 2.29 4.55 -3.75
N LYS C 1051 2.95 3.92 -4.72
CA LYS C 1051 2.45 3.94 -6.10
C LYS C 1051 1.11 3.24 -6.22
N ALA C 1052 0.95 2.10 -5.54
CA ALA C 1052 -0.30 1.35 -5.60
C ALA C 1052 -1.45 2.11 -4.96
N GLN C 1053 -1.16 3.00 -4.02
CA GLN C 1053 -2.19 3.76 -3.32
C GLN C 1053 -2.36 5.16 -3.87
N PHE C 1054 -1.68 5.49 -4.97
CA PHE C 1054 -1.80 6.81 -5.62
C PHE C 1054 -1.47 7.94 -4.66
N GLY C 1055 -0.43 7.74 -3.84
CA GLY C 1055 -0.03 8.73 -2.86
C GLY C 1055 0.97 9.74 -3.40
N GLY C 1056 1.27 10.73 -2.55
CA GLY C 1056 2.21 11.77 -2.89
C GLY C 1056 3.61 11.50 -2.36
N GLN C 1057 4.53 12.39 -2.71
CA GLN C 1057 5.92 12.28 -2.32
C GLN C 1057 6.17 13.07 -1.03
N ARG C 1058 6.85 12.44 -0.08
CA ARG C 1058 7.05 13.05 1.23
C ARG C 1058 8.01 14.23 1.13
N PHE C 1059 7.63 15.34 1.75
CA PHE C 1059 8.45 16.56 1.81
C PHE C 1059 9.05 16.59 3.22
N GLY C 1060 10.21 15.96 3.36
CA GLY C 1060 10.79 15.71 4.67
C GLY C 1060 11.35 16.96 5.32
N GLU C 1061 11.99 16.74 6.47
CA GLU C 1061 12.56 17.84 7.24
C GLU C 1061 13.73 18.49 6.51
N MET C 1062 14.55 17.70 5.83
CA MET C 1062 15.71 18.24 5.13
C MET C 1062 15.30 19.17 4.00
N GLU C 1063 14.22 18.82 3.29
CA GLU C 1063 13.72 19.72 2.24
C GLU C 1063 13.21 21.02 2.84
N CYS C 1064 12.58 20.95 4.02
CA CYS C 1064 12.18 22.18 4.70
C CYS C 1064 13.39 23.03 5.07
N TRP C 1065 14.47 22.38 5.53
CA TRP C 1065 15.70 23.12 5.83
C TRP C 1065 16.25 23.78 4.57
N ALA C 1066 16.23 23.07 3.45
CA ALA C 1066 16.72 23.66 2.20
C ALA C 1066 15.86 24.85 1.77
N MET C 1067 14.54 24.73 1.87
CA MET C 1067 13.66 25.84 1.51
C MET C 1067 13.88 27.04 2.42
N GLN C 1068 14.08 26.81 3.73
CA GLN C 1068 14.38 27.91 4.64
C GLN C 1068 15.71 28.55 4.31
N ALA C 1069 16.70 27.74 3.93
CA ALA C 1069 18.02 28.26 3.59
C ALA C 1069 17.95 29.14 2.33
N TYR C 1070 17.15 28.73 1.35
CA TYR C 1070 16.99 29.56 0.15
C TYR C 1070 16.38 30.91 0.48
N GLY C 1071 15.38 30.92 1.35
CA GLY C 1071 14.62 32.12 1.64
C GLY C 1071 13.25 32.17 1.00
N ALA C 1072 12.77 31.07 0.44
CA ALA C 1072 11.45 31.01 -0.19
C ALA C 1072 10.43 30.64 0.88
N ALA C 1073 9.80 31.66 1.47
CA ALA C 1073 8.81 31.42 2.51
C ALA C 1073 7.47 30.96 1.92
N TYR C 1074 7.07 31.56 0.79
CA TYR C 1074 5.74 31.30 0.25
C TYR C 1074 5.61 29.87 -0.27
N THR C 1075 6.64 29.37 -0.96
CA THR C 1075 6.59 28.00 -1.44
C THR C 1075 6.49 27.01 -0.29
N LEU C 1076 7.28 27.23 0.77
CA LEU C 1076 7.21 26.37 1.93
C LEU C 1076 5.83 26.43 2.58
N GLN C 1077 5.26 27.63 2.71
CA GLN C 1077 3.94 27.76 3.31
C GLN C 1077 2.89 27.01 2.49
N GLU C 1078 2.92 27.17 1.16
CA GLU C 1078 1.92 26.48 0.34
C GLU C 1078 2.10 24.97 0.43
N LEU C 1079 3.34 24.49 0.38
CA LEU C 1079 3.59 23.05 0.45
C LEU C 1079 3.12 22.48 1.78
N LEU C 1080 3.29 23.23 2.86
CA LEU C 1080 2.88 22.73 4.18
C LEU C 1080 1.37 22.75 4.33
N THR C 1081 0.70 23.82 3.88
CA THR C 1081 -0.72 24.00 4.18
C THR C 1081 -1.63 23.49 3.07
N ILE C 1082 -1.55 24.07 1.87
CA ILE C 1082 -2.64 23.92 0.90
C ILE C 1082 -2.49 22.70 0.02
N LYS C 1083 -1.35 22.01 0.07
CA LYS C 1083 -1.23 20.74 -0.62
C LYS C 1083 -1.34 19.55 0.31
N SER C 1084 -1.21 19.75 1.62
CA SER C 1084 -1.23 18.63 2.55
C SER C 1084 -2.42 18.66 3.49
N ASP C 1085 -2.65 19.76 4.22
CA ASP C 1085 -3.54 19.71 5.38
C ASP C 1085 -4.70 20.69 5.36
N ASP C 1086 -4.60 21.82 4.68
CA ASP C 1086 -5.66 22.82 4.73
C ASP C 1086 -6.87 22.27 3.98
N THR C 1087 -7.88 21.84 4.74
CA THR C 1087 -9.01 21.11 4.15
C THR C 1087 -9.82 22.00 3.21
N VAL C 1088 -10.20 23.20 3.69
CA VAL C 1088 -10.88 24.15 2.81
C VAL C 1088 -9.91 24.66 1.75
N GLY C 1089 -8.64 24.81 2.10
CA GLY C 1089 -7.67 25.35 1.17
C GLY C 1089 -7.49 24.49 -0.07
N ARG C 1090 -7.53 23.16 0.10
CA ARG C 1090 -7.34 22.28 -1.04
C ARG C 1090 -8.43 22.46 -2.08
N VAL C 1091 -9.69 22.43 -1.64
CA VAL C 1091 -10.80 22.56 -2.59
C VAL C 1091 -10.84 23.96 -3.18
N LYS C 1092 -10.53 24.99 -2.38
CA LYS C 1092 -10.52 26.34 -2.92
C LYS C 1092 -9.42 26.51 -3.96
N VAL C 1093 -8.25 25.92 -3.71
CA VAL C 1093 -7.16 25.98 -4.68
C VAL C 1093 -7.53 25.26 -5.96
N TYR C 1094 -8.16 24.09 -5.84
CA TYR C 1094 -8.57 23.37 -7.05
C TYR C 1094 -9.59 24.16 -7.85
N GLU C 1095 -10.57 24.76 -7.17
CA GLU C 1095 -11.56 25.57 -7.88
C GLU C 1095 -10.92 26.78 -8.54
N ALA C 1096 -9.98 27.43 -7.85
CA ALA C 1096 -9.30 28.59 -8.43
C ALA C 1096 -8.48 28.20 -9.66
N ILE C 1097 -7.80 27.05 -9.60
CA ILE C 1097 -7.01 26.60 -10.74
C ILE C 1097 -7.91 26.27 -11.92
N VAL C 1098 -9.02 25.59 -11.67
CA VAL C 1098 -9.93 25.24 -12.75
C VAL C 1098 -10.55 26.48 -13.37
N LYS C 1099 -10.99 27.43 -12.53
CA LYS C 1099 -11.64 28.64 -13.03
C LYS C 1099 -10.65 29.71 -13.45
N GLY C 1100 -9.36 29.55 -13.17
CA GLY C 1100 -8.37 30.51 -13.59
C GLY C 1100 -8.20 31.72 -12.70
N GLU C 1101 -8.75 31.70 -11.49
CA GLU C 1101 -8.64 32.80 -10.56
C GLU C 1101 -7.32 32.70 -9.81
N ASN C 1102 -7.17 33.52 -8.77
CA ASN C 1102 -5.95 33.54 -7.98
C ASN C 1102 -6.04 32.53 -6.83
N ILE C 1103 -4.88 32.00 -6.46
CA ILE C 1103 -4.81 31.01 -5.37
C ILE C 1103 -5.14 31.69 -4.05
N PRO C 1104 -6.06 31.15 -3.25
CA PRO C 1104 -6.44 31.82 -2.00
C PRO C 1104 -5.35 31.69 -0.94
N GLU C 1105 -5.48 32.52 0.09
CA GLU C 1105 -4.53 32.49 1.20
C GLU C 1105 -4.72 31.21 2.01
N PRO C 1106 -3.64 30.56 2.44
CA PRO C 1106 -3.77 29.33 3.21
C PRO C 1106 -4.34 29.59 4.60
N GLY C 1107 -4.82 28.51 5.21
CA GLY C 1107 -5.38 28.58 6.56
C GLY C 1107 -4.51 27.90 7.61
N ILE C 1108 -5.13 27.12 8.48
CA ILE C 1108 -4.45 26.42 9.56
C ILE C 1108 -4.44 24.94 9.23
N PRO C 1109 -3.27 24.27 9.24
CA PRO C 1109 -3.25 22.83 8.97
C PRO C 1109 -4.00 22.06 10.04
N GLU C 1110 -4.62 20.95 9.62
CA GLU C 1110 -5.37 20.11 10.54
C GLU C 1110 -4.46 19.39 11.52
N SER C 1111 -3.19 19.15 11.16
CA SER C 1111 -2.28 18.48 12.07
C SER C 1111 -2.04 19.29 13.33
N PHE C 1112 -2.02 20.62 13.21
CA PHE C 1112 -1.87 21.46 14.39
C PHE C 1112 -3.06 21.31 15.33
N LYS C 1113 -4.28 21.26 14.78
CA LYS C 1113 -5.46 21.06 15.62
C LYS C 1113 -5.45 19.68 16.26
N VAL C 1114 -4.98 18.67 15.52
CA VAL C 1114 -4.85 17.33 16.11
C VAL C 1114 -3.87 17.34 17.26
N LEU C 1115 -2.74 18.04 17.10
CA LEU C 1115 -1.78 18.17 18.19
C LEU C 1115 -2.38 18.88 19.39
N LEU C 1116 -3.16 19.94 19.14
CA LEU C 1116 -3.80 20.67 20.23
C LEU C 1116 -4.77 19.77 20.98
N LYS C 1117 -5.56 18.96 20.27
CA LYS C 1117 -6.50 18.07 20.93
C LYS C 1117 -5.77 16.95 21.68
N GLU C 1118 -4.61 16.54 21.18
CA GLU C 1118 -3.85 15.51 21.88
C GLU C 1118 -3.20 16.06 23.15
N LEU C 1119 -2.78 17.32 23.12
CA LEU C 1119 -2.18 17.93 24.31
C LEU C 1119 -3.21 18.13 25.41
N GLN C 1120 -4.43 18.53 25.04
CA GLN C 1120 -5.47 18.75 26.06
C GLN C 1120 -5.92 17.44 26.70
N SER C 1121 -5.70 16.32 26.04
CA SER C 1121 -6.03 15.02 26.61
C SER C 1121 -5.02 14.57 27.67
N LEU C 1122 -3.88 15.26 27.78
CA LEU C 1122 -2.90 14.99 28.82
C LEU C 1122 -3.00 15.98 29.98
N CYS C 1123 -4.14 16.64 30.12
CA CYS C 1123 -4.37 17.63 31.18
C CYS C 1123 -3.37 18.79 31.09
N LEU C 1124 -3.08 19.21 29.87
CA LEU C 1124 -2.28 20.41 29.62
C LEU C 1124 -3.18 21.47 28.98
N ASN C 1125 -3.22 22.64 29.59
CA ASN C 1125 -4.16 23.69 29.18
C ASN C 1125 -3.51 24.58 28.12
N VAL C 1126 -3.41 24.04 26.92
CA VAL C 1126 -2.90 24.80 25.78
C VAL C 1126 -4.02 25.65 25.21
N GLU C 1127 -3.80 26.96 25.15
CA GLU C 1127 -4.77 27.88 24.60
C GLU C 1127 -4.06 28.90 23.73
N VAL C 1128 -4.68 29.25 22.61
CA VAL C 1128 -4.14 30.20 21.65
C VAL C 1128 -4.69 31.59 22.00
N LEU C 1129 -3.79 32.53 22.26
CA LEU C 1129 -4.18 33.87 22.66
C LEU C 1129 -4.06 34.84 21.50
N SER C 1130 -5.03 35.74 21.39
CA SER C 1130 -5.01 36.78 20.37
C SER C 1130 -4.23 37.99 20.89
N SER C 1131 -4.27 39.10 20.15
CA SER C 1131 -3.56 40.29 20.57
C SER C 1131 -4.11 40.85 21.87
N ASP C 1132 -5.44 40.85 22.02
CA ASP C 1132 -6.06 41.37 23.24
C ASP C 1132 -5.71 40.52 24.44
N GLY C 1133 -5.70 39.20 24.28
CA GLY C 1133 -5.41 38.29 25.37
C GLY C 1133 -6.46 37.23 25.56
N ALA C 1134 -7.59 37.37 24.87
CA ALA C 1134 -8.65 36.39 24.94
C ALA C 1134 -8.34 35.19 24.05
N ALA C 1135 -8.75 34.02 24.50
CA ALA C 1135 -8.50 32.79 23.75
C ALA C 1135 -9.30 32.78 22.45
N ILE C 1136 -8.79 32.06 21.46
CA ILE C 1136 -9.42 31.94 20.15
C ILE C 1136 -9.96 30.50 20.04
N GLU C 1137 -11.26 30.38 19.77
CA GLU C 1137 -11.88 29.07 19.64
C GLU C 1137 -11.44 28.39 18.35
N MET C 1138 -11.20 27.09 18.45
CA MET C 1138 -10.79 26.28 17.30
C MET C 1138 -11.94 25.46 16.73
N ARG C 1139 -13.18 25.74 17.13
CA ARG C 1139 -14.35 25.00 16.67
C ARG C 1139 -15.11 25.75 15.59
N ASP C 1140 -14.40 26.47 14.72
CA ASP C 1140 -15.07 27.18 13.63
C ASP C 1140 -15.67 26.20 12.63
N GLY C 1141 -16.86 26.54 12.15
CA GLY C 1141 -17.55 25.70 11.18
C GLY C 1141 -18.98 26.13 10.93
N MET D 1 -8.44 29.40 14.42
CA MET D 1 -9.41 28.94 13.44
C MET D 1 -9.11 29.50 12.05
N LEU D 2 -9.01 30.82 11.96
CA LEU D 2 -8.66 31.50 10.72
C LEU D 2 -7.71 32.64 11.03
N ASP D 3 -7.12 33.21 9.97
CA ASP D 3 -6.23 34.36 10.08
C ASP D 3 -5.04 34.05 11.00
N VAL D 4 -4.20 33.14 10.52
CA VAL D 4 -3.04 32.67 11.28
C VAL D 4 -2.17 33.84 11.74
N ASN D 5 -2.19 34.94 11.00
CA ASN D 5 -1.42 36.13 11.38
C ASN D 5 -1.97 36.80 12.63
N PHE D 6 -3.16 36.42 13.10
CA PHE D 6 -3.73 36.99 14.32
C PHE D 6 -3.37 36.21 15.58
N PHE D 7 -2.55 35.16 15.46
CA PHE D 7 -2.11 34.40 16.63
C PHE D 7 -0.95 35.14 17.28
N ASP D 8 -1.15 35.61 18.50
CA ASP D 8 -0.12 36.34 19.21
C ASP D 8 0.70 35.46 20.15
N GLU D 9 0.05 34.53 20.84
CA GLU D 9 0.73 33.68 21.81
C GLU D 9 0.10 32.29 21.80
N LEU D 10 0.86 31.32 22.33
CA LEU D 10 0.40 29.95 22.51
C LEU D 10 0.78 29.55 23.93
N ARG D 11 -0.12 29.80 24.87
CA ARG D 11 0.17 29.63 26.29
C ARG D 11 -0.22 28.22 26.76
N ILE D 12 0.59 27.67 27.67
CA ILE D 12 0.37 26.35 28.23
C ILE D 12 0.41 26.45 29.74
N GLY D 13 -0.27 25.52 30.41
CA GLY D 13 -0.27 25.50 31.86
C GLY D 13 -1.03 24.31 32.38
N LEU D 14 -0.98 24.16 33.70
CA LEU D 14 -1.70 23.08 34.36
C LEU D 14 -3.21 23.25 34.22
N ALA D 15 -3.91 22.14 34.04
CA ALA D 15 -5.36 22.13 33.91
C ALA D 15 -5.97 21.60 35.20
N THR D 16 -6.86 22.39 35.79
CA THR D 16 -7.56 21.97 37.00
C THR D 16 -8.81 21.17 36.64
N ALA D 17 -9.47 20.64 37.67
CA ALA D 17 -10.66 19.83 37.45
C ALA D 17 -11.78 20.65 36.82
N ASP D 18 -11.90 21.92 37.21
CA ASP D 18 -12.94 22.78 36.66
C ASP D 18 -12.77 22.94 35.15
N ASP D 19 -11.54 23.17 34.70
CA ASP D 19 -11.30 23.29 33.26
C ASP D 19 -11.58 21.97 32.55
N ILE D 20 -11.21 20.84 33.19
CA ILE D 20 -11.42 19.54 32.57
C ILE D 20 -12.90 19.27 32.36
N ARG D 21 -13.74 19.61 33.35
CA ARG D 21 -15.16 19.40 33.18
C ARG D 21 -15.84 20.51 32.38
N ASN D 22 -15.18 21.66 32.19
CA ASN D 22 -15.71 22.66 31.26
C ASN D 22 -15.44 22.29 29.81
N TRP D 23 -14.30 21.63 29.53
CA TRP D 23 -14.03 21.19 28.16
C TRP D 23 -15.05 20.14 27.70
N SER D 24 -15.39 19.20 28.57
CA SER D 24 -16.17 18.04 28.15
C SER D 24 -17.64 18.41 27.94
N TYR D 25 -18.24 17.78 26.94
CA TYR D 25 -19.67 17.92 26.67
C TYR D 25 -20.51 16.85 27.33
N GLY D 26 -19.89 15.91 28.04
CA GLY D 26 -20.64 14.87 28.71
C GLY D 26 -19.68 13.88 29.35
N GLU D 27 -20.25 13.01 30.18
CA GLU D 27 -19.48 12.02 30.93
C GLU D 27 -19.75 10.63 30.36
N VAL D 28 -18.69 9.88 30.09
CA VAL D 28 -18.80 8.51 29.63
C VAL D 28 -18.94 7.60 30.84
N LYS D 29 -19.84 6.62 30.75
CA LYS D 29 -20.18 5.78 31.88
C LYS D 29 -19.95 4.29 31.64
N LYS D 30 -19.88 3.83 30.39
CA LYS D 30 -19.77 2.42 30.11
C LYS D 30 -18.62 2.16 29.17
N PRO D 31 -17.97 0.99 29.29
CA PRO D 31 -16.87 0.62 28.39
C PRO D 31 -17.34 -0.03 27.09
N GLU D 32 -18.34 0.59 26.45
CA GLU D 32 -18.92 0.07 25.23
C GLU D 32 -18.56 0.98 24.06
N THR D 33 -18.28 0.39 22.90
CA THR D 33 -17.89 1.14 21.73
C THR D 33 -18.97 1.13 20.65
N ILE D 34 -19.38 -0.04 20.18
CA ILE D 34 -20.42 -0.17 19.17
C ILE D 34 -21.26 -1.41 19.47
N ASN D 35 -22.49 -1.40 18.96
CA ASN D 35 -23.34 -2.57 19.06
C ASN D 35 -22.81 -3.68 18.17
N TYR D 36 -22.89 -4.91 18.66
CA TYR D 36 -22.31 -6.03 17.92
C TYR D 36 -23.16 -6.44 16.72
N ARG D 37 -24.43 -6.05 16.68
CA ARG D 37 -25.36 -6.49 15.63
C ARG D 37 -25.55 -5.42 14.57
N THR D 38 -25.97 -4.21 14.96
CA THR D 38 -26.25 -3.14 14.01
C THR D 38 -25.03 -2.29 13.70
N LEU D 39 -23.91 -2.49 14.39
CA LEU D 39 -22.69 -1.71 14.18
C LEU D 39 -22.97 -0.21 14.32
N LYS D 40 -23.78 0.14 15.32
CA LYS D 40 -24.13 1.51 15.60
C LYS D 40 -23.59 1.91 16.98
N PRO D 41 -23.07 3.12 17.13
CA PRO D 41 -22.52 3.53 18.43
C PRO D 41 -23.55 3.45 19.54
N GLU D 42 -23.09 3.03 20.71
CA GLU D 42 -23.96 2.82 21.87
C GLU D 42 -24.26 4.15 22.54
N LYS D 43 -24.97 4.10 23.67
CA LYS D 43 -25.32 5.29 24.44
C LYS D 43 -24.47 5.33 25.70
N ASP D 44 -23.90 6.51 25.98
CA ASP D 44 -23.00 6.73 27.11
C ASP D 44 -21.75 5.86 27.04
N GLY D 45 -21.37 5.44 25.83
CA GLY D 45 -20.16 4.67 25.63
C GLY D 45 -18.99 5.55 25.20
N LEU D 46 -17.97 4.90 24.65
CA LEU D 46 -16.80 5.64 24.16
C LEU D 46 -17.06 6.34 22.84
N PHE D 47 -18.14 5.98 22.14
CA PHE D 47 -18.45 6.56 20.84
C PHE D 47 -19.87 7.14 20.80
N CYS D 48 -20.38 7.54 21.96
CA CYS D 48 -21.77 7.99 22.04
C CYS D 48 -22.00 9.22 21.17
N GLU D 49 -23.09 9.21 20.41
CA GLU D 49 -23.41 10.35 19.56
C GLU D 49 -23.96 11.52 20.37
N LYS D 50 -24.65 11.22 21.48
CA LYS D 50 -25.19 12.28 22.32
C LYS D 50 -24.09 13.12 22.95
N ILE D 51 -22.92 12.53 23.19
CA ILE D 51 -21.83 13.21 23.86
C ILE D 51 -20.88 13.89 22.88
N PHE D 52 -20.48 13.18 21.82
CA PHE D 52 -19.46 13.68 20.91
C PHE D 52 -20.01 14.25 19.61
N GLY D 53 -21.14 13.77 19.12
CA GLY D 53 -21.72 14.29 17.90
C GLY D 53 -22.21 13.22 16.95
N PRO D 54 -23.05 13.62 16.00
CA PRO D 54 -23.65 12.64 15.07
C PRO D 54 -22.60 12.03 14.13
N THR D 55 -22.84 10.77 13.80
CA THR D 55 -22.00 10.10 12.80
C THR D 55 -22.34 10.53 11.38
N ARG D 56 -23.62 10.76 11.11
CA ARG D 56 -24.08 11.22 9.81
C ARG D 56 -24.35 12.71 9.85
N ASP D 57 -24.38 13.32 8.66
CA ASP D 57 -24.61 14.75 8.56
C ASP D 57 -26.09 15.06 8.76
N TRP D 58 -26.38 15.96 9.70
CA TRP D 58 -27.73 16.47 9.94
C TRP D 58 -28.72 15.34 10.27
N GLU D 59 -28.25 14.34 11.00
CA GLU D 59 -29.09 13.22 11.41
C GLU D 59 -28.85 12.90 12.87
N CYS D 60 -29.92 12.57 13.59
CA CYS D 60 -29.83 12.18 14.98
C CYS D 60 -29.82 10.66 15.11
N TYR D 61 -29.77 10.19 16.36
CA TYR D 61 -29.64 8.75 16.61
C TYR D 61 -30.90 8.00 16.18
N CYS D 62 -32.07 8.51 16.56
CA CYS D 62 -33.32 7.83 16.24
C CYS D 62 -33.87 8.17 14.86
N GLY D 63 -33.22 9.07 14.13
CA GLY D 63 -33.64 9.41 12.78
C GLY D 63 -34.85 10.31 12.70
N LYS D 64 -35.26 10.93 13.80
CA LYS D 64 -36.44 11.80 13.77
C LYS D 64 -36.20 13.02 12.87
N TYR D 65 -35.01 13.60 12.94
CA TYR D 65 -34.65 14.76 12.14
C TYR D 65 -33.60 14.36 11.13
N LYS D 66 -33.89 14.56 9.84
CA LYS D 66 -32.97 14.23 8.76
C LYS D 66 -32.96 15.33 7.71
N ARG D 67 -33.05 16.58 8.13
CA ARG D 67 -33.10 17.71 7.22
C ARG D 67 -32.14 18.80 7.66
N VAL D 68 -31.61 19.54 6.68
CA VAL D 68 -30.65 20.60 6.97
C VAL D 68 -31.31 21.79 7.67
N ARG D 69 -32.63 21.95 7.54
CA ARG D 69 -33.31 23.08 8.16
C ARG D 69 -33.24 23.03 9.68
N PHE D 70 -33.04 21.85 10.26
CA PHE D 70 -32.92 21.71 11.72
C PHE D 70 -31.46 21.89 12.12
N LYS D 71 -31.05 23.14 12.18
CA LYS D 71 -29.67 23.49 12.52
C LYS D 71 -29.60 23.99 13.96
N GLY D 72 -28.75 23.37 14.76
CA GLY D 72 -28.50 23.80 16.12
C GLY D 72 -29.50 23.35 17.14
N ILE D 73 -30.48 22.53 16.77
CA ILE D 73 -31.47 22.04 17.71
C ILE D 73 -31.05 20.67 18.22
N ILE D 74 -31.63 20.26 19.35
CA ILE D 74 -31.33 18.98 19.98
C ILE D 74 -32.60 18.14 19.98
N CYS D 75 -32.50 16.92 19.46
CA CYS D 75 -33.65 16.02 19.44
C CYS D 75 -34.09 15.72 20.86
N GLU D 76 -35.41 15.78 21.10
CA GLU D 76 -35.94 15.64 22.44
C GLU D 76 -36.07 14.19 22.90
N ARG D 77 -35.83 13.23 22.00
CA ARG D 77 -35.93 11.81 22.35
C ARG D 77 -34.57 11.12 22.52
N CYS D 78 -33.62 11.40 21.61
CA CYS D 78 -32.30 10.79 21.71
C CYS D 78 -31.22 11.74 22.20
N GLY D 79 -31.47 13.05 22.18
CA GLY D 79 -30.53 14.02 22.69
C GLY D 79 -29.40 14.40 21.75
N VAL D 80 -29.38 13.85 20.54
CA VAL D 80 -28.31 14.14 19.59
C VAL D 80 -28.58 15.48 18.94
N GLU D 81 -27.62 16.41 19.05
CA GLU D 81 -27.76 17.70 18.38
C GLU D 81 -27.58 17.52 16.89
N VAL D 82 -28.51 18.09 16.11
CA VAL D 82 -28.50 17.93 14.66
C VAL D 82 -27.53 18.95 14.09
N THR D 83 -26.34 18.49 13.70
CA THR D 83 -25.32 19.36 13.14
C THR D 83 -24.44 18.52 12.21
N ARG D 84 -23.33 19.09 11.78
CA ARG D 84 -22.43 18.39 10.89
C ARG D 84 -21.68 17.28 11.62
N ALA D 85 -21.22 16.29 10.86
CA ALA D 85 -20.51 15.16 11.44
C ALA D 85 -19.02 15.43 11.64
N LYS D 86 -18.53 16.60 11.25
CA LYS D 86 -17.14 16.95 11.48
C LYS D 86 -16.86 17.39 12.91
N VAL D 87 -17.91 17.55 13.74
CA VAL D 87 -17.72 17.93 15.14
C VAL D 87 -17.32 16.75 16.01
N ARG D 88 -17.27 15.54 15.47
CA ARG D 88 -16.83 14.39 16.25
C ARG D 88 -15.33 14.41 16.53
N ARG D 89 -14.57 15.30 15.90
CA ARG D 89 -13.17 15.48 16.22
C ARG D 89 -12.90 16.80 16.94
N GLU D 90 -13.94 17.41 17.51
CA GLU D 90 -13.80 18.67 18.24
C GLU D 90 -14.47 18.67 19.60
N ARG D 91 -15.19 17.61 19.97
CA ARG D 91 -15.86 17.51 21.26
C ARG D 91 -15.18 16.45 22.10
N MET D 92 -15.03 16.72 23.40
CA MET D 92 -14.36 15.83 24.33
C MET D 92 -15.31 15.37 25.43
N GLY D 93 -14.90 14.33 26.13
CA GLY D 93 -15.62 13.85 27.30
C GLY D 93 -14.73 13.78 28.52
N HIS D 94 -15.27 13.37 29.65
CA HIS D 94 -14.48 13.24 30.87
C HIS D 94 -15.00 12.07 31.69
N ILE D 95 -14.13 11.57 32.57
CA ILE D 95 -14.45 10.46 33.45
C ILE D 95 -14.34 10.94 34.89
N GLU D 96 -15.39 10.72 35.67
CA GLU D 96 -15.42 11.13 37.08
C GLU D 96 -14.83 10.01 37.91
N LEU D 97 -13.58 10.17 38.34
CA LEU D 97 -12.93 9.16 39.16
C LEU D 97 -13.55 9.11 40.55
N ALA D 98 -13.71 7.89 41.07
CA ALA D 98 -14.22 7.70 42.42
C ALA D 98 -13.17 7.94 43.49
N ALA D 99 -11.91 8.10 43.10
CA ALA D 99 -10.83 8.41 44.02
C ALA D 99 -9.77 9.17 43.24
N PRO D 100 -9.18 10.22 43.83
CA PRO D 100 -8.18 11.00 43.08
C PRO D 100 -6.98 10.16 42.68
N VAL D 101 -6.40 10.49 41.54
CA VAL D 101 -5.27 9.77 40.98
C VAL D 101 -4.20 10.80 40.59
N THR D 102 -2.96 10.54 41.00
CA THR D 102 -1.86 11.46 40.70
C THR D 102 -1.44 11.34 39.24
N HIS D 103 -0.84 12.41 38.74
CA HIS D 103 -0.39 12.48 37.35
C HIS D 103 1.00 11.85 37.24
N ILE D 104 1.17 10.96 36.26
CA ILE D 104 2.42 10.21 36.15
C ILE D 104 3.57 11.12 35.73
N TRP D 105 3.29 12.19 34.98
CA TRP D 105 4.37 13.06 34.51
C TRP D 105 5.08 13.75 35.66
N TYR D 106 4.33 14.21 36.65
CA TYR D 106 4.88 15.01 37.74
C TYR D 106 5.35 14.20 38.93
N PHE D 107 5.26 12.88 38.87
CA PHE D 107 5.74 12.01 39.95
C PHE D 107 6.91 11.15 39.50
N LYS D 108 6.77 10.39 38.42
CA LYS D 108 7.82 9.50 37.94
C LYS D 108 8.68 10.25 36.92
N GLY D 109 9.42 11.23 37.43
CA GLY D 109 10.30 12.02 36.60
C GLY D 109 11.64 12.21 37.27
N VAL D 110 12.62 12.61 36.46
CA VAL D 110 13.97 12.87 36.92
C VAL D 110 14.29 14.33 36.62
N PRO D 111 14.23 15.21 37.63
CA PRO D 111 13.88 14.96 39.03
C PRO D 111 12.37 14.88 39.27
N SER D 112 11.95 14.37 40.41
CA SER D 112 10.53 14.26 40.72
C SER D 112 10.02 15.60 41.25
N ARG D 113 9.11 16.23 40.51
CA ARG D 113 8.62 17.55 40.91
C ARG D 113 7.82 17.48 42.20
N LEU D 114 7.00 16.45 42.37
CA LEU D 114 6.27 16.27 43.63
C LEU D 114 7.23 16.08 44.79
N GLY D 115 8.30 15.32 44.57
CA GLY D 115 9.29 15.13 45.64
C GLY D 115 9.96 16.42 46.05
N TYR D 116 10.32 17.26 45.07
CA TYR D 116 10.93 18.55 45.41
C TYR D 116 9.94 19.47 46.09
N LEU D 117 8.68 19.47 45.64
CA LEU D 117 7.68 20.35 46.25
C LEU D 117 7.39 19.95 47.69
N LEU D 118 7.21 18.65 47.96
CA LEU D 118 6.83 18.17 49.27
C LEU D 118 8.00 17.71 50.12
N ASP D 119 9.23 17.84 49.63
CA ASP D 119 10.43 17.38 50.34
C ASP D 119 10.32 15.91 50.73
N LEU D 120 9.90 15.08 49.77
CA LEU D 120 9.76 13.64 49.98
C LEU D 120 10.63 12.90 48.98
N ALA D 121 11.29 11.84 49.44
CA ALA D 121 12.12 11.03 48.56
C ALA D 121 11.24 10.30 47.55
N PRO D 122 11.78 10.01 46.36
CA PRO D 122 10.96 9.29 45.36
C PRO D 122 10.45 7.96 45.83
N LYS D 123 11.24 7.21 46.61
CA LYS D 123 10.77 5.95 47.16
C LYS D 123 9.62 6.16 48.13
N ASP D 124 9.70 7.22 48.95
CA ASP D 124 8.61 7.53 49.86
C ASP D 124 7.33 7.86 49.11
N LEU D 125 7.44 8.66 48.03
CA LEU D 125 6.27 8.96 47.22
C LEU D 125 5.69 7.72 46.58
N GLU D 126 6.57 6.84 46.07
CA GLU D 126 6.08 5.60 45.46
C GLU D 126 5.35 4.74 46.47
N LYS D 127 5.87 4.63 47.69
CA LYS D 127 5.19 3.86 48.72
C LYS D 127 3.86 4.50 49.11
N ILE D 128 3.83 5.83 49.21
CA ILE D 128 2.61 6.50 49.68
C ILE D 128 1.51 6.40 48.64
N ILE D 129 1.81 6.68 47.37
CA ILE D 129 0.76 6.76 46.36
C ILE D 129 0.41 5.42 45.75
N TYR D 130 1.14 4.35 46.08
CA TYR D 130 0.81 3.00 45.63
C TYR D 130 0.38 2.10 46.78
N PHE D 131 -0.11 2.69 47.88
CA PHE D 131 -0.71 1.95 48.99
C PHE D 131 0.26 0.93 49.58
N ALA D 132 1.36 1.44 50.13
CA ALA D 132 2.36 0.61 50.79
C ALA D 132 2.75 1.10 52.18
N ALA D 133 2.48 2.34 52.53
CA ALA D 133 2.82 2.87 53.84
C ALA D 133 1.95 4.08 54.14
N TYR D 134 1.61 4.24 55.41
CA TYR D 134 0.80 5.38 55.84
C TYR D 134 1.67 6.62 55.99
N VAL D 135 1.06 7.78 55.79
CA VAL D 135 1.74 9.07 55.95
C VAL D 135 0.87 9.96 56.84
N ILE D 136 1.49 10.56 57.85
CA ILE D 136 0.79 11.41 58.80
C ILE D 136 0.56 12.77 58.14
N THR D 137 -0.70 13.08 57.82
CA THR D 137 -1.01 14.36 57.21
C THR D 137 -0.81 15.51 58.19
N SER D 138 -1.28 15.36 59.43
CA SER D 138 -1.15 16.40 60.44
C SER D 138 -1.23 15.77 61.82
N VAL D 139 -0.72 16.49 62.80
CA VAL D 139 -0.73 16.04 64.20
C VAL D 139 -1.09 17.23 65.08
N ASP D 140 -1.91 16.98 66.10
CA ASP D 140 -2.34 18.01 67.04
C ASP D 140 -1.29 18.08 68.15
N ASP D 141 -0.31 18.98 67.96
CA ASP D 141 0.79 19.08 68.91
C ASP D 141 0.31 19.57 70.27
N GLU D 142 -0.59 20.55 70.29
CA GLU D 142 -1.04 21.14 71.55
C GLU D 142 -1.78 20.10 72.40
N MET D 143 -2.69 19.34 71.78
CA MET D 143 -3.42 18.32 72.52
C MET D 143 -2.51 17.23 73.03
N ARG D 144 -1.52 16.83 72.23
CA ARG D 144 -0.56 15.82 72.67
C ARG D 144 0.26 16.33 73.85
N HIS D 145 0.69 17.59 73.80
CA HIS D 145 1.51 18.13 74.87
C HIS D 145 0.70 18.31 76.16
N ASN D 146 -0.56 18.72 76.05
CA ASN D 146 -1.37 18.93 77.25
C ASN D 146 -1.61 17.61 78.00
N GLU D 147 -1.86 16.52 77.27
CA GLU D 147 -2.20 15.24 77.87
C GLU D 147 -1.03 14.26 77.83
N LEU D 148 0.19 14.76 77.66
CA LEU D 148 1.35 13.87 77.56
C LEU D 148 1.58 13.12 78.88
N SER D 149 1.45 13.82 80.01
CA SER D 149 1.71 13.19 81.30
C SER D 149 0.72 12.06 81.58
N THR D 150 -0.56 12.29 81.29
CA THR D 150 -1.56 11.25 81.52
C THR D 150 -1.32 10.04 80.64
N LEU D 151 -0.96 10.25 79.38
CA LEU D 151 -0.67 9.14 78.48
C LEU D 151 0.56 8.37 78.95
N GLU D 152 1.59 9.07 79.41
CA GLU D 152 2.77 8.39 79.94
C GLU D 152 2.42 7.59 81.19
N ALA D 153 1.57 8.13 82.06
CA ALA D 153 1.16 7.40 83.25
C ALA D 153 0.37 6.14 82.87
N GLU D 154 -0.51 6.24 81.88
CA GLU D 154 -1.26 5.07 81.43
C GLU D 154 -0.33 4.03 80.82
N MET D 155 0.68 4.47 80.07
CA MET D 155 1.66 3.54 79.51
C MET D 155 2.43 2.84 80.63
N ALA D 156 2.81 3.59 81.66
CA ALA D 156 3.50 2.99 82.81
C ALA D 156 2.60 1.98 83.52
N VAL D 157 1.31 2.29 83.64
CA VAL D 157 0.37 1.35 84.25
C VAL D 157 0.27 0.08 83.42
N GLU D 158 0.22 0.22 82.09
CA GLU D 158 0.17 -0.96 81.22
C GLU D 158 1.43 -1.80 81.37
N LYS D 159 2.59 -1.15 81.43
CA LYS D 159 3.84 -1.89 81.61
C LYS D 159 3.87 -2.60 82.97
N LYS D 160 3.37 -1.94 84.01
CA LYS D 160 3.29 -2.58 85.32
C LYS D 160 2.36 -3.79 85.27
N ALA D 161 1.23 -3.68 84.57
CA ALA D 161 0.30 -4.79 84.45
C ALA D 161 0.94 -5.96 83.71
N VAL D 162 1.66 -5.69 82.62
CA VAL D 162 2.29 -6.80 81.89
C VAL D 162 3.41 -7.41 82.72
N GLU D 163 4.13 -6.60 83.51
CA GLU D 163 5.13 -7.15 84.41
C GLU D 163 4.50 -8.03 85.48
N ASP D 164 3.34 -7.63 86.00
CA ASP D 164 2.62 -8.46 86.98
C ASP D 164 2.17 -9.77 86.35
N GLN D 165 1.70 -9.72 85.10
CA GLN D 165 1.33 -10.94 84.41
C GLN D 165 2.53 -11.86 84.21
N ARG D 166 3.68 -11.28 83.86
CA ARG D 166 4.90 -12.07 83.73
C ARG D 166 5.29 -12.70 85.06
N ASP D 167 5.16 -11.94 86.15
CA ASP D 167 5.46 -12.49 87.47
C ASP D 167 4.51 -13.62 87.84
N ALA D 168 3.23 -13.48 87.49
CA ALA D 168 2.27 -14.55 87.74
C ALA D 168 2.63 -15.81 86.95
N ASP D 169 3.02 -15.64 85.68
CA ASP D 169 3.45 -16.78 84.89
C ASP D 169 4.70 -17.42 85.49
N LEU D 170 5.64 -16.60 85.95
CA LEU D 170 6.86 -17.12 86.56
C LEU D 170 6.56 -17.90 87.83
N GLU D 171 5.64 -17.40 88.67
CA GLU D 171 5.31 -18.11 89.89
C GLU D 171 4.51 -19.39 89.60
N ALA D 172 3.71 -19.38 88.54
CA ALA D 172 3.05 -20.62 88.11
C ALA D 172 4.07 -21.66 87.68
N ARG D 173 5.08 -21.23 86.90
CA ARG D 173 6.16 -22.14 86.53
C ARG D 173 6.91 -22.63 87.76
N ALA D 174 7.16 -21.74 88.72
CA ALA D 174 7.86 -22.13 89.94
C ALA D 174 7.07 -23.16 90.74
N GLN D 175 5.76 -22.98 90.86
CA GLN D 175 4.96 -23.94 91.61
C GLN D 175 4.83 -25.27 90.86
N LYS D 176 4.78 -25.23 89.52
CA LYS D 176 4.82 -26.48 88.77
C LYS D 176 6.14 -27.21 88.98
N LEU D 177 7.25 -26.46 89.00
CA LEU D 177 8.55 -27.07 89.27
C LEU D 177 8.61 -27.65 90.67
N GLU D 178 8.01 -26.96 91.65
CA GLU D 178 7.97 -27.48 93.02
C GLU D 178 7.16 -28.77 93.09
N ALA D 179 6.02 -28.81 92.37
CA ALA D 179 5.24 -30.04 92.32
C ALA D 179 6.02 -31.17 91.67
N ASP D 180 6.76 -30.87 90.60
CA ASP D 180 7.59 -31.89 89.96
C ASP D 180 8.67 -32.39 90.91
N LEU D 181 9.29 -31.49 91.67
CA LEU D 181 10.30 -31.89 92.64
C LEU D 181 9.70 -32.76 93.74
N ALA D 182 8.49 -32.41 94.21
CA ALA D 182 7.82 -33.23 95.21
C ALA D 182 7.51 -34.62 94.65
N GLU D 183 7.08 -34.69 93.40
CA GLU D 183 6.83 -35.99 92.77
C GLU D 183 8.12 -36.80 92.67
N LEU D 184 9.22 -36.16 92.26
CA LEU D 184 10.50 -36.85 92.19
C LEU D 184 10.99 -37.31 93.55
N GLU D 185 10.63 -36.58 94.61
CA GLU D 185 10.94 -37.04 95.95
C GLU D 185 10.03 -38.18 96.39
N ALA D 186 8.81 -38.25 95.83
CA ALA D 186 7.89 -39.30 96.20
C ALA D 186 8.38 -40.68 95.75
N GLU D 187 8.79 -40.80 94.49
CA GLU D 187 9.32 -42.04 93.96
C GLU D 187 10.67 -41.79 93.30
N GLY D 188 11.57 -42.77 93.40
CA GLY D 188 12.91 -42.58 92.88
C GLY D 188 12.94 -42.45 91.37
N ALA D 189 13.93 -41.71 90.89
CA ALA D 189 14.09 -41.49 89.45
C ALA D 189 15.56 -41.28 89.15
N LYS D 190 15.93 -41.51 87.90
CA LYS D 190 17.30 -41.32 87.46
C LYS D 190 17.65 -39.83 87.36
N SER D 191 18.95 -39.55 87.36
CA SER D 191 19.41 -38.17 87.31
C SER D 191 19.26 -37.56 85.92
N ASP D 192 19.30 -38.39 84.87
CA ASP D 192 19.23 -37.88 83.51
C ASP D 192 17.88 -37.21 83.23
N VAL D 193 16.79 -37.84 83.66
CA VAL D 193 15.47 -37.25 83.45
C VAL D 193 15.31 -35.99 84.28
N ARG D 194 15.90 -35.97 85.48
CA ARG D 194 15.87 -34.76 86.29
C ARG D 194 16.59 -33.60 85.60
N ARG D 195 17.76 -33.88 85.03
CA ARG D 195 18.48 -32.85 84.28
C ARG D 195 17.68 -32.40 83.06
N LYS D 196 17.03 -33.35 82.39
CA LYS D 196 16.24 -33.01 81.21
C LYS D 196 15.09 -32.08 81.57
N VAL D 197 14.35 -32.40 82.64
CA VAL D 197 13.24 -31.54 83.03
C VAL D 197 13.75 -30.21 83.56
N ARG D 198 14.93 -30.20 84.22
CA ARG D 198 15.50 -28.94 84.67
C ARG D 198 15.83 -28.02 83.50
N ASP D 199 16.48 -28.56 82.46
CA ASP D 199 16.82 -27.72 81.33
C ASP D 199 15.57 -27.33 80.54
N SER D 200 14.55 -28.20 80.50
CA SER D 200 13.29 -27.83 79.86
C SER D 200 12.64 -26.66 80.58
N GLY D 201 12.62 -26.70 81.92
CA GLY D 201 12.07 -25.58 82.67
C GLY D 201 12.88 -24.31 82.50
N GLU D 202 14.21 -24.44 82.45
CA GLU D 202 15.06 -23.28 82.20
C GLU D 202 14.76 -22.67 80.83
N ARG D 203 14.62 -23.51 79.81
CA ARG D 203 14.29 -23.01 78.48
C ARG D 203 12.93 -22.34 78.46
N GLU D 204 11.95 -22.93 79.17
CA GLU D 204 10.62 -22.32 79.21
C GLU D 204 10.65 -20.95 79.89
N MET D 205 11.35 -20.85 81.02
CA MET D 205 11.42 -19.57 81.71
C MET D 205 12.21 -18.54 80.92
N ARG D 206 13.25 -18.96 80.19
CA ARG D 206 13.97 -18.04 79.32
C ARG D 206 13.08 -17.57 78.17
N GLN D 207 12.26 -18.47 77.62
CA GLN D 207 11.31 -18.07 76.58
C GLN D 207 10.32 -17.05 77.11
N LEU D 208 9.79 -17.28 78.32
CA LEU D 208 8.88 -16.30 78.91
C LEU D 208 9.58 -14.97 79.14
N ARG D 209 10.82 -14.99 79.62
CA ARG D 209 11.55 -13.76 79.86
C ARG D 209 11.80 -12.98 78.57
N ASP D 210 12.18 -13.68 77.49
CA ASP D 210 12.44 -12.96 76.25
C ASP D 210 11.14 -12.49 75.61
N ARG D 211 10.03 -13.23 75.80
CA ARG D 211 8.74 -12.73 75.34
C ARG D 211 8.35 -11.45 76.07
N ALA D 212 8.57 -11.41 77.39
CA ALA D 212 8.30 -10.19 78.14
C ALA D 212 9.20 -9.05 77.68
N GLN D 213 10.47 -9.35 77.40
CA GLN D 213 11.39 -8.32 76.91
C GLN D 213 10.94 -7.79 75.56
N ARG D 214 10.48 -8.67 74.66
CA ARG D 214 9.97 -8.24 73.37
C ARG D 214 8.73 -7.38 73.53
N GLU D 215 7.84 -7.74 74.45
CA GLU D 215 6.66 -6.93 74.71
C GLU D 215 7.05 -5.54 75.22
N LEU D 216 8.02 -5.48 76.13
CA LEU D 216 8.48 -4.19 76.63
C LEU D 216 9.12 -3.36 75.53
N ASP D 217 9.90 -4.00 74.66
CA ASP D 217 10.52 -3.28 73.55
C ASP D 217 9.47 -2.76 72.59
N ARG D 218 8.43 -3.56 72.31
CA ARG D 218 7.34 -3.10 71.46
C ARG D 218 6.62 -1.90 72.05
N LEU D 219 6.35 -1.94 73.36
CA LEU D 219 5.71 -0.81 74.02
C LEU D 219 6.59 0.44 73.96
N ASP D 220 7.90 0.27 74.19
CA ASP D 220 8.82 1.40 74.11
C ASP D 220 8.87 1.98 72.71
N GLU D 221 8.89 1.12 71.68
CA GLU D 221 8.90 1.60 70.31
C GLU D 221 7.62 2.35 69.98
N ILE D 222 6.47 1.84 70.43
CA ILE D 222 5.21 2.53 70.19
C ILE D 222 5.21 3.90 70.86
N TRP D 223 5.67 3.97 72.10
CA TRP D 223 5.71 5.25 72.80
C TRP D 223 6.66 6.23 72.13
N ASN D 224 7.84 5.75 71.69
CA ASN D 224 8.78 6.62 71.01
C ASN D 224 8.21 7.13 69.69
N THR D 225 7.52 6.26 68.95
CA THR D 225 6.89 6.69 67.70
C THR D 225 5.83 7.75 67.96
N PHE D 226 5.01 7.55 69.00
CA PHE D 226 3.99 8.53 69.31
C PHE D 226 4.58 9.87 69.73
N THR D 227 5.65 9.84 70.55
CA THR D 227 6.27 11.09 70.98
C THR D 227 6.93 11.82 69.82
N LYS D 228 7.59 11.10 68.92
CA LYS D 228 8.26 11.69 67.78
C LYS D 228 7.36 11.81 66.55
N LEU D 229 6.04 11.81 66.76
CA LEU D 229 5.11 11.91 65.65
C LEU D 229 5.14 13.31 65.04
N ALA D 230 5.17 13.37 63.72
CA ALA D 230 5.26 14.63 63.00
C ALA D 230 4.70 14.43 61.60
N PRO D 231 4.23 15.50 60.95
CA PRO D 231 3.74 15.35 59.57
C PRO D 231 4.84 14.95 58.61
N LYS D 232 4.41 14.35 57.49
CA LYS D 232 5.32 13.85 56.46
C LYS D 232 6.26 12.78 57.00
N GLN D 233 5.72 11.87 57.81
CA GLN D 233 6.46 10.73 58.33
C GLN D 233 5.75 9.45 57.92
N LEU D 234 6.51 8.48 57.42
CA LEU D 234 5.95 7.23 56.92
C LEU D 234 5.97 6.18 58.02
N ILE D 235 4.82 5.57 58.27
CA ILE D 235 4.69 4.45 59.21
C ILE D 235 4.55 3.20 58.35
N VAL D 236 5.69 2.56 58.06
CA VAL D 236 5.68 1.45 57.12
C VAL D 236 5.09 0.19 57.72
N ASP D 237 4.96 0.10 59.05
CA ASP D 237 4.42 -1.08 59.71
C ASP D 237 2.92 -0.90 59.88
N GLU D 238 2.14 -1.81 59.29
CA GLU D 238 0.69 -1.69 59.36
C GLU D 238 0.16 -1.90 60.78
N VAL D 239 0.72 -2.89 61.49
CA VAL D 239 0.25 -3.18 62.84
C VAL D 239 0.57 -2.02 63.78
N LEU D 240 1.72 -1.36 63.57
CA LEU D 240 2.06 -0.20 64.39
C LEU D 240 1.05 0.92 64.19
N TYR D 241 0.67 1.19 62.94
CA TYR D 241 -0.30 2.24 62.68
C TYR D 241 -1.68 1.86 63.22
N ARG D 242 -2.04 0.58 63.12
CA ARG D 242 -3.32 0.14 63.69
C ARG D 242 -3.33 0.34 65.20
N GLU D 243 -2.23 -0.01 65.88
CA GLU D 243 -2.15 0.20 67.32
C GLU D 243 -2.21 1.67 67.68
N LEU D 244 -1.53 2.52 66.90
CA LEU D 244 -1.57 3.96 67.16
C LEU D 244 -2.98 4.51 66.99
N GLN D 245 -3.68 4.07 65.94
CA GLN D 245 -5.06 4.52 65.73
C GLN D 245 -5.98 4.03 66.85
N ASP D 246 -5.80 2.79 67.29
CA ASP D 246 -6.66 2.25 68.35
C ASP D 246 -6.43 2.98 69.68
N ARG D 247 -5.17 3.23 70.03
CA ARG D 247 -4.87 3.88 71.32
C ARG D 247 -4.98 5.40 71.21
N TYR D 248 -4.10 6.01 70.45
CA TYR D 248 -4.08 7.47 70.30
C TYR D 248 -4.87 7.90 69.06
N GLY D 249 -6.17 7.64 69.09
CA GLY D 249 -7.00 7.94 67.94
C GLY D 249 -7.17 9.43 67.70
N GLU D 250 -7.49 10.17 68.76
CA GLU D 250 -7.78 11.60 68.63
C GLU D 250 -6.54 12.44 68.86
N TYR D 251 -5.48 12.15 68.12
CA TYR D 251 -4.25 12.93 68.19
C TYR D 251 -3.58 13.15 66.84
N PHE D 252 -3.95 12.41 65.81
CA PHE D 252 -3.37 12.59 64.49
C PHE D 252 -4.33 12.01 63.45
N THR D 253 -4.08 12.36 62.19
CA THR D 253 -4.89 11.87 61.07
C THR D 253 -3.95 11.53 59.92
N GLY D 254 -3.74 10.24 59.68
CA GLY D 254 -2.88 9.79 58.60
C GLY D 254 -3.68 9.00 57.58
N ALA D 255 -3.33 9.17 56.31
CA ALA D 255 -4.04 8.48 55.23
C ALA D 255 -3.07 7.70 54.36
N MET D 256 -3.56 7.16 53.24
CA MET D 256 -2.74 6.37 52.34
C MET D 256 -3.29 6.52 50.93
N GLY D 257 -2.41 6.86 50.00
CA GLY D 257 -2.78 7.04 48.61
C GLY D 257 -2.71 8.48 48.17
N ALA D 258 -3.43 8.78 47.08
CA ALA D 258 -3.43 10.12 46.53
C ALA D 258 -4.20 11.12 47.36
N GLU D 259 -5.12 10.66 48.22
CA GLU D 259 -5.85 11.58 49.09
C GLU D 259 -4.90 12.24 50.08
N SER D 260 -3.95 11.48 50.63
CA SER D 260 -2.98 12.05 51.56
C SER D 260 -2.09 13.07 50.87
N ILE D 261 -1.66 12.78 49.63
CA ILE D 261 -0.86 13.74 48.88
C ILE D 261 -1.66 15.01 48.60
N LYS D 262 -2.94 14.86 48.25
CA LYS D 262 -3.79 16.02 48.02
C LYS D 262 -3.93 16.86 49.28
N LYS D 263 -4.11 16.20 50.43
CA LYS D 263 -4.22 16.95 51.68
C LYS D 263 -2.91 17.66 52.04
N LEU D 264 -1.78 17.00 51.80
CA LEU D 264 -0.50 17.64 52.06
C LEU D 264 -0.29 18.85 51.16
N ILE D 265 -0.69 18.75 49.89
CA ILE D 265 -0.57 19.90 48.98
C ILE D 265 -1.51 21.01 49.43
N GLU D 266 -2.70 20.66 49.91
CA GLU D 266 -3.62 21.68 50.44
C GLU D 266 -3.02 22.40 51.64
N ASN D 267 -2.37 21.65 52.55
CA ASN D 267 -1.78 22.26 53.73
C ASN D 267 -0.42 22.89 53.46
N PHE D 268 0.12 22.76 52.25
CA PHE D 268 1.42 23.31 51.94
C PHE D 268 1.37 24.84 51.91
N ASP D 269 2.41 25.46 52.45
CA ASP D 269 2.53 26.92 52.52
C ASP D 269 3.68 27.33 51.60
N ILE D 270 3.34 27.90 50.45
CA ILE D 270 4.36 28.23 49.45
C ILE D 270 5.24 29.36 49.93
N ASP D 271 4.67 30.40 50.54
CA ASP D 271 5.46 31.56 50.94
C ASP D 271 6.50 31.21 52.00
N ALA D 272 6.08 30.46 53.02
CA ALA D 272 7.02 30.08 54.08
C ALA D 272 8.12 29.18 53.55
N GLU D 273 7.76 28.23 52.69
CA GLU D 273 8.76 27.35 52.10
C GLU D 273 9.76 28.12 51.25
N ALA D 274 9.27 29.07 50.44
CA ALA D 274 10.16 29.88 49.62
C ALA D 274 11.09 30.72 50.49
N GLU D 275 10.56 31.32 51.56
CA GLU D 275 11.40 32.11 52.44
C GLU D 275 12.46 31.25 53.12
N SER D 276 12.09 30.06 53.58
CA SER D 276 13.05 29.17 54.20
C SER D 276 14.13 28.75 53.21
N LEU D 277 13.74 28.45 51.97
CA LEU D 277 14.72 28.08 50.95
C LEU D 277 15.68 29.23 50.65
N ARG D 278 15.15 30.45 50.58
CA ARG D 278 16.01 31.61 50.34
C ARG D 278 16.98 31.82 51.50
N GLU D 279 16.51 31.67 52.73
CA GLU D 279 17.40 31.78 53.89
C GLU D 279 18.48 30.72 53.85
N VAL D 280 18.12 29.49 53.52
CA VAL D 280 19.12 28.42 53.46
C VAL D 280 20.14 28.69 52.37
N ILE D 281 19.68 29.13 51.18
CA ILE D 281 20.61 29.34 50.08
C ILE D 281 21.52 30.54 50.35
N ARG D 282 21.04 31.54 51.07
CA ARG D 282 21.88 32.70 51.38
C ARG D 282 22.71 32.52 52.64
N SER D 283 22.45 31.49 53.44
CA SER D 283 23.20 31.26 54.67
C SER D 283 24.01 29.97 54.63
N GLY D 284 23.37 28.84 54.31
CA GLY D 284 24.04 27.56 54.36
C GLY D 284 25.00 27.35 53.21
N LYS D 285 25.72 26.23 53.29
CA LYS D 285 26.69 25.86 52.27
C LYS D 285 26.91 24.36 52.30
N GLY D 286 27.47 23.83 51.22
CA GLY D 286 27.77 22.42 51.12
C GLY D 286 26.84 21.67 50.19
N GLN D 287 26.64 20.38 50.45
CA GLN D 287 25.74 19.58 49.61
C GLN D 287 24.30 20.04 49.73
N LYS D 288 23.94 20.67 50.84
CA LYS D 288 22.57 21.17 51.01
C LYS D 288 22.28 22.32 50.05
N LYS D 289 23.32 23.01 49.58
CA LYS D 289 23.11 24.17 48.71
C LYS D 289 22.46 23.78 47.39
N LEU D 290 22.90 22.66 46.80
CA LEU D 290 22.33 22.24 45.53
C LEU D 290 20.86 21.86 45.67
N ARG D 291 20.52 21.12 46.73
CA ARG D 291 19.13 20.75 46.96
C ARG D 291 18.28 21.98 47.22
N ALA D 292 18.82 22.94 47.97
CA ALA D 292 18.10 24.20 48.19
C ALA D 292 17.88 24.94 46.88
N LEU D 293 18.89 24.95 46.00
CA LEU D 293 18.74 25.57 44.70
C LEU D 293 17.61 24.94 43.90
N LYS D 294 17.61 23.61 43.83
CA LYS D 294 16.59 22.91 43.03
C LYS D 294 15.20 23.12 43.60
N ARG D 295 15.05 23.00 44.92
CA ARG D 295 13.74 23.18 45.53
C ARG D 295 13.27 24.63 45.39
N LEU D 296 14.17 25.60 45.50
CA LEU D 296 13.82 26.99 45.27
C LEU D 296 13.36 27.20 43.82
N LYS D 297 14.03 26.56 42.88
CA LYS D 297 13.62 26.66 41.49
C LYS D 297 12.20 26.16 41.31
N VAL D 298 11.89 24.98 41.85
CA VAL D 298 10.55 24.40 41.68
C VAL D 298 9.50 25.27 42.37
N VAL D 299 9.78 25.71 43.60
CA VAL D 299 8.80 26.49 44.36
C VAL D 299 8.57 27.85 43.71
N ALA D 300 9.64 28.49 43.21
CA ALA D 300 9.48 29.75 42.50
C ALA D 300 8.69 29.55 41.22
N ALA D 301 8.89 28.43 40.53
CA ALA D 301 8.10 28.14 39.34
C ALA D 301 6.62 28.03 39.69
N PHE D 302 6.31 27.38 40.82
CA PHE D 302 4.92 27.24 41.24
C PHE D 302 4.35 28.52 41.85
N GLN D 303 5.19 29.45 42.28
CA GLN D 303 4.73 30.66 42.96
C GLN D 303 4.59 31.86 42.03
N GLN D 304 5.55 32.10 41.14
CA GLN D 304 5.49 33.27 40.27
C GLN D 304 4.27 33.24 39.37
N SER D 305 3.97 32.08 38.79
CA SER D 305 2.80 31.96 37.93
C SER D 305 1.52 31.96 38.78
N GLY D 306 0.39 32.16 38.10
CA GLY D 306 -0.89 32.20 38.75
C GLY D 306 -1.53 30.86 39.04
N ASN D 307 -0.87 29.76 38.68
CA ASN D 307 -1.42 28.44 38.90
C ASN D 307 -1.21 28.00 40.34
N SER D 308 -1.76 26.84 40.68
CA SER D 308 -1.67 26.27 42.01
C SER D 308 -1.20 24.83 41.92
N PRO D 309 -0.55 24.32 42.98
CA PRO D 309 -0.05 22.93 42.93
C PRO D 309 -1.14 21.88 42.97
N MET D 310 -2.42 22.25 43.05
CA MET D 310 -3.51 21.28 43.07
C MET D 310 -3.72 20.60 41.74
N GLY D 311 -3.08 21.06 40.67
CA GLY D 311 -3.25 20.45 39.37
C GLY D 311 -2.50 19.14 39.18
N MET D 312 -1.67 18.75 40.13
CA MET D 312 -0.94 17.49 40.04
C MET D 312 -1.78 16.30 40.46
N VAL D 313 -2.92 16.51 41.08
CA VAL D 313 -3.83 15.44 41.51
C VAL D 313 -5.11 15.56 40.71
N LEU D 314 -5.49 14.48 40.03
CA LEU D 314 -6.60 14.50 39.08
C LEU D 314 -7.88 14.00 39.73
N ASP D 315 -8.99 14.67 39.40
CA ASP D 315 -10.32 14.19 39.74
C ASP D 315 -11.15 13.79 38.52
N ALA D 316 -10.85 14.36 37.35
CA ALA D 316 -11.52 14.01 36.11
C ALA D 316 -10.48 13.81 35.02
N VAL D 317 -10.65 12.74 34.25
CA VAL D 317 -9.73 12.37 33.18
C VAL D 317 -10.39 12.71 31.84
N PRO D 318 -9.85 13.63 31.06
CA PRO D 318 -10.48 13.97 29.78
C PRO D 318 -10.38 12.83 28.78
N VAL D 319 -11.30 12.83 27.82
CA VAL D 319 -11.42 11.80 26.81
C VAL D 319 -11.20 12.42 25.44
N ILE D 320 -10.32 11.82 24.64
CA ILE D 320 -9.99 12.31 23.31
C ILE D 320 -11.21 12.11 22.40
N PRO D 321 -11.42 12.96 21.39
CA PRO D 321 -12.59 12.81 20.54
C PRO D 321 -12.52 11.53 19.74
N PRO D 322 -13.68 10.96 19.37
CA PRO D 322 -13.67 9.65 18.70
C PRO D 322 -12.91 9.61 17.39
N GLU D 323 -12.91 10.70 16.62
CA GLU D 323 -12.27 10.66 15.31
C GLU D 323 -10.75 10.51 15.41
N LEU D 324 -10.16 10.86 16.54
CA LEU D 324 -8.72 10.68 16.73
C LEU D 324 -8.36 9.27 17.18
N ARG D 325 -9.35 8.45 17.53
CA ARG D 325 -9.16 7.04 17.83
C ARG D 325 -10.21 6.23 17.08
N PRO D 326 -10.11 6.18 15.75
CA PRO D 326 -11.22 5.66 14.95
C PRO D 326 -11.44 4.17 15.15
N MET D 327 -12.69 3.76 14.96
CA MET D 327 -13.08 2.34 14.92
C MET D 327 -13.59 2.09 13.49
N VAL D 328 -12.69 1.70 12.61
CA VAL D 328 -13.01 1.53 11.20
C VAL D 328 -13.15 0.05 10.90
N GLN D 329 -13.84 -0.25 9.80
CA GLN D 329 -14.04 -1.61 9.33
C GLN D 329 -13.23 -1.80 8.06
N LEU D 330 -12.15 -2.59 8.17
CA LEU D 330 -11.34 -2.90 7.01
C LEU D 330 -12.12 -3.79 6.04
N ASP D 331 -11.64 -3.84 4.80
CA ASP D 331 -12.27 -4.70 3.80
C ASP D 331 -12.20 -6.15 4.26
N GLY D 332 -13.34 -6.84 4.18
CA GLY D 332 -13.45 -8.19 4.69
C GLY D 332 -14.18 -8.31 6.01
N GLY D 333 -14.70 -7.22 6.56
CA GLY D 333 -15.47 -7.25 7.78
C GLY D 333 -14.67 -7.11 9.06
N ARG D 334 -13.34 -7.09 8.98
CA ARG D 334 -12.52 -6.97 10.17
C ARG D 334 -12.46 -5.53 10.64
N PHE D 335 -12.52 -5.34 11.95
CA PHE D 335 -12.48 -4.02 12.56
C PHE D 335 -11.07 -3.69 13.05
N ALA D 336 -10.85 -2.41 13.34
CA ALA D 336 -9.56 -1.93 13.80
C ALA D 336 -9.75 -0.88 14.89
N THR D 337 -8.93 -0.97 15.94
CA THR D 337 -8.93 -0.02 17.03
C THR D 337 -7.60 0.73 17.05
N SER D 338 -7.57 1.84 17.79
CA SER D 338 -6.41 2.71 17.85
C SER D 338 -5.56 2.50 19.10
N ASP D 339 -5.79 1.42 19.84
CA ASP D 339 -5.07 1.03 21.04
C ASP D 339 -5.31 1.95 22.24
N LEU D 340 -6.08 3.02 22.07
CA LEU D 340 -6.50 3.84 23.21
C LEU D 340 -7.82 3.36 23.78
N ASN D 341 -8.68 2.75 22.96
CA ASN D 341 -9.98 2.28 23.44
C ASN D 341 -9.80 1.23 24.52
N ASP D 342 -8.80 0.36 24.39
CA ASP D 342 -8.55 -0.64 25.42
C ASP D 342 -8.19 0.02 26.76
N LEU D 343 -7.32 1.03 26.72
CA LEU D 343 -6.94 1.72 27.95
C LEU D 343 -8.12 2.44 28.58
N TYR D 344 -8.93 3.12 27.77
CA TYR D 344 -10.12 3.79 28.30
C TYR D 344 -11.10 2.79 28.90
N ARG D 345 -11.28 1.64 28.23
CA ARG D 345 -12.17 0.61 28.75
C ARG D 345 -11.66 0.07 30.08
N ARG D 346 -10.35 -0.16 30.20
CA ARG D 346 -9.80 -0.64 31.46
C ARG D 346 -10.02 0.37 32.58
N VAL D 347 -9.78 1.65 32.29
CA VAL D 347 -9.96 2.68 33.32
C VAL D 347 -11.42 2.75 33.75
N ILE D 348 -12.34 2.72 32.79
CA ILE D 348 -13.75 2.82 33.12
C ILE D 348 -14.22 1.60 33.90
N ASN D 349 -13.77 0.41 33.50
CA ASN D 349 -14.14 -0.80 34.23
C ASN D 349 -13.66 -0.76 35.67
N ARG D 350 -12.40 -0.34 35.87
CA ARG D 350 -11.87 -0.30 37.23
C ARG D 350 -12.57 0.77 38.07
N ASN D 351 -12.90 1.91 37.46
CA ASN D 351 -13.64 2.94 38.18
C ASN D 351 -15.02 2.45 38.60
N ASN D 352 -15.73 1.78 37.69
CA ASN D 352 -17.06 1.26 38.02
C ASN D 352 -16.98 0.19 39.11
N ARG D 353 -15.97 -0.67 39.04
CA ARG D 353 -15.80 -1.69 40.08
C ARG D 353 -15.49 -1.05 41.43
N LEU D 354 -14.69 0.04 41.42
CA LEU D 354 -14.44 0.76 42.66
C LEU D 354 -15.72 1.36 43.22
N LYS D 355 -16.56 1.92 42.35
CA LYS D 355 -17.84 2.46 42.81
C LYS D 355 -18.68 1.37 43.45
N ARG D 356 -18.76 0.19 42.80
CA ARG D 356 -19.55 -0.90 43.36
C ARG D 356 -18.99 -1.38 44.68
N LEU D 357 -17.67 -1.49 44.79
CA LEU D 357 -17.05 -1.93 46.04
C LEU D 357 -17.31 -0.95 47.17
N ILE D 358 -17.23 0.35 46.88
CA ILE D 358 -17.53 1.35 47.91
C ILE D 358 -19.00 1.27 48.30
N ASP D 359 -19.89 1.07 47.33
CA ASP D 359 -21.32 1.00 47.64
C ASP D 359 -21.63 -0.21 48.52
N LEU D 360 -21.05 -1.38 48.21
CA LEU D 360 -21.34 -2.58 48.97
C LEU D 360 -20.82 -2.47 50.40
N GLY D 361 -19.63 -1.91 50.59
CA GLY D 361 -19.02 -1.85 51.90
C GLY D 361 -17.94 -2.88 52.08
N ALA D 362 -17.09 -3.04 51.07
CA ALA D 362 -16.02 -4.03 51.11
C ALA D 362 -14.98 -3.63 52.15
N PRO D 363 -14.23 -4.61 52.67
CA PRO D 363 -13.18 -4.28 53.65
C PRO D 363 -12.10 -3.40 53.04
N GLU D 364 -11.21 -2.92 53.91
CA GLU D 364 -10.21 -1.95 53.49
C GLU D 364 -9.22 -2.54 52.49
N ILE D 365 -8.89 -3.83 52.62
CA ILE D 365 -7.89 -4.43 51.74
C ILE D 365 -8.36 -4.40 50.30
N ILE D 366 -9.60 -4.82 50.05
CA ILE D 366 -10.12 -4.90 48.69
C ILE D 366 -10.22 -3.49 48.09
N VAL D 367 -10.71 -2.52 48.86
CA VAL D 367 -10.85 -1.16 48.36
C VAL D 367 -9.49 -0.57 48.02
N ASN D 368 -8.50 -0.79 48.89
CA ASN D 368 -7.15 -0.29 48.62
C ASN D 368 -6.56 -0.94 47.38
N ASN D 369 -6.76 -2.25 47.20
CA ASN D 369 -6.27 -2.91 46.01
C ASN D 369 -6.93 -2.34 44.75
N GLU D 370 -8.24 -2.09 44.81
CA GLU D 370 -8.93 -1.54 43.66
C GLU D 370 -8.44 -0.13 43.33
N LYS D 371 -8.19 0.68 44.36
CA LYS D 371 -7.67 2.03 44.13
C LYS D 371 -6.28 1.98 43.54
N ARG D 372 -5.44 1.06 43.99
CA ARG D 372 -4.12 0.90 43.40
C ARG D 372 -4.22 0.49 41.93
N MET D 373 -5.15 -0.41 41.62
CA MET D 373 -5.34 -0.81 40.22
C MET D 373 -5.81 0.37 39.38
N LEU D 374 -6.71 1.20 39.92
CA LEU D 374 -7.14 2.39 39.19
C LEU D 374 -5.99 3.35 38.94
N GLN D 375 -5.14 3.56 39.96
CA GLN D 375 -3.97 4.41 39.79
C GLN D 375 -3.05 3.88 38.70
N GLU D 376 -2.79 2.57 38.71
CA GLU D 376 -1.94 1.97 37.69
C GLU D 376 -2.54 2.09 36.30
N SER D 377 -3.86 1.92 36.19
CA SER D 377 -4.52 2.04 34.89
C SER D 377 -4.40 3.46 34.36
N VAL D 378 -4.62 4.46 35.21
CA VAL D 378 -4.49 5.84 34.75
C VAL D 378 -3.05 6.15 34.36
N ASP D 379 -2.08 5.68 35.14
CA ASP D 379 -0.68 5.92 34.83
C ASP D 379 -0.29 5.27 33.50
N ALA D 380 -0.79 4.06 33.25
CA ALA D 380 -0.53 3.42 31.96
C ALA D 380 -1.22 4.15 30.82
N LEU D 381 -2.40 4.72 31.08
CA LEU D 381 -3.09 5.49 30.05
C LEU D 381 -2.29 6.72 29.64
N PHE D 382 -1.78 7.46 30.63
CA PHE D 382 -1.08 8.70 30.31
C PHE D 382 0.30 8.45 29.72
N ASP D 383 1.02 7.46 30.27
CA ASP D 383 2.37 7.15 29.78
C ASP D 383 2.66 5.70 30.12
N ASN D 384 2.69 4.84 29.10
CA ASN D 384 2.85 3.41 29.29
C ASN D 384 4.33 3.05 29.29
N GLY D 385 4.82 2.53 30.41
CA GLY D 385 6.19 2.07 30.49
C GLY D 385 7.04 2.77 31.52
N ARG D 386 6.57 3.91 32.03
CA ARG D 386 7.35 4.67 33.00
C ARG D 386 7.53 3.90 34.30
N ARG D 387 6.47 3.28 34.79
CA ARG D 387 6.50 2.55 36.06
C ARG D 387 6.03 1.12 35.82
N GLY D 388 6.81 0.16 36.32
CA GLY D 388 6.44 -1.23 36.16
C GLY D 388 6.65 -1.71 34.73
N ARG D 389 5.91 -2.77 34.38
CA ARG D 389 6.01 -3.35 33.06
C ARG D 389 4.91 -2.80 32.15
N PRO D 390 5.18 -2.68 30.86
CA PRO D 390 4.18 -2.16 29.93
C PRO D 390 2.99 -3.11 29.80
N VAL D 391 1.82 -2.52 29.53
CA VAL D 391 0.63 -3.31 29.26
C VAL D 391 0.71 -3.88 27.85
N THR D 392 0.61 -5.20 27.75
CA THR D 392 0.79 -5.89 26.48
C THR D 392 -0.54 -6.41 25.97
N GLY D 393 -0.81 -6.16 24.69
CA GLY D 393 -2.00 -6.66 24.05
C GLY D 393 -1.75 -7.99 23.37
N PRO D 394 -2.55 -8.30 22.35
CA PRO D 394 -2.32 -9.56 21.60
C PRO D 394 -0.95 -9.56 20.96
N GLY D 395 -0.32 -10.73 20.94
CA GLY D 395 1.00 -10.88 20.36
C GLY D 395 2.14 -10.35 21.20
N ASN D 396 1.92 -10.11 22.49
CA ASN D 396 2.94 -9.56 23.39
C ASN D 396 3.48 -8.24 22.86
N ARG D 397 2.59 -7.40 22.35
CA ARG D 397 2.94 -6.08 21.85
C ARG D 397 2.51 -5.02 22.86
N PRO D 398 3.41 -4.20 23.38
CA PRO D 398 3.00 -3.14 24.29
C PRO D 398 2.09 -2.14 23.58
N LEU D 399 1.09 -1.67 24.31
CA LEU D 399 0.12 -0.73 23.74
C LEU D 399 0.75 0.66 23.59
N LYS D 400 0.16 1.45 22.70
CA LYS D 400 0.65 2.78 22.39
C LYS D 400 -0.24 3.83 23.07
N SER D 401 0.36 4.63 23.93
CA SER D 401 -0.34 5.65 24.71
C SER D 401 -0.06 7.03 24.13
N LEU D 402 -0.59 8.05 24.80
CA LEU D 402 -0.48 9.42 24.30
C LEU D 402 0.96 9.89 24.28
N SER D 403 1.73 9.57 25.32
CA SER D 403 3.14 9.95 25.34
C SER D 403 3.90 9.29 24.21
N ASP D 404 3.61 8.02 23.92
CA ASP D 404 4.21 7.37 22.77
C ASP D 404 3.76 8.01 21.46
N LEU D 405 2.55 8.57 21.44
CA LEU D 405 2.13 9.33 20.26
C LEU D 405 2.96 10.60 20.09
N LEU D 406 3.33 11.24 21.19
CA LEU D 406 4.05 12.50 21.11
C LEU D 406 5.57 12.35 21.12
N LYS D 407 6.09 11.13 21.31
CA LYS D 407 7.53 10.92 21.41
C LYS D 407 8.05 10.10 20.23
N GLY D 408 9.36 10.20 20.01
CA GLY D 408 10.04 9.39 19.01
C GLY D 408 9.97 9.98 17.61
N LYS D 409 10.73 9.34 16.72
CA LYS D 409 10.70 9.73 15.30
C LYS D 409 9.33 9.47 14.69
N GLN D 410 8.56 8.55 15.26
CA GLN D 410 7.20 8.29 14.83
C GLN D 410 6.18 9.20 15.54
N GLY D 411 6.65 10.14 16.35
CA GLY D 411 5.76 11.03 17.05
C GLY D 411 5.11 12.05 16.14
N ARG D 412 4.16 12.79 16.71
CA ARG D 412 3.40 13.76 15.92
C ARG D 412 4.31 14.85 15.37
N PHE D 413 5.18 15.41 16.21
CA PHE D 413 5.98 16.58 15.83
C PHE D 413 6.89 16.30 14.65
N ARG D 414 7.59 15.16 14.67
CA ARG D 414 8.58 14.88 13.64
C ARG D 414 8.02 14.12 12.45
N GLN D 415 6.76 13.69 12.49
CA GLN D 415 6.19 12.90 11.40
C GLN D 415 5.02 13.59 10.70
N ASN D 416 4.32 14.52 11.34
CA ASN D 416 3.18 15.17 10.72
C ASN D 416 3.19 16.68 10.83
N LEU D 417 4.21 17.27 11.45
CA LEU D 417 4.32 18.72 11.55
C LEU D 417 5.52 19.28 10.80
N LEU D 418 6.71 18.75 11.04
CA LEU D 418 7.89 19.18 10.32
C LEU D 418 8.03 18.55 8.95
N GLY D 419 7.29 17.49 8.67
CA GLY D 419 7.35 16.85 7.36
C GLY D 419 6.03 16.22 6.96
N LYS D 420 5.51 16.63 5.81
CA LYS D 420 4.19 16.20 5.35
C LYS D 420 4.29 15.70 3.91
N ARG D 421 3.31 14.90 3.52
CA ARG D 421 3.18 14.43 2.15
C ARG D 421 2.33 15.43 1.37
N VAL D 422 2.79 15.78 0.17
CA VAL D 422 2.20 16.85 -0.60
C VAL D 422 1.62 16.31 -1.90
N ASP D 423 0.65 17.05 -2.45
CA ASP D 423 0.09 16.74 -3.75
C ASP D 423 0.97 17.32 -4.85
N TYR D 424 0.57 17.08 -6.10
CA TYR D 424 1.28 17.60 -7.26
C TYR D 424 2.76 17.21 -7.23
N SER D 425 3.01 15.93 -6.95
CA SER D 425 4.37 15.42 -6.85
C SER D 425 4.52 14.15 -7.68
N GLY D 426 5.74 13.92 -8.16
CA GLY D 426 6.04 12.74 -8.95
C GLY D 426 7.37 12.14 -8.54
N ARG D 427 7.74 11.07 -9.24
CA ARG D 427 8.98 10.35 -8.95
C ARG D 427 9.26 9.40 -10.09
N SER D 428 10.51 9.41 -10.57
CA SER D 428 10.90 8.54 -11.68
C SER D 428 12.42 8.45 -11.73
N VAL D 429 12.91 7.51 -12.54
CA VAL D 429 14.34 7.32 -12.72
C VAL D 429 14.91 8.47 -13.56
N ILE D 430 16.19 8.76 -13.36
CA ILE D 430 16.86 9.87 -14.03
C ILE D 430 17.90 9.31 -14.99
N VAL D 431 18.02 9.95 -16.16
CA VAL D 431 19.05 9.64 -17.14
C VAL D 431 19.78 10.92 -17.50
N VAL D 432 20.84 10.80 -18.30
CA VAL D 432 21.71 11.93 -18.63
C VAL D 432 21.35 12.43 -20.02
N GLY D 433 21.00 13.71 -20.11
CA GLY D 433 20.71 14.33 -21.39
C GLY D 433 21.68 15.45 -21.69
N PRO D 434 22.56 15.25 -22.67
CA PRO D 434 23.58 16.26 -22.98
C PRO D 434 23.09 17.40 -23.87
N GLN D 435 22.02 17.21 -24.62
CA GLN D 435 21.53 18.25 -25.52
C GLN D 435 20.71 19.31 -24.80
N LEU D 436 20.42 19.13 -23.53
CA LEU D 436 19.65 20.10 -22.77
C LEU D 436 20.54 21.28 -22.36
N LYS D 437 19.91 22.41 -22.10
CA LYS D 437 20.61 23.56 -21.57
C LYS D 437 20.70 23.43 -20.04
N LEU D 438 21.32 24.42 -19.41
CA LEU D 438 21.54 24.35 -17.97
C LEU D 438 20.24 24.52 -17.17
N HIS D 439 19.19 25.09 -17.77
CA HIS D 439 17.95 25.37 -17.07
C HIS D 439 16.78 24.53 -17.59
N GLN D 440 17.06 23.38 -18.19
CA GLN D 440 16.02 22.53 -18.76
C GLN D 440 16.13 21.11 -18.23
N CYS D 441 14.99 20.42 -18.21
CA CYS D 441 14.94 19.03 -17.79
C CYS D 441 13.90 18.30 -18.61
N GLY D 442 14.06 16.98 -18.72
CA GLY D 442 13.13 16.14 -19.44
C GLY D 442 12.10 15.55 -18.50
N LEU D 443 10.84 15.68 -18.90
CA LEU D 443 9.73 15.20 -18.10
C LEU D 443 8.89 14.24 -18.94
N PRO D 444 8.61 13.03 -18.46
CA PRO D 444 7.77 12.11 -19.23
C PRO D 444 6.38 12.69 -19.46
N LYS D 445 5.82 12.40 -20.64
CA LYS D 445 4.55 13.01 -21.02
C LYS D 445 3.42 12.57 -20.11
N LEU D 446 3.37 11.29 -19.75
CA LEU D 446 2.31 10.80 -18.87
C LEU D 446 2.38 11.46 -17.49
N MET D 447 3.60 11.54 -16.93
CA MET D 447 3.78 12.17 -15.63
C MET D 447 3.42 13.65 -15.67
N ALA D 448 3.85 14.34 -16.72
CA ALA D 448 3.52 15.76 -16.85
C ALA D 448 2.03 15.98 -17.01
N LEU D 449 1.35 15.09 -17.76
CA LEU D 449 -0.09 15.20 -17.90
C LEU D 449 -0.78 14.98 -16.55
N GLU D 450 -0.31 14.02 -15.77
CA GLU D 450 -0.90 13.77 -14.46
C GLU D 450 -0.70 14.95 -13.53
N LEU D 451 0.50 15.55 -13.55
CA LEU D 451 0.76 16.69 -12.66
C LEU D 451 -0.05 17.91 -13.07
N PHE D 452 -0.07 18.23 -14.37
CA PHE D 452 -0.74 19.43 -14.88
C PHE D 452 -2.17 19.19 -15.27
N LYS D 453 -2.84 18.21 -14.65
CA LYS D 453 -4.21 17.87 -15.03
C LYS D 453 -5.20 19.02 -14.91
N PRO D 454 -5.28 19.77 -13.81
CA PRO D 454 -6.25 20.88 -13.77
C PRO D 454 -5.98 21.96 -14.81
N PHE D 455 -4.71 22.29 -15.04
CA PHE D 455 -4.39 23.30 -16.05
C PHE D 455 -4.81 22.82 -17.44
N VAL D 456 -4.55 21.56 -17.75
CA VAL D 456 -4.96 21.00 -19.04
C VAL D 456 -6.48 21.03 -19.17
N MET D 457 -7.19 20.66 -18.10
CA MET D 457 -8.65 20.67 -18.13
C MET D 457 -9.17 22.07 -18.42
N LYS D 458 -8.67 23.07 -17.69
CA LYS D 458 -9.12 24.44 -17.92
C LYS D 458 -8.80 24.90 -19.34
N ARG D 459 -7.59 24.63 -19.81
CA ARG D 459 -7.18 25.12 -21.12
C ARG D 459 -7.99 24.48 -22.24
N LEU D 460 -8.24 23.18 -22.16
CA LEU D 460 -9.01 22.53 -23.21
C LEU D 460 -10.50 22.78 -23.08
N VAL D 461 -10.97 23.22 -21.91
CA VAL D 461 -12.34 23.74 -21.82
C VAL D 461 -12.41 25.10 -22.52
N ASP D 462 -11.39 25.94 -22.35
CA ASP D 462 -11.38 27.24 -23.01
C ASP D 462 -11.35 27.10 -24.53
N LEU D 463 -10.60 26.14 -25.04
CA LEU D 463 -10.46 25.94 -26.48
C LEU D 463 -11.65 25.19 -27.08
N ASN D 464 -12.74 25.02 -26.34
CA ASN D 464 -13.96 24.37 -26.81
C ASN D 464 -13.75 22.91 -27.21
N HIS D 465 -12.67 22.29 -26.74
CA HIS D 465 -12.47 20.86 -26.99
C HIS D 465 -13.39 20.00 -26.13
N ALA D 466 -13.91 20.53 -25.04
CA ALA D 466 -14.90 19.84 -24.21
C ALA D 466 -15.98 20.81 -23.80
N GLN D 467 -17.18 20.28 -23.55
CA GLN D 467 -18.31 21.15 -23.24
C GLN D 467 -18.24 21.67 -21.81
N ASN D 468 -17.79 20.85 -20.87
CA ASN D 468 -17.73 21.25 -19.47
C ASN D 468 -16.55 20.55 -18.80
N ILE D 469 -16.49 20.67 -17.47
CA ILE D 469 -15.35 20.14 -16.73
C ILE D 469 -15.35 18.62 -16.72
N LYS D 470 -16.52 18.00 -16.55
CA LYS D 470 -16.58 16.54 -16.48
C LYS D 470 -16.16 15.91 -17.81
N SER D 471 -16.62 16.49 -18.92
CA SER D 471 -16.20 15.99 -20.23
C SER D 471 -14.69 16.14 -20.42
N ALA D 472 -14.14 17.27 -19.97
CA ALA D 472 -12.69 17.48 -20.08
C ALA D 472 -11.93 16.44 -19.24
N LYS D 473 -12.42 16.16 -18.04
CA LYS D 473 -11.77 15.15 -17.21
C LYS D 473 -11.83 13.78 -17.84
N ARG D 474 -12.97 13.43 -18.44
CA ARG D 474 -13.08 12.14 -19.13
C ARG D 474 -12.12 12.08 -20.31
N MET D 475 -12.00 13.17 -21.08
CA MET D 475 -11.07 13.21 -22.19
C MET D 475 -9.63 13.05 -21.71
N VAL D 476 -9.27 13.72 -20.62
CA VAL D 476 -7.92 13.59 -20.08
C VAL D 476 -7.64 12.17 -19.62
N GLU D 477 -8.62 11.55 -18.94
CA GLU D 477 -8.43 10.17 -18.48
C GLU D 477 -8.30 9.21 -19.66
N ARG D 478 -9.08 9.41 -20.72
CA ARG D 478 -8.98 8.57 -21.90
C ARG D 478 -7.75 8.86 -22.75
N GLN D 479 -7.04 9.96 -22.46
CA GLN D 479 -5.83 10.34 -23.20
C GLN D 479 -6.11 10.50 -24.69
N ARG D 480 -7.00 11.44 -25.01
CA ARG D 480 -7.34 11.72 -26.39
C ARG D 480 -6.17 12.40 -27.09
N PRO D 481 -6.10 12.28 -28.41
CA PRO D 481 -4.98 12.90 -29.15
C PRO D 481 -4.87 14.41 -28.98
N GLN D 482 -5.99 15.11 -28.82
CA GLN D 482 -5.94 16.57 -28.70
C GLN D 482 -5.44 17.03 -27.33
N VAL D 483 -5.26 16.12 -26.38
CA VAL D 483 -4.79 16.52 -25.05
C VAL D 483 -3.34 16.99 -25.12
N TRP D 484 -2.52 16.34 -25.96
CA TRP D 484 -1.07 16.58 -25.93
C TRP D 484 -0.72 18.00 -26.36
N ASP D 485 -1.43 18.54 -27.34
CA ASP D 485 -1.17 19.92 -27.75
C ASP D 485 -1.46 20.89 -26.61
N VAL D 486 -2.57 20.68 -25.91
CA VAL D 486 -2.88 21.51 -24.75
C VAL D 486 -1.81 21.37 -23.67
N LEU D 487 -1.33 20.14 -23.46
CA LEU D 487 -0.29 19.92 -22.47
C LEU D 487 0.99 20.67 -22.82
N GLU D 488 1.36 20.65 -24.10
CA GLU D 488 2.53 21.40 -24.53
C GLU D 488 2.31 22.90 -24.40
N GLU D 489 1.07 23.35 -24.57
CA GLU D 489 0.78 24.77 -24.42
C GLU D 489 0.86 25.22 -22.95
N VAL D 490 0.45 24.35 -22.03
CA VAL D 490 0.31 24.79 -20.64
C VAL D 490 1.59 24.65 -19.80
N ILE D 491 2.58 23.89 -20.27
CA ILE D 491 3.81 23.72 -19.48
C ILE D 491 4.86 24.72 -19.94
N ALA D 492 4.44 25.74 -20.68
CA ALA D 492 5.37 26.74 -21.17
C ALA D 492 5.71 27.72 -20.05
N GLU D 493 7.02 27.84 -19.76
CA GLU D 493 7.52 28.78 -18.75
C GLU D 493 6.87 28.56 -17.38
N HIS D 494 6.72 27.28 -17.01
CA HIS D 494 6.17 26.91 -15.70
C HIS D 494 7.18 26.05 -14.96
N PRO D 495 8.04 26.64 -14.14
CA PRO D 495 9.13 25.86 -13.53
C PRO D 495 8.63 24.81 -12.55
N VAL D 496 9.40 23.74 -12.42
CA VAL D 496 9.15 22.66 -11.47
C VAL D 496 10.42 22.42 -10.68
N LEU D 497 10.25 21.85 -9.49
CA LEU D 497 11.36 21.63 -8.56
C LEU D 497 11.75 20.16 -8.58
N LEU D 498 13.05 19.89 -8.68
CA LEU D 498 13.59 18.54 -8.63
C LEU D 498 14.41 18.36 -7.37
N ASN D 499 14.07 17.34 -6.59
CA ASN D 499 14.75 17.08 -5.32
C ASN D 499 15.10 15.59 -5.23
N ARG D 500 16.30 15.30 -4.72
CA ARG D 500 16.77 13.94 -4.56
C ARG D 500 17.16 13.73 -3.10
N ALA D 501 16.56 12.73 -2.47
CA ALA D 501 16.88 12.42 -1.07
C ALA D 501 18.21 11.69 -0.99
N PRO D 502 19.06 12.02 -0.01
CA PRO D 502 18.92 13.07 1.01
C PRO D 502 19.24 14.46 0.46
N THR D 503 18.70 15.51 1.07
CA THR D 503 19.01 16.89 0.67
C THR D 503 20.00 17.45 1.68
N LEU D 504 21.29 17.44 1.31
CA LEU D 504 22.34 17.82 2.24
C LEU D 504 22.58 19.31 2.32
N HIS D 505 22.24 20.08 1.29
CA HIS D 505 22.44 21.52 1.30
C HIS D 505 21.40 22.15 0.38
N ARG D 506 21.54 23.47 0.15
CA ARG D 506 20.56 24.18 -0.65
C ARG D 506 20.49 23.65 -2.07
N LEU D 507 21.64 23.34 -2.66
CA LEU D 507 21.70 22.93 -4.06
C LEU D 507 21.09 21.56 -4.30
N GLY D 508 20.51 20.92 -3.29
CA GLY D 508 19.77 19.69 -3.50
C GLY D 508 18.38 19.87 -4.05
N ILE D 509 17.85 21.10 -4.03
CA ILE D 509 16.56 21.41 -4.60
C ILE D 509 16.74 22.58 -5.56
N GLN D 510 16.47 22.36 -6.84
CA GLN D 510 16.64 23.38 -7.86
C GLN D 510 15.43 23.36 -8.79
N ALA D 511 15.16 24.50 -9.42
CA ALA D 511 14.02 24.66 -10.31
C ALA D 511 14.48 24.58 -11.76
N PHE D 512 13.75 23.81 -12.56
CA PHE D 512 14.07 23.63 -13.97
C PHE D 512 12.85 23.95 -14.81
N GLU D 513 13.10 24.26 -16.08
CA GLU D 513 12.02 24.46 -17.05
C GLU D 513 11.66 23.12 -17.66
N PRO D 514 10.41 22.68 -17.58
CA PRO D 514 10.06 21.32 -18.01
C PRO D 514 10.01 21.19 -19.54
N GLN D 515 10.23 19.96 -19.99
CA GLN D 515 10.08 19.59 -21.39
C GLN D 515 9.49 18.19 -21.47
N LEU D 516 8.85 17.89 -22.59
CA LEU D 516 8.20 16.60 -22.81
C LEU D 516 9.14 15.66 -23.54
N VAL D 517 9.18 14.40 -23.11
CA VAL D 517 9.97 13.36 -23.74
C VAL D 517 9.09 12.13 -23.95
N GLU D 518 9.51 11.27 -24.88
CA GLU D 518 8.77 10.05 -25.16
C GLU D 518 8.91 8.99 -24.08
N GLY D 519 10.10 8.88 -23.48
CA GLY D 519 10.37 7.81 -22.54
C GLY D 519 9.71 8.01 -21.19
N LYS D 520 10.12 7.19 -20.24
CA LYS D 520 9.59 7.23 -18.88
C LYS D 520 10.67 7.54 -17.85
N ALA D 521 11.71 8.28 -18.23
CA ALA D 521 12.79 8.64 -17.33
C ALA D 521 13.03 10.15 -17.42
N ILE D 522 13.27 10.76 -16.27
CA ILE D 522 13.53 12.20 -16.20
C ILE D 522 14.94 12.47 -16.70
N GLN D 523 15.05 13.33 -17.71
CA GLN D 523 16.35 13.70 -18.26
C GLN D 523 16.96 14.80 -17.41
N LEU D 524 18.20 14.61 -16.99
CA LEU D 524 18.90 15.54 -16.13
C LEU D 524 20.16 16.04 -16.82
N HIS D 525 20.47 17.33 -16.63
CA HIS D 525 21.66 17.90 -17.22
C HIS D 525 22.91 17.29 -16.59
N PRO D 526 23.96 17.02 -17.37
CA PRO D 526 25.15 16.38 -16.79
C PRO D 526 25.98 17.29 -15.90
N LEU D 527 25.78 18.61 -15.99
CA LEU D 527 26.57 19.54 -15.17
C LEU D 527 26.03 19.67 -13.76
N VAL D 528 24.81 19.22 -13.48
CA VAL D 528 24.23 19.31 -12.15
C VAL D 528 24.31 18.00 -11.39
N CYS D 529 25.04 17.02 -11.91
CA CYS D 529 25.23 15.77 -11.17
C CYS D 529 26.01 15.99 -9.88
N GLU D 530 27.01 16.86 -9.93
CA GLU D 530 27.80 17.15 -8.72
C GLU D 530 26.96 17.86 -7.67
N ALA D 531 26.10 18.78 -8.09
CA ALA D 531 25.26 19.50 -7.14
C ALA D 531 24.29 18.57 -6.44
N PHE D 532 23.65 17.67 -7.19
CA PHE D 532 22.72 16.72 -6.61
C PHE D 532 23.40 15.50 -6.01
N ASN D 533 24.71 15.35 -6.22
CA ASN D 533 25.46 14.17 -5.77
C ASN D 533 24.80 12.89 -6.28
N ALA D 534 24.42 12.92 -7.56
CA ALA D 534 23.66 11.84 -8.18
C ALA D 534 24.49 11.17 -9.27
N ASP D 535 24.34 9.86 -9.40
CA ASP D 535 24.94 9.10 -10.47
C ASP D 535 23.85 8.26 -11.13
N PHE D 536 23.96 8.10 -12.45
CA PHE D 536 22.92 7.42 -13.24
C PHE D 536 23.18 5.92 -13.20
N ASP D 537 22.76 5.29 -12.09
CA ASP D 537 22.80 3.84 -11.97
C ASP D 537 21.57 3.32 -11.25
N GLY D 538 20.47 4.06 -11.31
CA GLY D 538 19.23 3.63 -10.66
C GLY D 538 18.67 4.65 -9.69
N ASP D 539 19.26 5.85 -9.68
CA ASP D 539 18.80 6.89 -8.78
C ASP D 539 17.46 7.46 -9.25
N GLN D 540 16.69 7.95 -8.29
CA GLN D 540 15.36 8.51 -8.54
C GLN D 540 15.25 9.90 -7.94
N MET D 541 14.45 10.74 -8.58
CA MET D 541 14.24 12.11 -8.13
C MET D 541 12.75 12.43 -8.08
N ALA D 542 12.39 13.32 -7.16
CA ALA D 542 11.01 13.74 -6.97
C ALA D 542 10.80 15.12 -7.59
N VAL D 543 9.65 15.31 -8.23
CA VAL D 543 9.32 16.55 -8.92
C VAL D 543 8.12 17.16 -8.23
N HIS D 544 8.24 18.42 -7.82
CA HIS D 544 7.16 19.16 -7.17
C HIS D 544 6.73 20.32 -8.06
N LEU D 545 5.46 20.66 -7.98
CA LEU D 545 4.88 21.69 -8.86
C LEU D 545 4.47 22.91 -8.04
N PRO D 546 5.14 24.05 -8.19
CA PRO D 546 4.62 25.28 -7.59
C PRO D 546 3.33 25.72 -8.27
N LEU D 547 2.45 26.33 -7.48
CA LEU D 547 1.13 26.72 -7.97
C LEU D 547 0.92 28.23 -7.97
N SER D 548 1.06 28.88 -6.82
CA SER D 548 0.74 30.30 -6.71
C SER D 548 1.75 31.15 -7.46
N ALA D 549 1.41 32.43 -7.63
CA ALA D 549 2.29 33.35 -8.33
C ALA D 549 3.60 33.56 -7.57
N GLU D 550 3.52 33.67 -6.24
CA GLU D 550 4.73 33.83 -5.43
C GLU D 550 5.64 32.61 -5.57
N ALA D 551 5.07 31.40 -5.56
CA ALA D 551 5.87 30.20 -5.69
C ALA D 551 6.58 30.15 -7.04
N GLN D 552 5.86 30.50 -8.11
CA GLN D 552 6.48 30.50 -9.44
C GLN D 552 7.58 31.55 -9.53
N ALA D 553 7.35 32.74 -8.95
CA ALA D 553 8.37 33.77 -8.97
C ALA D 553 9.61 33.33 -8.20
N GLU D 554 9.42 32.68 -7.04
CA GLU D 554 10.55 32.19 -6.28
C GLU D 554 11.30 31.10 -7.03
N ALA D 555 10.56 30.22 -7.72
CA ALA D 555 11.22 29.17 -8.50
C ALA D 555 12.01 29.77 -9.66
N ARG D 556 11.50 30.83 -10.29
CA ARG D 556 12.20 31.42 -11.41
C ARG D 556 13.42 32.22 -10.97
N ILE D 557 13.32 32.95 -9.87
CA ILE D 557 14.40 33.87 -9.47
C ILE D 557 15.34 33.20 -8.48
N LEU D 558 14.79 32.75 -7.34
CA LEU D 558 15.65 32.28 -6.25
C LEU D 558 16.29 30.93 -6.56
N MET D 559 15.50 29.98 -7.05
CA MET D 559 15.91 28.58 -7.10
C MET D 559 16.20 28.08 -8.51
N LEU D 560 16.39 28.99 -9.47
CA LEU D 560 16.72 28.56 -10.82
C LEU D 560 18.11 27.94 -10.86
N SER D 561 18.27 26.92 -11.69
CA SER D 561 19.54 26.19 -11.74
C SER D 561 20.63 27.01 -12.41
N SER D 562 20.28 28.03 -13.17
CA SER D 562 21.27 28.91 -13.78
C SER D 562 21.82 29.95 -12.83
N ASN D 563 21.20 30.14 -11.66
CA ASN D 563 21.65 31.13 -10.69
C ASN D 563 22.43 30.53 -9.53
N ASN D 564 22.44 29.20 -9.39
CA ASN D 564 23.19 28.51 -8.34
C ASN D 564 24.34 27.75 -9.01
N ILE D 565 25.48 28.42 -9.12
CA ILE D 565 26.67 27.81 -9.71
C ILE D 565 27.75 27.69 -8.66
N LEU D 566 27.75 28.61 -7.69
CA LEU D 566 28.76 28.67 -6.66
C LEU D 566 28.23 28.07 -5.36
N SER D 567 29.06 27.28 -4.69
CA SER D 567 28.66 26.66 -3.45
C SER D 567 28.45 27.71 -2.36
N PRO D 568 27.49 27.51 -1.46
CA PRO D 568 27.32 28.44 -0.34
C PRO D 568 28.36 28.25 0.76
N ALA D 569 29.13 27.17 0.73
CA ALA D 569 30.08 26.85 1.78
C ALA D 569 31.43 27.50 1.56
N SER D 570 32.10 27.21 0.45
CA SER D 570 33.43 27.70 0.19
C SER D 570 33.53 28.69 -0.97
N GLY D 571 32.50 28.79 -1.81
CA GLY D 571 32.52 29.68 -2.95
C GLY D 571 33.07 29.08 -4.22
N LYS D 572 33.61 27.87 -4.17
CA LYS D 572 34.09 27.22 -5.38
C LYS D 572 32.92 26.79 -6.25
N PRO D 573 33.04 26.87 -7.57
CA PRO D 573 31.92 26.50 -8.44
C PRO D 573 31.66 25.00 -8.41
N LEU D 574 30.39 24.66 -8.64
CA LEU D 574 29.97 23.27 -8.77
C LEU D 574 29.51 22.90 -10.16
N ALA D 575 28.92 23.83 -10.90
CA ALA D 575 28.52 23.60 -12.29
C ALA D 575 29.72 23.89 -13.21
N MET D 576 30.69 23.00 -13.14
CA MET D 576 31.92 23.09 -13.92
C MET D 576 32.19 21.75 -14.57
N PRO D 577 32.97 21.74 -15.66
CA PRO D 577 33.30 20.46 -16.31
C PRO D 577 34.00 19.50 -15.36
N ARG D 578 33.66 18.22 -15.48
CA ARG D 578 34.25 17.18 -14.65
C ARG D 578 34.21 15.86 -15.40
N LEU D 579 35.10 14.95 -14.99
CA LEU D 579 35.21 13.62 -15.58
C LEU D 579 35.47 13.68 -17.08
N ASP D 580 34.45 13.34 -17.89
CA ASP D 580 34.66 13.25 -19.33
C ASP D 580 35.03 14.60 -19.94
N MET D 581 34.36 15.67 -19.50
CA MET D 581 34.62 16.99 -20.07
C MET D 581 36.04 17.45 -19.75
N VAL D 582 36.50 17.20 -18.53
CA VAL D 582 37.86 17.60 -18.15
C VAL D 582 38.88 16.86 -18.98
N THR D 583 38.69 15.55 -19.18
CA THR D 583 39.61 14.79 -20.02
C THR D 583 39.59 15.29 -21.46
N GLY D 584 38.41 15.61 -21.98
CA GLY D 584 38.33 16.13 -23.33
C GLY D 584 39.07 17.43 -23.49
N LEU D 585 38.87 18.37 -22.55
CA LEU D 585 39.57 19.65 -22.63
C LEU D 585 41.06 19.47 -22.42
N TYR D 586 41.46 18.54 -21.56
CA TYR D 586 42.88 18.27 -21.36
C TYR D 586 43.54 17.74 -22.62
N TYR D 587 42.87 16.83 -23.33
CA TYR D 587 43.39 16.35 -24.60
C TYR D 587 43.41 17.48 -25.64
N LEU D 588 42.37 18.30 -25.67
CA LEU D 588 42.29 19.35 -26.67
C LEU D 588 43.39 20.40 -26.49
N THR D 589 43.65 20.81 -25.25
CA THR D 589 44.51 21.95 -24.98
C THR D 589 45.96 21.58 -24.69
N THR D 590 46.30 20.29 -24.62
CA THR D 590 47.68 19.91 -24.34
C THR D 590 48.56 20.13 -25.57
N LEU D 591 49.87 20.14 -25.34
CA LEU D 591 50.85 20.34 -26.40
C LEU D 591 51.76 19.13 -26.49
N VAL D 592 52.04 18.68 -27.71
CA VAL D 592 52.89 17.54 -27.97
C VAL D 592 54.03 17.98 -28.89
N GLU D 593 55.26 17.72 -28.47
CA GLU D 593 56.41 18.05 -29.29
C GLU D 593 56.61 17.01 -30.37
N GLY D 594 56.99 17.47 -31.57
CA GLY D 594 57.21 16.57 -32.68
C GLY D 594 55.96 16.14 -33.40
N ALA D 595 54.83 16.80 -33.17
CA ALA D 595 53.59 16.44 -33.84
C ALA D 595 53.63 16.87 -35.31
N THR D 596 52.69 16.36 -36.08
CA THR D 596 52.65 16.63 -37.51
C THR D 596 52.37 18.10 -37.78
N GLY D 597 53.13 18.68 -38.70
CA GLY D 597 52.93 20.07 -39.09
C GLY D 597 53.22 21.07 -38.00
N GLU D 598 54.26 20.83 -37.20
CA GLU D 598 54.62 21.75 -36.15
C GLU D 598 55.43 22.92 -36.71
N TYR D 599 55.61 23.94 -35.87
CA TYR D 599 56.35 25.13 -36.27
C TYR D 599 57.85 24.84 -36.31
N GLN D 600 58.49 25.21 -37.41
CA GLN D 600 59.93 25.03 -37.58
C GLN D 600 60.56 26.36 -37.96
N ALA D 601 61.70 26.65 -37.36
CA ALA D 601 62.38 27.91 -37.58
C ALA D 601 62.92 28.00 -39.00
N ALA D 602 63.07 29.23 -39.48
CA ALA D 602 63.56 29.47 -40.83
C ALA D 602 65.02 29.02 -40.95
N THR D 603 65.33 28.38 -42.07
CA THR D 603 66.67 27.89 -42.35
C THR D 603 67.31 28.77 -43.43
N LYS D 604 68.50 28.38 -43.87
CA LYS D 604 69.23 29.12 -44.89
C LYS D 604 68.72 28.86 -46.29
N ASP D 605 67.78 27.94 -46.47
CA ASP D 605 67.28 27.61 -47.80
C ASP D 605 65.76 27.73 -47.88
N ALA D 606 65.08 27.54 -46.76
CA ALA D 606 63.62 27.55 -46.75
C ALA D 606 63.10 28.47 -45.66
N PRO D 607 61.94 29.09 -45.89
CA PRO D 607 61.35 29.96 -44.85
C PRO D 607 60.71 29.16 -43.73
N GLU D 608 60.05 29.86 -42.80
CA GLU D 608 59.40 29.19 -41.70
C GLU D 608 58.26 28.31 -42.19
N GLN D 609 58.16 27.11 -41.63
CA GLN D 609 57.11 26.16 -41.96
C GLN D 609 56.18 26.01 -40.77
N GLY D 610 54.88 26.12 -41.00
CA GLY D 610 53.89 26.03 -39.95
C GLY D 610 53.27 27.34 -39.53
N VAL D 611 53.20 28.33 -40.42
CA VAL D 611 52.59 29.62 -40.11
C VAL D 611 51.30 29.73 -40.92
N TYR D 612 50.18 29.92 -40.23
CA TYR D 612 48.87 30.00 -40.86
C TYR D 612 48.30 31.40 -40.69
N SER D 613 47.59 31.88 -41.70
CA SER D 613 47.11 33.25 -41.72
C SER D 613 45.84 33.45 -40.89
N SER D 614 45.13 32.37 -40.53
CA SER D 614 43.90 32.49 -39.78
C SER D 614 43.54 31.12 -39.22
N PRO D 615 42.77 31.06 -38.13
CA PRO D 615 42.33 29.75 -37.63
C PRO D 615 41.47 28.99 -38.63
N ALA D 616 40.81 29.69 -39.56
CA ALA D 616 40.04 29.00 -40.60
C ALA D 616 40.96 28.16 -41.48
N GLU D 617 42.10 28.71 -41.89
CA GLU D 617 43.06 27.93 -42.67
C GLU D 617 43.65 26.80 -41.84
N ALA D 618 43.83 27.02 -40.54
CA ALA D 618 44.31 25.95 -39.67
C ALA D 618 43.32 24.80 -39.62
N ILE D 619 42.02 25.10 -39.54
CA ILE D 619 41.00 24.06 -39.54
C ILE D 619 40.96 23.36 -40.89
N MET D 620 41.10 24.12 -41.98
CA MET D 620 41.14 23.49 -43.31
C MET D 620 42.35 22.58 -43.46
N ALA D 621 43.45 22.91 -42.79
CA ALA D 621 44.66 22.10 -42.93
C ALA D 621 44.56 20.79 -42.18
N MET D 622 44.00 20.82 -40.97
CA MET D 622 43.92 19.59 -40.16
C MET D 622 42.93 18.60 -40.75
N ASP D 623 41.95 19.08 -41.51
CA ASP D 623 41.02 18.17 -42.18
C ASP D 623 41.68 17.41 -43.32
N ARG D 624 42.82 17.89 -43.81
CA ARG D 624 43.57 17.20 -44.86
C ARG D 624 44.64 16.28 -44.31
N GLY D 625 44.79 16.19 -42.99
CA GLY D 625 45.79 15.34 -42.39
C GLY D 625 47.18 15.93 -42.28
N ALA D 626 47.37 17.20 -42.66
CA ALA D 626 48.67 17.83 -42.61
C ALA D 626 48.92 18.59 -41.32
N LEU D 627 47.96 18.58 -40.38
CA LEU D 627 48.11 19.29 -39.12
C LEU D 627 47.42 18.50 -38.02
N SER D 628 47.95 18.63 -36.81
CA SER D 628 47.37 18.01 -35.63
C SER D 628 47.01 19.09 -34.62
N VAL D 629 45.92 18.88 -33.88
CA VAL D 629 45.43 19.88 -32.93
C VAL D 629 46.37 20.08 -31.75
N ARG D 630 47.47 19.34 -31.68
CA ARG D 630 48.41 19.43 -30.58
C ARG D 630 49.82 19.71 -31.09
N ALA D 631 49.94 20.56 -32.09
CA ALA D 631 51.22 20.96 -32.66
C ALA D 631 51.35 22.47 -32.60
N LYS D 632 52.52 22.94 -32.17
CA LYS D 632 52.75 24.37 -32.02
C LYS D 632 52.81 25.05 -33.39
N ILE D 633 52.06 26.13 -33.53
CA ILE D 633 51.98 26.90 -34.78
C ILE D 633 51.96 28.38 -34.43
N LYS D 634 52.08 29.21 -35.47
CA LYS D 634 51.91 30.65 -35.36
C LYS D 634 50.77 31.07 -36.27
N VAL D 635 49.60 31.34 -35.68
CA VAL D 635 48.39 31.63 -36.42
C VAL D 635 47.96 33.06 -36.10
N ARG D 636 47.69 33.83 -37.15
CA ARG D 636 47.23 35.21 -36.99
C ARG D 636 45.80 35.22 -36.51
N LEU D 637 45.56 35.89 -35.38
CA LEU D 637 44.24 35.94 -34.76
C LEU D 637 43.69 37.36 -34.83
N THR D 638 42.41 37.47 -35.18
CA THR D 638 41.75 38.77 -35.27
C THR D 638 40.48 38.86 -34.43
N GLU D 639 40.19 37.86 -33.60
CA GLU D 639 39.00 37.88 -32.77
C GLU D 639 39.24 37.49 -31.31
N LEU D 640 40.48 37.36 -30.89
CA LEU D 640 40.82 36.96 -29.52
C LEU D 640 41.69 38.03 -28.89
N ARG D 641 41.35 38.42 -27.66
CA ARG D 641 42.06 39.50 -26.99
C ARG D 641 43.47 39.05 -26.60
N PRO D 642 44.46 39.91 -26.72
CA PRO D 642 45.84 39.55 -26.31
C PRO D 642 45.90 39.30 -24.82
N PRO D 643 46.86 38.46 -24.37
CA PRO D 643 46.89 37.99 -22.98
C PRO D 643 47.39 39.03 -21.96
N THR D 644 46.90 40.25 -22.09
CA THR D 644 47.12 41.33 -21.12
C THR D 644 48.61 41.69 -20.99
N ASP D 645 49.46 41.06 -21.80
CA ASP D 645 50.88 41.37 -21.87
C ASP D 645 51.30 41.87 -23.24
N LEU D 646 50.96 41.12 -24.29
CA LEU D 646 51.22 41.58 -25.65
C LEU D 646 50.32 42.75 -26.04
N GLU D 647 49.21 42.95 -25.32
CA GLU D 647 48.32 44.06 -25.64
C GLU D 647 49.00 45.40 -25.43
N ALA D 648 49.70 45.56 -24.30
CA ALA D 648 50.41 46.81 -24.04
C ALA D 648 51.57 47.00 -25.00
N GLN D 649 52.28 45.92 -25.33
CA GLN D 649 53.42 46.03 -26.24
C GLN D 649 52.98 46.42 -27.64
N LEU D 650 51.89 45.83 -28.13
CA LEU D 650 51.44 46.05 -29.51
C LEU D 650 50.50 47.24 -29.63
N PHE D 651 49.38 47.21 -28.91
CA PHE D 651 48.33 48.22 -29.02
C PHE D 651 48.46 49.20 -27.86
N GLU D 652 48.97 50.39 -28.15
CA GLU D 652 49.16 51.38 -27.09
C GLU D 652 47.83 51.83 -26.49
N ASN D 653 46.82 52.04 -27.33
CA ASN D 653 45.52 52.45 -26.83
C ASN D 653 44.73 51.27 -26.28
N GLY D 654 44.46 50.28 -27.11
CA GLY D 654 43.72 49.11 -26.68
C GLY D 654 43.42 48.23 -27.86
N TRP D 655 42.84 47.06 -27.56
CA TRP D 655 42.50 46.08 -28.57
C TRP D 655 41.01 46.19 -28.89
N LYS D 656 40.70 46.50 -30.15
CA LYS D 656 39.35 46.51 -30.67
C LYS D 656 39.17 45.35 -31.66
N PRO D 657 37.96 44.82 -31.81
CA PRO D 657 37.76 43.71 -32.74
C PRO D 657 38.16 44.09 -34.16
N GLY D 658 38.79 43.15 -34.85
CA GLY D 658 39.31 43.38 -36.18
C GLY D 658 40.81 43.63 -36.24
N ASP D 659 41.46 43.87 -35.10
CA ASP D 659 42.90 44.06 -35.07
C ASP D 659 43.59 42.71 -35.14
N ALA D 660 44.71 42.65 -35.86
CA ALA D 660 45.41 41.40 -36.13
C ALA D 660 46.70 41.33 -35.33
N TRP D 661 46.95 40.15 -34.76
CA TRP D 661 48.19 39.89 -34.03
C TRP D 661 48.56 38.43 -34.22
N THR D 662 49.85 38.13 -34.05
CA THR D 662 50.39 36.80 -34.25
C THR D 662 50.59 36.11 -32.91
N ALA D 663 50.01 34.92 -32.76
CA ALA D 663 50.06 34.17 -31.53
C ALA D 663 50.72 32.82 -31.76
N GLU D 664 51.63 32.44 -30.88
CA GLU D 664 52.34 31.17 -30.96
C GLU D 664 51.67 30.19 -30.00
N THR D 665 50.73 29.41 -30.52
CA THR D 665 49.96 28.49 -29.71
C THR D 665 49.59 27.28 -30.57
N THR D 666 48.66 26.46 -30.07
CA THR D 666 48.15 25.32 -30.81
C THR D 666 46.70 25.57 -31.16
N LEU D 667 46.21 24.84 -32.18
CA LEU D 667 44.84 25.05 -32.65
C LEU D 667 43.82 24.71 -31.57
N GLY D 668 44.12 23.72 -30.72
CA GLY D 668 43.19 23.38 -29.66
C GLY D 668 42.99 24.53 -28.68
N ARG D 669 44.07 25.21 -28.31
CA ARG D 669 43.94 26.37 -27.43
C ARG D 669 43.19 27.49 -28.12
N VAL D 670 43.34 27.62 -29.44
CA VAL D 670 42.56 28.62 -30.17
C VAL D 670 41.08 28.32 -30.08
N MET D 671 40.70 27.04 -30.26
CA MET D 671 39.30 26.67 -30.12
C MET D 671 38.79 26.92 -28.71
N PHE D 672 39.58 26.56 -27.70
CA PHE D 672 39.16 26.75 -26.33
C PHE D 672 38.97 28.23 -26.01
N ASN D 673 39.87 29.08 -26.49
CA ASN D 673 39.72 30.51 -26.26
C ASN D 673 38.57 31.09 -27.07
N GLU D 674 38.20 30.45 -28.18
CA GLU D 674 36.99 30.85 -28.88
C GLU D 674 35.75 30.49 -28.06
N LEU D 675 35.83 29.41 -27.28
CA LEU D 675 34.71 29.06 -26.41
C LEU D 675 34.46 30.13 -25.35
N LEU D 676 35.52 30.71 -24.79
CA LEU D 676 35.40 31.72 -23.75
C LEU D 676 34.86 33.02 -24.34
N PRO D 677 34.36 33.92 -23.49
CA PRO D 677 33.83 35.20 -23.98
C PRO D 677 34.86 35.99 -24.78
N LYS D 678 34.36 36.99 -25.51
CA LYS D 678 35.21 37.73 -26.43
C LYS D 678 36.18 38.64 -25.69
N SER D 679 35.74 39.29 -24.62
CA SER D 679 36.58 40.23 -23.90
C SER D 679 37.52 39.56 -22.90
N TYR D 680 37.45 38.24 -22.75
CA TYR D 680 38.36 37.54 -21.86
C TYR D 680 39.70 37.32 -22.56
N PRO D 681 40.81 37.71 -21.93
CA PRO D 681 42.11 37.61 -22.60
C PRO D 681 42.49 36.18 -22.93
N PHE D 682 43.30 36.04 -23.98
CA PHE D 682 43.81 34.73 -24.38
C PHE D 682 44.56 34.08 -23.22
N VAL D 683 44.27 32.81 -22.97
CA VAL D 683 44.80 32.12 -21.80
C VAL D 683 46.14 31.47 -22.14
N ASN D 684 46.13 30.56 -23.13
CA ASN D 684 47.32 29.86 -23.58
C ASN D 684 47.97 29.06 -22.45
N GLU D 685 47.17 28.15 -21.89
CA GLU D 685 47.62 27.25 -20.83
C GLU D 685 46.96 25.90 -21.01
N GLN D 686 47.58 24.87 -20.45
CA GLN D 686 46.99 23.53 -20.44
C GLN D 686 45.87 23.49 -19.40
N MET D 687 44.67 23.12 -19.84
CA MET D 687 43.48 23.27 -19.00
C MET D 687 43.33 22.05 -18.11
N HIS D 688 44.02 22.09 -16.97
CA HIS D 688 43.80 21.14 -15.90
C HIS D 688 42.49 21.47 -15.17
N LYS D 689 42.11 20.63 -14.21
CA LYS D 689 40.89 20.88 -13.46
C LYS D 689 41.00 22.17 -12.65
N LYS D 690 42.15 22.39 -12.01
CA LYS D 690 42.35 23.61 -11.22
C LYS D 690 42.33 24.85 -12.11
N VAL D 691 42.93 24.75 -13.31
CA VAL D 691 42.95 25.88 -14.22
C VAL D 691 41.54 26.26 -14.65
N GLN D 692 40.71 25.25 -14.97
CA GLN D 692 39.33 25.53 -15.35
C GLN D 692 38.54 26.10 -14.19
N ALA D 693 38.78 25.60 -12.98
CA ALA D 693 38.10 26.17 -11.81
C ALA D 693 38.47 27.63 -11.62
N ARG D 694 39.76 27.96 -11.78
CA ARG D 694 40.20 29.35 -11.66
C ARG D 694 39.57 30.23 -12.73
N ILE D 695 39.51 29.72 -13.98
CA ILE D 695 38.91 30.49 -15.06
C ILE D 695 37.44 30.76 -14.79
N ILE D 696 36.71 29.74 -14.30
CA ILE D 696 35.29 29.92 -14.05
C ILE D 696 35.07 30.87 -12.88
N ASN D 697 35.92 30.81 -11.86
CA ASN D 697 35.82 31.77 -10.75
C ASN D 697 36.06 33.18 -11.25
N ASP D 698 37.06 33.38 -12.11
CA ASP D 698 37.33 34.70 -12.66
C ASP D 698 36.15 35.21 -13.49
N LEU D 699 35.56 34.33 -14.30
CA LEU D 699 34.39 34.71 -15.09
C LEU D 699 33.23 35.10 -14.19
N ALA D 700 33.00 34.34 -13.12
CA ALA D 700 31.92 34.66 -12.19
C ALA D 700 32.16 35.99 -11.50
N GLU D 701 33.42 36.28 -11.17
CA GLU D 701 33.71 37.54 -10.47
C GLU D 701 33.63 38.74 -11.40
N ARG D 702 33.98 38.59 -12.68
CA ARG D 702 34.06 39.71 -13.59
C ARG D 702 32.88 39.84 -14.54
N PHE D 703 32.09 38.80 -14.74
CA PHE D 703 31.07 38.77 -15.77
C PHE D 703 29.72 38.40 -15.17
N PRO D 704 28.62 38.78 -15.82
CA PRO D 704 27.29 38.42 -15.31
C PRO D 704 27.09 36.91 -15.30
N MET D 705 26.17 36.46 -14.44
CA MET D 705 25.95 35.04 -14.25
C MET D 705 25.41 34.37 -15.51
N ILE D 706 24.66 35.10 -16.33
CA ILE D 706 24.15 34.53 -17.58
C ILE D 706 25.30 34.21 -18.52
N VAL D 707 26.28 35.10 -18.62
CA VAL D 707 27.44 34.85 -19.47
C VAL D 707 28.21 33.65 -18.96
N VAL D 708 28.36 33.52 -17.64
CA VAL D 708 29.05 32.37 -17.07
C VAL D 708 28.30 31.08 -17.40
N ALA D 709 26.98 31.10 -17.29
CA ALA D 709 26.19 29.91 -17.61
C ALA D 709 26.34 29.52 -19.08
N GLN D 710 26.29 30.49 -19.98
CA GLN D 710 26.47 30.18 -21.40
C GLN D 710 27.87 29.63 -21.68
N THR D 711 28.88 30.21 -21.04
CA THR D 711 30.25 29.72 -21.22
C THR D 711 30.39 28.30 -20.72
N VAL D 712 29.77 27.99 -19.57
CA VAL D 712 29.86 26.64 -19.03
C VAL D 712 29.16 25.65 -19.95
N ASP D 713 28.01 26.03 -20.53
CA ASP D 713 27.34 25.15 -21.47
C ASP D 713 28.20 24.90 -22.71
N LYS D 714 28.83 25.94 -23.24
CA LYS D 714 29.70 25.76 -24.40
C LYS D 714 30.88 24.86 -24.07
N LEU D 715 31.47 25.04 -22.88
CA LEU D 715 32.59 24.20 -22.47
C LEU D 715 32.15 22.75 -22.34
N LYS D 716 30.96 22.51 -21.79
CA LYS D 716 30.45 21.15 -21.69
C LYS D 716 30.29 20.51 -23.06
N ASP D 717 29.72 21.26 -24.01
CA ASP D 717 29.52 20.72 -25.35
C ASP D 717 30.86 20.38 -26.01
N ALA D 718 31.83 21.29 -25.91
CA ALA D 718 33.13 21.04 -26.53
C ALA D 718 33.85 19.87 -25.86
N GLY D 719 33.79 19.77 -24.53
CA GLY D 719 34.42 18.67 -23.84
C GLY D 719 33.81 17.34 -24.20
N PHE D 720 32.49 17.28 -24.31
CA PHE D 720 31.84 16.04 -24.73
C PHE D 720 32.22 15.68 -26.17
N TYR D 721 32.29 16.68 -27.05
CA TYR D 721 32.66 16.40 -28.44
C TYR D 721 34.08 15.87 -28.55
N TRP D 722 35.01 16.43 -27.80
CA TRP D 722 36.42 16.02 -27.88
C TRP D 722 36.79 14.88 -26.95
N ALA D 723 35.88 14.45 -26.07
CA ALA D 723 36.21 13.37 -25.15
C ALA D 723 36.22 12.02 -25.84
N THR D 724 35.31 11.82 -26.81
CA THR D 724 35.20 10.54 -27.48
C THR D 724 36.34 10.28 -28.45
N ARG D 725 37.03 11.33 -28.91
CA ARG D 725 38.16 11.20 -29.82
C ARG D 725 39.50 11.23 -29.10
N SER D 726 39.49 11.27 -27.77
CA SER D 726 40.72 11.29 -27.00
C SER D 726 41.43 9.95 -26.96
N GLY D 727 40.78 8.88 -27.40
CA GLY D 727 41.38 7.56 -27.38
C GLY D 727 41.67 7.02 -26.00
N VAL D 728 40.77 7.24 -25.05
CA VAL D 728 40.91 6.74 -23.69
C VAL D 728 40.16 5.41 -23.60
N THR D 729 40.92 4.32 -23.58
CA THR D 729 40.35 2.98 -23.48
C THR D 729 41.11 2.18 -22.44
N VAL D 730 40.43 1.22 -21.84
CA VAL D 730 41.00 0.33 -20.82
C VAL D 730 41.16 -1.04 -21.44
N SER D 731 42.36 -1.60 -21.32
CA SER D 731 42.67 -2.92 -21.85
C SER D 731 43.65 -3.63 -20.94
N MET D 732 43.72 -4.95 -21.07
CA MET D 732 44.65 -5.73 -20.28
C MET D 732 46.10 -5.35 -20.60
N ALA D 733 46.40 -5.10 -21.87
CA ALA D 733 47.75 -4.70 -22.26
C ALA D 733 48.11 -3.33 -21.69
N ASP D 734 47.16 -2.39 -21.66
CA ASP D 734 47.44 -1.06 -21.12
C ASP D 734 47.77 -1.09 -19.64
N VAL D 735 47.36 -2.13 -18.92
CA VAL D 735 47.68 -2.26 -17.50
C VAL D 735 49.03 -2.97 -17.42
N LEU D 736 50.11 -2.19 -17.51
CA LEU D 736 51.45 -2.73 -17.46
C LEU D 736 51.95 -2.80 -16.02
N VAL D 737 53.04 -3.53 -15.83
CA VAL D 737 53.65 -3.69 -14.51
C VAL D 737 55.11 -3.29 -14.60
N PRO D 738 55.70 -2.72 -13.54
CA PRO D 738 57.11 -2.33 -13.61
C PRO D 738 58.01 -3.57 -13.71
N PRO D 739 59.13 -3.46 -14.42
CA PRO D 739 60.04 -4.61 -14.51
C PRO D 739 60.87 -4.84 -13.26
N GLN D 740 61.07 -3.81 -12.43
CA GLN D 740 61.84 -3.94 -11.20
C GLN D 740 61.00 -4.36 -10.01
N LYS D 741 59.70 -4.61 -10.21
CA LYS D 741 58.85 -5.06 -9.11
C LYS D 741 59.31 -6.41 -8.56
N GLN D 742 59.69 -7.33 -9.45
CA GLN D 742 60.13 -8.65 -9.00
C GLN D 742 61.38 -8.56 -8.16
N GLU D 743 62.35 -7.73 -8.55
CA GLU D 743 63.58 -7.59 -7.77
C GLU D 743 63.30 -6.99 -6.40
N ILE D 744 62.43 -5.98 -6.35
CA ILE D 744 62.08 -5.37 -5.07
C ILE D 744 61.40 -6.38 -4.16
N LEU D 745 60.47 -7.16 -4.72
CA LEU D 745 59.78 -8.18 -3.93
C LEU D 745 60.77 -9.23 -3.42
N GLU D 746 61.72 -9.64 -4.27
CA GLU D 746 62.70 -10.63 -3.84
C GLU D 746 63.58 -10.09 -2.72
N ARG D 747 64.03 -8.84 -2.84
CA ARG D 747 64.88 -8.26 -1.81
C ARG D 747 64.12 -8.12 -0.49
N HIS D 748 62.89 -7.64 -0.54
CA HIS D 748 62.12 -7.49 0.70
C HIS D 748 61.73 -8.83 1.30
N GLU D 749 61.49 -9.85 0.46
CA GLU D 749 61.24 -11.19 0.97
C GLU D 749 62.48 -11.76 1.65
N ALA D 750 63.66 -11.51 1.08
CA ALA D 750 64.89 -11.94 1.73
C ALA D 750 65.08 -11.24 3.08
N GLU D 751 64.80 -9.94 3.13
CA GLU D 751 64.90 -9.22 4.39
C GLU D 751 63.92 -9.77 5.43
N ALA D 752 62.69 -10.05 5.00
CA ALA D 752 61.69 -10.61 5.91
C ALA D 752 62.10 -11.99 6.40
N ASP D 753 62.69 -12.81 5.51
CA ASP D 753 63.17 -14.12 5.91
C ASP D 753 64.30 -14.00 6.93
N ALA D 754 65.20 -13.04 6.72
CA ALA D 754 66.28 -12.81 7.68
C ALA D 754 65.72 -12.38 9.04
N ILE D 755 64.73 -11.50 9.03
CA ILE D 755 64.11 -11.05 10.28
C ILE D 755 63.43 -12.22 10.98
N GLU D 756 62.72 -13.05 10.22
CA GLU D 756 62.06 -14.21 10.83
C GLU D 756 63.07 -15.20 11.40
N ARG D 757 64.19 -15.40 10.69
CA ARG D 757 65.23 -16.29 11.20
C ARG D 757 65.84 -15.74 12.48
N LYS D 758 66.06 -14.42 12.53
CA LYS D 758 66.56 -13.81 13.77
C LYS D 758 65.56 -13.97 14.90
N TYR D 759 64.26 -13.85 14.59
CA TYR D 759 63.22 -14.06 15.60
C TYR D 759 63.25 -15.49 16.11
N GLN D 760 63.43 -16.47 15.21
CA GLN D 760 63.45 -17.86 15.62
C GLN D 760 64.64 -18.17 16.53
N ARG D 761 65.73 -17.41 16.41
CA ARG D 761 66.87 -17.62 17.29
C ARG D 761 66.63 -17.12 18.71
N GLY D 762 65.53 -16.40 18.96
CA GLY D 762 65.17 -15.96 20.29
C GLY D 762 65.52 -14.52 20.61
N ALA D 763 66.33 -13.86 19.78
CA ALA D 763 66.74 -12.47 20.03
C ALA D 763 65.80 -11.47 19.37
N LEU D 764 64.50 -11.62 19.61
CA LEU D 764 63.50 -10.72 19.05
C LEU D 764 62.20 -10.86 19.84
N ASN D 765 61.29 -9.93 19.60
CA ASN D 765 59.97 -9.93 20.20
C ASN D 765 58.91 -9.92 19.11
N HIS D 766 57.72 -10.41 19.47
CA HIS D 766 56.63 -10.46 18.51
C HIS D 766 56.22 -9.07 18.03
N THR D 767 56.11 -8.13 18.96
CA THR D 767 55.75 -6.76 18.59
C THR D 767 56.84 -6.11 17.72
N GLU D 768 58.11 -6.31 18.10
CA GLU D 768 59.20 -5.76 17.31
C GLU D 768 59.24 -6.38 15.92
N ARG D 769 59.04 -7.69 15.83
CA ARG D 769 59.02 -8.35 14.53
C ARG D 769 57.88 -7.84 13.67
N ASN D 770 56.69 -7.68 14.26
CA ASN D 770 55.55 -7.16 13.50
C ASN D 770 55.81 -5.74 13.01
N GLU D 771 56.38 -4.89 13.87
CA GLU D 771 56.67 -3.51 13.46
C GLU D 771 57.71 -3.49 12.35
N SER D 772 58.75 -4.32 12.45
CA SER D 772 59.77 -4.37 11.41
C SER D 772 59.17 -4.84 10.09
N LEU D 773 58.32 -5.88 10.14
CA LEU D 773 57.67 -6.35 8.92
C LEU D 773 56.77 -5.28 8.32
N VAL D 774 56.03 -4.56 9.15
CA VAL D 774 55.15 -3.50 8.66
C VAL D 774 55.97 -2.43 7.97
N LYS D 775 57.08 -2.00 8.58
CA LYS D 775 57.91 -0.99 7.97
C LYS D 775 58.52 -1.48 6.65
N ILE D 776 59.00 -2.72 6.62
CA ILE D 776 59.61 -3.27 5.41
C ILE D 776 58.58 -3.32 4.29
N TRP D 777 57.37 -3.80 4.58
CA TRP D 777 56.37 -3.91 3.53
C TRP D 777 55.85 -2.56 3.09
N GLN D 778 55.78 -1.57 3.99
CA GLN D 778 55.41 -0.22 3.58
C GLN D 778 56.48 0.36 2.65
N ASP D 779 57.76 0.14 2.97
CA ASP D 779 58.82 0.61 2.09
C ASP D 779 58.76 -0.08 0.73
N ALA D 780 58.46 -1.38 0.73
CA ALA D 780 58.33 -2.10 -0.54
C ALA D 780 57.16 -1.57 -1.35
N THR D 781 56.03 -1.28 -0.69
CA THR D 781 54.89 -0.72 -1.39
C THR D 781 55.20 0.65 -1.99
N GLU D 782 55.91 1.50 -1.23
CA GLU D 782 56.30 2.79 -1.75
C GLU D 782 57.23 2.66 -2.95
N GLU D 783 58.19 1.74 -2.87
CA GLU D 783 59.11 1.53 -4.00
C GLU D 783 58.36 1.03 -5.23
N VAL D 784 57.42 0.09 -5.04
CA VAL D 784 56.65 -0.43 -6.16
C VAL D 784 55.79 0.67 -6.78
N GLY D 785 55.19 1.51 -5.95
CA GLY D 785 54.40 2.62 -6.47
C GLY D 785 55.24 3.60 -7.27
N LYS D 786 56.42 3.94 -6.75
CA LYS D 786 57.31 4.84 -7.49
C LYS D 786 57.75 4.22 -8.81
N ALA D 787 58.07 2.93 -8.80
CA ALA D 787 58.48 2.25 -10.03
C ALA D 787 57.35 2.24 -11.04
N LEU D 788 56.12 1.98 -10.59
CA LEU D 788 54.97 2.00 -11.50
C LEU D 788 54.74 3.40 -12.07
N GLU D 789 54.85 4.43 -11.24
CA GLU D 789 54.67 5.79 -11.72
C GLU D 789 55.72 6.16 -12.75
N GLU D 790 56.98 5.76 -12.50
CA GLU D 790 58.05 6.08 -13.45
C GLU D 790 57.89 5.29 -14.75
N PHE D 791 57.48 4.03 -14.67
CA PHE D 791 57.41 3.18 -15.85
C PHE D 791 56.23 3.51 -16.75
N TYR D 792 55.11 3.95 -16.18
CA TYR D 792 53.93 4.20 -16.98
C TYR D 792 54.15 5.41 -17.90
N PRO D 793 53.92 5.27 -19.20
CA PRO D 793 54.08 6.41 -20.11
C PRO D 793 53.05 7.49 -19.84
N ALA D 794 53.41 8.72 -20.21
CA ALA D 794 52.52 9.85 -20.04
C ALA D 794 51.31 9.79 -20.95
N ASP D 795 51.38 9.03 -22.04
CA ASP D 795 50.28 8.90 -22.98
C ASP D 795 49.33 7.75 -22.61
N ASN D 796 49.58 7.06 -21.51
CA ASN D 796 48.72 5.96 -21.10
C ASN D 796 47.33 6.51 -20.74
N PRO D 797 46.26 5.84 -21.17
CA PRO D 797 44.92 6.33 -20.83
C PRO D 797 44.67 6.44 -19.33
N ILE D 798 45.18 5.49 -18.53
CA ILE D 798 44.98 5.56 -17.09
C ILE D 798 45.70 6.78 -16.52
N ILE D 799 46.94 7.01 -16.96
CA ILE D 799 47.69 8.16 -16.49
C ILE D 799 47.04 9.45 -16.97
N THR D 800 46.51 9.45 -18.19
CA THR D 800 45.82 10.63 -18.69
C THR D 800 44.59 10.95 -17.85
N ILE D 801 43.82 9.93 -17.46
CA ILE D 801 42.65 10.14 -16.63
C ILE D 801 43.06 10.65 -15.25
N VAL D 802 44.08 10.03 -14.65
CA VAL D 802 44.45 10.36 -13.28
C VAL D 802 45.04 11.77 -13.20
N LYS D 803 45.97 12.09 -14.10
CA LYS D 803 46.70 13.34 -14.01
C LYS D 803 45.85 14.55 -14.41
N SER D 804 44.88 14.36 -15.31
CA SER D 804 44.07 15.48 -15.76
C SER D 804 43.09 15.97 -14.70
N GLY D 805 42.94 15.25 -13.59
CA GLY D 805 42.02 15.64 -12.56
C GLY D 805 40.60 15.15 -12.74
N ALA D 806 40.34 14.30 -13.74
CA ALA D 806 39.01 13.76 -13.93
C ALA D 806 38.58 12.90 -12.74
N THR D 807 39.30 11.80 -12.51
CA THR D 807 38.99 10.89 -11.41
C THR D 807 40.19 9.98 -11.20
N GLY D 808 40.10 9.12 -10.20
CA GLY D 808 41.15 8.18 -9.90
C GLY D 808 42.20 8.73 -8.95
N ASN D 809 43.03 7.83 -8.43
CA ASN D 809 44.09 8.19 -7.50
C ASN D 809 45.33 7.36 -7.80
N LEU D 810 46.48 7.85 -7.34
CA LEU D 810 47.72 7.11 -7.50
C LEU D 810 47.69 5.81 -6.73
N THR D 811 47.06 5.80 -5.54
CA THR D 811 46.94 4.58 -4.75
C THR D 811 46.12 3.53 -5.50
N GLN D 812 45.03 3.95 -6.13
CA GLN D 812 44.22 3.02 -6.90
C GLN D 812 45.00 2.46 -8.09
N THR D 813 45.78 3.31 -8.75
CA THR D 813 46.61 2.86 -9.87
C THR D 813 47.64 1.84 -9.41
N ARG D 814 48.28 2.10 -8.26
CA ARG D 814 49.24 1.15 -7.71
C ARG D 814 48.56 -0.18 -7.36
N THR D 815 47.37 -0.11 -6.77
CA THR D 815 46.63 -1.32 -6.42
C THR D 815 46.27 -2.13 -7.67
N LEU D 816 45.86 -1.45 -8.74
CA LEU D 816 45.45 -2.14 -9.95
C LEU D 816 46.62 -2.88 -10.59
N ALA D 817 47.80 -2.26 -10.61
CA ALA D 817 48.99 -2.86 -11.19
C ALA D 817 50.16 -2.68 -10.22
N GLY D 818 50.62 -3.77 -9.63
CA GLY D 818 51.73 -3.71 -8.69
C GLY D 818 51.51 -4.53 -7.44
N MET D 819 51.57 -3.87 -6.29
CA MET D 819 51.40 -4.53 -5.00
C MET D 819 50.15 -4.01 -4.32
N LYS D 820 49.34 -4.94 -3.80
CA LYS D 820 48.13 -4.54 -3.09
C LYS D 820 48.46 -3.74 -1.83
N GLY D 821 49.49 -4.15 -1.11
CA GLY D 821 49.90 -3.47 0.10
C GLY D 821 49.45 -4.19 1.36
N LEU D 822 49.72 -3.55 2.49
CA LEU D 822 49.35 -4.12 3.78
C LEU D 822 47.83 -4.16 3.94
N VAL D 823 47.36 -5.19 4.62
CA VAL D 823 45.93 -5.40 4.85
C VAL D 823 45.67 -5.35 6.35
N THR D 824 44.40 -5.17 6.69
CA THR D 824 43.97 -4.98 8.07
C THR D 824 43.13 -6.16 8.54
N ASN D 825 43.34 -6.57 9.80
CA ASN D 825 42.50 -7.57 10.42
C ASN D 825 41.12 -6.99 10.69
N PRO D 826 40.11 -7.85 10.85
CA PRO D 826 38.77 -7.34 11.18
C PRO D 826 38.71 -6.55 12.47
N LYS D 827 39.65 -6.76 13.39
CA LYS D 827 39.71 -6.00 14.63
C LYS D 827 40.51 -4.71 14.51
N GLY D 828 41.04 -4.40 13.33
CA GLY D 828 41.77 -3.18 13.13
C GLY D 828 43.25 -3.27 13.43
N GLU D 829 43.93 -4.25 12.83
CA GLU D 829 45.36 -4.45 13.04
C GLU D 829 45.99 -4.88 11.73
N PHE D 830 47.16 -4.32 11.43
CA PHE D 830 47.87 -4.68 10.21
C PHE D 830 48.37 -6.13 10.29
N ILE D 831 48.25 -6.84 9.18
CA ILE D 831 48.70 -8.23 9.10
C ILE D 831 50.17 -8.24 8.67
N PRO D 832 51.03 -9.01 9.35
CA PRO D 832 52.45 -9.06 8.94
C PRO D 832 52.65 -9.53 7.51
N ARG D 833 51.78 -10.41 7.01
CA ARG D 833 51.90 -10.89 5.64
C ARG D 833 51.01 -10.07 4.73
N PRO D 834 51.56 -9.28 3.80
CA PRO D 834 50.72 -8.49 2.90
C PRO D 834 50.33 -9.27 1.66
N ILE D 835 49.62 -8.63 0.74
CA ILE D 835 49.22 -9.22 -0.52
C ILE D 835 50.16 -8.69 -1.59
N LYS D 836 51.08 -9.53 -2.05
CA LYS D 836 52.08 -9.14 -3.03
C LYS D 836 51.65 -9.39 -4.47
N SER D 837 50.44 -9.88 -4.69
CA SER D 837 49.92 -10.17 -6.02
C SER D 837 48.82 -9.16 -6.35
N SER D 838 48.96 -8.51 -7.51
CA SER D 838 47.97 -7.53 -7.94
C SER D 838 46.72 -8.22 -8.48
N PHE D 839 45.67 -7.42 -8.68
CA PHE D 839 44.43 -7.96 -9.22
C PHE D 839 44.61 -8.48 -10.64
N ARG D 840 45.45 -7.83 -11.44
CA ARG D 840 45.68 -8.29 -12.81
C ARG D 840 46.33 -9.66 -12.84
N GLU D 841 47.29 -9.90 -11.94
CA GLU D 841 47.92 -11.22 -11.88
C GLU D 841 46.97 -12.26 -11.30
N GLY D 842 46.19 -11.89 -10.30
CA GLY D 842 45.24 -12.81 -9.70
C GLY D 842 45.59 -13.20 -8.28
N LEU D 843 44.78 -12.77 -7.31
CA LEU D 843 45.03 -13.08 -5.93
C LEU D 843 44.71 -14.54 -5.63
N THR D 844 45.31 -15.06 -4.57
CA THR D 844 45.05 -16.41 -4.12
C THR D 844 43.78 -16.43 -3.26
N VAL D 845 43.52 -17.58 -2.63
CA VAL D 845 42.30 -17.74 -1.84
C VAL D 845 42.37 -16.93 -0.55
N LEU D 846 43.47 -17.05 0.19
CA LEU D 846 43.55 -16.45 1.51
C LEU D 846 43.73 -14.94 1.44
N GLU D 847 44.49 -14.45 0.46
CA GLU D 847 44.61 -13.01 0.25
C GLU D 847 43.26 -12.40 -0.09
N TYR D 848 42.48 -13.10 -0.94
CA TYR D 848 41.13 -12.63 -1.23
C TYR D 848 40.25 -12.65 0.01
N PHE D 849 40.44 -13.66 0.88
CA PHE D 849 39.69 -13.70 2.13
C PHE D 849 39.97 -12.47 3.00
N ILE D 850 41.24 -12.11 3.11
CA ILE D 850 41.61 -10.94 3.91
C ILE D 850 41.08 -9.66 3.26
N ASN D 851 41.11 -9.59 1.93
CA ASN D 851 40.54 -8.45 1.23
C ASN D 851 39.04 -8.33 1.52
N THR D 852 38.34 -9.46 1.57
CA THR D 852 36.93 -9.44 1.93
C THR D 852 36.73 -8.95 3.36
N HIS D 853 37.60 -9.36 4.27
CA HIS D 853 37.55 -8.83 5.64
C HIS D 853 37.58 -7.31 5.62
N GLY D 854 38.58 -6.75 4.94
CA GLY D 854 38.74 -5.30 4.92
C GLY D 854 37.56 -4.59 4.26
N ALA D 855 37.10 -5.12 3.13
CA ALA D 855 36.00 -4.47 2.41
C ALA D 855 34.71 -4.50 3.22
N ARG D 856 34.42 -5.62 3.88
CA ARG D 856 33.22 -5.67 4.71
C ARG D 856 33.33 -4.71 5.89
N LYS D 857 34.52 -4.61 6.50
CA LYS D 857 34.68 -3.63 7.58
C LYS D 857 34.39 -2.22 7.09
N GLY D 858 34.94 -1.85 5.93
CA GLY D 858 34.70 -0.52 5.40
C GLY D 858 33.23 -0.26 5.09
N LEU D 859 32.57 -1.24 4.47
CA LEU D 859 31.15 -1.09 4.13
C LEU D 859 30.31 -0.93 5.38
N ALA D 860 30.62 -1.70 6.44
CA ALA D 860 29.86 -1.58 7.67
C ALA D 860 30.13 -0.25 8.37
N ASP D 861 31.35 0.28 8.26
CA ASP D 861 31.65 1.55 8.93
C ASP D 861 31.03 2.74 8.22
N THR D 862 30.87 2.66 6.89
CA THR D 862 30.38 3.80 6.14
C THR D 862 28.97 4.22 6.58
N ALA D 863 28.08 3.24 6.80
CA ALA D 863 26.71 3.57 7.18
C ALA D 863 26.66 4.25 8.54
N LEU D 864 27.44 3.75 9.50
CA LEU D 864 27.48 4.37 10.82
C LEU D 864 28.03 5.80 10.74
N ARG D 865 29.07 6.00 9.94
CA ARG D 865 29.61 7.35 9.78
C ARG D 865 28.56 8.28 9.18
N THR D 866 27.82 7.82 8.18
CA THR D 866 26.80 8.67 7.57
C THR D 866 25.68 8.99 8.55
N ALA D 867 25.27 8.01 9.36
CA ALA D 867 24.23 8.26 10.35
C ALA D 867 24.68 9.28 11.39
N ASP D 868 25.93 9.18 11.86
CA ASP D 868 26.45 10.16 12.81
C ASP D 868 26.51 11.54 12.18
N SER D 869 26.92 11.62 10.91
CA SER D 869 26.94 12.91 10.22
C SER D 869 25.55 13.51 10.12
N GLY D 870 24.55 12.67 9.82
CA GLY D 870 23.19 13.17 9.75
C GLY D 870 22.68 13.69 11.09
N TYR D 871 23.00 12.97 12.17
CA TYR D 871 22.61 13.44 13.50
C TYR D 871 23.27 14.77 13.84
N LEU D 872 24.56 14.89 13.53
CA LEU D 872 25.27 16.14 13.79
C LEU D 872 24.67 17.29 12.98
N THR D 873 24.34 17.04 11.71
CA THR D 873 23.72 18.08 10.90
C THR D 873 22.38 18.49 11.47
N ARG D 874 21.58 17.52 11.94
CA ARG D 874 20.29 17.85 12.52
C ARG D 874 20.45 18.74 13.76
N ARG D 875 21.39 18.38 14.64
CA ARG D 875 21.60 19.19 15.84
C ARG D 875 22.07 20.59 15.49
N LEU D 876 23.02 20.70 14.55
CA LEU D 876 23.53 22.02 14.17
C LEU D 876 22.43 22.89 13.55
N VAL D 877 21.58 22.30 12.71
CA VAL D 877 20.49 23.07 12.10
C VAL D 877 19.50 23.52 13.18
N ASP D 878 19.17 22.62 14.11
CA ASP D 878 18.18 22.97 15.13
C ASP D 878 18.73 23.93 16.17
N VAL D 879 20.05 24.08 16.26
CA VAL D 879 20.63 25.03 17.20
C VAL D 879 20.66 26.43 16.61
N SER D 880 21.27 26.58 15.44
CA SER D 880 21.49 27.89 14.83
C SER D 880 20.36 28.18 13.84
N GLN D 881 19.22 28.61 14.37
CA GLN D 881 18.09 29.00 13.52
C GLN D 881 17.63 30.43 13.76
N ASP D 882 18.04 31.07 14.86
CA ASP D 882 17.67 32.44 15.15
C ASP D 882 18.74 33.45 14.69
N VAL D 883 19.77 32.99 13.99
CA VAL D 883 20.79 33.87 13.44
C VAL D 883 20.33 34.27 12.04
N ILE D 884 19.69 35.44 11.95
CA ILE D 884 19.17 35.96 10.68
C ILE D 884 19.62 37.41 10.55
N VAL D 885 20.06 37.77 9.35
CA VAL D 885 20.49 39.15 9.10
C VAL D 885 19.30 40.07 9.24
N ARG D 886 19.44 41.12 10.05
CA ARG D 886 18.36 42.05 10.32
C ARG D 886 18.65 43.49 9.93
N GLU D 887 19.92 43.93 10.01
CA GLU D 887 20.26 45.31 9.73
C GLU D 887 21.28 45.39 8.61
N HIS D 888 21.78 46.59 8.33
CA HIS D 888 22.87 46.77 7.38
C HIS D 888 24.21 46.91 8.06
N ASP D 889 24.32 47.80 9.05
CA ASP D 889 25.57 47.97 9.78
C ASP D 889 25.23 48.31 11.22
N CYS D 890 25.90 47.63 12.15
CA CYS D 890 25.69 47.87 13.58
C CYS D 890 26.59 48.98 14.13
N GLU D 891 27.52 49.50 13.33
CA GLU D 891 28.42 50.57 13.73
C GLU D 891 29.22 50.19 14.97
N THR D 892 30.03 49.14 14.82
CA THR D 892 30.86 48.61 15.89
C THR D 892 32.33 48.70 15.50
N GLU D 893 33.16 49.13 16.45
CA GLU D 893 34.59 49.25 16.22
C GLU D 893 35.35 47.96 16.50
N ARG D 894 34.71 46.96 17.11
CA ARG D 894 35.38 45.73 17.46
C ARG D 894 35.58 44.85 16.23
N GLY D 895 36.44 43.85 16.38
CA GLY D 895 36.75 42.98 15.26
C GLY D 895 37.47 41.73 15.72
N ILE D 896 38.06 41.03 14.75
CA ILE D 896 38.78 39.79 14.97
C ILE D 896 40.15 39.90 14.30
N ASN D 897 41.20 39.60 15.06
CA ASN D 897 42.55 39.64 14.53
C ASN D 897 42.80 38.43 13.63
N VAL D 898 43.30 38.68 12.42
CA VAL D 898 43.61 37.63 11.45
C VAL D 898 45.02 37.85 10.94
N THR D 899 45.81 36.77 10.90
CA THR D 899 47.20 36.85 10.48
C THR D 899 47.32 36.50 9.00
N LEU D 900 48.01 37.36 8.25
CA LEU D 900 48.24 37.13 6.83
C LEU D 900 49.59 36.47 6.57
N ALA D 901 50.66 37.04 7.12
CA ALA D 901 51.99 36.45 7.04
C ALA D 901 52.55 36.36 8.45
N GLU D 902 53.19 35.23 8.77
CA GLU D 902 53.62 34.98 10.14
C GLU D 902 55.04 35.49 10.38
N ARG D 903 56.01 34.95 9.65
CA ARG D 903 57.40 35.37 9.81
C ARG D 903 58.04 35.83 8.51
N GLY D 904 58.07 34.97 7.50
CA GLY D 904 58.87 35.20 6.32
C GLY D 904 60.27 34.68 6.48
N PRO D 905 60.75 33.95 5.47
CA PRO D 905 62.11 33.38 5.54
C PRO D 905 63.20 34.43 5.72
N ASP D 906 63.07 35.58 5.05
CA ASP D 906 64.03 36.66 5.18
C ASP D 906 63.34 38.02 5.17
N GLY D 907 62.13 38.09 5.73
CA GLY D 907 61.34 39.30 5.67
C GLY D 907 60.46 39.43 4.44
N THR D 908 60.40 38.40 3.59
CA THR D 908 59.58 38.45 2.39
C THR D 908 58.10 38.32 2.68
N LEU D 909 57.72 37.97 3.92
CA LEU D 909 56.33 37.85 4.34
C LEU D 909 55.58 36.84 3.48
N ILE D 910 56.01 35.58 3.59
CA ILE D 910 55.37 34.50 2.86
C ILE D 910 53.92 34.39 3.29
N ARG D 911 53.02 34.31 2.30
CA ARG D 911 51.59 34.25 2.60
C ARG D 911 51.25 32.97 3.34
N ASP D 912 50.34 33.09 4.31
CA ASP D 912 49.89 31.93 5.06
C ASP D 912 49.10 30.99 4.13
N ALA D 913 49.27 29.69 4.35
CA ALA D 913 48.64 28.70 3.49
C ALA D 913 47.14 28.59 3.71
N HIS D 914 46.60 29.19 4.77
CA HIS D 914 45.19 29.10 5.12
C HIS D 914 44.59 30.49 5.23
N VAL D 915 44.89 31.35 4.25
CA VAL D 915 44.35 32.70 4.23
C VAL D 915 43.12 32.83 3.34
N GLU D 916 42.87 31.85 2.47
CA GLU D 916 41.68 31.92 1.62
C GLU D 916 40.41 31.61 2.38
N THR D 917 40.52 30.98 3.55
CA THR D 917 39.37 30.64 4.38
C THR D 917 39.40 31.34 5.74
N SER D 918 40.22 32.38 5.89
CA SER D 918 40.27 33.09 7.16
C SER D 918 40.15 34.61 6.96
N ALA D 919 40.62 35.10 5.82
CA ALA D 919 40.64 36.54 5.56
C ALA D 919 39.82 36.97 4.36
N PHE D 920 39.51 36.08 3.43
CA PHE D 920 38.69 36.44 2.29
C PHE D 920 37.23 36.63 2.71
N ALA D 921 36.52 37.47 1.95
CA ALA D 921 35.10 37.73 2.17
C ALA D 921 34.83 38.25 3.58
N ARG D 922 35.66 39.21 4.02
CA ARG D 922 35.46 39.87 5.31
C ARG D 922 35.69 41.36 5.14
N THR D 923 35.12 42.13 6.06
CA THR D 923 35.21 43.59 6.03
C THR D 923 36.12 44.06 7.15
N LEU D 924 37.06 44.93 6.81
CA LEU D 924 37.99 45.46 7.81
C LEU D 924 37.25 46.31 8.84
N ALA D 925 37.74 46.26 10.07
CA ALA D 925 37.19 47.08 11.15
C ALA D 925 37.95 48.38 11.36
N THR D 926 39.28 48.37 11.22
CA THR D 926 40.10 49.55 11.38
C THR D 926 41.03 49.68 10.18
N ASP D 927 41.47 50.91 9.93
CA ASP D 927 42.36 51.18 8.81
C ASP D 927 43.67 50.43 8.97
N ALA D 928 44.19 49.90 7.88
CA ALA D 928 45.46 49.16 7.90
C ALA D 928 46.60 50.16 7.93
N VAL D 929 47.31 50.21 9.05
CA VAL D 929 48.40 51.16 9.26
C VAL D 929 49.68 50.37 9.53
N ASP D 930 50.74 50.69 8.78
CA ASP D 930 52.04 50.06 8.91
C ASP D 930 53.05 51.08 9.44
N ALA D 931 54.32 50.68 9.49
CA ALA D 931 55.38 51.61 9.84
C ALA D 931 55.41 52.76 8.84
N ASN D 932 55.65 53.96 9.35
CA ASN D 932 55.45 55.20 8.59
C ASN D 932 53.99 55.28 8.11
N GLY D 933 53.10 55.46 9.09
CA GLY D 933 51.67 55.30 8.92
C GLY D 933 51.04 55.90 7.69
N ASN D 934 50.54 55.03 6.80
CA ASN D 934 49.79 55.42 5.63
C ASN D 934 48.57 54.51 5.51
N VAL D 935 47.44 55.10 5.15
CA VAL D 935 46.20 54.33 5.03
C VAL D 935 46.22 53.54 3.73
N ILE D 936 46.54 52.25 3.83
CA ILE D 936 46.60 51.39 2.64
C ILE D 936 45.20 50.97 2.21
N ILE D 937 44.46 50.34 3.13
CA ILE D 937 43.08 49.92 2.89
C ILE D 937 42.20 50.60 3.93
N GLU D 938 41.16 51.28 3.47
CA GLU D 938 40.29 52.02 4.37
C GLU D 938 39.34 51.09 5.11
N ARG D 939 38.74 51.63 6.17
CA ARG D 939 37.76 50.88 6.95
C ARG D 939 36.52 50.59 6.12
N GLY D 940 36.01 49.36 6.25
CA GLY D 940 34.82 48.95 5.53
C GLY D 940 35.06 48.45 4.13
N HIS D 941 36.30 48.15 3.76
CA HIS D 941 36.62 47.65 2.44
C HIS D 941 36.64 46.13 2.44
N ASP D 942 35.83 45.52 1.58
CA ASP D 942 35.73 44.07 1.53
C ASP D 942 37.04 43.49 1.02
N LEU D 943 37.68 42.66 1.84
CA LEU D 943 38.97 42.09 1.48
C LEU D 943 38.83 41.10 0.33
N GLY D 944 39.79 41.15 -0.59
CA GLY D 944 39.86 40.22 -1.70
C GLY D 944 41.30 39.88 -2.02
N ASP D 945 41.52 39.16 -3.12
CA ASP D 945 42.89 38.83 -3.52
C ASP D 945 43.74 40.06 -3.79
N PRO D 946 43.28 41.05 -4.57
CA PRO D 946 44.10 42.29 -4.71
C PRO D 946 44.34 42.98 -3.38
N ALA D 947 43.35 42.99 -2.48
CA ALA D 947 43.54 43.63 -1.19
C ALA D 947 44.59 42.91 -0.36
N ILE D 948 44.57 41.57 -0.36
CA ILE D 948 45.58 40.81 0.37
C ILE D 948 46.96 41.03 -0.24
N ASP D 949 47.04 41.07 -1.57
CA ASP D 949 48.33 41.32 -2.21
C ASP D 949 48.87 42.70 -1.83
N ALA D 950 48.01 43.71 -1.83
CA ALA D 950 48.44 45.06 -1.45
C ALA D 950 48.88 45.10 0.01
N LEU D 951 48.14 44.42 0.89
CA LEU D 951 48.52 44.41 2.30
C LEU D 951 49.87 43.71 2.50
N LEU D 952 50.10 42.61 1.80
CA LEU D 952 51.38 41.90 1.94
C LEU D 952 52.52 42.72 1.37
N ALA D 953 52.29 43.41 0.24
CA ALA D 953 53.35 44.22 -0.37
C ALA D 953 53.71 45.42 0.49
N ALA D 954 52.78 45.92 1.29
CA ALA D 954 53.03 47.08 2.12
C ALA D 954 53.67 46.74 3.46
N GLY D 955 53.92 45.46 3.74
CA GLY D 955 54.55 45.08 4.99
C GLY D 955 53.62 44.91 6.16
N ILE D 956 52.33 44.66 5.92
CA ILE D 956 51.35 44.46 6.98
C ILE D 956 51.09 42.97 7.13
N THR D 957 51.18 42.47 8.35
CA THR D 957 51.04 41.05 8.63
C THR D 957 49.69 40.68 9.23
N THR D 958 49.07 41.57 10.00
CA THR D 958 47.81 41.27 10.66
C THR D 958 46.80 42.38 10.41
N VAL D 959 45.52 42.01 10.34
CA VAL D 959 44.43 42.94 10.15
C VAL D 959 43.33 42.62 11.15
N LYS D 960 42.45 43.59 11.36
CA LYS D 960 41.34 43.46 12.30
C LYS D 960 40.05 43.46 11.49
N VAL D 961 39.49 42.27 11.26
CA VAL D 961 38.31 42.11 10.43
C VAL D 961 37.09 41.92 11.32
N ARG D 962 35.94 42.42 10.85
CA ARG D 962 34.70 42.28 11.58
C ARG D 962 34.13 40.88 11.41
N SER D 963 33.58 40.34 12.49
CA SER D 963 33.04 38.99 12.47
C SER D 963 31.82 38.92 13.38
N VAL D 964 30.99 37.90 13.15
CA VAL D 964 29.74 37.74 13.90
C VAL D 964 29.95 37.38 15.35
N LEU D 965 31.18 37.02 15.75
CA LEU D 965 31.45 36.72 17.15
C LEU D 965 31.24 37.95 18.03
N THR D 966 31.71 39.12 17.56
CA THR D 966 31.60 40.37 18.30
C THR D 966 30.70 41.31 17.49
N CYS D 967 29.41 41.21 17.73
CA CYS D 967 28.42 42.06 17.07
C CYS D 967 27.49 42.66 18.12
N THR D 968 27.07 43.90 17.89
CA THR D 968 26.21 44.63 18.81
C THR D 968 24.76 44.69 18.35
N SER D 969 24.39 43.89 17.35
CA SER D 969 23.02 43.91 16.87
C SER D 969 22.08 43.32 17.92
N ALA D 970 20.91 43.95 18.07
CA ALA D 970 19.95 43.50 19.08
C ALA D 970 19.41 42.11 18.75
N THR D 971 18.98 41.91 17.50
CA THR D 971 18.45 40.62 17.06
C THR D 971 19.23 40.17 15.84
N GLY D 972 19.73 38.93 15.87
CA GLY D 972 20.50 38.42 14.77
C GLY D 972 21.81 39.16 14.58
N VAL D 973 22.36 39.03 13.37
CA VAL D 973 23.57 39.75 13.00
C VAL D 973 23.22 40.75 11.91
N CYS D 974 24.20 41.54 11.48
CA CYS D 974 23.99 42.53 10.43
C CYS D 974 24.75 42.13 9.17
N ALA D 975 24.53 42.90 8.10
CA ALA D 975 25.12 42.56 6.81
C ALA D 975 26.63 42.78 6.79
N MET D 976 27.09 43.89 7.37
CA MET D 976 28.52 44.21 7.30
C MET D 976 29.34 43.21 8.11
N CYS D 977 28.86 42.82 9.31
CA CYS D 977 29.62 41.89 10.12
C CYS D 977 29.72 40.52 9.47
N TYR D 978 28.62 40.03 8.88
CA TYR D 978 28.67 38.75 8.20
C TYR D 978 29.60 38.81 7.00
N GLY D 979 29.54 39.90 6.23
CA GLY D 979 30.46 40.10 5.12
C GLY D 979 29.91 39.63 3.79
N ARG D 980 30.81 39.28 2.86
CA ARG D 980 30.41 38.82 1.54
C ARG D 980 29.76 37.45 1.63
N SER D 981 28.66 37.28 0.89
CA SER D 981 28.03 35.98 0.77
C SER D 981 28.84 35.11 -0.18
N MET D 982 29.07 33.86 0.21
CA MET D 982 29.94 32.98 -0.57
C MET D 982 29.28 32.49 -1.86
N ALA D 983 27.97 32.61 -1.98
CA ALA D 983 27.27 32.11 -3.17
C ALA D 983 27.08 33.20 -4.22
N THR D 984 26.40 34.29 -3.85
CA THR D 984 26.12 35.34 -4.81
C THR D 984 27.40 36.05 -5.25
N GLY D 985 28.33 36.26 -4.34
CA GLY D 985 29.55 36.99 -4.64
C GLY D 985 29.51 38.45 -4.25
N LYS D 986 28.41 38.93 -3.68
CA LYS D 986 28.30 40.31 -3.22
C LYS D 986 27.88 40.34 -1.77
N LEU D 987 27.51 41.52 -1.26
CA LEU D 987 27.12 41.65 0.13
C LEU D 987 25.85 40.83 0.40
N VAL D 988 25.78 40.28 1.61
CA VAL D 988 24.67 39.40 1.97
C VAL D 988 23.38 40.21 2.06
N ASP D 989 22.31 39.69 1.45
CA ASP D 989 21.03 40.37 1.46
C ASP D 989 20.43 40.40 2.85
N ILE D 990 19.67 41.46 3.13
CA ILE D 990 19.00 41.60 4.42
C ILE D 990 17.85 40.61 4.51
N GLY D 991 17.78 39.88 5.62
CA GLY D 991 16.72 38.92 5.84
C GLY D 991 17.04 37.50 5.44
N GLU D 992 18.25 37.23 4.96
CA GLU D 992 18.64 35.88 4.57
C GLU D 992 18.94 35.05 5.82
N ALA D 993 18.47 33.80 5.82
CA ALA D 993 18.72 32.89 6.93
C ALA D 993 20.12 32.32 6.78
N VAL D 994 21.05 32.78 7.63
CA VAL D 994 22.43 32.35 7.52
C VAL D 994 22.77 31.20 8.47
N GLY D 995 22.01 31.02 9.55
CA GLY D 995 22.27 29.92 10.45
C GLY D 995 22.08 28.56 9.80
N ILE D 996 20.99 28.41 9.04
CA ILE D 996 20.74 27.15 8.34
C ILE D 996 21.83 26.88 7.32
N VAL D 997 22.24 27.91 6.58
CA VAL D 997 23.29 27.76 5.59
C VAL D 997 24.59 27.31 6.25
N ALA D 998 24.95 27.95 7.36
CA ALA D 998 26.17 27.57 8.06
C ALA D 998 26.10 26.14 8.58
N ALA D 999 24.96 25.76 9.17
CA ALA D 999 24.83 24.42 9.72
C ALA D 999 24.90 23.36 8.61
N GLN D 1000 24.24 23.60 7.48
CA GLN D 1000 24.30 22.65 6.38
C GLN D 1000 25.70 22.58 5.79
N SER D 1001 26.40 23.71 5.70
CA SER D 1001 27.76 23.71 5.17
C SER D 1001 28.70 22.94 6.09
N ILE D 1002 28.53 23.06 7.40
CA ILE D 1002 29.38 22.32 8.34
C ILE D 1002 29.06 20.83 8.29
N GLY D 1003 27.77 20.48 8.29
CA GLY D 1003 27.38 19.08 8.37
C GLY D 1003 27.40 18.31 7.07
N GLU D 1004 27.47 18.98 5.93
CA GLU D 1004 27.46 18.27 4.65
C GLU D 1004 28.69 17.38 4.46
N PRO D 1005 29.96 17.87 4.68
CA PRO D 1005 31.13 16.99 4.51
C PRO D 1005 31.36 16.05 5.70
N GLY D 1006 30.32 15.32 6.09
CA GLY D 1006 30.43 14.39 7.19
C GLY D 1006 30.59 12.96 6.73
N THR D 1007 30.06 12.65 5.55
CA THR D 1007 30.19 11.30 5.01
C THR D 1007 31.63 11.00 4.60
N GLN D 1008 32.35 12.00 4.09
CA GLN D 1008 33.71 11.82 3.62
C GLN D 1008 34.76 12.17 4.67
N LEU D 1009 34.38 12.21 5.94
CA LEU D 1009 35.29 12.54 7.03
C LEU D 1009 35.72 11.24 7.70
N THR D 1010 36.74 10.61 7.13
CA THR D 1010 37.22 9.33 7.63
C THR D 1010 37.97 9.52 8.94
N MET D 1011 37.61 8.72 9.95
CA MET D 1011 38.25 8.80 11.25
C MET D 1011 39.63 8.15 11.20
N ARG D 1012 40.63 8.85 11.72
CA ARG D 1012 41.98 8.31 11.80
C ARG D 1012 42.46 8.28 13.25
N VAL D 1026 42.38 10.77 19.40
CA VAL D 1026 41.04 10.76 18.81
C VAL D 1026 40.94 11.87 17.76
N GLY D 1027 40.24 11.58 16.67
CA GLY D 1027 40.08 12.55 15.61
C GLY D 1027 38.96 12.14 14.69
N GLY D 1028 38.69 13.02 13.71
CA GLY D 1028 37.62 12.78 12.77
C GLY D 1028 36.28 13.28 13.25
N LEU D 1029 35.21 12.59 12.86
CA LEU D 1029 33.87 13.01 13.26
C LEU D 1029 33.65 13.03 14.77
N PRO D 1030 34.06 12.02 15.55
CA PRO D 1030 33.90 12.13 17.01
C PRO D 1030 34.62 13.33 17.61
N ARG D 1031 35.77 13.73 17.04
CA ARG D 1031 36.43 14.95 17.53
C ARG D 1031 35.56 16.17 17.32
N VAL D 1032 34.92 16.28 16.15
CA VAL D 1032 34.02 17.41 15.91
C VAL D 1032 32.82 17.36 16.85
N GLN D 1033 32.27 16.16 17.08
CA GLN D 1033 31.13 16.03 17.97
C GLN D 1033 31.48 16.45 19.40
N GLU D 1034 32.65 16.03 19.89
CA GLU D 1034 33.05 16.41 21.24
C GLU D 1034 33.50 17.86 21.32
N LEU D 1035 33.91 18.46 20.20
CA LEU D 1035 34.22 19.89 20.20
C LEU D 1035 32.96 20.73 20.30
N PHE D 1036 31.94 20.38 19.50
CA PHE D 1036 30.72 21.18 19.49
C PHE D 1036 29.88 20.97 20.74
N GLU D 1037 29.88 19.75 21.29
CA GLU D 1037 29.15 19.47 22.52
C GLU D 1037 29.82 20.07 23.75
N ALA D 1038 31.04 20.58 23.61
CA ALA D 1038 31.80 21.14 24.74
C ALA D 1038 31.96 20.14 25.87
N ARG D 1039 32.22 18.88 25.51
CA ARG D 1039 32.47 17.84 26.49
C ARG D 1039 33.94 17.87 26.92
N VAL D 1040 34.21 17.23 28.05
CA VAL D 1040 35.60 17.07 28.49
C VAL D 1040 36.29 16.02 27.62
N PRO D 1041 37.45 16.30 27.04
CA PRO D 1041 38.08 15.33 26.16
C PRO D 1041 38.48 14.07 26.89
N ARG D 1042 38.45 12.94 26.15
CA ARG D 1042 38.86 11.67 26.73
C ARG D 1042 40.33 11.70 27.11
N ASN D 1043 41.18 12.24 26.23
CA ASN D 1043 42.61 12.40 26.52
C ASN D 1043 42.87 13.83 26.97
N LYS D 1044 42.40 14.12 28.17
CA LYS D 1044 42.50 15.48 28.72
C LYS D 1044 43.95 15.86 28.93
N ALA D 1045 44.31 17.07 28.51
CA ALA D 1045 45.65 17.62 28.71
C ALA D 1045 45.56 18.91 29.51
N PRO D 1046 45.90 18.89 30.80
CA PRO D 1046 45.79 20.12 31.59
C PRO D 1046 46.74 21.20 31.09
N ILE D 1047 46.30 22.44 31.23
CA ILE D 1047 47.09 23.59 30.82
C ILE D 1047 47.49 24.38 32.05
N ALA D 1048 48.60 25.12 31.92
CA ALA D 1048 49.10 25.93 33.02
C ALA D 1048 48.14 27.07 33.32
N ASP D 1049 48.05 27.44 34.60
CA ASP D 1049 47.21 28.54 35.04
C ASP D 1049 47.97 29.84 35.19
N VAL D 1050 49.17 29.81 35.76
CA VAL D 1050 50.00 30.99 35.93
C VAL D 1050 51.45 30.62 35.57
N ALA D 1051 52.11 31.54 34.87
CA ALA D 1051 53.49 31.31 34.46
C ALA D 1051 54.42 31.29 35.66
N GLY D 1052 55.41 30.41 35.63
CA GLY D 1052 56.36 30.31 36.72
C GLY D 1052 57.18 29.04 36.60
N ARG D 1053 57.81 28.68 37.72
CA ARG D 1053 58.67 27.51 37.77
C ARG D 1053 57.85 26.24 37.63
N VAL D 1054 58.42 25.24 36.96
CA VAL D 1054 57.79 23.95 36.73
C VAL D 1054 58.54 22.89 37.51
N ARG D 1055 57.81 22.11 38.31
CA ARG D 1055 58.40 21.05 39.12
C ARG D 1055 57.88 19.70 38.64
N LEU D 1056 58.79 18.75 38.48
CA LEU D 1056 58.45 17.41 38.00
C LEU D 1056 58.65 16.40 39.11
N GLU D 1057 57.65 15.55 39.33
CA GLU D 1057 57.73 14.46 40.28
C GLU D 1057 57.44 13.15 39.57
N GLU D 1058 58.29 12.16 39.78
CA GLU D 1058 58.18 10.87 39.12
C GLU D 1058 57.70 9.81 40.10
N SER D 1059 56.71 9.03 39.67
CA SER D 1059 56.15 7.97 40.49
C SER D 1059 55.79 6.80 39.57
N ASP D 1060 55.05 5.84 40.12
CA ASP D 1060 54.63 4.65 39.39
C ASP D 1060 53.15 4.77 39.03
N LYS D 1061 52.84 4.52 37.76
CA LYS D 1061 51.50 4.52 37.18
C LYS D 1061 50.89 5.92 37.08
N PHE D 1062 51.57 6.96 37.53
CA PHE D 1062 51.06 8.32 37.40
C PHE D 1062 52.22 9.31 37.50
N PHE D 1063 51.96 10.53 37.04
CA PHE D 1063 52.90 11.63 37.10
C PHE D 1063 52.39 12.70 38.06
N LYS D 1064 53.15 13.79 38.16
CA LYS D 1064 52.77 14.90 39.04
C LYS D 1064 53.54 16.13 38.61
N ILE D 1065 52.81 17.22 38.33
CA ILE D 1065 53.40 18.47 37.87
C ILE D 1065 53.01 19.58 38.85
N THR D 1066 54.00 20.33 39.33
CA THR D 1066 53.79 21.44 40.23
C THR D 1066 54.25 22.72 39.56
N ILE D 1067 53.41 23.75 39.59
CA ILE D 1067 53.71 25.04 38.97
C ILE D 1067 53.94 26.04 40.09
N VAL D 1068 55.20 26.35 40.36
CA VAL D 1068 55.54 27.36 41.34
C VAL D 1068 55.35 28.74 40.71
N PRO D 1069 54.58 29.63 41.34
CA PRO D 1069 54.35 30.95 40.74
C PRO D 1069 55.64 31.73 40.56
N ASP D 1070 55.73 32.45 39.44
CA ASP D 1070 56.93 33.25 39.17
C ASP D 1070 57.05 34.41 40.15
N ASP D 1071 55.95 35.07 40.47
CA ASP D 1071 55.94 36.20 41.38
C ASP D 1071 55.53 35.82 42.80
N GLY D 1072 55.41 34.53 43.08
CA GLY D 1072 55.03 34.08 44.40
C GLY D 1072 53.55 33.77 44.50
N GLY D 1073 53.20 32.91 45.44
CA GLY D 1073 51.83 32.49 45.66
C GLY D 1073 51.78 31.02 46.00
N GLU D 1074 50.56 30.48 45.95
CA GLU D 1074 50.36 29.07 46.26
C GLU D 1074 50.65 28.21 45.04
N GLU D 1075 51.46 27.17 45.23
CA GLU D 1075 51.77 26.27 44.14
C GLU D 1075 50.56 25.45 43.74
N VAL D 1076 50.48 25.11 42.46
CA VAL D 1076 49.36 24.37 41.90
C VAL D 1076 49.74 22.90 41.82
N VAL D 1077 48.88 22.04 42.35
CA VAL D 1077 49.10 20.60 42.38
C VAL D 1077 48.07 19.93 41.48
N TYR D 1078 48.53 19.07 40.58
CA TYR D 1078 47.67 18.37 39.65
C TYR D 1078 47.32 16.99 40.21
N ASP D 1079 46.71 16.16 39.38
CA ASP D 1079 46.26 14.82 39.78
C ASP D 1079 47.01 13.78 38.95
N LYS D 1080 46.59 12.52 39.11
CA LYS D 1080 47.25 11.41 38.43
C LYS D 1080 47.17 11.58 36.91
N LEU D 1081 48.27 11.25 36.23
CA LEU D 1081 48.38 11.40 34.79
C LEU D 1081 48.71 10.04 34.16
N SER D 1082 48.05 9.75 33.05
CA SER D 1082 48.26 8.48 32.37
C SER D 1082 49.68 8.40 31.79
N LYS D 1083 50.28 7.22 31.90
CA LYS D 1083 51.64 7.03 31.38
C LYS D 1083 51.65 7.00 29.85
N ARG D 1084 50.57 6.55 29.23
CA ARG D 1084 50.50 6.46 27.77
C ARG D 1084 50.10 7.83 27.17
N GLN D 1085 50.91 8.83 27.51
CA GLN D 1085 50.70 10.18 27.00
C GLN D 1085 52.01 10.95 27.13
N ARG D 1086 52.41 11.62 26.06
CA ARG D 1086 53.67 12.35 26.00
C ARG D 1086 53.46 13.82 26.33
N LEU D 1087 54.49 14.46 26.85
CA LEU D 1087 54.44 15.87 27.15
C LEU D 1087 54.67 16.69 25.89
N ARG D 1088 54.29 17.97 25.95
CA ARG D 1088 54.44 18.85 24.81
C ARG D 1088 55.91 19.08 24.50
N VAL D 1089 56.24 19.18 23.21
CA VAL D 1089 57.60 19.40 22.75
C VAL D 1089 57.88 20.90 22.77
N ILE D 1090 58.99 21.28 23.41
CA ILE D 1090 59.39 22.68 23.52
C ILE D 1090 60.50 22.90 22.50
N THR D 1091 60.13 23.38 21.31
CA THR D 1091 61.06 23.64 20.23
C THR D 1091 61.94 22.43 19.93
N HIS D 1092 63.25 22.58 20.08
CA HIS D 1092 64.18 21.50 19.83
C HIS D 1092 64.18 20.50 20.98
N GLY D 1098 62.94 19.33 24.65
CA GLY D 1098 61.85 18.85 23.81
C GLY D 1098 60.90 17.92 24.55
N VAL D 1099 61.17 17.70 25.83
CA VAL D 1099 60.33 16.86 26.66
C VAL D 1099 59.70 17.59 27.83
N LEU D 1100 60.08 18.85 28.07
CA LEU D 1100 59.54 19.64 29.18
C LEU D 1100 59.73 18.93 30.51
N SER D 1101 60.91 18.34 30.70
CA SER D 1101 61.21 17.61 31.93
C SER D 1101 61.19 18.54 33.13
N ASP D 1102 62.11 19.51 33.15
CA ASP D 1102 62.21 20.43 34.28
C ASP D 1102 63.06 21.62 33.86
N GLY D 1103 63.09 22.64 34.71
CA GLY D 1103 63.88 23.83 34.45
C GLY D 1103 63.43 24.64 33.26
N ASP D 1104 62.12 24.83 33.09
CA ASP D 1104 61.59 25.63 31.99
C ASP D 1104 60.48 26.53 32.53
N HIS D 1105 60.27 27.64 31.84
CA HIS D 1105 59.25 28.62 32.20
C HIS D 1105 58.10 28.52 31.21
N VAL D 1106 56.94 28.06 31.70
CA VAL D 1106 55.76 27.92 30.86
C VAL D 1106 55.05 29.26 30.74
N GLU D 1107 54.12 29.36 29.79
CA GLU D 1107 53.40 30.59 29.55
C GLU D 1107 52.16 30.66 30.45
N VAL D 1108 51.32 31.67 30.21
CA VAL D 1108 50.10 31.82 30.99
C VAL D 1108 49.13 30.67 30.73
N GLY D 1109 48.97 30.31 29.46
CA GLY D 1109 48.05 29.24 29.10
C GLY D 1109 48.67 28.20 28.18
N ASP D 1110 49.96 27.95 28.36
CA ASP D 1110 50.65 26.98 27.52
C ASP D 1110 50.23 25.57 27.87
N GLN D 1111 49.92 24.77 26.85
CA GLN D 1111 49.56 23.37 27.08
C GLN D 1111 50.77 22.58 27.55
N LEU D 1112 50.55 21.70 28.53
CA LEU D 1112 51.65 20.96 29.15
C LEU D 1112 51.87 19.60 28.50
N MET D 1113 50.80 18.82 28.31
CA MET D 1113 50.90 17.49 27.75
C MET D 1113 50.20 17.43 26.39
N GLU D 1114 50.62 16.46 25.58
CA GLU D 1114 50.02 16.27 24.28
C GLU D 1114 48.59 15.75 24.43
N GLY D 1115 47.67 16.33 23.68
CA GLY D 1115 46.28 15.95 23.74
C GLY D 1115 45.38 17.14 23.46
N ALA D 1116 44.20 17.11 24.07
CA ALA D 1116 43.21 18.16 23.92
C ALA D 1116 42.85 18.74 25.28
N ALA D 1117 42.71 20.05 25.34
CA ALA D 1117 42.34 20.76 26.57
C ALA D 1117 40.86 21.08 26.54
N ASP D 1118 40.20 20.88 27.68
CA ASP D 1118 38.77 21.17 27.77
C ASP D 1118 38.53 22.66 27.62
N PRO D 1119 37.62 23.07 26.73
CA PRO D 1119 37.42 24.52 26.50
C PRO D 1119 36.91 25.27 27.71
N HIS D 1120 36.32 24.59 28.69
CA HIS D 1120 35.86 25.27 29.90
C HIS D 1120 37.03 25.90 30.65
N GLU D 1121 38.14 25.17 30.78
CA GLU D 1121 39.31 25.71 31.46
C GLU D 1121 39.91 26.87 30.70
N VAL D 1122 39.96 26.78 29.36
CA VAL D 1122 40.48 27.87 28.56
C VAL D 1122 39.61 29.12 28.71
N LEU D 1123 38.29 28.93 28.74
CA LEU D 1123 37.39 30.07 28.93
C LEU D 1123 37.58 30.69 30.32
N ARG D 1124 37.74 29.85 31.34
CA ARG D 1124 37.87 30.36 32.70
C ARG D 1124 39.18 31.08 32.91
N VAL D 1125 40.27 30.58 32.33
CA VAL D 1125 41.60 31.11 32.62
C VAL D 1125 41.90 32.33 31.77
N GLN D 1126 41.79 32.19 30.45
CA GLN D 1126 42.26 33.22 29.53
C GLN D 1126 41.17 34.25 29.22
N GLY D 1127 40.05 33.81 28.65
CA GLY D 1127 38.96 34.70 28.35
C GLY D 1127 38.06 34.21 27.23
N PRO D 1128 36.97 34.93 26.98
CA PRO D 1128 36.04 34.50 25.92
C PRO D 1128 36.63 34.54 24.52
N ARG D 1129 37.69 35.31 24.30
CA ARG D 1129 38.30 35.34 22.98
C ARG D 1129 39.12 34.08 22.70
N GLU D 1130 39.88 33.61 23.69
CA GLU D 1130 40.76 32.48 23.47
C GLU D 1130 39.98 31.19 23.27
N VAL D 1131 38.83 31.04 23.95
CA VAL D 1131 38.03 29.84 23.75
C VAL D 1131 37.45 29.82 22.35
N GLN D 1132 37.01 30.97 21.82
CA GLN D 1132 36.54 31.02 20.45
C GLN D 1132 37.65 30.68 19.47
N ILE D 1133 38.84 31.24 19.68
CA ILE D 1133 39.97 30.92 18.81
C ILE D 1133 40.27 29.43 18.85
N HIS D 1134 40.30 28.86 20.05
CA HIS D 1134 40.60 27.44 20.20
C HIS D 1134 39.57 26.57 19.51
N LEU D 1135 38.28 26.88 19.68
CA LEU D 1135 37.25 26.08 19.03
C LEU D 1135 37.35 26.16 17.52
N VAL D 1136 37.50 27.36 16.97
CA VAL D 1136 37.58 27.49 15.52
C VAL D 1136 38.80 26.77 14.98
N LYS D 1137 39.96 26.93 15.64
CA LYS D 1137 41.17 26.27 15.17
C LYS D 1137 41.07 24.75 15.25
N GLU D 1138 40.49 24.23 16.33
CA GLU D 1138 40.39 22.78 16.48
C GLU D 1138 39.42 22.18 15.48
N VAL D 1139 38.31 22.87 15.20
CA VAL D 1139 37.40 22.38 14.18
C VAL D 1139 38.06 22.41 12.80
N GLN D 1140 38.77 23.51 12.49
CA GLN D 1140 39.40 23.62 11.18
C GLN D 1140 40.51 22.59 10.98
N GLU D 1141 41.26 22.27 12.04
CA GLU D 1141 42.31 21.27 11.90
C GLU D 1141 41.73 19.91 11.53
N VAL D 1142 40.58 19.54 12.12
CA VAL D 1142 39.93 18.30 11.74
C VAL D 1142 39.38 18.39 10.32
N TYR D 1143 38.80 19.54 9.95
CA TYR D 1143 38.20 19.66 8.63
C TYR D 1143 39.25 19.81 7.52
N ARG D 1144 40.41 20.39 7.83
CA ARG D 1144 41.43 20.58 6.79
C ARG D 1144 42.25 19.31 6.56
N ALA D 1145 42.18 18.34 7.46
CA ALA D 1145 42.98 17.12 7.29
C ALA D 1145 42.50 16.26 6.14
N GLN D 1146 41.23 16.38 5.75
CA GLN D 1146 40.66 15.59 4.66
C GLN D 1146 40.51 16.40 3.38
N GLY D 1147 41.15 17.56 3.28
CA GLY D 1147 41.03 18.38 2.10
C GLY D 1147 39.65 18.95 1.85
N VAL D 1148 38.99 19.44 2.91
CA VAL D 1148 37.66 20.04 2.81
C VAL D 1148 37.79 21.52 3.13
N SER D 1149 37.30 22.37 2.25
CA SER D 1149 37.39 23.82 2.39
C SER D 1149 36.06 24.36 2.88
N ILE D 1150 36.05 24.87 4.11
CA ILE D 1150 34.89 25.54 4.69
C ILE D 1150 35.35 26.84 5.31
N HIS D 1151 34.70 27.94 4.96
CA HIS D 1151 35.10 29.24 5.47
C HIS D 1151 34.83 29.33 6.97
N ASP D 1152 35.61 30.17 7.65
CA ASP D 1152 35.51 30.27 9.11
C ASP D 1152 34.21 30.94 9.55
N LYS D 1153 33.59 31.75 8.68
CA LYS D 1153 32.36 32.42 9.08
C LYS D 1153 31.21 31.44 9.29
N HIS D 1154 31.32 30.22 8.76
CA HIS D 1154 30.32 29.20 9.04
C HIS D 1154 30.51 28.61 10.44
N ILE D 1155 31.76 28.41 10.87
CA ILE D 1155 32.02 27.92 12.21
C ILE D 1155 31.71 29.00 13.25
N GLU D 1156 31.93 30.26 12.88
CA GLU D 1156 31.81 31.35 13.85
C GLU D 1156 30.37 31.54 14.31
N VAL D 1157 29.38 31.26 13.46
CA VAL D 1157 27.99 31.36 13.90
C VAL D 1157 27.69 30.35 14.99
N ILE D 1158 28.12 29.10 14.80
CA ILE D 1158 27.91 28.07 15.80
C ILE D 1158 28.66 28.40 17.08
N VAL D 1159 29.89 28.91 16.97
CA VAL D 1159 30.65 29.27 18.15
C VAL D 1159 29.98 30.44 18.88
N ARG D 1160 29.39 31.38 18.14
CA ARG D 1160 28.65 32.47 18.77
C ARG D 1160 27.42 31.96 19.51
N GLN D 1161 26.71 30.99 18.93
CA GLN D 1161 25.51 30.48 19.57
C GLN D 1161 25.80 29.67 20.83
N MET D 1162 27.06 29.33 21.10
CA MET D 1162 27.41 28.57 22.28
C MET D 1162 27.82 29.43 23.47
N LEU D 1163 27.94 30.74 23.29
CA LEU D 1163 28.43 31.65 24.33
C LEU D 1163 27.46 32.80 24.54
N ARG D 1164 26.16 32.49 24.62
CA ARG D 1164 25.12 33.50 24.74
C ARG D 1164 24.56 33.61 26.15
N ARG D 1165 24.99 32.78 27.09
CA ARG D 1165 24.39 32.75 28.42
C ARG D 1165 25.48 32.83 29.48
N VAL D 1166 25.10 33.41 30.62
CA VAL D 1166 25.98 33.53 31.78
C VAL D 1166 25.25 32.97 33.00
N THR D 1167 26.03 32.52 33.97
CA THR D 1167 25.49 31.98 35.21
C THR D 1167 25.34 33.07 36.24
N ILE D 1168 24.41 32.87 37.17
CA ILE D 1168 24.10 33.84 38.22
C ILE D 1168 24.59 33.27 39.54
N ILE D 1169 25.42 34.03 40.24
CA ILE D 1169 25.95 33.62 41.54
C ILE D 1169 25.69 34.64 42.64
N ASP D 1170 25.41 35.89 42.31
CA ASP D 1170 25.21 36.96 43.27
C ASP D 1170 23.95 37.76 42.92
N SER D 1171 22.85 37.04 42.71
CA SER D 1171 21.60 37.68 42.28
C SER D 1171 21.18 38.78 43.24
N GLY D 1172 21.13 38.47 44.53
CA GLY D 1172 20.77 39.48 45.53
C GLY D 1172 19.35 39.97 45.39
N SER D 1173 19.18 41.22 44.96
CA SER D 1173 17.87 41.84 44.84
C SER D 1173 17.22 41.59 43.48
N THR D 1174 17.91 40.94 42.56
CA THR D 1174 17.36 40.66 41.23
C THR D 1174 16.43 39.45 41.29
N GLU D 1175 15.61 39.31 40.25
CA GLU D 1175 14.65 38.21 40.16
C GLU D 1175 15.28 36.93 39.61
N PHE D 1176 16.53 36.96 39.19
CA PHE D 1176 17.17 35.78 38.62
C PHE D 1176 17.48 34.78 39.72
N LEU D 1177 17.11 33.53 39.51
CA LEU D 1177 17.41 32.48 40.47
C LEU D 1177 18.90 32.15 40.42
N PRO D 1178 19.57 32.01 41.57
CA PRO D 1178 20.99 31.68 41.55
C PRO D 1178 21.25 30.33 40.90
N GLY D 1179 22.39 30.23 40.23
CA GLY D 1179 22.78 29.00 39.56
C GLY D 1179 22.12 28.75 38.22
N SER D 1180 21.28 29.67 37.75
CA SER D 1180 20.63 29.50 36.46
C SER D 1180 21.41 30.22 35.36
N LEU D 1181 21.09 29.86 34.12
CA LEU D 1181 21.74 30.44 32.95
C LEU D 1181 20.77 31.42 32.28
N THR D 1182 21.22 32.66 32.09
CA THR D 1182 20.40 33.70 31.51
C THR D 1182 21.17 34.37 30.37
N GLU D 1183 20.42 34.94 29.42
CA GLU D 1183 21.03 35.62 28.30
C GLU D 1183 21.84 36.83 28.77
N ARG D 1184 22.94 37.10 28.05
CA ARG D 1184 23.78 38.24 28.41
C ARG D 1184 23.03 39.55 28.27
N ALA D 1185 22.26 39.70 27.19
CA ALA D 1185 21.50 40.94 26.99
C ALA D 1185 20.45 41.14 28.08
N GLU D 1186 19.71 40.07 28.42
CA GLU D 1186 18.73 40.17 29.48
C GLU D 1186 19.39 40.47 30.83
N PHE D 1187 20.52 39.81 31.11
CA PHE D 1187 21.23 40.07 32.36
C PHE D 1187 21.71 41.51 32.45
N GLU D 1188 22.26 42.04 31.36
CA GLU D 1188 22.73 43.43 31.38
C GLU D 1188 21.57 44.41 31.50
N ALA D 1189 20.46 44.13 30.82
CA ALA D 1189 19.28 44.99 30.96
C ALA D 1189 18.75 44.98 32.38
N GLU D 1190 18.70 43.80 33.01
CA GLU D 1190 18.25 43.71 34.39
C GLU D 1190 19.20 44.45 35.33
N ASN D 1191 20.51 44.33 35.09
CA ASN D 1191 21.48 45.07 35.91
C ASN D 1191 21.30 46.57 35.76
N ARG D 1192 21.09 47.05 34.53
CA ARG D 1192 20.87 48.47 34.31
C ARG D 1192 19.59 48.94 34.97
N ARG D 1193 18.55 48.11 34.96
CA ARG D 1193 17.31 48.47 35.65
C ARG D 1193 17.50 48.50 37.17
N VAL D 1194 18.28 47.58 37.71
CA VAL D 1194 18.46 47.49 39.16
C VAL D 1194 19.35 48.59 39.70
N VAL D 1195 20.43 48.94 38.98
CA VAL D 1195 21.37 49.93 39.51
C VAL D 1195 20.72 51.29 39.68
N ALA D 1196 19.73 51.61 38.84
CA ALA D 1196 19.03 52.87 38.91
C ALA D 1196 17.69 52.66 39.61
N GLU D 1197 17.48 53.40 40.71
CA GLU D 1197 16.24 53.32 41.49
C GLU D 1197 15.93 51.88 41.92
N GLY D 1198 16.95 51.19 42.41
CA GLY D 1198 16.80 49.80 42.84
C GLY D 1198 17.81 49.43 43.89
N GLY D 1199 18.32 48.21 43.82
CA GLY D 1199 19.27 47.72 44.80
C GLY D 1199 20.59 47.25 44.22
N GLU D 1200 21.16 46.22 44.82
CA GLU D 1200 22.47 45.72 44.39
C GLU D 1200 22.31 44.90 43.12
N PRO D 1201 23.07 45.20 42.07
CA PRO D 1201 22.97 44.42 40.83
C PRO D 1201 23.56 43.03 40.98
N ALA D 1202 23.12 42.14 40.10
CA ALA D 1202 23.59 40.76 40.09
C ALA D 1202 24.96 40.67 39.42
N ALA D 1203 25.65 39.56 39.68
CA ALA D 1203 26.96 39.29 39.11
C ALA D 1203 26.91 38.02 38.27
N GLY D 1204 27.56 38.05 37.12
CA GLY D 1204 27.53 36.92 36.21
C GLY D 1204 28.93 36.53 35.77
N ARG D 1205 29.03 35.28 35.31
CA ARG D 1205 30.27 34.71 34.80
C ARG D 1205 30.00 34.00 33.48
N PRO D 1206 30.86 34.17 32.49
CA PRO D 1206 30.62 33.53 31.19
C PRO D 1206 30.57 32.01 31.31
N VAL D 1207 29.69 31.41 30.54
CA VAL D 1207 29.46 29.96 30.55
C VAL D 1207 29.46 29.46 29.12
N LEU D 1208 30.20 28.36 28.88
CA LEU D 1208 30.21 27.70 27.58
C LEU D 1208 29.24 26.53 27.61
N MET D 1209 28.36 26.46 26.63
CA MET D 1209 27.31 25.46 26.57
C MET D 1209 27.41 24.68 25.26
N GLY D 1210 27.10 23.39 25.32
CA GLY D 1210 27.07 22.58 24.13
C GLY D 1210 25.87 22.90 23.26
N ILE D 1211 25.85 22.31 22.07
CA ILE D 1211 24.75 22.53 21.14
C ILE D 1211 23.48 21.86 21.65
N THR D 1212 23.61 20.65 22.20
CA THR D 1212 22.43 19.94 22.69
C THR D 1212 21.77 20.68 23.86
N LYS D 1213 22.57 21.21 24.77
CA LYS D 1213 22.01 21.90 25.93
C LYS D 1213 21.52 23.30 25.58
N ALA D 1214 22.17 23.99 24.66
CA ALA D 1214 21.76 25.35 24.30
C ALA D 1214 20.45 25.35 23.53
N SER D 1215 20.22 24.36 22.67
CA SER D 1215 18.99 24.32 21.88
C SER D 1215 17.77 24.13 22.77
N LEU D 1216 17.89 23.29 23.79
CA LEU D 1216 16.77 23.01 24.69
C LEU D 1216 16.47 24.16 25.66
N ALA D 1217 17.35 25.16 25.74
CA ALA D 1217 17.18 26.29 26.64
C ALA D 1217 16.62 27.52 25.92
N THR D 1218 15.88 27.33 24.84
CA THR D 1218 15.33 28.46 24.09
C THR D 1218 14.14 29.04 24.84
N ASP D 1219 13.66 30.19 24.34
CA ASP D 1219 12.57 30.92 24.99
C ASP D 1219 11.19 30.40 24.59
N SER D 1220 11.09 29.53 23.60
CA SER D 1220 9.82 29.00 23.14
C SER D 1220 9.79 27.50 23.41
N TRP D 1221 8.74 27.04 24.10
CA TRP D 1221 8.64 25.62 24.41
C TRP D 1221 8.30 24.77 23.19
N LEU D 1222 7.80 25.37 22.12
CA LEU D 1222 7.42 24.60 20.94
C LEU D 1222 8.63 24.05 20.20
N SER D 1223 9.66 24.87 19.96
CA SER D 1223 10.86 24.38 19.29
C SER D 1223 11.58 23.35 20.15
N ALA D 1224 11.68 23.59 21.45
CA ALA D 1224 12.35 22.64 22.34
C ALA D 1224 11.58 21.33 22.40
N ALA D 1225 10.26 21.38 22.44
CA ALA D 1225 9.46 20.17 22.43
C ALA D 1225 9.62 19.41 21.12
N SER D 1226 9.68 20.12 20.00
CA SER D 1226 9.87 19.47 18.71
C SER D 1226 11.29 18.92 18.54
N PHE D 1227 12.26 19.43 19.29
CA PHE D 1227 13.65 19.03 19.08
C PHE D 1227 13.97 17.71 19.77
N GLN D 1228 13.88 17.68 21.10
CA GLN D 1228 14.33 16.51 21.85
C GLN D 1228 13.79 16.60 23.27
N GLU D 1229 13.57 15.43 23.88
CA GLU D 1229 13.05 15.32 25.24
C GLU D 1229 11.70 16.04 25.37
N THR D 1230 10.71 15.52 24.62
CA THR D 1230 9.41 16.16 24.57
C THR D 1230 8.73 16.15 25.94
N THR D 1231 8.82 15.04 26.67
CA THR D 1231 8.12 14.93 27.94
C THR D 1231 8.65 15.94 28.97
N ARG D 1232 9.97 16.00 29.14
CA ARG D 1232 10.54 16.91 30.12
C ARG D 1232 10.28 18.36 29.75
N VAL D 1233 10.43 18.71 28.47
CA VAL D 1233 10.21 20.08 28.04
C VAL D 1233 8.74 20.48 28.24
N LEU D 1234 7.82 19.59 27.88
CA LEU D 1234 6.41 19.89 28.09
C LEU D 1234 6.07 20.03 29.57
N THR D 1235 6.62 19.16 30.43
CA THR D 1235 6.37 19.27 31.86
C THR D 1235 6.91 20.58 32.42
N ASP D 1236 8.13 20.96 32.04
CA ASP D 1236 8.71 22.21 32.54
C ASP D 1236 7.94 23.42 32.04
N ALA D 1237 7.50 23.39 30.77
CA ALA D 1237 6.71 24.50 30.25
C ALA D 1237 5.36 24.60 30.94
N ALA D 1238 4.73 23.46 31.22
CA ALA D 1238 3.44 23.48 31.91
C ALA D 1238 3.59 24.02 33.32
N ILE D 1239 4.64 23.61 34.03
CA ILE D 1239 4.85 24.11 35.39
C ILE D 1239 5.15 25.61 35.38
N ASN D 1240 6.06 26.03 34.50
CA ASN D 1240 6.43 27.44 34.44
C ASN D 1240 5.34 28.29 33.81
N CYS D 1241 4.38 27.68 33.12
CA CYS D 1241 3.33 28.40 32.41
C CYS D 1241 3.93 29.39 31.41
N ARG D 1242 4.94 28.93 30.68
CA ARG D 1242 5.62 29.79 29.72
C ARG D 1242 4.72 30.11 28.54
N SER D 1243 4.97 31.27 27.93
CA SER D 1243 4.22 31.73 26.77
C SER D 1243 5.12 31.76 25.55
N ASP D 1244 4.61 31.24 24.43
CA ASP D 1244 5.35 31.20 23.18
C ASP D 1244 4.89 32.38 22.32
N LYS D 1245 5.83 33.23 21.92
CA LYS D 1245 5.51 34.42 21.15
C LYS D 1245 5.41 34.17 19.65
N LEU D 1246 5.78 32.97 19.20
CA LEU D 1246 5.68 32.58 17.78
C LEU D 1246 6.50 33.52 16.89
N ASN D 1247 7.81 33.53 17.12
CA ASN D 1247 8.75 34.25 16.26
C ASN D 1247 9.97 33.36 16.05
N GLY D 1248 9.94 32.57 14.98
CA GLY D 1248 11.04 31.67 14.66
C GLY D 1248 10.70 30.89 13.43
N LEU D 1249 11.73 30.24 12.87
CA LEU D 1249 11.53 29.46 11.65
C LEU D 1249 10.72 28.19 11.94
N LYS D 1250 11.11 27.44 12.95
CA LYS D 1250 10.45 26.17 13.24
C LYS D 1250 9.04 26.36 13.79
N GLU D 1251 8.85 27.34 14.67
CA GLU D 1251 7.53 27.59 15.24
C GLU D 1251 6.53 28.00 14.17
N ASN D 1252 6.95 28.88 13.25
CA ASN D 1252 6.06 29.29 12.18
C ASN D 1252 5.89 28.21 11.13
N VAL D 1253 6.90 27.33 10.96
CA VAL D 1253 6.72 26.20 10.07
C VAL D 1253 5.67 25.25 10.62
N ILE D 1254 5.65 25.03 11.94
CA ILE D 1254 4.70 24.09 12.53
C ILE D 1254 3.28 24.56 12.31
N ILE D 1255 3.00 25.84 12.58
CA ILE D 1255 1.63 26.34 12.53
C ILE D 1255 1.23 26.85 11.15
N GLY D 1256 2.08 26.69 10.14
CA GLY D 1256 1.72 27.06 8.78
C GLY D 1256 1.77 28.54 8.47
N LYS D 1257 2.51 29.32 9.25
CA LYS D 1257 2.67 30.75 9.00
C LYS D 1257 3.98 31.01 8.27
N LEU D 1258 4.08 32.20 7.68
CA LEU D 1258 5.28 32.59 6.96
C LEU D 1258 6.45 32.75 7.93
N ILE D 1259 7.59 32.15 7.58
CA ILE D 1259 8.79 32.22 8.40
C ILE D 1259 9.33 33.65 8.37
N PRO D 1260 9.96 34.14 9.45
CA PRO D 1260 10.53 35.49 9.47
C PRO D 1260 11.92 35.56 8.84
N ALA D 1261 12.07 34.99 7.65
CA ALA D 1261 13.33 35.01 6.93
C ALA D 1261 13.05 35.02 5.44
N GLY D 1262 14.00 35.52 4.67
CA GLY D 1262 13.82 35.60 3.23
C GLY D 1262 12.72 36.59 2.87
N THR D 1263 11.73 36.11 2.13
CA THR D 1263 10.63 36.97 1.69
C THR D 1263 9.51 37.09 2.71
N GLY D 1264 9.62 36.41 3.85
CA GLY D 1264 8.57 36.44 4.85
C GLY D 1264 8.62 37.59 5.84
N ILE D 1265 9.59 38.49 5.72
CA ILE D 1265 9.72 39.59 6.67
C ILE D 1265 8.82 40.73 6.25
N SER D 1266 8.58 41.66 7.18
CA SER D 1266 7.62 42.74 6.95
C SER D 1266 8.11 43.72 5.89
N ARG D 1267 9.43 43.86 5.73
CA ARG D 1267 9.95 44.79 4.73
C ARG D 1267 9.54 44.39 3.32
N TYR D 1268 9.56 43.09 3.03
CA TYR D 1268 9.32 42.61 1.67
C TYR D 1268 7.88 42.24 1.41
N ARG D 1269 7.12 41.84 2.43
CA ARG D 1269 5.73 41.45 2.22
C ARG D 1269 4.83 42.65 1.95
N ASN D 1270 5.21 43.85 2.41
CA ASN D 1270 4.37 45.03 2.31
C ASN D 1270 4.78 45.94 1.15
N ILE D 1271 5.23 45.36 0.05
CA ILE D 1271 5.61 46.15 -1.13
C ILE D 1271 4.35 46.53 -1.90
N GLN D 1272 4.22 47.80 -2.24
CA GLN D 1272 3.11 48.30 -3.04
C GLN D 1272 3.60 48.54 -4.46
N VAL D 1273 2.99 47.86 -5.43
CA VAL D 1273 3.39 47.92 -6.83
C VAL D 1273 2.28 48.60 -7.62
N GLN D 1274 2.63 49.69 -8.30
CA GLN D 1274 1.68 50.44 -9.12
C GLN D 1274 2.37 50.88 -10.39
N PRO D 1275 1.62 51.00 -11.49
CA PRO D 1275 2.22 51.51 -12.73
C PRO D 1275 2.66 52.95 -12.58
N THR D 1276 3.75 53.29 -13.28
CA THR D 1276 4.26 54.65 -13.24
C THR D 1276 3.34 55.58 -14.01
N GLU D 1277 3.49 56.89 -13.74
CA GLU D 1277 2.59 57.87 -14.34
C GLU D 1277 2.73 57.93 -15.86
N GLU D 1278 3.95 57.82 -16.36
CA GLU D 1278 4.17 57.87 -17.81
C GLU D 1278 3.49 56.70 -18.52
N ALA D 1279 3.68 55.49 -18.02
CA ALA D 1279 3.03 54.33 -18.62
C ALA D 1279 1.53 54.32 -18.37
N ARG D 1280 1.08 54.85 -17.24
CA ARG D 1280 -0.34 54.95 -16.97
C ARG D 1280 -1.02 55.88 -17.98
N ALA D 1281 -0.38 57.01 -18.29
CA ALA D 1281 -0.96 57.94 -19.26
C ALA D 1281 -0.83 57.43 -20.69
N ALA D 1282 0.32 56.84 -21.03
CA ALA D 1282 0.52 56.36 -22.40
C ALA D 1282 -0.44 55.23 -22.74
N ALA D 1283 -0.65 54.30 -21.80
CA ALA D 1283 -1.54 53.17 -22.05
C ALA D 1283 -3.00 53.59 -21.91
N ILE E 18 34.89 50.05 -26.42
CA ILE E 18 35.72 49.54 -25.33
C ILE E 18 35.17 48.21 -24.84
N ASP E 19 36.04 47.20 -24.72
CA ASP E 19 35.61 45.88 -24.29
C ASP E 19 35.09 45.91 -22.86
N SER E 20 35.77 46.64 -21.97
CA SER E 20 35.33 46.71 -20.58
C SER E 20 33.97 47.40 -20.47
N SER E 21 33.76 48.47 -21.24
CA SER E 21 32.47 49.15 -21.22
C SER E 21 31.37 48.28 -21.79
N ALA E 22 31.70 47.46 -22.80
CA ALA E 22 30.74 46.57 -23.45
C ALA E 22 30.82 45.15 -22.93
N ALA E 23 31.04 44.98 -21.62
CA ALA E 23 31.11 43.64 -21.03
C ALA E 23 29.75 42.94 -21.02
N SER E 24 28.66 43.65 -21.25
CA SER E 24 27.32 43.07 -21.27
C SER E 24 26.96 42.57 -22.66
N ALA E 25 27.77 41.63 -23.16
CA ALA E 25 27.57 41.01 -24.45
C ALA E 25 27.33 39.52 -24.26
N TYR E 26 26.23 39.02 -24.81
CA TYR E 26 25.85 37.62 -24.65
C TYR E 26 24.92 37.23 -25.79
N ASP E 27 24.76 35.92 -25.96
CA ASP E 27 23.83 35.43 -26.97
C ASP E 27 22.40 35.70 -26.55
N THR E 28 21.47 35.42 -27.45
CA THR E 28 20.06 35.67 -27.19
C THR E 28 19.56 34.69 -26.13
N PRO E 29 19.02 35.17 -25.00
CA PRO E 29 18.51 34.24 -23.99
C PRO E 29 17.31 33.45 -24.51
N LEU E 30 17.17 32.23 -24.00
CA LEU E 30 16.15 31.30 -24.44
C LEU E 30 15.18 30.99 -23.31
N GLY E 31 13.88 31.08 -23.59
CA GLY E 31 12.87 30.62 -22.67
C GLY E 31 12.76 31.36 -21.35
N ILE E 32 12.91 30.61 -20.25
CA ILE E 32 12.64 31.14 -18.92
C ILE E 32 13.62 32.22 -18.49
N THR E 33 14.76 32.36 -19.17
CA THR E 33 15.76 33.37 -18.83
C THR E 33 15.78 34.51 -19.84
N ASN E 34 14.69 34.71 -20.59
CA ASN E 34 14.67 35.76 -21.61
C ASN E 34 14.94 37.14 -21.03
N PRO E 35 14.34 37.55 -19.92
CA PRO E 35 14.81 38.76 -19.23
C PRO E 35 16.05 38.46 -18.41
N PRO E 36 17.16 39.14 -18.69
CA PRO E 36 18.38 38.87 -17.92
C PRO E 36 18.17 39.13 -16.43
N ILE E 37 18.67 38.21 -15.60
CA ILE E 37 18.42 38.29 -14.17
C ILE E 37 19.16 39.47 -13.56
N ASP E 38 20.37 39.76 -14.04
CA ASP E 38 21.17 40.84 -13.47
C ASP E 38 20.53 42.20 -13.74
N GLU E 39 19.97 42.39 -14.93
CA GLU E 39 19.27 43.64 -15.22
C GLU E 39 18.05 43.81 -14.33
N LEU E 40 17.31 42.72 -14.09
CA LEU E 40 16.20 42.78 -13.16
C LEU E 40 16.66 43.14 -11.76
N LEU E 41 17.77 42.56 -11.31
CA LEU E 41 18.30 42.89 -9.99
C LEU E 41 18.69 44.35 -9.90
N SER E 42 19.27 44.89 -10.98
CA SER E 42 19.58 46.32 -11.01
C SER E 42 18.31 47.16 -10.94
N ARG E 43 17.23 46.70 -11.59
CA ARG E 43 15.96 47.42 -11.52
C ARG E 43 15.41 47.45 -10.10
N ALA E 44 15.43 46.32 -9.41
CA ALA E 44 14.89 46.23 -8.07
C ALA E 44 16.00 46.50 -7.04
N SER E 45 15.73 46.22 -5.77
CA SER E 45 16.71 46.41 -4.71
C SER E 45 17.39 45.12 -4.27
N SER E 46 16.68 44.01 -4.25
CA SER E 46 17.25 42.72 -3.87
C SER E 46 16.39 41.63 -4.48
N LYS E 47 16.93 40.40 -4.50
CA LYS E 47 16.21 39.31 -5.15
C LYS E 47 14.88 39.02 -4.47
N TYR E 48 14.79 39.26 -3.16
CA TYR E 48 13.51 39.08 -2.47
C TYR E 48 12.52 40.17 -2.86
N ALA E 49 12.94 41.43 -2.81
CA ALA E 49 12.11 42.54 -3.28
C ALA E 49 12.25 42.72 -4.78
N LEU E 50 12.25 41.63 -5.49
CA LEU E 50 12.01 41.41 -6.90
C LEU E 50 11.02 40.27 -7.10
N VAL E 51 11.12 39.23 -6.28
CA VAL E 51 10.12 38.17 -6.28
C VAL E 51 8.78 38.74 -5.83
N ILE E 52 8.78 39.54 -4.77
CA ILE E 52 7.51 40.14 -4.33
C ILE E 52 6.98 41.11 -5.39
N TYR E 53 7.86 41.92 -5.98
CA TYR E 53 7.52 42.81 -7.08
C TYR E 53 6.78 42.05 -8.18
N ALA E 54 7.43 41.02 -8.73
CA ALA E 54 6.87 40.27 -9.84
C ALA E 54 5.59 39.56 -9.45
N ALA E 55 5.54 38.98 -8.25
CA ALA E 55 4.34 38.26 -7.82
C ALA E 55 3.15 39.19 -7.71
N LYS E 56 3.34 40.37 -7.11
CA LYS E 56 2.22 41.31 -6.98
C LYS E 56 1.78 41.84 -8.34
N ARG E 57 2.73 42.12 -9.24
CA ARG E 57 2.33 42.57 -10.57
C ARG E 57 1.57 41.48 -11.33
N ALA E 58 2.01 40.22 -11.19
CA ALA E 58 1.31 39.12 -11.84
C ALA E 58 -0.09 38.95 -11.28
N ARG E 59 -0.24 39.10 -9.96
CA ARG E 59 -1.57 39.01 -9.36
C ARG E 59 -2.47 40.12 -9.87
N GLN E 60 -1.94 41.34 -9.99
CA GLN E 60 -2.75 42.43 -10.54
C GLN E 60 -3.17 42.15 -11.98
N ILE E 61 -2.25 41.63 -12.79
CA ILE E 61 -2.58 41.31 -14.18
C ILE E 61 -3.65 40.23 -14.25
N ASN E 62 -3.51 39.19 -13.43
CA ASN E 62 -4.48 38.10 -13.45
C ASN E 62 -5.84 38.56 -12.97
N ASP E 63 -5.89 39.46 -11.98
CA ASP E 63 -7.16 40.05 -11.57
C ASP E 63 -7.76 40.88 -12.69
N TYR E 64 -6.92 41.58 -13.46
CA TYR E 64 -7.41 42.33 -14.60
C TYR E 64 -8.05 41.42 -15.64
N TYR E 65 -7.40 40.27 -15.93
CA TYR E 65 -7.94 39.35 -16.92
C TYR E 65 -9.30 38.79 -16.50
N ASN E 66 -9.43 38.43 -15.23
CA ASN E 66 -10.66 37.83 -14.71
C ASN E 66 -11.65 38.87 -14.20
N GLN E 67 -11.47 40.14 -14.54
CA GLN E 67 -12.37 41.18 -14.07
C GLN E 67 -13.75 41.01 -14.71
N LEU E 68 -14.77 41.44 -13.98
CA LEU E 68 -16.14 41.31 -14.47
C LEU E 68 -16.36 42.12 -15.75
N GLY E 69 -15.80 43.32 -15.81
CA GLY E 69 -15.91 44.13 -17.01
C GLY E 69 -17.02 45.16 -16.94
N ASP E 70 -18.16 44.78 -16.36
CA ASP E 70 -19.31 45.66 -16.22
C ASP E 70 -19.30 46.45 -14.92
N GLY E 71 -18.28 46.28 -14.07
CA GLY E 71 -18.21 46.98 -12.82
C GLY E 71 -17.35 48.23 -12.88
N ILE E 72 -16.34 48.30 -12.02
CA ILE E 72 -15.43 49.44 -11.95
C ILE E 72 -14.03 48.97 -12.29
N LEU E 73 -13.38 49.68 -13.21
CA LEU E 73 -12.03 49.34 -13.64
C LEU E 73 -11.04 50.00 -12.69
N GLU E 74 -10.32 49.19 -11.91
CA GLU E 74 -9.35 49.70 -10.96
C GLU E 74 -7.94 49.21 -11.24
N TYR E 75 -7.77 47.90 -11.46
CA TYR E 75 -6.45 47.36 -11.76
C TYR E 75 -6.09 47.58 -13.22
N VAL E 76 -4.87 48.05 -13.45
CA VAL E 76 -4.41 48.34 -14.80
C VAL E 76 -3.94 47.06 -15.47
N GLY E 77 -4.24 46.93 -16.76
CA GLY E 77 -3.87 45.76 -17.51
C GLY E 77 -2.41 45.77 -17.90
N PRO E 78 -2.00 44.83 -18.76
CA PRO E 78 -0.59 44.75 -19.15
C PRO E 78 -0.16 46.00 -19.90
N LEU E 79 0.88 46.66 -19.38
CA LEU E 79 1.39 47.87 -20.01
C LEU E 79 2.21 47.57 -21.25
N VAL E 80 2.67 46.34 -21.43
CA VAL E 80 3.39 45.93 -22.61
C VAL E 80 2.52 44.95 -23.40
N GLU E 81 2.79 44.85 -24.69
CA GLU E 81 1.99 43.98 -25.55
C GLU E 81 2.29 42.51 -25.24
N PRO E 82 1.31 41.72 -24.85
CA PRO E 82 1.56 40.31 -24.54
C PRO E 82 1.68 39.47 -25.80
N GLY E 83 2.08 38.22 -25.61
CA GLY E 83 2.19 37.26 -26.68
C GLY E 83 0.87 36.55 -26.92
N LEU E 84 0.96 35.36 -27.55
CA LEU E 84 -0.24 34.58 -27.82
C LEU E 84 -0.88 34.09 -26.53
N GLN E 85 -0.13 33.31 -25.75
CA GLN E 85 -0.58 32.80 -24.46
C GLN E 85 0.51 32.96 -23.42
N GLU E 86 1.09 34.16 -23.36
CA GLU E 86 2.17 34.43 -22.43
C GLU E 86 1.65 34.43 -21.00
N LYS E 87 2.43 33.83 -20.09
CA LYS E 87 2.04 33.78 -18.70
C LYS E 87 2.06 35.18 -18.08
N PRO E 88 1.16 35.44 -17.13
CA PRO E 88 1.15 36.78 -16.50
C PRO E 88 2.45 37.13 -15.80
N LEU E 89 3.14 36.14 -15.24
CA LEU E 89 4.43 36.42 -14.59
C LEU E 89 5.47 36.89 -15.61
N SER E 90 5.45 36.30 -16.82
CA SER E 90 6.36 36.75 -17.86
C SER E 90 6.09 38.20 -18.25
N ILE E 91 4.82 38.56 -18.36
CA ILE E 91 4.46 39.95 -18.66
C ILE E 91 4.92 40.87 -17.54
N ALA E 92 4.75 40.43 -16.29
CA ALA E 92 5.20 41.23 -15.15
C ALA E 92 6.71 41.46 -15.19
N LEU E 93 7.48 40.40 -15.48
CA LEU E 93 8.92 40.54 -15.55
C LEU E 93 9.34 41.44 -16.70
N ARG E 94 8.66 41.33 -17.85
CA ARG E 94 8.96 42.20 -18.97
C ARG E 94 8.68 43.67 -18.64
N GLU E 95 7.57 43.92 -17.94
CA GLU E 95 7.26 45.28 -17.51
C GLU E 95 8.31 45.80 -16.52
N ILE E 96 8.75 44.94 -15.61
CA ILE E 96 9.78 45.34 -14.65
C ILE E 96 11.07 45.70 -15.38
N HIS E 97 11.47 44.88 -16.36
CA HIS E 97 12.70 45.14 -17.10
C HIS E 97 12.61 46.42 -17.94
N GLY E 98 11.40 46.81 -18.34
CA GLY E 98 11.20 47.98 -19.16
C GLY E 98 11.05 49.29 -18.42
N ASP E 99 11.24 49.30 -17.10
CA ASP E 99 11.09 50.51 -16.28
C ASP E 99 9.71 51.12 -16.42
N LEU E 100 8.68 50.27 -16.46
CA LEU E 100 7.30 50.71 -16.59
C LEU E 100 6.52 50.66 -15.29
N LEU E 101 7.18 50.33 -14.18
CA LEU E 101 6.51 50.21 -12.89
C LEU E 101 7.37 50.88 -11.82
N GLU E 102 6.80 51.01 -10.62
CA GLU E 102 7.52 51.53 -9.47
C GLU E 102 6.98 50.87 -8.22
N HIS E 103 7.81 50.82 -7.18
CA HIS E 103 7.45 50.18 -5.93
C HIS E 103 8.07 50.92 -4.76
N THR E 104 7.46 50.74 -3.59
CA THR E 104 7.97 51.31 -2.34
C THR E 104 7.94 50.23 -1.26
N GLU E 105 9.10 49.91 -0.71
CA GLU E 105 9.20 48.87 0.31
C GLU E 105 8.55 49.33 1.61
N GLY E 106 8.06 48.37 2.37
CA GLY E 106 7.40 48.66 3.64
C GLY E 106 8.35 48.64 4.82
N GLU F 148 15.95 -14.69 66.81
CA GLU F 148 17.27 -14.79 66.20
C GLU F 148 17.30 -14.08 64.84
N ALA F 149 18.19 -14.53 63.96
CA ALA F 149 18.28 -13.94 62.63
C ALA F 149 17.06 -14.26 61.78
N LEU F 150 16.38 -15.38 62.08
CA LEU F 150 15.19 -15.74 61.31
C LEU F 150 14.09 -14.71 61.47
N ARG F 151 13.88 -14.22 62.70
CA ARG F 151 12.85 -13.21 62.92
C ARG F 151 13.19 -11.91 62.19
N GLN F 152 14.46 -11.51 62.21
CA GLN F 152 14.88 -10.32 61.49
C GLN F 152 14.68 -10.48 59.99
N ALA F 153 15.01 -11.66 59.46
CA ALA F 153 14.80 -11.91 58.04
C ALA F 153 13.32 -11.86 57.67
N ARG F 154 12.47 -12.44 58.52
CA ARG F 154 11.03 -12.40 58.28
C ARG F 154 10.51 -10.96 58.30
N LYS F 155 10.98 -10.16 59.27
CA LYS F 155 10.55 -8.77 59.35
C LYS F 155 11.00 -7.99 58.14
N ASP F 156 12.24 -8.21 57.67
CA ASP F 156 12.72 -7.53 56.48
C ASP F 156 11.92 -7.95 55.25
N ALA F 157 11.58 -9.23 55.15
CA ALA F 157 10.77 -9.70 54.01
C ALA F 157 9.39 -9.07 54.03
N GLU F 158 8.77 -8.97 55.22
CA GLU F 158 7.45 -8.37 55.31
C GLU F 158 7.49 -6.86 55.05
N LEU F 159 8.63 -6.22 55.30
CA LEU F 159 8.79 -4.79 55.09
C LEU F 159 9.38 -4.45 53.73
N THR F 160 9.58 -5.45 52.87
CA THR F 160 10.09 -5.18 51.53
C THR F 160 9.06 -4.40 50.72
N ALA F 161 9.56 -3.60 49.76
CA ALA F 161 8.68 -2.74 48.99
C ALA F 161 7.67 -3.56 48.18
N SER F 162 8.14 -4.61 47.51
CA SER F 162 7.29 -5.49 46.69
C SER F 162 6.53 -4.67 45.64
N ALA F 163 7.31 -4.08 44.73
CA ALA F 163 6.76 -3.14 43.76
C ALA F 163 5.68 -3.75 42.88
N ASP F 164 5.73 -5.05 42.63
CA ASP F 164 4.70 -5.69 41.81
C ASP F 164 3.38 -5.73 42.56
N SER F 165 2.30 -5.33 41.88
CA SER F 165 1.01 -5.21 42.56
C SER F 165 0.47 -6.58 42.98
N VAL F 166 0.61 -7.59 42.13
CA VAL F 166 0.08 -8.91 42.46
C VAL F 166 0.82 -9.50 43.65
N ARG F 167 2.14 -9.32 43.69
CA ARG F 167 2.92 -9.80 44.84
C ARG F 167 2.50 -9.08 46.12
N ALA F 168 2.26 -7.78 46.04
CA ALA F 168 1.81 -7.03 47.20
C ALA F 168 0.45 -7.53 47.69
N TYR F 169 -0.46 -7.80 46.75
CA TYR F 169 -1.78 -8.32 47.14
C TYR F 169 -1.67 -9.70 47.78
N LEU F 170 -0.78 -10.55 47.24
CA LEU F 170 -0.58 -11.86 47.84
C LEU F 170 -0.01 -11.75 49.25
N LYS F 171 0.94 -10.83 49.44
CA LYS F 171 1.47 -10.59 50.78
C LYS F 171 0.39 -10.11 51.72
N GLN F 172 -0.48 -9.20 51.26
CA GLN F 172 -1.56 -8.69 52.10
C GLN F 172 -2.53 -9.80 52.49
N ILE F 173 -2.91 -10.66 51.54
CA ILE F 173 -3.87 -11.70 51.86
C ILE F 173 -3.22 -12.82 52.67
N GLY F 174 -1.89 -12.92 52.64
CA GLY F 174 -1.21 -13.94 53.41
C GLY F 174 -1.08 -13.65 54.89
N LYS F 175 -1.45 -12.45 55.33
CA LYS F 175 -1.29 -12.08 56.74
C LYS F 175 -2.26 -12.82 57.64
N VAL F 176 -3.47 -13.07 57.16
CA VAL F 176 -4.54 -13.62 57.99
C VAL F 176 -4.50 -15.15 57.91
N ALA F 177 -5.10 -15.79 58.91
CA ALA F 177 -5.15 -17.24 59.01
C ALA F 177 -6.48 -17.76 58.44
N LEU F 178 -6.72 -19.05 58.60
CA LEU F 178 -7.91 -19.71 58.06
C LEU F 178 -8.84 -20.12 59.20
N LEU F 179 -10.03 -20.58 58.82
CA LEU F 179 -11.03 -21.11 59.74
C LEU F 179 -11.24 -22.58 59.41
N ASN F 180 -11.09 -23.45 60.41
CA ASN F 180 -11.05 -24.88 60.13
C ASN F 180 -12.45 -25.49 60.03
N ALA F 181 -13.16 -25.58 61.15
CA ALA F 181 -14.44 -26.30 61.11
C ALA F 181 -15.61 -25.55 61.73
N GLU F 182 -15.37 -24.83 62.83
CA GLU F 182 -16.47 -24.28 63.62
C GLU F 182 -16.51 -22.76 63.67
N GLU F 183 -15.38 -22.07 63.45
CA GLU F 183 -15.37 -20.62 63.50
C GLU F 183 -16.28 -20.01 62.44
N GLU F 184 -16.46 -20.70 61.32
CA GLU F 184 -17.38 -20.22 60.29
C GLU F 184 -18.81 -20.14 60.82
N VAL F 185 -19.24 -21.15 61.57
CA VAL F 185 -20.59 -21.14 62.13
C VAL F 185 -20.74 -20.01 63.13
N GLU F 186 -19.74 -19.81 63.99
CA GLU F 186 -19.80 -18.72 64.95
C GLU F 186 -19.87 -17.37 64.24
N LEU F 187 -19.07 -17.18 63.20
CA LEU F 187 -19.11 -15.92 62.46
C LEU F 187 -20.46 -15.71 61.78
N ALA F 188 -21.03 -16.77 61.22
CA ALA F 188 -22.35 -16.64 60.58
C ALA F 188 -23.42 -16.28 61.61
N LYS F 189 -23.38 -16.91 62.79
CA LYS F 189 -24.34 -16.57 63.83
C LYS F 189 -24.17 -15.13 64.29
N ARG F 190 -22.92 -14.68 64.43
CA ARG F 190 -22.68 -13.29 64.82
C ARG F 190 -23.21 -12.32 63.76
N ILE F 191 -23.00 -12.64 62.49
CA ILE F 191 -23.49 -11.78 61.40
C ILE F 191 -25.01 -11.69 61.45
N GLU F 192 -25.68 -12.84 61.61
CA GLU F 192 -27.14 -12.83 61.65
C GLU F 192 -27.66 -12.07 62.86
N ALA F 193 -27.03 -12.26 64.03
CA ALA F 193 -27.45 -11.53 65.22
C ALA F 193 -27.26 -10.03 65.05
N GLY F 194 -26.13 -9.61 64.46
CA GLY F 194 -25.92 -8.20 64.23
C GLY F 194 -26.92 -7.60 63.27
N LEU F 195 -27.23 -8.33 62.19
CA LEU F 195 -28.23 -7.85 61.24
C LEU F 195 -29.60 -7.72 61.91
N TYR F 196 -29.99 -8.71 62.72
CA TYR F 196 -31.28 -8.62 63.39
C TYR F 196 -31.32 -7.47 64.38
N ALA F 197 -30.22 -7.26 65.13
CA ALA F 197 -30.18 -6.15 66.07
C ALA F 197 -30.27 -4.81 65.34
N THR F 198 -29.56 -4.67 64.22
CA THR F 198 -29.65 -3.43 63.45
C THR F 198 -31.06 -3.21 62.93
N GLN F 199 -31.71 -4.27 62.43
CA GLN F 199 -33.07 -4.12 61.93
C GLN F 199 -34.03 -3.72 63.04
N LYS F 200 -33.91 -4.34 64.22
CA LYS F 200 -34.79 -4.00 65.33
C LYS F 200 -34.56 -2.56 65.79
N LEU F 201 -33.30 -2.13 65.86
CA LEU F 201 -33.01 -0.75 66.24
C LEU F 201 -33.60 0.23 65.23
N ALA F 202 -33.47 -0.07 63.93
CA ALA F 202 -34.04 0.80 62.92
C ALA F 202 -35.56 0.85 63.03
N GLU F 203 -36.19 -0.30 63.27
CA GLU F 203 -37.65 -0.32 63.38
C GLU F 203 -38.13 0.46 64.60
N LEU F 204 -37.45 0.31 65.74
CA LEU F 204 -37.86 1.02 66.94
C LEU F 204 -37.46 2.49 66.93
N ALA F 205 -36.52 2.89 66.07
CA ALA F 205 -36.12 4.28 66.00
C ALA F 205 -37.27 5.17 65.52
N GLU F 206 -38.02 4.71 64.52
CA GLU F 206 -39.12 5.47 63.95
C GLU F 206 -40.44 4.82 64.33
N LYS F 207 -41.36 5.62 64.86
CA LYS F 207 -42.68 5.15 65.28
C LYS F 207 -42.56 4.03 66.30
N GLY F 208 -41.82 4.30 67.37
CA GLY F 208 -41.61 3.32 68.42
C GLY F 208 -41.67 3.89 69.81
N GLU F 209 -40.65 3.64 70.62
CA GLU F 209 -40.60 4.14 71.98
C GLU F 209 -39.14 4.34 72.38
N LYS F 210 -38.94 5.12 73.44
CA LYS F 210 -37.60 5.45 73.91
C LYS F 210 -36.93 4.20 74.45
N LEU F 211 -35.97 3.67 73.71
CA LEU F 211 -35.26 2.48 74.14
C LEU F 211 -34.38 2.78 75.35
N PRO F 212 -34.20 1.82 76.25
CA PRO F 212 -33.28 2.02 77.38
C PRO F 212 -31.85 2.18 76.90
N VAL F 213 -31.06 2.91 77.70
CA VAL F 213 -29.67 3.18 77.34
C VAL F 213 -28.87 1.88 77.25
N GLN F 214 -29.07 0.97 78.21
CA GLN F 214 -28.36 -0.30 78.18
C GLN F 214 -28.75 -1.13 76.96
N GLN F 215 -30.03 -1.14 76.60
CA GLN F 215 -30.46 -1.86 75.41
C GLN F 215 -29.84 -1.26 74.15
N ARG F 216 -29.79 0.08 74.07
CA ARG F 216 -29.16 0.72 72.92
C ARG F 216 -27.68 0.37 72.83
N ARG F 217 -26.98 0.38 73.97
CA ARG F 217 -25.57 0.01 73.97
C ARG F 217 -25.39 -1.44 73.53
N ASP F 218 -26.24 -2.34 74.02
CA ASP F 218 -26.14 -3.74 73.62
C ASP F 218 -26.39 -3.90 72.12
N MET F 219 -27.39 -3.21 71.58
CA MET F 219 -27.66 -3.30 70.15
C MET F 219 -26.50 -2.77 69.32
N GLN F 220 -25.92 -1.64 69.74
CA GLN F 220 -24.78 -1.08 69.02
C GLN F 220 -23.58 -2.03 69.07
N TRP F 221 -23.32 -2.63 70.24
CA TRP F 221 -22.21 -3.56 70.35
C TRP F 221 -22.43 -4.79 69.48
N ILE F 222 -23.67 -5.30 69.45
CA ILE F 222 -23.96 -6.47 68.63
C ILE F 222 -23.78 -6.14 67.14
N CYS F 223 -24.25 -4.96 66.73
CA CYS F 223 -24.08 -4.57 65.32
C CYS F 223 -22.61 -4.44 64.95
N ARG F 224 -21.81 -3.80 65.82
CA ARG F 224 -20.40 -3.64 65.53
C ARG F 224 -19.68 -4.99 65.51
N ASP F 225 -20.04 -5.89 66.43
CA ASP F 225 -19.46 -7.23 66.44
C ASP F 225 -19.83 -8.00 65.17
N GLY F 226 -21.07 -7.85 64.71
CA GLY F 226 -21.46 -8.50 63.46
C GLY F 226 -20.68 -7.96 62.27
N ASP F 227 -20.49 -6.64 62.22
CA ASP F 227 -19.69 -6.07 61.12
C ASP F 227 -18.26 -6.57 61.16
N ARG F 228 -17.66 -6.61 62.36
CA ARG F 228 -16.28 -7.11 62.47
C ARG F 228 -16.19 -8.58 62.10
N ALA F 229 -17.19 -9.38 62.48
CA ALA F 229 -17.19 -10.79 62.13
C ALA F 229 -17.32 -10.98 60.62
N LYS F 230 -18.17 -10.17 59.97
CA LYS F 230 -18.30 -10.25 58.53
C LYS F 230 -16.99 -9.87 57.83
N ASN F 231 -16.33 -8.82 58.31
CA ASN F 231 -15.04 -8.43 57.74
C ASN F 231 -14.00 -9.53 57.93
N HIS F 232 -13.97 -10.15 59.11
CA HIS F 232 -13.01 -11.22 59.36
C HIS F 232 -13.28 -12.42 58.47
N LEU F 233 -14.55 -12.77 58.28
CA LEU F 233 -14.89 -13.89 57.41
C LEU F 233 -14.50 -13.59 55.95
N LEU F 234 -14.72 -12.36 55.51
CA LEU F 234 -14.31 -11.98 54.16
C LEU F 234 -12.80 -12.05 54.01
N GLU F 235 -12.05 -11.58 55.01
CA GLU F 235 -10.59 -11.57 54.90
C GLU F 235 -10.01 -12.96 54.98
N ALA F 236 -10.64 -13.86 55.75
CA ALA F 236 -10.07 -15.19 55.96
C ALA F 236 -10.06 -16.03 54.70
N ASN F 237 -11.07 -15.89 53.85
CA ASN F 237 -11.23 -16.72 52.66
C ASN F 237 -10.86 -15.98 51.38
N LEU F 238 -9.83 -15.12 51.43
CA LEU F 238 -9.38 -14.40 50.25
C LEU F 238 -8.42 -15.21 49.39
N ARG F 239 -8.00 -16.39 49.85
CA ARG F 239 -7.12 -17.24 49.05
C ARG F 239 -7.88 -18.20 48.15
N LEU F 240 -9.12 -18.54 48.50
CA LEU F 240 -9.95 -19.32 47.61
C LEU F 240 -10.21 -18.58 46.31
N VAL F 241 -10.38 -17.25 46.39
CA VAL F 241 -10.57 -16.44 45.19
C VAL F 241 -9.35 -16.54 44.29
N VAL F 242 -8.15 -16.46 44.87
CA VAL F 242 -6.93 -16.54 44.09
C VAL F 242 -6.77 -17.93 43.47
N SER F 243 -7.12 -18.97 44.23
CA SER F 243 -7.04 -20.34 43.69
C SER F 243 -7.99 -20.52 42.52
N LEU F 244 -9.21 -19.99 42.63
CA LEU F 244 -10.18 -20.13 41.55
C LEU F 244 -9.79 -19.32 40.32
N ALA F 245 -9.33 -18.08 40.53
CA ALA F 245 -9.00 -17.19 39.44
C ALA F 245 -7.72 -17.55 38.71
N LYS F 246 -6.94 -18.51 39.25
CA LYS F 246 -5.71 -18.92 38.58
C LYS F 246 -5.99 -19.61 37.25
N ARG F 247 -7.07 -20.38 37.18
CA ARG F 247 -7.35 -21.19 36.00
C ARG F 247 -7.82 -20.37 34.82
N TYR F 248 -8.35 -19.17 35.06
CA TYR F 248 -8.89 -18.33 33.99
C TYR F 248 -7.88 -17.33 33.45
N THR F 249 -6.63 -17.37 33.91
CA THR F 249 -5.63 -16.43 33.44
C THR F 249 -5.30 -16.69 31.97
N GLY F 250 -5.14 -15.61 31.21
CA GLY F 250 -4.78 -15.70 29.81
C GLY F 250 -5.94 -15.69 28.84
N ARG F 251 -7.13 -15.28 29.28
CA ARG F 251 -8.31 -15.24 28.42
C ARG F 251 -8.84 -13.82 28.29
N GLY F 252 -7.95 -12.88 28.04
CA GLY F 252 -8.34 -11.48 27.88
C GLY F 252 -8.30 -10.70 29.17
N MET F 253 -9.02 -11.17 30.18
CA MET F 253 -9.05 -10.50 31.46
C MET F 253 -7.70 -10.60 32.17
N ALA F 254 -7.31 -9.52 32.83
CA ALA F 254 -6.10 -9.51 33.63
C ALA F 254 -6.31 -10.32 34.91
N PHE F 255 -5.19 -10.77 35.49
CA PHE F 255 -5.27 -11.60 36.69
C PHE F 255 -5.90 -10.86 37.86
N LEU F 256 -5.51 -9.58 38.04
CA LEU F 256 -6.05 -8.80 39.15
C LEU F 256 -7.54 -8.53 38.97
N ASP F 257 -7.99 -8.30 37.74
CA ASP F 257 -9.42 -8.12 37.50
C ASP F 257 -10.19 -9.39 37.84
N LEU F 258 -9.64 -10.55 37.48
CA LEU F 258 -10.26 -11.82 37.86
C LEU F 258 -10.33 -11.96 39.38
N ILE F 259 -9.26 -11.56 40.07
CA ILE F 259 -9.25 -11.65 41.53
C ILE F 259 -10.33 -10.75 42.12
N GLN F 260 -10.48 -9.53 41.59
CA GLN F 260 -11.49 -8.62 42.13
C GLN F 260 -12.91 -9.12 41.87
N GLU F 261 -13.15 -9.68 40.67
CA GLU F 261 -14.48 -10.24 40.40
C GLU F 261 -14.76 -11.44 41.30
N GLY F 262 -13.74 -12.28 41.53
CA GLY F 262 -13.90 -13.37 42.47
C GLY F 262 -14.19 -12.88 43.88
N ASN F 263 -13.58 -11.75 44.26
CA ASN F 263 -13.87 -11.17 45.56
C ASN F 263 -15.31 -10.69 45.66
N LEU F 264 -15.83 -10.09 44.59
CA LEU F 264 -17.24 -9.72 44.58
C LEU F 264 -18.13 -10.95 44.72
N GLY F 265 -17.80 -12.03 43.99
CA GLY F 265 -18.56 -13.26 44.14
C GLY F 265 -18.48 -13.82 45.55
N LEU F 266 -17.31 -13.70 46.19
CA LEU F 266 -17.14 -14.16 47.56
C LEU F 266 -18.00 -13.35 48.52
N ILE F 267 -18.08 -12.04 48.31
CA ILE F 267 -18.95 -11.21 49.15
C ILE F 267 -20.39 -11.65 48.99
N ARG F 268 -20.83 -11.89 47.75
CA ARG F 268 -22.19 -12.36 47.52
C ARG F 268 -22.43 -13.70 48.21
N ALA F 269 -21.46 -14.61 48.13
CA ALA F 269 -21.61 -15.91 48.78
C ALA F 269 -21.71 -15.76 50.29
N VAL F 270 -20.91 -14.87 50.88
CA VAL F 270 -20.98 -14.62 52.31
C VAL F 270 -22.36 -14.08 52.70
N GLU F 271 -22.94 -13.25 51.84
CA GLU F 271 -24.25 -12.70 52.14
C GLU F 271 -25.33 -13.79 52.19
N LYS F 272 -25.22 -14.79 51.32
CA LYS F 272 -26.25 -15.82 51.20
C LYS F 272 -25.86 -17.14 51.88
N PHE F 273 -24.79 -17.17 52.66
CA PHE F 273 -24.37 -18.41 53.30
C PHE F 273 -25.29 -18.75 54.47
N ASP F 274 -25.71 -20.01 54.53
CA ASP F 274 -26.57 -20.51 55.61
C ASP F 274 -25.84 -21.63 56.33
N TYR F 275 -25.74 -21.51 57.65
CA TYR F 275 -25.03 -22.49 58.47
C TYR F 275 -25.92 -23.61 58.98
N THR F 276 -27.25 -23.52 58.80
CA THR F 276 -28.14 -24.54 59.34
C THR F 276 -27.97 -25.87 58.62
N LYS F 277 -27.71 -25.85 57.31
CA LYS F 277 -27.56 -27.10 56.58
C LYS F 277 -26.29 -27.84 56.98
N GLY F 278 -25.29 -27.12 57.48
CA GLY F 278 -24.07 -27.74 57.97
C GLY F 278 -22.99 -27.94 56.93
N TYR F 279 -23.26 -27.66 55.67
CA TYR F 279 -22.24 -27.81 54.64
C TYR F 279 -21.16 -26.74 54.80
N LYS F 280 -19.95 -27.08 54.40
CA LYS F 280 -18.84 -26.15 54.53
C LYS F 280 -19.00 -24.96 53.59
N PHE F 281 -18.47 -23.81 54.03
CA PHE F 281 -18.55 -22.59 53.25
C PHE F 281 -17.77 -22.67 51.95
N SER F 282 -16.83 -23.59 51.84
CA SER F 282 -15.96 -23.65 50.67
C SER F 282 -16.74 -23.95 49.41
N THR F 283 -17.70 -24.87 49.46
CA THR F 283 -18.45 -25.24 48.27
C THR F 283 -19.29 -24.08 47.75
N TYR F 284 -20.05 -23.44 48.65
CA TYR F 284 -20.88 -22.31 48.24
C TYR F 284 -20.03 -21.14 47.73
N ALA F 285 -18.92 -20.88 48.42
CA ALA F 285 -18.01 -19.83 47.96
C ALA F 285 -17.46 -20.15 46.58
N THR F 286 -17.09 -21.41 46.34
CA THR F 286 -16.58 -21.80 45.03
C THR F 286 -17.63 -21.59 43.95
N TRP F 287 -18.88 -22.00 44.23
CA TRP F 287 -19.94 -21.80 43.25
C TRP F 287 -20.12 -20.33 42.90
N TRP F 288 -20.22 -19.48 43.91
CA TRP F 288 -20.46 -18.06 43.64
C TRP F 288 -19.26 -17.40 42.98
N ILE F 289 -18.04 -17.76 43.38
CA ILE F 289 -16.85 -17.19 42.77
C ILE F 289 -16.76 -17.59 41.31
N ARG F 290 -17.02 -18.87 41.01
CA ARG F 290 -17.01 -19.32 39.62
C ARG F 290 -18.05 -18.59 38.80
N GLN F 291 -19.26 -18.42 39.34
CA GLN F 291 -20.30 -17.71 38.62
C GLN F 291 -19.89 -16.26 38.33
N ALA F 292 -19.36 -15.56 39.34
CA ALA F 292 -18.99 -14.17 39.15
C ALA F 292 -17.85 -14.03 38.13
N ILE F 293 -16.84 -14.88 38.24
CA ILE F 293 -15.71 -14.80 37.31
C ILE F 293 -16.17 -15.09 35.89
N THR F 294 -17.00 -16.12 35.71
CA THR F 294 -17.49 -16.45 34.38
C THR F 294 -18.31 -15.32 33.79
N ARG F 295 -19.22 -14.73 34.58
CA ARG F 295 -20.04 -13.64 34.08
C ARG F 295 -19.20 -12.42 33.69
N ALA F 296 -18.25 -12.05 34.57
CA ALA F 296 -17.43 -10.88 34.29
C ALA F 296 -16.55 -11.11 33.06
N MET F 297 -15.97 -12.30 32.93
CA MET F 297 -15.14 -12.59 31.77
C MET F 297 -15.97 -12.68 30.50
N ALA F 298 -17.25 -13.07 30.61
CA ALA F 298 -18.12 -13.06 29.45
C ALA F 298 -18.46 -11.64 29.02
N ASP F 299 -18.64 -10.72 29.97
CA ASP F 299 -19.00 -9.35 29.63
C ASP F 299 -17.77 -8.52 29.27
N GLN F 300 -16.88 -8.30 30.23
CA GLN F 300 -15.79 -7.32 30.09
C GLN F 300 -14.52 -7.97 29.58
N ALA F 301 -14.57 -8.49 28.35
CA ALA F 301 -13.39 -9.08 27.74
C ALA F 301 -13.27 -8.81 26.25
N ARG F 302 -14.24 -8.14 25.64
CA ARG F 302 -14.23 -7.88 24.21
C ARG F 302 -14.45 -6.40 23.96
N THR F 303 -13.77 -5.86 22.94
CA THR F 303 -13.95 -4.47 22.58
C THR F 303 -15.40 -4.20 22.14
N ILE F 304 -15.97 -5.12 21.38
CA ILE F 304 -17.37 -5.08 20.99
C ILE F 304 -18.09 -6.12 21.82
N ARG F 305 -18.97 -5.68 22.72
CA ARG F 305 -19.57 -6.58 23.70
C ARG F 305 -20.53 -7.55 23.02
N ILE F 306 -20.52 -8.80 23.49
CA ILE F 306 -21.41 -9.85 23.02
C ILE F 306 -22.21 -10.35 24.22
N PRO F 307 -23.54 -10.38 24.14
CA PRO F 307 -24.33 -10.83 25.29
C PRO F 307 -24.05 -12.29 25.63
N VAL F 308 -24.25 -12.62 26.91
CA VAL F 308 -23.93 -13.95 27.41
C VAL F 308 -24.77 -15.01 26.71
N HIS F 309 -26.03 -14.70 26.42
CA HIS F 309 -26.91 -15.67 25.77
C HIS F 309 -26.43 -16.04 24.38
N MET F 310 -25.54 -15.24 23.79
CA MET F 310 -24.90 -15.60 22.52
C MET F 310 -23.50 -16.16 22.72
N VAL F 311 -22.81 -15.80 23.80
CA VAL F 311 -21.54 -16.43 24.12
C VAL F 311 -21.74 -17.92 24.39
N GLU F 312 -22.85 -18.26 25.05
CA GLU F 312 -23.16 -19.67 25.26
C GLU F 312 -23.37 -20.40 23.94
N VAL F 313 -24.05 -19.76 22.99
CA VAL F 313 -24.27 -20.37 21.68
C VAL F 313 -22.94 -20.55 20.95
N ILE F 314 -22.06 -19.55 21.04
CA ILE F 314 -20.75 -19.66 20.41
C ILE F 314 -19.95 -20.82 21.00
N ASN F 315 -19.98 -20.95 22.33
CA ASN F 315 -19.27 -22.05 22.99
C ASN F 315 -19.84 -23.40 22.57
N LYS F 316 -21.17 -23.50 22.48
CA LYS F 316 -21.79 -24.75 22.06
C LYS F 316 -21.41 -25.09 20.63
N LEU F 317 -21.39 -24.09 19.74
CA LEU F 317 -20.98 -24.33 18.36
C LEU F 317 -19.53 -24.78 18.28
N GLY F 318 -18.66 -24.17 19.08
CA GLY F 318 -17.28 -24.61 19.10
C GLY F 318 -17.12 -26.03 19.59
N ARG F 319 -17.85 -26.40 20.64
CA ARG F 319 -17.80 -27.78 21.14
C ARG F 319 -18.30 -28.76 20.09
N ILE F 320 -19.40 -28.43 19.41
CA ILE F 320 -19.93 -29.31 18.37
C ILE F 320 -18.93 -29.45 17.24
N GLN F 321 -18.29 -28.33 16.85
CA GLN F 321 -17.28 -28.39 15.78
C GLN F 321 -16.11 -29.27 16.17
N ARG F 322 -15.64 -29.16 17.41
CA ARG F 322 -14.54 -30.02 17.86
C ARG F 322 -14.94 -31.49 17.86
N GLU F 323 -16.16 -31.79 18.32
CA GLU F 323 -16.62 -33.17 18.33
C GLU F 323 -16.72 -33.72 16.92
N LEU F 324 -17.27 -32.94 15.98
CA LEU F 324 -17.38 -33.39 14.60
C LEU F 324 -16.00 -33.57 13.96
N LEU F 325 -15.07 -32.68 14.26
CA LEU F 325 -13.72 -32.80 13.74
C LEU F 325 -13.06 -34.08 14.24
N GLN F 326 -13.23 -34.38 15.53
CA GLN F 326 -12.66 -35.61 16.07
C GLN F 326 -13.30 -36.85 15.45
N ASP F 327 -14.63 -36.82 15.29
CA ASP F 327 -15.33 -38.01 14.80
C ASP F 327 -15.03 -38.29 13.34
N LEU F 328 -15.14 -37.25 12.49
CA LEU F 328 -14.96 -37.45 11.05
C LEU F 328 -13.49 -37.65 10.68
N GLY F 329 -12.59 -36.89 11.28
CA GLY F 329 -11.20 -36.88 10.90
C GLY F 329 -10.82 -35.76 9.96
N ARG F 330 -11.75 -34.87 9.62
CA ARG F 330 -11.48 -33.72 8.77
C ARG F 330 -12.29 -32.55 9.28
N GLU F 331 -11.99 -31.37 8.76
CA GLU F 331 -12.69 -30.16 9.19
C GLU F 331 -14.15 -30.24 8.78
N PRO F 332 -15.09 -30.15 9.72
CA PRO F 332 -16.50 -30.27 9.37
C PRO F 332 -16.98 -29.10 8.51
N THR F 333 -17.91 -29.40 7.62
CA THR F 333 -18.54 -28.41 6.77
C THR F 333 -19.65 -27.69 7.53
N PRO F 334 -20.02 -26.48 7.10
CA PRO F 334 -21.13 -25.79 7.77
C PRO F 334 -22.43 -26.56 7.74
N GLU F 335 -22.66 -27.40 6.72
CA GLU F 335 -23.86 -28.21 6.69
C GLU F 335 -23.91 -29.20 7.85
N GLU F 336 -22.78 -29.84 8.15
CA GLU F 336 -22.74 -30.76 9.28
C GLU F 336 -22.99 -30.03 10.60
N LEU F 337 -22.39 -28.85 10.77
CA LEU F 337 -22.61 -28.07 11.99
C LEU F 337 -24.07 -27.68 12.13
N ALA F 338 -24.70 -27.25 11.03
CA ALA F 338 -26.12 -26.91 11.09
C ALA F 338 -26.98 -28.14 11.40
N LYS F 339 -26.63 -29.29 10.84
CA LYS F 339 -27.39 -30.51 11.09
C LYS F 339 -27.28 -30.93 12.55
N GLU F 340 -26.08 -30.87 13.12
CA GLU F 340 -25.88 -31.28 14.50
C GLU F 340 -26.30 -30.22 15.51
N MET F 341 -26.49 -28.98 15.10
CA MET F 341 -26.92 -27.91 15.99
C MET F 341 -28.38 -27.52 15.77
N ASP F 342 -29.11 -28.30 14.96
CA ASP F 342 -30.52 -28.05 14.62
C ASP F 342 -30.79 -26.57 14.37
N ILE F 343 -29.98 -25.96 13.52
CA ILE F 343 -30.15 -24.58 13.10
C ILE F 343 -29.98 -24.51 11.59
N THR F 344 -30.38 -23.38 11.02
CA THR F 344 -30.25 -23.16 9.60
C THR F 344 -28.77 -23.03 9.22
N PRO F 345 -28.40 -23.40 7.98
CA PRO F 345 -27.00 -23.30 7.56
C PRO F 345 -26.51 -21.86 7.46
N GLU F 346 -27.40 -20.89 7.68
CA GLU F 346 -27.03 -19.49 7.66
C GLU F 346 -26.67 -18.95 9.04
N LYS F 347 -27.24 -19.50 10.11
CA LYS F 347 -26.95 -19.02 11.44
C LYS F 347 -25.50 -19.31 11.85
N VAL F 348 -24.96 -20.45 11.42
CA VAL F 348 -23.58 -20.79 11.78
C VAL F 348 -22.60 -19.78 11.20
N LEU F 349 -22.85 -19.35 9.96
CA LEU F 349 -21.98 -18.34 9.36
C LEU F 349 -22.06 -17.03 10.12
N GLU F 350 -23.26 -16.61 10.53
CA GLU F 350 -23.39 -15.39 11.32
C GLU F 350 -22.67 -15.51 12.65
N ILE F 351 -22.79 -16.66 13.31
CA ILE F 351 -22.12 -16.86 14.60
C ILE F 351 -20.62 -16.79 14.43
N GLN F 352 -20.08 -17.42 13.38
CA GLN F 352 -18.65 -17.34 13.12
C GLN F 352 -18.22 -15.91 12.81
N GLN F 353 -19.08 -15.15 12.11
CA GLN F 353 -18.76 -13.75 11.85
C GLN F 353 -18.71 -12.93 13.13
N TYR F 354 -19.61 -13.22 14.08
CA TYR F 354 -19.63 -12.47 15.33
C TYR F 354 -18.45 -12.79 16.23
N ALA F 355 -17.72 -13.87 15.95
CA ALA F 355 -16.67 -14.34 16.85
C ALA F 355 -15.31 -13.68 16.60
N ARG F 356 -15.18 -12.87 15.56
CA ARG F 356 -13.89 -12.25 15.28
C ARG F 356 -13.61 -11.12 16.27
N GLU F 357 -12.35 -10.70 16.30
CA GLU F 357 -11.89 -9.63 17.18
C GLU F 357 -11.20 -8.55 16.38
N PRO F 358 -11.31 -7.30 16.80
CA PRO F 358 -10.68 -6.20 16.04
C PRO F 358 -9.17 -6.22 16.19
N ILE F 359 -8.48 -5.99 15.07
CA ILE F 359 -7.02 -5.89 15.05
C ILE F 359 -6.63 -4.48 15.47
N SER F 360 -5.35 -4.28 15.76
CA SER F 360 -4.85 -2.98 16.20
C SER F 360 -4.29 -2.18 15.03
N LEU F 361 -4.60 -0.88 15.02
CA LEU F 361 -4.11 0.00 13.97
C LEU F 361 -2.64 0.36 14.15
N ASP F 362 -2.08 0.16 15.33
CA ASP F 362 -0.70 0.55 15.62
C ASP F 362 0.30 -0.57 15.43
N GLN F 363 -0.14 -1.74 14.97
CA GLN F 363 0.79 -2.85 14.76
C GLN F 363 1.71 -2.55 13.59
N THR F 364 2.95 -3.03 13.69
CA THR F 364 3.95 -2.78 12.66
C THR F 364 3.71 -3.69 11.47
N ILE F 365 3.72 -3.12 10.27
CA ILE F 365 3.52 -3.89 9.05
C ILE F 365 4.82 -4.47 8.53
N GLY F 366 5.85 -3.64 8.36
CA GLY F 366 7.11 -4.09 7.84
C GLY F 366 7.98 -4.73 8.91
N ASP F 367 9.18 -5.14 8.49
CA ASP F 367 10.14 -5.73 9.42
C ASP F 367 10.57 -4.73 10.48
N GLU F 368 10.83 -3.50 10.08
CA GLU F 368 11.25 -2.44 10.99
C GLU F 368 10.06 -1.56 11.35
N GLY F 369 10.14 -0.93 12.52
CA GLY F 369 9.05 -0.11 13.01
C GLY F 369 8.99 1.27 12.39
N ASP F 370 8.79 1.32 11.07
CA ASP F 370 8.67 2.59 10.37
C ASP F 370 7.28 2.83 9.78
N SER F 371 6.45 1.79 9.68
CA SER F 371 5.13 1.91 9.10
C SER F 371 4.10 1.30 10.03
N GLN F 372 2.89 1.84 9.99
CA GLN F 372 1.79 1.36 10.82
C GLN F 372 0.58 1.09 9.95
N LEU F 373 -0.29 0.19 10.45
CA LEU F 373 -1.47 -0.19 9.68
C LEU F 373 -2.41 0.99 9.47
N GLY F 374 -2.35 2.00 10.34
CA GLY F 374 -3.23 3.14 10.23
C GLY F 374 -2.88 4.13 9.14
N ASP F 375 -1.70 4.01 8.54
CA ASP F 375 -1.29 4.90 7.46
C ASP F 375 -1.74 4.42 6.09
N PHE F 376 -2.29 3.21 5.99
CA PHE F 376 -2.73 2.64 4.72
C PHE F 376 -4.25 2.61 4.59
N ILE F 377 -4.97 3.26 5.50
CA ILE F 377 -6.43 3.27 5.48
C ILE F 377 -6.88 4.59 4.84
N GLU F 378 -7.72 4.49 3.82
CA GLU F 378 -8.19 5.64 3.08
C GLU F 378 -9.45 6.23 3.72
N ASP F 379 -9.48 7.54 3.86
CA ASP F 379 -10.66 8.24 4.35
C ASP F 379 -11.64 8.42 3.19
N SER F 380 -12.78 7.74 3.28
CA SER F 380 -13.77 7.74 2.20
C SER F 380 -14.79 8.86 2.33
N GLU F 381 -14.73 9.66 3.39
CA GLU F 381 -15.67 10.74 3.61
C GLU F 381 -15.10 12.11 3.22
N ALA F 382 -13.90 12.14 2.66
CA ALA F 382 -13.29 13.41 2.26
C ALA F 382 -13.84 13.87 0.91
N VAL F 383 -13.81 15.19 0.71
CA VAL F 383 -14.30 15.76 -0.55
C VAL F 383 -13.28 15.46 -1.65
N VAL F 384 -13.78 14.99 -2.79
CA VAL F 384 -12.90 14.61 -3.90
C VAL F 384 -12.28 15.80 -4.60
N ALA F 385 -12.72 17.03 -4.28
CA ALA F 385 -12.19 18.27 -4.83
C ALA F 385 -12.53 18.42 -6.32
N VAL F 386 -13.16 17.40 -6.90
CA VAL F 386 -13.66 17.48 -8.27
C VAL F 386 -15.18 17.48 -8.31
N ASP F 387 -15.85 16.78 -7.39
CA ASP F 387 -17.30 16.82 -7.35
C ASP F 387 -17.82 18.16 -6.86
N ALA F 388 -17.04 18.88 -6.05
CA ALA F 388 -17.47 20.18 -5.55
C ALA F 388 -17.57 21.20 -6.66
N VAL F 389 -16.52 21.33 -7.47
CA VAL F 389 -16.54 22.29 -8.57
C VAL F 389 -17.57 21.88 -9.62
N SER F 390 -17.69 20.57 -9.87
CA SER F 390 -18.70 20.09 -10.82
C SER F 390 -20.10 20.42 -10.33
N PHE F 391 -20.34 20.26 -9.03
CA PHE F 391 -21.66 20.59 -8.48
C PHE F 391 -21.92 22.10 -8.54
N THR F 392 -20.89 22.92 -8.30
CA THR F 392 -21.07 24.36 -8.41
C THR F 392 -21.43 24.76 -9.84
N LEU F 393 -20.72 24.20 -10.81
CA LEU F 393 -21.02 24.48 -12.21
C LEU F 393 -22.41 23.97 -12.58
N LEU F 394 -22.80 22.82 -12.04
CA LEU F 394 -24.13 22.28 -12.30
C LEU F 394 -25.20 23.21 -11.75
N GLN F 395 -25.01 23.74 -10.54
CA GLN F 395 -25.97 24.68 -9.98
C GLN F 395 -26.06 25.94 -10.83
N ASP F 396 -24.92 26.46 -11.28
CA ASP F 396 -24.93 27.66 -12.11
C ASP F 396 -25.66 27.41 -13.43
N GLN F 397 -25.37 26.26 -14.07
CA GLN F 397 -26.02 25.92 -15.33
C GLN F 397 -27.51 25.71 -15.15
N LEU F 398 -27.91 25.07 -14.05
CA LEU F 398 -29.33 24.86 -13.79
C LEU F 398 -30.05 26.18 -13.56
N GLN F 399 -29.42 27.10 -12.83
CA GLN F 399 -30.02 28.42 -12.65
C GLN F 399 -30.15 29.14 -13.99
N SER F 400 -29.13 29.04 -14.85
CA SER F 400 -29.20 29.67 -16.16
C SER F 400 -30.32 29.08 -16.99
N VAL F 401 -30.50 27.76 -16.94
CA VAL F 401 -31.59 27.12 -17.68
C VAL F 401 -32.94 27.56 -17.14
N LEU F 402 -33.09 27.60 -15.82
CA LEU F 402 -34.36 28.01 -15.23
C LEU F 402 -34.67 29.48 -15.48
N GLU F 403 -33.66 30.30 -15.75
CA GLU F 403 -33.91 31.70 -16.08
C GLU F 403 -34.64 31.86 -17.42
N THR F 404 -34.68 30.80 -18.24
CA THR F 404 -35.37 30.86 -19.52
C THR F 404 -36.86 30.57 -19.42
N LEU F 405 -37.35 30.23 -18.24
CA LEU F 405 -38.76 29.93 -18.03
C LEU F 405 -39.48 31.17 -17.48
N SER F 406 -40.79 31.02 -17.28
CA SER F 406 -41.58 32.06 -16.65
C SER F 406 -41.38 32.04 -15.14
N GLU F 407 -41.79 33.13 -14.49
CA GLU F 407 -41.61 33.23 -13.04
C GLU F 407 -42.43 32.18 -12.30
N ARG F 408 -43.67 31.94 -12.75
CA ARG F 408 -44.54 31.00 -12.06
C ARG F 408 -43.97 29.59 -12.09
N GLU F 409 -43.62 29.10 -13.29
CA GLU F 409 -43.10 27.74 -13.40
C GLU F 409 -41.77 27.59 -12.69
N ALA F 410 -40.90 28.61 -12.79
CA ALA F 410 -39.62 28.55 -12.11
C ALA F 410 -39.80 28.48 -10.60
N GLY F 411 -40.71 29.30 -10.05
CA GLY F 411 -40.96 29.24 -8.62
C GLY F 411 -41.56 27.91 -8.20
N VAL F 412 -42.49 27.37 -9.00
CA VAL F 412 -43.09 26.09 -8.67
C VAL F 412 -42.03 25.00 -8.64
N VAL F 413 -41.15 24.98 -9.65
CA VAL F 413 -40.11 23.96 -9.71
C VAL F 413 -39.15 24.11 -8.55
N ARG F 414 -38.75 25.36 -8.23
CA ARG F 414 -37.83 25.56 -7.12
C ARG F 414 -38.42 25.11 -5.79
N LEU F 415 -39.69 25.43 -5.54
CA LEU F 415 -40.32 25.02 -4.29
C LEU F 415 -40.53 23.51 -4.23
N ARG F 416 -40.91 22.90 -5.36
CA ARG F 416 -41.24 21.49 -5.36
C ARG F 416 -39.98 20.63 -5.23
N PHE F 417 -38.94 20.97 -5.98
CA PHE F 417 -37.68 20.22 -5.92
C PHE F 417 -36.79 20.63 -4.76
N GLY F 418 -37.15 21.69 -4.04
CA GLY F 418 -36.35 22.14 -2.93
C GLY F 418 -35.08 22.87 -3.30
N LEU F 419 -35.02 23.42 -4.51
CA LEU F 419 -33.85 24.19 -4.92
C LEU F 419 -33.75 25.54 -4.22
N THR F 420 -34.79 25.96 -3.50
CA THR F 420 -34.84 27.32 -2.99
C THR F 420 -33.82 27.56 -1.88
N ASP F 421 -33.99 26.91 -0.72
CA ASP F 421 -32.99 27.04 0.34
C ASP F 421 -32.37 25.72 0.75
N GLY F 422 -33.13 24.79 1.30
CA GLY F 422 -32.54 23.54 1.75
C GLY F 422 -33.35 22.27 1.64
N GLN F 423 -34.64 22.37 1.29
CA GLN F 423 -35.53 21.23 1.46
C GLN F 423 -36.72 21.37 0.52
N PRO F 424 -37.33 20.26 0.13
CA PRO F 424 -38.50 20.32 -0.75
C PRO F 424 -39.80 20.49 0.04
N ARG F 425 -40.86 20.77 -0.71
CA ARG F 425 -42.21 20.96 -0.16
C ARG F 425 -43.13 19.90 -0.74
N THR F 426 -44.42 20.03 -0.44
CA THR F 426 -45.43 19.09 -0.90
C THR F 426 -46.40 19.80 -1.84
N LEU F 427 -47.10 19.00 -2.64
CA LEU F 427 -47.99 19.56 -3.66
C LEU F 427 -49.09 20.40 -3.03
N ASP F 428 -49.72 19.90 -1.96
CA ASP F 428 -50.79 20.65 -1.32
C ASP F 428 -50.27 21.94 -0.70
N GLU F 429 -49.06 21.90 -0.13
CA GLU F 429 -48.48 23.11 0.46
C GLU F 429 -48.28 24.19 -0.60
N ILE F 430 -47.72 23.81 -1.76
CA ILE F 430 -47.52 24.77 -2.83
C ILE F 430 -48.85 25.29 -3.36
N GLY F 431 -49.83 24.39 -3.50
CA GLY F 431 -51.15 24.82 -3.96
C GLY F 431 -51.79 25.82 -3.02
N GLN F 432 -51.65 25.60 -1.71
CA GLN F 432 -52.19 26.54 -0.73
C GLN F 432 -51.43 27.86 -0.76
N VAL F 433 -50.11 27.80 -0.90
CA VAL F 433 -49.31 29.03 -0.92
C VAL F 433 -49.67 29.89 -2.13
N TYR F 434 -49.78 29.27 -3.30
CA TYR F 434 -50.14 29.99 -4.51
C TYR F 434 -51.64 30.16 -4.70
N GLY F 435 -52.44 29.60 -3.80
CA GLY F 435 -53.89 29.76 -3.85
C GLY F 435 -54.55 29.16 -5.08
N VAL F 436 -54.11 27.97 -5.49
CA VAL F 436 -54.69 27.28 -6.64
C VAL F 436 -54.93 25.83 -6.25
N THR F 437 -55.79 25.18 -7.04
CA THR F 437 -56.14 23.79 -6.79
C THR F 437 -54.92 22.89 -7.01
N ARG F 438 -54.91 21.76 -6.30
CA ARG F 438 -53.82 20.80 -6.43
C ARG F 438 -53.76 20.24 -7.84
N GLU F 439 -54.91 20.12 -8.51
CA GLU F 439 -54.92 19.67 -9.90
C GLU F 439 -54.18 20.67 -10.79
N ARG F 440 -54.39 21.97 -10.55
CA ARG F 440 -53.67 22.98 -11.32
C ARG F 440 -52.17 22.90 -11.08
N ILE F 441 -51.77 22.69 -9.83
CA ILE F 441 -50.34 22.57 -9.52
C ILE F 441 -49.73 21.37 -10.22
N ARG F 442 -50.43 20.22 -10.19
CA ARG F 442 -49.90 19.04 -10.85
C ARG F 442 -49.82 19.24 -12.36
N GLN F 443 -50.82 19.88 -12.95
CA GLN F 443 -50.78 20.16 -14.39
C GLN F 443 -49.63 21.09 -14.74
N ILE F 444 -49.40 22.12 -13.92
CA ILE F 444 -48.30 23.04 -14.17
C ILE F 444 -46.97 22.31 -14.10
N GLU F 445 -46.79 21.47 -13.07
CA GLU F 445 -45.55 20.72 -12.94
C GLU F 445 -45.34 19.77 -14.11
N SER F 446 -46.41 19.08 -14.55
CA SER F 446 -46.29 18.17 -15.67
C SER F 446 -45.92 18.91 -16.95
N LYS F 447 -46.55 20.06 -17.20
CA LYS F 447 -46.21 20.83 -18.39
C LYS F 447 -44.77 21.34 -18.34
N THR F 448 -44.34 21.81 -17.16
CA THR F 448 -42.96 22.29 -17.04
C THR F 448 -41.96 21.18 -17.26
N MET F 449 -42.21 20.00 -16.69
CA MET F 449 -41.30 18.87 -16.88
C MET F 449 -41.28 18.43 -18.33
N SER F 450 -42.44 18.43 -19.00
CA SER F 450 -42.47 18.09 -20.42
C SER F 450 -41.68 19.10 -21.25
N LYS F 451 -41.80 20.39 -20.92
CA LYS F 451 -41.02 21.40 -21.63
C LYS F 451 -39.53 21.23 -21.40
N LEU F 452 -39.13 20.91 -20.17
CA LEU F 452 -37.72 20.80 -19.84
C LEU F 452 -37.08 19.54 -20.44
N ARG F 453 -37.88 18.60 -20.93
CA ARG F 453 -37.33 17.42 -21.59
C ARG F 453 -36.97 17.68 -23.04
N HIS F 454 -37.21 18.89 -23.55
CA HIS F 454 -36.84 19.21 -24.92
C HIS F 454 -35.33 19.12 -25.09
N PRO F 455 -34.85 18.64 -26.24
CA PRO F 455 -33.39 18.48 -26.43
C PRO F 455 -32.61 19.78 -26.27
N SER F 456 -33.22 20.93 -26.60
CA SER F 456 -32.50 22.20 -26.48
C SER F 456 -32.10 22.49 -25.04
N ARG F 457 -33.00 22.20 -24.09
CA ARG F 457 -32.72 22.45 -22.68
C ARG F 457 -32.07 21.28 -21.97
N SER F 458 -31.87 20.15 -22.66
CA SER F 458 -31.23 18.98 -22.06
C SER F 458 -29.86 18.67 -22.62
N GLN F 459 -29.50 19.25 -23.77
CA GLN F 459 -28.17 18.99 -24.33
C GLN F 459 -27.07 19.50 -23.41
N VAL F 460 -27.27 20.66 -22.78
CA VAL F 460 -26.26 21.21 -21.88
C VAL F 460 -26.11 20.33 -20.64
N LEU F 461 -27.22 19.78 -20.14
CA LEU F 461 -27.20 18.99 -18.92
C LEU F 461 -26.90 17.51 -19.16
N ARG F 462 -26.85 17.08 -20.41
CA ARG F 462 -26.56 15.67 -20.70
C ARG F 462 -25.21 15.24 -20.13
N ASP F 463 -24.19 16.08 -20.30
CA ASP F 463 -22.84 15.71 -19.85
C ASP F 463 -22.70 15.69 -18.33
N TYR F 464 -23.64 16.27 -17.60
CA TYR F 464 -23.58 16.29 -16.14
C TYR F 464 -24.11 15.02 -15.50
N LEU F 465 -24.67 14.10 -16.28
CA LEU F 465 -25.19 12.86 -15.74
C LEU F 465 -24.34 11.67 -16.17
N ASP G 23 -32.50 32.03 6.75
CA ASP G 23 -33.70 31.69 7.51
C ASP G 23 -33.51 30.37 8.26
N LEU G 24 -33.87 30.37 9.54
CA LEU G 24 -33.76 29.19 10.39
C LEU G 24 -35.09 28.95 11.09
N ALA G 25 -35.37 27.68 11.37
CA ALA G 25 -36.60 27.33 12.04
C ALA G 25 -36.60 27.85 13.47
N PRO G 26 -37.71 28.40 13.95
CA PRO G 26 -37.77 28.89 15.32
C PRO G 26 -37.64 27.76 16.33
N ARG G 27 -37.06 28.08 17.49
CA ARG G 27 -36.83 27.09 18.52
C ARG G 27 -36.91 27.77 19.89
N GLN G 28 -37.12 26.95 20.92
CA GLN G 28 -37.25 27.42 22.29
C GLN G 28 -36.07 26.91 23.11
N VAL G 29 -35.83 27.58 24.24
CA VAL G 29 -34.74 27.25 25.15
C VAL G 29 -35.34 26.80 26.47
N ALA G 30 -34.93 25.64 26.93
CA ALA G 30 -35.40 25.07 28.18
C ALA G 30 -34.30 25.14 29.24
N ARG G 31 -34.68 25.53 30.46
CA ARG G 31 -33.75 25.71 31.56
C ARG G 31 -33.82 24.49 32.46
N TYR G 32 -32.67 23.85 32.69
CA TYR G 32 -32.56 22.69 33.55
C TYR G 32 -31.56 22.98 34.67
N ARG G 33 -31.91 22.57 35.88
CA ARG G 33 -31.07 22.77 37.05
C ARG G 33 -30.73 21.42 37.67
N THR G 34 -29.45 21.20 37.98
CA THR G 34 -29.01 19.97 38.61
C THR G 34 -29.19 20.07 40.12
N ASP G 35 -28.71 19.04 40.83
CA ASP G 35 -28.81 19.03 42.28
C ASP G 35 -27.81 19.99 42.92
N ASN G 36 -26.59 20.02 42.40
CA ASN G 36 -25.52 20.83 42.99
C ASN G 36 -25.42 22.22 42.34
N GLY G 37 -26.56 22.90 42.21
CA GLY G 37 -26.56 24.28 41.76
C GLY G 37 -25.94 24.53 40.40
N GLU G 38 -26.21 23.67 39.42
CA GLU G 38 -25.72 23.84 38.07
C GLU G 38 -26.89 23.99 37.11
N GLU G 39 -26.84 25.00 36.25
CA GLU G 39 -27.90 25.29 35.31
C GLU G 39 -27.38 25.15 33.88
N PHE G 40 -28.13 24.45 33.04
CA PHE G 40 -27.76 24.24 31.65
C PHE G 40 -28.95 24.52 30.74
N ASP G 41 -28.66 24.98 29.53
CA ASP G 41 -29.68 25.33 28.56
C ASP G 41 -29.71 24.29 27.44
N VAL G 42 -30.88 23.74 27.17
CA VAL G 42 -31.06 22.76 26.10
C VAL G 42 -32.09 23.28 25.11
N PRO G 43 -31.68 23.62 23.88
CA PRO G 43 -32.67 24.09 22.89
C PRO G 43 -33.66 23.01 22.52
N PHE G 44 -34.88 23.43 22.21
CA PHE G 44 -35.94 22.53 21.78
C PHE G 44 -36.78 23.21 20.72
N ALA G 45 -37.46 22.39 19.91
CA ALA G 45 -38.36 22.91 18.89
C ALA G 45 -39.65 23.41 19.53
N ASP G 46 -40.35 24.29 18.80
CA ASP G 46 -41.60 24.83 19.31
C ASP G 46 -42.67 23.75 19.47
N ASP G 47 -42.79 22.87 18.48
CA ASP G 47 -43.78 21.79 18.52
C ASP G 47 -43.12 20.51 19.02
N ALA G 48 -42.84 20.50 20.33
CA ALA G 48 -42.20 19.36 20.96
C ALA G 48 -42.61 19.32 22.43
N GLU G 49 -42.50 18.13 23.02
CA GLU G 49 -42.83 17.92 24.43
C GLU G 49 -41.54 17.99 25.23
N ILE G 50 -41.41 19.01 26.07
CA ILE G 50 -40.23 19.20 26.90
C ILE G 50 -40.24 18.17 28.04
N PRO G 51 -39.23 17.33 28.15
CA PRO G 51 -39.21 16.34 29.23
C PRO G 51 -39.03 17.00 30.58
N GLY G 52 -39.62 16.37 31.61
CA GLY G 52 -39.48 16.90 32.96
C GLY G 52 -38.06 16.81 33.48
N THR G 53 -37.40 15.68 33.24
CA THR G 53 -36.03 15.46 33.68
C THR G 53 -35.14 15.17 32.46
N TRP G 54 -33.96 15.78 32.44
CA TRP G 54 -33.03 15.63 31.33
C TRP G 54 -31.63 15.39 31.88
N LEU G 55 -30.86 14.59 31.14
CA LEU G 55 -29.48 14.30 31.50
C LEU G 55 -28.62 15.50 31.14
N CYS G 56 -28.04 16.15 32.15
CA CYS G 56 -27.34 17.42 31.96
C CYS G 56 -25.95 17.18 31.40
N ARG G 57 -25.18 18.26 31.28
CA ARG G 57 -23.86 18.20 30.64
C ARG G 57 -22.83 17.53 31.55
N ASN G 58 -23.03 17.57 32.87
CA ASN G 58 -22.10 16.99 33.82
C ASN G 58 -22.44 15.56 34.20
N GLY G 59 -23.43 14.95 33.56
CA GLY G 59 -23.80 13.59 33.84
C GLY G 59 -24.76 13.41 35.00
N LEU G 60 -25.21 14.49 35.63
CA LEU G 60 -26.16 14.42 36.72
C LEU G 60 -27.55 14.78 36.24
N GLU G 61 -28.54 13.98 36.65
CA GLU G 61 -29.92 14.23 36.24
C GLU G 61 -30.42 15.53 36.84
N GLY G 62 -31.11 16.32 36.02
CA GLY G 62 -31.62 17.60 36.46
C GLY G 62 -33.08 17.76 36.09
N THR G 63 -33.74 18.67 36.81
CA THR G 63 -35.16 18.96 36.62
C THR G 63 -35.33 20.35 36.02
N LEU G 64 -36.58 20.67 35.69
CA LEU G 64 -36.94 21.96 35.12
C LEU G 64 -37.44 22.87 36.23
N ILE G 65 -36.90 24.08 36.28
CA ILE G 65 -37.27 25.05 37.32
C ILE G 65 -38.58 25.71 36.90
N GLU G 66 -39.68 25.29 37.52
CA GLU G 66 -41.00 25.83 37.23
C GLU G 66 -41.86 25.73 38.48
N GLY G 67 -42.91 26.55 38.51
CA GLY G 67 -43.84 26.49 39.64
C GLY G 67 -44.59 25.17 39.72
N ASP G 68 -45.04 24.67 38.58
CA ASP G 68 -45.75 23.39 38.51
C ASP G 68 -44.72 22.32 38.16
N VAL G 69 -44.35 21.52 39.16
CA VAL G 69 -43.34 20.48 38.98
C VAL G 69 -43.98 19.25 38.36
N PRO G 70 -43.51 18.80 37.19
CA PRO G 70 -44.04 17.55 36.61
C PRO G 70 -43.46 16.33 37.31
N GLU G 71 -44.09 15.91 38.42
CA GLU G 71 -43.63 14.79 39.25
C GLU G 71 -43.38 13.55 38.39
N PRO G 72 -42.13 13.10 38.31
CA PRO G 72 -41.82 11.92 37.49
C PRO G 72 -42.08 10.62 38.26
N LYS G 73 -41.75 9.51 37.61
CA LYS G 73 -41.93 8.21 38.23
C LYS G 73 -40.93 8.00 39.35
N LYS G 74 -41.36 7.26 40.37
CA LYS G 74 -40.53 6.96 41.53
C LYS G 74 -40.10 5.51 41.49
N VAL G 75 -38.85 5.24 41.89
CA VAL G 75 -38.24 3.92 41.84
C VAL G 75 -38.02 3.44 43.27
N LYS G 76 -38.49 2.23 43.57
CA LYS G 76 -38.33 1.65 44.90
C LYS G 76 -36.91 1.16 45.10
N PRO G 77 -36.44 1.13 46.36
CA PRO G 77 -35.08 0.66 46.61
C PRO G 77 -34.93 -0.82 46.28
N PRO G 78 -33.74 -1.25 45.87
CA PRO G 78 -33.54 -2.66 45.52
C PRO G 78 -33.34 -3.54 46.75
N ARG G 79 -33.03 -4.82 46.51
CA ARG G 79 -32.82 -5.76 47.60
C ARG G 79 -31.55 -5.42 48.38
N THR G 80 -31.51 -5.87 49.63
CA THR G 80 -30.38 -5.64 50.51
C THR G 80 -30.09 -6.92 51.29
N HIS G 81 -29.07 -6.85 52.15
CA HIS G 81 -28.69 -8.03 52.94
C HIS G 81 -29.80 -8.46 53.88
N TRP G 82 -30.46 -7.50 54.52
CA TRP G 82 -31.53 -7.84 55.46
C TRP G 82 -32.68 -8.55 54.78
N ASP G 83 -33.03 -8.12 53.56
CA ASP G 83 -34.11 -8.77 52.83
C ASP G 83 -33.77 -10.22 52.54
N MET G 84 -32.53 -10.48 52.11
CA MET G 84 -32.10 -11.84 51.83
C MET G 84 -32.10 -12.69 53.10
N LEU G 85 -31.63 -12.12 54.22
CA LEU G 85 -31.63 -12.86 55.48
C LEU G 85 -33.05 -13.20 55.91
N LEU G 86 -33.98 -12.24 55.79
CA LEU G 86 -35.37 -12.52 56.15
C LEU G 86 -35.99 -13.55 55.23
N GLU G 87 -35.67 -13.51 53.94
CA GLU G 87 -36.21 -14.48 53.00
C GLU G 87 -35.69 -15.89 53.29
N ARG G 88 -34.43 -16.01 53.65
CA ARG G 88 -33.83 -17.33 53.88
C ARG G 88 -34.00 -17.85 55.30
N ARG G 89 -34.60 -17.06 56.19
CA ARG G 89 -34.76 -17.46 57.58
C ARG G 89 -36.17 -17.12 58.05
N SER G 90 -36.41 -17.27 59.35
CA SER G 90 -37.69 -16.97 59.97
C SER G 90 -37.49 -16.01 61.13
N VAL G 91 -38.56 -15.28 61.46
CA VAL G 91 -38.48 -14.28 62.51
C VAL G 91 -38.23 -14.93 63.86
N GLU G 92 -38.89 -16.06 64.13
CA GLU G 92 -38.77 -16.70 65.43
C GLU G 92 -37.35 -17.19 65.69
N GLU G 93 -36.71 -17.80 64.69
CA GLU G 93 -35.35 -18.28 64.88
C GLU G 93 -34.39 -17.12 65.11
N LEU G 94 -34.56 -16.02 64.37
CA LEU G 94 -33.72 -14.84 64.58
C LEU G 94 -33.92 -14.28 65.99
N GLU G 95 -35.17 -14.25 66.45
CA GLU G 95 -35.44 -13.75 67.80
C GLU G 95 -34.79 -14.65 68.85
N GLU G 96 -34.87 -15.97 68.66
CA GLU G 96 -34.22 -16.89 69.60
C GLU G 96 -32.71 -16.70 69.60
N LEU G 97 -32.11 -16.55 68.43
CA LEU G 97 -30.67 -16.34 68.36
C LEU G 97 -30.27 -15.03 69.02
N LEU G 98 -31.05 -13.97 68.81
CA LEU G 98 -30.75 -12.69 69.44
C LEU G 98 -30.88 -12.79 70.95
N LYS G 99 -31.90 -13.50 71.44
CA LYS G 99 -32.04 -13.69 72.89
C LYS G 99 -30.86 -14.47 73.45
N GLU G 100 -30.41 -15.51 72.75
CA GLU G 100 -29.26 -16.28 73.22
C GLU G 100 -28.02 -15.41 73.27
N ARG G 101 -27.78 -14.60 72.24
CA ARG G 101 -26.62 -13.72 72.22
C ARG G 101 -26.70 -12.68 73.32
N LEU G 102 -27.89 -12.13 73.57
CA LEU G 102 -28.05 -11.16 74.64
C LEU G 102 -27.79 -11.79 76.00
N ASP G 103 -28.28 -13.01 76.22
CA ASP G 103 -28.00 -13.70 77.47
C ASP G 103 -26.51 -13.96 77.63
N LEU G 104 -25.85 -14.38 76.55
CA LEU G 104 -24.42 -14.65 76.62
C LEU G 104 -23.62 -13.39 76.95
N ILE G 105 -23.94 -12.26 76.29
CA ILE G 105 -23.20 -11.03 76.55
C ILE G 105 -23.50 -10.51 77.95
N LYS G 106 -24.75 -10.66 78.41
CA LYS G 106 -25.09 -10.24 79.77
C LYS G 106 -24.32 -11.06 80.80
N ALA G 107 -24.24 -12.38 80.61
CA ALA G 107 -23.49 -13.23 81.52
C ALA G 107 -22.00 -12.88 81.50
N LYS G 108 -21.47 -12.57 80.31
CA LYS G 108 -20.07 -12.20 80.21
C LYS G 108 -19.79 -10.86 80.88
N ARG G 109 -20.74 -9.93 80.82
CA ARG G 109 -20.51 -8.58 81.35
C ARG G 109 -20.70 -8.53 82.86
N ARG G 110 -21.85 -9.00 83.35
CA ARG G 110 -22.17 -8.88 84.77
C ARG G 110 -21.94 -10.17 85.54
N GLY G 111 -21.24 -11.14 84.95
CA GLY G 111 -20.96 -12.39 85.63
C GLY G 111 -22.12 -13.35 85.62
N SER J 2 -65.43 -4.43 0.30
CA SER J 2 -66.42 -3.37 0.34
C SER J 2 -66.28 -2.44 -0.86
N GLN J 3 -67.00 -1.32 -0.83
CA GLN J 3 -66.92 -0.35 -1.91
C GLN J 3 -65.53 0.26 -2.01
N VAL J 4 -64.92 0.55 -0.86
CA VAL J 4 -63.58 1.15 -0.85
C VAL J 4 -62.56 0.19 -1.44
N SER J 5 -62.67 -1.10 -1.12
CA SER J 5 -61.75 -2.09 -1.67
C SER J 5 -61.87 -2.18 -3.19
N THR J 6 -63.11 -2.19 -3.70
CA THR J 6 -63.31 -2.23 -5.15
C THR J 6 -62.77 -0.97 -5.81
N ARG J 7 -62.99 0.20 -5.18
CA ARG J 7 -62.45 1.43 -5.72
C ARG J 7 -60.93 1.40 -5.75
N LEU J 8 -60.30 0.88 -4.70
CA LEU J 8 -58.85 0.78 -4.67
C LEU J 8 -58.34 -0.15 -5.76
N VAL J 9 -59.02 -1.29 -5.96
CA VAL J 9 -58.60 -2.23 -7.01
C VAL J 9 -58.71 -1.57 -8.38
N ARG J 10 -59.82 -0.88 -8.63
CA ARG J 10 -60.01 -0.21 -9.92
C ARG J 10 -58.96 0.87 -10.13
N LEU J 11 -58.68 1.67 -9.09
CA LEU J 11 -57.70 2.74 -9.22
C LEU J 11 -56.30 2.18 -9.44
N LEU J 12 -55.98 1.04 -8.82
CA LEU J 12 -54.68 0.42 -9.01
C LEU J 12 -54.55 -0.21 -10.39
N ASN J 13 -55.65 -0.74 -10.93
CA ASN J 13 -55.60 -1.38 -12.25
C ASN J 13 -55.83 -0.41 -13.40
N MET J 14 -56.19 0.84 -13.12
CA MET J 14 -56.36 1.81 -14.20
C MET J 14 -55.04 2.04 -14.96
N VAL J 15 -53.92 2.11 -14.23
CA VAL J 15 -52.64 2.43 -14.88
C VAL J 15 -52.26 1.41 -15.95
N PRO J 16 -52.31 0.09 -15.69
CA PRO J 16 -52.04 -0.85 -16.79
C PRO J 16 -53.02 -0.73 -17.94
N TYR J 17 -54.29 -0.41 -17.68
CA TYR J 17 -55.25 -0.22 -18.74
C TYR J 17 -54.87 0.97 -19.63
N PHE J 18 -54.45 2.07 -19.02
CA PHE J 18 -54.02 3.23 -19.79
C PHE J 18 -52.72 2.96 -20.52
N GLN J 19 -51.84 2.12 -19.95
CA GLN J 19 -50.61 1.76 -20.65
C GLN J 19 -50.91 0.87 -21.86
N ALA J 20 -51.92 0.00 -21.76
CA ALA J 20 -52.26 -0.88 -22.88
C ALA J 20 -52.76 -0.08 -24.08
N ASN J 21 -53.61 0.92 -23.84
CA ASN J 21 -54.14 1.75 -24.91
C ASN J 21 -53.45 3.11 -24.88
N PRO J 22 -52.55 3.40 -25.82
CA PRO J 22 -51.75 4.64 -25.72
C PRO J 22 -52.57 5.92 -25.73
N LYS J 23 -53.68 5.96 -26.47
CA LYS J 23 -54.46 7.18 -26.62
C LYS J 23 -55.94 6.90 -26.43
N VAL J 24 -56.28 6.19 -25.37
CA VAL J 24 -57.68 5.90 -25.06
C VAL J 24 -58.39 7.19 -24.66
N THR J 25 -59.56 7.42 -25.26
CA THR J 25 -60.32 8.64 -25.01
C THR J 25 -61.15 8.51 -23.73
N ARG J 26 -61.86 9.59 -23.39
CA ARG J 26 -62.70 9.58 -22.21
C ARG J 26 -63.86 8.59 -22.35
N ALA J 27 -64.50 8.57 -23.52
CA ALA J 27 -65.67 7.71 -23.71
C ALA J 27 -65.29 6.24 -23.62
N GLU J 28 -64.17 5.86 -24.25
CA GLU J 28 -63.74 4.47 -24.21
C GLU J 28 -63.41 4.03 -22.80
N ALA J 29 -62.71 4.88 -22.04
CA ALA J 29 -62.38 4.56 -20.65
C ALA J 29 -63.65 4.43 -19.81
N ALA J 30 -64.60 5.35 -19.99
CA ALA J 30 -65.84 5.30 -19.23
C ALA J 30 -66.62 4.03 -19.54
N ALA J 31 -66.69 3.65 -20.82
CA ALA J 31 -67.38 2.42 -21.19
C ALA J 31 -66.68 1.20 -20.63
N ALA J 32 -65.34 1.18 -20.68
CA ALA J 32 -64.59 0.03 -20.17
C ALA J 32 -64.76 -0.13 -18.67
N LEU J 33 -64.70 0.97 -17.92
CA LEU J 33 -64.81 0.92 -16.48
C LEU J 33 -66.25 0.98 -15.98
N GLY J 34 -67.20 1.30 -16.84
CA GLY J 34 -68.60 1.34 -16.45
C GLY J 34 -68.90 2.35 -15.36
N VAL J 35 -68.33 3.55 -15.47
CA VAL J 35 -68.53 4.60 -14.47
C VAL J 35 -68.89 5.90 -15.18
N THR J 36 -69.46 6.82 -14.41
CA THR J 36 -69.85 8.12 -14.94
C THR J 36 -68.62 8.98 -15.21
N GLY J 37 -68.83 10.06 -15.95
CA GLY J 37 -67.73 10.94 -16.28
C GLY J 37 -67.12 11.61 -15.07
N LYS J 38 -67.97 12.09 -14.15
CA LYS J 38 -67.48 12.76 -12.95
C LYS J 38 -66.69 11.80 -12.07
N GLN J 39 -67.19 10.58 -11.89
CA GLN J 39 -66.47 9.59 -11.10
C GLN J 39 -65.12 9.24 -11.71
N LEU J 40 -65.08 9.05 -13.03
CA LEU J 40 -63.82 8.76 -13.69
C LEU J 40 -62.85 9.93 -13.57
N ASP J 41 -63.35 11.16 -13.69
CA ASP J 41 -62.49 12.33 -13.54
C ASP J 41 -61.92 12.41 -12.12
N ALA J 42 -62.75 12.16 -11.12
CA ALA J 42 -62.27 12.20 -9.73
C ALA J 42 -61.24 11.11 -9.48
N ASP J 43 -61.48 9.90 -10.00
CA ASP J 43 -60.51 8.81 -9.83
C ASP J 43 -59.20 9.13 -10.54
N LEU J 44 -59.28 9.73 -11.73
CA LEU J 44 -58.07 10.11 -12.46
C LEU J 44 -57.29 11.17 -11.69
N ASP J 45 -57.99 12.16 -11.13
CA ASP J 45 -57.32 13.18 -10.34
C ASP J 45 -56.66 12.58 -9.10
N GLN J 46 -57.35 11.66 -8.42
CA GLN J 46 -56.77 11.03 -7.24
C GLN J 46 -55.54 10.19 -7.61
N LEU J 47 -55.61 9.48 -8.73
CA LEU J 47 -54.47 8.68 -9.17
C LEU J 47 -53.32 9.56 -9.64
N TRP J 48 -53.61 10.78 -10.09
CA TRP J 48 -52.58 11.65 -10.63
C TRP J 48 -51.58 12.07 -9.55
N MET J 49 -52.05 12.32 -8.34
CA MET J 49 -51.23 12.92 -7.28
C MET J 49 -50.80 11.89 -6.24
N CYS J 50 -50.49 10.67 -6.65
CA CYS J 50 -50.01 9.65 -5.73
C CYS J 50 -49.01 8.77 -6.46
N GLY J 51 -47.89 8.46 -5.80
CA GLY J 51 -46.85 7.68 -6.44
C GLY J 51 -45.70 7.25 -5.56
N LEU J 52 -44.49 7.40 -6.08
CA LEU J 52 -43.30 6.88 -5.41
C LEU J 52 -43.07 7.62 -4.09
N PRO J 53 -42.58 6.93 -3.05
CA PRO J 53 -42.18 7.63 -1.83
C PRO J 53 -41.04 8.60 -2.09
N GLY J 54 -41.02 9.68 -1.32
CA GLY J 54 -40.10 10.78 -1.57
C GLY J 54 -40.85 11.97 -2.11
N TYR J 55 -41.83 11.70 -2.97
CA TYR J 55 -42.79 12.69 -3.46
C TYR J 55 -42.10 13.82 -4.21
N SER J 56 -41.50 13.43 -5.34
CA SER J 56 -40.94 14.36 -6.31
C SER J 56 -41.78 14.35 -7.58
N PRO J 57 -41.91 15.49 -8.27
CA PRO J 57 -42.74 15.53 -9.49
C PRO J 57 -42.24 14.59 -10.57
N GLY J 58 -40.96 14.27 -10.60
CA GLY J 58 -40.45 13.27 -11.50
C GLY J 58 -40.50 11.86 -10.97
N ASP J 59 -41.04 11.66 -9.77
CA ASP J 59 -41.12 10.35 -9.13
C ASP J 59 -42.53 9.80 -9.07
N LEU J 60 -43.54 10.63 -8.83
CA LEU J 60 -44.91 10.14 -8.76
C LEU J 60 -45.49 10.02 -10.17
N ILE J 61 -46.70 9.47 -10.24
CA ILE J 61 -47.33 9.18 -11.53
C ILE J 61 -47.62 10.48 -12.26
N ASP J 62 -47.24 10.53 -13.54
CA ASP J 62 -47.44 11.71 -14.37
C ASP J 62 -48.15 11.31 -15.65
N PHE J 63 -49.09 12.14 -16.09
CA PHE J 63 -49.88 11.89 -17.28
C PHE J 63 -49.51 12.91 -18.36
N ASP J 64 -50.21 12.82 -19.49
CA ASP J 64 -50.01 13.76 -20.61
C ASP J 64 -51.35 13.92 -21.31
N PHE J 65 -52.07 14.98 -20.96
CA PHE J 65 -53.41 15.23 -21.51
C PHE J 65 -53.28 15.96 -22.83
N VAL J 66 -53.67 15.29 -23.91
CA VAL J 66 -53.72 15.90 -25.24
C VAL J 66 -55.18 16.02 -25.65
N GLY J 67 -55.78 17.18 -25.39
CA GLY J 67 -57.19 17.37 -25.65
C GLY J 67 -58.06 16.56 -24.72
N ASP J 68 -58.71 15.52 -25.24
CA ASP J 68 -59.54 14.61 -24.46
C ASP J 68 -59.00 13.19 -24.52
N THR J 69 -57.68 13.06 -24.43
CA THR J 69 -57.02 11.77 -24.47
C THR J 69 -56.15 11.58 -23.24
N ILE J 70 -55.94 10.32 -22.86
CA ILE J 70 -55.20 9.96 -21.66
C ILE J 70 -54.01 9.11 -22.06
N GLU J 71 -52.82 9.49 -21.59
CA GLU J 71 -51.60 8.74 -21.82
C GLU J 71 -50.76 8.75 -20.56
N VAL J 72 -50.01 7.68 -20.34
CA VAL J 72 -49.17 7.52 -19.17
C VAL J 72 -47.72 7.80 -19.56
N THR J 73 -47.05 8.64 -18.75
CA THR J 73 -45.64 8.95 -18.97
C THR J 73 -44.72 8.37 -17.91
N PHE J 74 -45.26 8.00 -16.74
CA PHE J 74 -44.45 7.41 -15.67
C PHE J 74 -45.37 6.53 -14.85
N SER J 75 -45.25 5.21 -15.01
CA SER J 75 -46.12 4.27 -14.32
C SER J 75 -45.78 4.13 -12.84
N ALA J 76 -44.61 4.60 -12.42
CA ALA J 76 -44.18 4.52 -11.02
C ALA J 76 -44.21 3.08 -10.50
N GLY J 77 -43.77 2.15 -11.34
CA GLY J 77 -43.70 0.75 -10.97
C GLY J 77 -44.95 -0.05 -11.24
N VAL J 78 -46.04 0.59 -11.65
CA VAL J 78 -47.27 -0.13 -11.96
C VAL J 78 -47.21 -0.61 -13.41
N ASP J 79 -46.72 -1.83 -13.61
CA ASP J 79 -46.55 -2.38 -14.95
C ASP J 79 -47.57 -3.45 -15.31
N HIS J 80 -48.10 -4.17 -14.33
CA HIS J 80 -49.04 -5.24 -14.59
C HIS J 80 -50.26 -5.10 -13.68
N PRO J 81 -51.42 -5.57 -14.13
CA PRO J 81 -52.61 -5.53 -13.29
C PRO J 81 -52.53 -6.53 -12.15
N LEU J 82 -53.36 -6.29 -11.14
CA LEU J 82 -53.42 -7.17 -9.99
C LEU J 82 -53.95 -8.54 -10.39
N ARG J 83 -53.52 -9.56 -9.67
CA ARG J 83 -53.91 -10.93 -9.98
C ARG J 83 -55.40 -11.13 -9.74
N LEU J 84 -55.87 -12.32 -10.10
CA LEU J 84 -57.28 -12.68 -9.97
C LEU J 84 -57.49 -13.44 -8.67
N THR J 85 -58.47 -13.01 -7.88
CA THR J 85 -58.79 -13.72 -6.65
C THR J 85 -59.55 -15.01 -6.97
N SER J 86 -59.65 -15.87 -5.95
CA SER J 86 -60.28 -17.18 -6.14
C SER J 86 -61.74 -17.06 -6.53
N THR J 87 -62.47 -16.13 -5.89
CA THR J 87 -63.91 -16.05 -6.10
C THR J 87 -64.24 -15.65 -7.54
N GLU J 88 -63.61 -14.59 -8.03
CA GLU J 88 -63.91 -14.10 -9.37
C GLU J 88 -63.49 -15.11 -10.44
N ALA J 89 -62.31 -15.73 -10.27
CA ALA J 89 -61.87 -16.74 -11.22
C ALA J 89 -62.81 -17.93 -11.24
N THR J 90 -63.25 -18.38 -10.05
CA THR J 90 -64.19 -19.49 -9.98
C THR J 90 -65.52 -19.13 -10.65
N GLY J 91 -66.01 -17.91 -10.42
CA GLY J 91 -67.23 -17.48 -11.06
C GLY J 91 -67.11 -17.44 -12.57
N ILE J 92 -66.00 -16.92 -13.08
CA ILE J 92 -65.79 -16.86 -14.53
C ILE J 92 -65.73 -18.27 -15.12
N LEU J 93 -65.00 -19.18 -14.46
CA LEU J 93 -64.92 -20.55 -14.95
C LEU J 93 -66.29 -21.22 -14.94
N VAL J 94 -67.07 -21.01 -13.88
CA VAL J 94 -68.40 -21.60 -13.79
C VAL J 94 -69.30 -21.06 -14.89
N ALA J 95 -69.25 -19.74 -15.13
CA ALA J 95 -70.07 -19.16 -16.19
C ALA J 95 -69.68 -19.71 -17.56
N LEU J 96 -68.38 -19.81 -17.83
CA LEU J 96 -67.93 -20.33 -19.11
C LEU J 96 -68.35 -21.80 -19.30
N ARG J 97 -68.20 -22.61 -18.26
CA ARG J 97 -68.57 -24.02 -18.37
C ARG J 97 -70.08 -24.21 -18.41
N ALA J 98 -70.84 -23.26 -17.90
CA ALA J 98 -72.30 -23.33 -18.04
C ALA J 98 -72.74 -22.92 -19.44
N LEU J 99 -72.07 -21.92 -20.03
CA LEU J 99 -72.46 -21.44 -21.35
C LEU J 99 -71.88 -22.26 -22.49
N VAL J 100 -70.86 -23.09 -22.23
CA VAL J 100 -70.31 -23.90 -23.31
C VAL J 100 -71.30 -24.96 -23.76
N ASP J 101 -72.09 -25.51 -22.83
CA ASP J 101 -73.06 -26.55 -23.16
C ASP J 101 -74.32 -25.99 -23.82
N VAL J 102 -74.56 -24.69 -23.73
CA VAL J 102 -75.74 -24.08 -24.36
C VAL J 102 -75.50 -23.97 -25.85
N PRO J 103 -76.35 -24.57 -26.69
CA PRO J 103 -76.12 -24.56 -28.14
C PRO J 103 -76.46 -23.22 -28.76
N GLY J 104 -75.53 -22.68 -29.55
CA GLY J 104 -75.77 -21.50 -30.34
C GLY J 104 -75.38 -20.19 -29.70
N MET J 105 -75.24 -20.15 -28.36
CA MET J 105 -74.88 -18.89 -27.71
C MET J 105 -73.41 -18.56 -27.87
N VAL J 106 -72.54 -19.57 -27.94
CA VAL J 106 -71.11 -19.34 -28.04
C VAL J 106 -70.47 -20.57 -28.69
N ASP J 107 -69.42 -20.35 -29.45
CA ASP J 107 -68.71 -21.45 -30.09
C ASP J 107 -68.01 -22.30 -29.03
N PRO J 108 -68.21 -23.62 -29.04
CA PRO J 108 -67.54 -24.46 -28.03
C PRO J 108 -66.03 -24.40 -28.08
N GLU J 109 -65.45 -24.26 -29.27
CA GLU J 109 -63.99 -24.17 -29.38
C GLU J 109 -63.48 -22.92 -28.68
N ALA J 110 -64.16 -21.79 -28.87
CA ALA J 110 -63.75 -20.55 -28.20
C ALA J 110 -63.86 -20.68 -26.69
N ALA J 111 -64.93 -21.31 -26.21
CA ALA J 111 -65.10 -21.50 -24.77
C ALA J 111 -63.99 -22.38 -24.20
N ARG J 112 -63.66 -23.47 -24.91
CA ARG J 112 -62.59 -24.35 -24.44
C ARG J 112 -61.24 -23.63 -24.43
N SER J 113 -60.97 -22.83 -25.47
CA SER J 113 -59.73 -22.08 -25.51
C SER J 113 -59.66 -21.07 -24.37
N ALA J 114 -60.78 -20.38 -24.09
CA ALA J 114 -60.81 -19.44 -22.98
C ALA J 114 -60.58 -20.15 -21.65
N ILE J 115 -61.20 -21.32 -21.46
CA ILE J 115 -61.03 -22.07 -20.23
C ILE J 115 -59.56 -22.46 -20.06
N ALA J 116 -58.95 -22.98 -21.13
CA ALA J 116 -57.56 -23.40 -21.05
C ALA J 116 -56.64 -22.22 -20.75
N LYS J 117 -56.85 -21.09 -21.42
CA LYS J 117 -55.99 -19.92 -21.20
C LYS J 117 -56.15 -19.37 -19.79
N ILE J 118 -57.39 -19.30 -19.28
CA ILE J 118 -57.61 -18.80 -17.94
C ILE J 118 -56.99 -19.74 -16.90
N GLU J 119 -57.14 -21.05 -17.10
CA GLU J 119 -56.55 -22.00 -16.17
C GLU J 119 -55.03 -21.90 -16.18
N SER J 120 -54.43 -21.74 -17.36
CA SER J 120 -52.98 -21.57 -17.43
C SER J 120 -52.54 -20.29 -16.76
N ALA J 121 -53.28 -19.20 -16.95
CA ALA J 121 -52.90 -17.92 -16.35
C ALA J 121 -53.00 -17.95 -14.83
N VAL J 122 -54.08 -18.55 -14.30
CA VAL J 122 -54.29 -18.57 -12.86
C VAL J 122 -53.66 -19.79 -12.20
N GLY J 123 -53.25 -20.79 -12.97
CA GLY J 123 -52.61 -21.96 -12.39
C GLY J 123 -53.55 -22.92 -11.68
N SER J 124 -54.79 -23.00 -12.11
CA SER J 124 -55.75 -23.92 -11.49
C SER J 124 -55.41 -25.36 -11.86
N GLN J 125 -55.99 -26.29 -11.11
CA GLN J 125 -55.75 -27.72 -11.31
C GLN J 125 -57.07 -28.47 -11.47
N ARG J 126 -57.01 -29.80 -11.48
CA ARG J 126 -58.20 -30.62 -11.68
C ARG J 126 -59.18 -30.57 -10.52
N ALA J 127 -58.88 -29.81 -9.46
CA ALA J 127 -59.75 -29.68 -8.31
C ALA J 127 -60.74 -28.52 -8.46
N VAL J 128 -61.05 -28.11 -9.69
CA VAL J 128 -61.98 -27.01 -9.93
C VAL J 128 -63.18 -27.53 -10.72
N VAL J 129 -64.12 -26.64 -11.02
CA VAL J 129 -65.28 -27.01 -11.81
C VAL J 129 -64.83 -27.49 -13.18
N GLU J 130 -65.40 -28.61 -13.63
CA GLU J 130 -65.05 -29.21 -14.91
C GLU J 130 -66.32 -29.58 -15.67
N GLY J 131 -66.19 -29.66 -16.99
CA GLY J 131 -67.28 -30.03 -17.85
C GLY J 131 -67.49 -31.54 -17.90
N ILE J 132 -68.46 -31.95 -18.72
CA ILE J 132 -68.81 -33.35 -18.87
C ILE J 132 -68.13 -33.99 -20.07
N THR J 133 -68.14 -33.30 -21.22
CA THR J 133 -67.57 -33.82 -22.45
C THR J 133 -66.35 -32.98 -22.84
N GLU J 134 -65.22 -33.64 -23.04
CA GLU J 134 -64.03 -32.94 -23.52
C GLU J 134 -64.25 -32.37 -24.91
N ASP J 135 -64.89 -33.15 -25.79
CA ASP J 135 -65.26 -32.70 -27.13
C ASP J 135 -66.71 -33.09 -27.38
N THR J 136 -67.57 -32.09 -27.58
CA THR J 136 -68.99 -32.35 -27.79
C THR J 136 -69.23 -33.16 -29.05
N SER J 137 -68.87 -32.60 -30.20
CA SER J 137 -69.02 -33.23 -31.52
C SER J 137 -70.46 -33.58 -31.86
N ALA J 138 -71.42 -33.12 -31.06
CA ALA J 138 -72.84 -33.38 -31.30
C ALA J 138 -73.51 -32.27 -32.11
N GLU J 139 -72.79 -31.20 -32.44
CA GLU J 139 -73.37 -30.11 -33.21
C GLU J 139 -73.49 -30.52 -34.67
N PRO J 140 -74.68 -30.47 -35.27
CA PRO J 140 -74.84 -30.81 -36.69
C PRO J 140 -74.43 -29.70 -37.65
N GLY J 141 -73.83 -28.62 -37.15
CA GLY J 141 -73.47 -27.50 -37.98
C GLY J 141 -74.54 -26.45 -38.15
N ALA J 142 -75.75 -26.71 -37.65
CA ALA J 142 -76.83 -25.72 -37.76
C ALA J 142 -76.55 -24.50 -36.88
N ALA J 143 -75.96 -24.72 -35.70
CA ALA J 143 -75.68 -23.61 -34.80
C ALA J 143 -74.67 -22.64 -35.41
N ALA J 144 -73.64 -23.17 -36.07
CA ALA J 144 -72.66 -22.30 -36.72
C ALA J 144 -73.31 -21.48 -37.84
N THR J 145 -74.19 -22.11 -38.62
CA THR J 145 -74.90 -21.38 -39.67
C THR J 145 -75.80 -20.31 -39.08
N VAL J 146 -76.47 -20.61 -37.97
CA VAL J 146 -77.33 -19.62 -37.33
C VAL J 146 -76.51 -18.43 -36.84
N ARG J 147 -75.36 -18.72 -36.20
CA ARG J 147 -74.51 -17.63 -35.73
C ARG J 147 -73.98 -16.79 -36.88
N THR J 148 -73.58 -17.44 -37.98
CA THR J 148 -73.11 -16.70 -39.15
C THR J 148 -74.21 -15.83 -39.72
N ALA J 149 -75.44 -16.35 -39.78
CA ALA J 149 -76.56 -15.55 -40.28
C ALA J 149 -76.84 -14.36 -39.37
N VAL J 150 -76.75 -14.56 -38.05
CA VAL J 150 -76.95 -13.46 -37.12
C VAL J 150 -75.88 -12.40 -37.32
N ARG J 151 -74.62 -12.82 -37.45
CA ARG J 151 -73.53 -11.86 -37.58
C ARG J 151 -73.60 -11.10 -38.90
N GLU J 152 -73.92 -11.78 -39.99
CA GLU J 152 -73.89 -11.19 -41.32
C GLU J 152 -75.24 -10.68 -41.80
N ASN J 153 -76.31 -10.92 -41.03
CA ASN J 153 -77.66 -10.47 -41.39
C ASN J 153 -78.07 -10.98 -42.78
N ARG J 154 -78.14 -12.30 -42.89
CA ARG J 154 -78.48 -12.96 -44.14
C ARG J 154 -79.66 -13.89 -43.92
N ALA J 155 -80.39 -14.16 -45.00
CA ALA J 155 -81.56 -15.01 -44.94
C ALA J 155 -81.17 -16.44 -44.57
N LEU J 156 -82.01 -17.08 -43.76
CA LEU J 156 -81.77 -18.44 -43.28
C LEU J 156 -83.03 -19.27 -43.44
N THR J 157 -82.86 -20.54 -43.78
CA THR J 157 -83.96 -21.48 -43.92
C THR J 157 -83.88 -22.49 -42.78
N LEU J 158 -84.96 -22.61 -42.02
CA LEU J 158 -85.02 -23.49 -40.86
C LEU J 158 -86.17 -24.46 -41.00
N GLU J 159 -85.90 -25.74 -40.73
CA GLU J 159 -86.93 -26.77 -40.70
C GLU J 159 -87.24 -27.06 -39.24
N TYR J 160 -88.26 -26.38 -38.72
CA TYR J 160 -88.61 -26.45 -37.31
C TYR J 160 -89.73 -27.47 -37.09
N TYR J 161 -89.57 -28.26 -36.03
CA TYR J 161 -90.59 -29.25 -35.66
C TYR J 161 -91.53 -28.63 -34.64
N SER J 162 -92.80 -28.49 -35.03
CA SER J 162 -93.82 -27.94 -34.15
C SER J 162 -94.35 -29.06 -33.26
N ALA J 163 -93.98 -29.03 -31.98
CA ALA J 163 -94.41 -30.06 -31.05
C ALA J 163 -95.92 -30.05 -30.82
N SER J 164 -96.53 -28.85 -30.80
CA SER J 164 -97.96 -28.76 -30.57
C SER J 164 -98.76 -29.43 -31.68
N ARG J 165 -98.35 -29.23 -32.93
CA ARG J 165 -99.05 -29.81 -34.08
C ARG J 165 -98.42 -31.11 -34.57
N ASP J 166 -97.25 -31.48 -34.06
CA ASP J 166 -96.57 -32.72 -34.43
C ASP J 166 -96.37 -32.81 -35.94
N SER J 167 -95.62 -31.84 -36.47
CA SER J 167 -95.36 -31.78 -37.90
C SER J 167 -94.04 -31.03 -38.14
N LEU J 168 -93.50 -31.20 -39.34
CA LEU J 168 -92.28 -30.54 -39.75
C LEU J 168 -92.62 -29.41 -40.70
N ALA J 169 -92.20 -28.19 -40.35
CA ALA J 169 -92.46 -27.00 -41.15
C ALA J 169 -91.15 -26.36 -41.55
N THR J 170 -90.98 -26.11 -42.85
CA THR J 170 -89.79 -25.45 -43.38
C THR J 170 -90.13 -23.99 -43.63
N ARG J 171 -89.39 -23.08 -42.98
CA ARG J 171 -89.64 -21.66 -43.07
C ARG J 171 -88.35 -20.93 -43.39
N THR J 172 -88.49 -19.80 -44.08
CA THR J 172 -87.37 -18.90 -44.39
C THR J 172 -87.49 -17.69 -43.48
N VAL J 173 -86.53 -17.53 -42.57
CA VAL J 173 -86.58 -16.48 -41.57
C VAL J 173 -85.29 -15.67 -41.61
N ASP J 174 -85.37 -14.44 -41.12
CA ASP J 174 -84.22 -13.58 -40.97
C ASP J 174 -83.90 -13.43 -39.49
N PRO J 175 -82.73 -13.90 -39.02
CA PRO J 175 -82.42 -13.80 -37.59
C PRO J 175 -82.35 -12.36 -37.12
N ILE J 176 -82.76 -12.15 -35.87
CA ILE J 176 -82.77 -10.81 -35.28
C ILE J 176 -81.85 -10.80 -34.06
N ARG J 177 -82.11 -11.68 -33.10
CA ARG J 177 -81.31 -11.74 -31.88
C ARG J 177 -81.44 -13.13 -31.28
N VAL J 178 -80.50 -13.45 -30.39
CA VAL J 178 -80.49 -14.74 -29.68
C VAL J 178 -80.66 -14.44 -28.20
N VAL J 179 -81.63 -15.09 -27.57
CA VAL J 179 -81.93 -14.89 -26.15
C VAL J 179 -81.97 -16.24 -25.47
N LEU J 180 -81.78 -16.21 -24.14
CA LEU J 180 -81.80 -17.41 -23.31
C LEU J 180 -82.98 -17.33 -22.35
N VAL J 181 -83.83 -18.36 -22.37
CA VAL J 181 -84.98 -18.45 -21.48
C VAL J 181 -84.87 -19.77 -20.73
N GLY J 182 -84.72 -19.69 -19.41
CA GLY J 182 -84.56 -20.89 -18.61
C GLY J 182 -83.32 -21.66 -19.03
N ASP J 183 -83.48 -22.97 -19.22
CA ASP J 183 -82.40 -23.83 -19.66
C ASP J 183 -82.46 -24.16 -21.14
N ASN J 184 -83.35 -23.50 -21.89
CA ASN J 184 -83.54 -23.77 -23.31
C ASN J 184 -83.42 -22.46 -24.08
N SER J 185 -82.30 -22.26 -24.75
CA SER J 185 -82.11 -21.07 -25.56
C SER J 185 -83.04 -21.10 -26.78
N TYR J 186 -83.60 -19.94 -27.12
CA TYR J 186 -84.51 -19.80 -28.24
C TYR J 186 -83.97 -18.77 -29.22
N LEU J 187 -84.10 -19.07 -30.50
CA LEU J 187 -83.67 -18.16 -31.57
C LEU J 187 -84.85 -17.30 -32.00
N GLU J 188 -84.66 -15.98 -31.96
CA GLU J 188 -85.69 -15.02 -32.33
C GLU J 188 -85.45 -14.53 -33.75
N ALA J 189 -86.46 -14.67 -34.61
CA ALA J 189 -86.34 -14.28 -36.00
C ALA J 189 -87.72 -13.91 -36.54
N TRP J 190 -87.71 -13.22 -37.67
CA TRP J 190 -88.93 -12.80 -38.34
C TRP J 190 -89.21 -13.74 -39.52
N CYS J 191 -90.41 -14.32 -39.54
CA CYS J 191 -90.80 -15.26 -40.58
C CYS J 191 -91.78 -14.56 -41.52
N ARG J 192 -91.46 -14.57 -42.82
CA ARG J 192 -92.34 -13.97 -43.81
C ARG J 192 -93.54 -14.85 -44.15
N SER J 193 -93.48 -16.15 -43.83
CA SER J 193 -94.60 -17.03 -44.13
C SER J 193 -95.84 -16.64 -43.33
N ALA J 194 -95.67 -16.29 -42.06
CA ALA J 194 -96.78 -15.90 -41.20
C ALA J 194 -96.74 -14.44 -40.79
N GLU J 195 -95.67 -13.72 -41.11
CA GLU J 195 -95.52 -12.29 -40.77
C GLU J 195 -95.66 -12.07 -39.27
N ALA J 196 -94.82 -12.78 -38.52
CA ALA J 196 -94.83 -12.68 -37.06
C ALA J 196 -93.48 -13.10 -36.53
N VAL J 197 -93.22 -12.73 -35.28
CA VAL J 197 -91.98 -13.08 -34.61
C VAL J 197 -92.18 -14.37 -33.82
N ARG J 198 -91.31 -15.35 -34.06
CA ARG J 198 -91.40 -16.64 -33.41
C ARG J 198 -90.04 -17.02 -32.83
N LEU J 199 -90.07 -17.88 -31.80
CA LEU J 199 -88.88 -18.35 -31.13
C LEU J 199 -88.68 -19.82 -31.45
N PHE J 200 -87.49 -20.15 -31.97
CA PHE J 200 -87.15 -21.52 -32.37
C PHE J 200 -86.06 -22.04 -31.47
N ARG J 201 -86.22 -23.28 -31.00
CA ARG J 201 -85.22 -23.92 -30.16
C ARG J 201 -84.24 -24.72 -31.02
N PHE J 202 -82.98 -24.74 -30.58
CA PHE J 202 -81.92 -25.34 -31.38
C PHE J 202 -82.14 -26.84 -31.57
N ASP J 203 -82.56 -27.54 -30.51
CA ASP J 203 -82.71 -28.99 -30.60
C ASP J 203 -83.85 -29.40 -31.54
N ARG J 204 -84.78 -28.50 -31.83
CA ARG J 204 -85.90 -28.79 -32.72
C ARG J 204 -85.62 -28.45 -34.17
N ILE J 205 -84.42 -27.97 -34.49
CA ILE J 205 -84.05 -27.61 -35.86
C ILE J 205 -83.19 -28.74 -36.40
N VAL J 206 -83.70 -29.45 -37.41
CA VAL J 206 -82.96 -30.56 -37.99
C VAL J 206 -81.74 -30.07 -38.75
N ASP J 207 -81.92 -29.04 -39.58
CA ASP J 207 -80.83 -28.51 -40.38
C ASP J 207 -81.16 -27.08 -40.77
N ALA J 208 -80.12 -26.32 -41.12
CA ALA J 208 -80.26 -24.94 -41.54
C ALA J 208 -79.58 -24.75 -42.89
N GLN J 209 -80.23 -23.99 -43.77
CA GLN J 209 -79.74 -23.70 -45.10
C GLN J 209 -79.53 -22.20 -45.25
N LEU J 210 -78.34 -21.81 -45.68
CA LEU J 210 -77.99 -20.41 -45.87
C LEU J 210 -78.39 -19.96 -47.27
N LEU J 211 -78.97 -18.76 -47.35
CA LEU J 211 -79.39 -18.18 -48.62
C LEU J 211 -78.80 -16.79 -48.76
N ASP J 212 -78.55 -16.40 -50.01
CA ASP J 212 -77.94 -15.10 -50.32
C ASP J 212 -79.00 -14.04 -50.57
N ASP J 213 -79.80 -13.78 -49.53
CA ASP J 213 -80.86 -12.78 -49.56
C ASP J 213 -80.71 -11.87 -48.36
N PRO J 214 -79.75 -10.94 -48.39
CA PRO J 214 -79.55 -10.04 -47.24
C PRO J 214 -80.63 -8.96 -47.17
N ALA J 215 -81.82 -9.34 -46.69
CA ALA J 215 -82.94 -8.43 -46.57
C ALA J 215 -83.13 -8.01 -45.12
N ALA J 216 -83.27 -6.71 -44.90
CA ALA J 216 -83.44 -6.21 -43.54
C ALA J 216 -84.82 -6.60 -43.02
N PRO J 217 -84.90 -7.27 -41.87
CA PRO J 217 -86.21 -7.64 -41.34
C PRO J 217 -87.01 -6.42 -40.94
N PRO J 218 -88.34 -6.49 -41.02
CA PRO J 218 -89.19 -5.36 -40.62
C PRO J 218 -89.01 -4.94 -39.16
N PRO J 219 -88.88 -5.86 -38.20
CA PRO J 219 -88.88 -5.44 -36.77
C PRO J 219 -87.80 -4.42 -36.45
N PRO J 220 -86.58 -4.53 -37.01
CA PRO J 220 -85.62 -3.43 -36.80
C PRO J 220 -86.12 -2.08 -37.27
N ALA J 221 -86.96 -2.04 -38.30
CA ALA J 221 -87.54 -0.79 -38.79
C ALA J 221 -88.84 -0.41 -38.09
N VAL J 222 -89.39 -1.29 -37.25
CA VAL J 222 -90.64 -1.01 -36.57
C VAL J 222 -90.45 -1.07 -35.05
N ALA J 223 -90.07 -2.23 -34.55
CA ALA J 223 -89.89 -2.43 -33.11
C ALA J 223 -88.99 -3.62 -32.88
N ALA J 224 -87.94 -3.44 -32.08
CA ALA J 224 -86.94 -4.47 -31.87
C ALA J 224 -86.75 -4.75 -30.38
N GLY J 225 -87.85 -4.89 -29.64
CA GLY J 225 -87.80 -5.18 -28.23
C GLY J 225 -87.08 -6.49 -27.94
N PRO J 226 -86.18 -6.47 -26.95
CA PRO J 226 -85.45 -7.70 -26.61
C PRO J 226 -86.34 -8.84 -26.15
N ASP J 227 -87.44 -8.55 -25.46
CA ASP J 227 -88.28 -9.61 -24.91
C ASP J 227 -89.25 -10.17 -25.96
N THR J 228 -90.16 -9.33 -26.43
CA THR J 228 -91.18 -9.72 -27.42
C THR J 228 -91.87 -11.02 -27.03
N SER J 229 -92.37 -11.08 -25.79
CA SER J 229 -93.10 -12.26 -25.31
C SER J 229 -94.61 -12.03 -25.52
N LEU J 230 -95.00 -12.07 -26.80
CA LEU J 230 -96.39 -11.80 -27.14
C LEU J 230 -97.29 -12.99 -26.81
N PHE J 231 -96.76 -14.21 -26.84
CA PHE J 231 -97.56 -15.40 -26.58
C PHE J 231 -96.95 -16.30 -25.50
N ASP J 232 -95.88 -15.86 -24.84
CA ASP J 232 -95.28 -16.65 -23.78
C ASP J 232 -96.24 -16.81 -22.60
N ALA J 233 -96.94 -15.74 -22.24
CA ALA J 233 -97.89 -15.77 -21.13
C ALA J 233 -99.00 -14.77 -21.44
N ASP J 234 -100.12 -15.28 -21.95
CA ASP J 234 -101.26 -14.45 -22.30
C ASP J 234 -102.54 -15.03 -21.69
N PRO J 235 -103.48 -14.17 -21.29
CA PRO J 235 -104.74 -14.67 -20.73
C PRO J 235 -105.58 -15.44 -21.74
N SER J 236 -105.39 -15.22 -23.03
CA SER J 236 -106.18 -15.91 -24.05
C SER J 236 -105.83 -17.39 -24.17
N LEU J 237 -104.71 -17.81 -23.63
CA LEU J 237 -104.31 -19.21 -23.71
C LEU J 237 -105.21 -20.07 -22.82
N PRO J 238 -105.88 -21.08 -23.36
CA PRO J 238 -106.76 -21.91 -22.51
C PRO J 238 -105.97 -22.67 -21.46
N SER J 239 -106.62 -22.90 -20.33
CA SER J 239 -106.03 -23.61 -19.20
C SER J 239 -106.82 -24.87 -18.91
N ALA J 240 -106.11 -25.97 -18.65
CA ALA J 240 -106.72 -27.26 -18.37
C ALA J 240 -106.54 -27.60 -16.90
N THR J 241 -107.63 -28.03 -16.26
CA THR J 241 -107.62 -28.42 -14.86
C THR J 241 -107.58 -29.95 -14.77
N LEU J 242 -106.49 -30.48 -14.22
CA LEU J 242 -106.27 -31.92 -14.19
C LEU J 242 -105.86 -32.36 -12.79
N LEU J 243 -106.22 -33.59 -12.45
CA LEU J 243 -105.84 -34.19 -11.18
C LEU J 243 -104.51 -34.94 -11.35
N ILE J 244 -103.57 -34.68 -10.44
CA ILE J 244 -102.24 -35.25 -10.51
C ILE J 244 -102.03 -36.15 -9.30
N GLY J 245 -101.64 -37.40 -9.54
CA GLY J 245 -101.37 -38.32 -8.46
C GLY J 245 -100.04 -38.09 -7.79
N ALA J 246 -99.87 -38.71 -6.62
CA ALA J 246 -98.63 -38.58 -5.87
C ALA J 246 -97.48 -39.25 -6.61
N ALA J 247 -97.73 -40.41 -7.25
CA ALA J 247 -96.67 -41.14 -7.94
C ALA J 247 -96.12 -40.33 -9.12
N ALA J 248 -96.99 -39.64 -9.85
CA ALA J 248 -96.58 -38.88 -11.03
C ALA J 248 -96.00 -37.55 -10.60
N ALA J 249 -94.79 -37.62 -10.02
CA ALA J 249 -94.07 -36.44 -9.57
C ALA J 249 -93.10 -35.91 -10.63
N TRP J 250 -93.02 -36.56 -11.79
CA TRP J 250 -92.10 -36.11 -12.83
C TRP J 250 -92.48 -34.74 -13.36
N MET J 251 -93.78 -34.49 -13.55
CA MET J 251 -94.25 -33.25 -14.15
C MET J 251 -94.22 -32.06 -13.20
N PHE J 252 -93.99 -32.29 -11.90
CA PHE J 252 -93.97 -31.18 -10.95
C PHE J 252 -92.78 -30.25 -11.14
N ASP J 253 -91.76 -30.69 -11.89
CA ASP J 253 -90.54 -29.90 -12.07
C ASP J 253 -90.39 -29.34 -13.48
N TYR J 254 -90.76 -30.10 -14.50
CA TYR J 254 -90.53 -29.71 -15.88
C TYR J 254 -91.67 -28.87 -16.47
N TYR J 255 -92.76 -28.69 -15.74
CA TYR J 255 -93.89 -27.92 -16.24
C TYR J 255 -94.37 -26.94 -15.19
N PRO J 256 -94.87 -25.77 -15.61
CA PRO J 256 -95.34 -24.74 -14.65
C PRO J 256 -96.75 -24.99 -14.14
N LEU J 257 -96.85 -25.86 -13.14
CA LEU J 257 -98.14 -26.14 -12.53
C LEU J 257 -98.62 -24.97 -11.69
N ARG J 258 -99.93 -24.71 -11.75
CA ARG J 258 -100.54 -23.60 -11.04
C ARG J 258 -101.72 -24.10 -10.21
N ASP J 259 -102.05 -23.34 -9.18
CA ASP J 259 -103.15 -23.65 -8.27
C ASP J 259 -102.99 -25.05 -7.66
N ILE J 260 -101.78 -25.34 -7.20
CA ILE J 260 -101.48 -26.63 -6.59
C ILE J 260 -102.09 -26.68 -5.20
N THR J 261 -102.87 -27.73 -4.94
CA THR J 261 -103.50 -27.93 -3.64
C THR J 261 -103.16 -29.34 -3.16
N GLU J 262 -102.86 -29.46 -1.87
CA GLU J 262 -102.43 -30.71 -1.27
C GLU J 262 -103.61 -31.41 -0.61
N ARG J 263 -103.71 -32.72 -0.82
CA ARG J 263 -104.76 -33.54 -0.24
C ARG J 263 -104.19 -34.94 0.01
N PRO J 264 -104.27 -35.45 1.23
CA PRO J 264 -103.79 -36.82 1.49
C PRO J 264 -104.49 -37.87 0.65
N ASP J 265 -105.78 -37.70 0.37
CA ASP J 265 -106.53 -38.63 -0.45
C ASP J 265 -106.41 -38.36 -1.94
N GLY J 266 -105.65 -37.33 -2.33
CA GLY J 266 -105.53 -36.99 -3.73
C GLY J 266 -106.79 -36.48 -4.38
N SER J 267 -107.61 -35.75 -3.62
CA SER J 267 -108.85 -35.18 -4.14
C SER J 267 -108.70 -33.74 -4.58
N CYS J 268 -107.50 -33.18 -4.51
CA CYS J 268 -107.23 -31.81 -4.93
C CYS J 268 -106.36 -31.81 -6.18
N GLU J 269 -106.71 -30.95 -7.13
CA GLU J 269 -106.09 -30.93 -8.45
C GLU J 269 -105.38 -29.60 -8.67
N ALA J 270 -104.86 -29.42 -9.88
CA ALA J 270 -104.17 -28.19 -10.28
C ALA J 270 -104.65 -27.78 -11.66
N THR J 271 -104.13 -26.67 -12.15
CA THR J 271 -104.51 -26.12 -13.45
C THR J 271 -103.25 -25.78 -14.23
N MET J 272 -103.22 -26.17 -15.51
CA MET J 272 -102.09 -25.89 -16.38
C MET J 272 -102.61 -25.51 -17.76
N THR J 273 -101.96 -24.53 -18.38
CA THR J 273 -102.35 -24.07 -19.71
C THR J 273 -101.81 -25.00 -20.79
N TYR J 274 -102.53 -25.06 -21.90
CA TYR J 274 -102.15 -25.86 -23.04
C TYR J 274 -102.23 -25.02 -24.31
N ALA J 275 -101.24 -25.18 -25.19
CA ALA J 275 -101.24 -24.43 -26.44
C ALA J 275 -102.28 -24.99 -27.42
N SER J 276 -102.39 -26.32 -27.50
CA SER J 276 -103.32 -26.95 -28.42
C SER J 276 -104.05 -28.08 -27.69
N GLU J 277 -105.26 -28.37 -28.15
CA GLU J 277 -106.05 -29.45 -27.55
C GLU J 277 -105.39 -30.81 -27.76
N ASP J 278 -104.81 -31.04 -28.94
CA ASP J 278 -104.16 -32.31 -29.22
C ASP J 278 -102.94 -32.51 -28.32
N TRP J 279 -102.17 -31.45 -28.09
CA TRP J 279 -101.02 -31.56 -27.21
C TRP J 279 -101.43 -31.93 -25.80
N MET J 280 -102.49 -31.29 -25.29
CA MET J 280 -102.99 -31.62 -23.96
C MET J 280 -103.52 -33.04 -23.90
N ALA J 281 -104.20 -33.48 -24.97
CA ALA J 281 -104.70 -34.85 -25.00
C ALA J 281 -103.57 -35.86 -24.96
N ARG J 282 -102.51 -35.62 -25.73
CA ARG J 282 -101.34 -36.51 -25.70
C ARG J 282 -100.69 -36.50 -24.33
N PHE J 283 -100.57 -35.31 -23.72
CA PHE J 283 -99.96 -35.22 -22.40
C PHE J 283 -100.77 -35.99 -21.37
N ILE J 284 -102.11 -35.92 -21.44
CA ILE J 284 -102.95 -36.65 -20.52
C ILE J 284 -102.82 -38.15 -20.76
N LEU J 285 -102.87 -38.58 -22.02
CA LEU J 285 -102.81 -40.00 -22.33
C LEU J 285 -101.46 -40.62 -22.00
N GLY J 286 -100.39 -39.82 -21.99
CA GLY J 286 -99.08 -40.37 -21.68
C GLY J 286 -99.00 -40.94 -20.27
N PHE J 287 -99.49 -40.19 -19.29
CA PHE J 287 -99.37 -40.60 -17.89
C PHE J 287 -100.26 -41.80 -17.56
N GLY J 288 -101.25 -42.10 -18.39
CA GLY J 288 -102.13 -43.22 -18.07
C GLY J 288 -103.08 -42.87 -16.95
N ALA J 289 -103.27 -43.83 -16.04
CA ALA J 289 -104.18 -43.66 -14.91
C ALA J 289 -103.64 -42.69 -13.86
N GLU J 290 -102.38 -42.29 -13.96
CA GLU J 290 -101.79 -41.39 -12.96
C GLU J 290 -102.47 -40.03 -12.96
N VAL J 291 -102.97 -39.58 -14.11
CA VAL J 291 -103.61 -38.27 -14.24
C VAL J 291 -105.07 -38.49 -14.62
N GLN J 292 -105.97 -37.86 -13.88
CA GLN J 292 -107.41 -37.96 -14.10
C GLN J 292 -107.95 -36.62 -14.58
N VAL J 293 -108.79 -36.64 -15.61
CA VAL J 293 -109.32 -35.42 -16.19
C VAL J 293 -110.56 -35.01 -15.41
N LEU J 294 -110.61 -33.73 -15.01
CA LEU J 294 -111.75 -33.18 -14.31
C LEU J 294 -112.47 -32.10 -15.10
N ALA J 295 -111.75 -31.09 -15.58
CA ALA J 295 -112.33 -30.01 -16.37
C ALA J 295 -111.39 -29.66 -17.50
N PRO J 296 -111.93 -29.20 -18.65
CA PRO J 296 -113.36 -29.07 -18.99
C PRO J 296 -113.99 -30.40 -19.40
N GLU J 297 -115.32 -30.44 -19.47
CA GLU J 297 -116.01 -31.68 -19.85
C GLU J 297 -115.70 -32.07 -21.28
N SER J 298 -115.58 -31.09 -22.18
CA SER J 298 -115.28 -31.39 -23.58
C SER J 298 -113.91 -32.05 -23.72
N LEU J 299 -112.92 -31.57 -22.98
CA LEU J 299 -111.60 -32.19 -23.03
C LEU J 299 -111.64 -33.62 -22.51
N ALA J 300 -112.39 -33.86 -21.44
CA ALA J 300 -112.52 -35.21 -20.92
C ALA J 300 -113.19 -36.14 -21.93
N THR J 301 -114.24 -35.64 -22.59
CA THR J 301 -114.91 -36.45 -23.61
C THR J 301 -113.97 -36.75 -24.77
N ARG J 302 -113.18 -35.76 -25.20
CA ARG J 302 -112.23 -35.99 -26.29
C ARG J 302 -111.18 -37.01 -25.89
N VAL J 303 -110.68 -36.92 -24.66
CA VAL J 303 -109.69 -37.87 -24.18
C VAL J 303 -110.28 -39.28 -24.13
N ARG J 304 -111.52 -39.41 -23.65
CA ARG J 304 -112.17 -40.71 -23.61
C ARG J 304 -112.36 -41.28 -25.01
N GLN J 305 -112.78 -40.44 -25.96
CA GLN J 305 -112.96 -40.92 -27.33
C GLN J 305 -111.62 -41.35 -27.94
N ALA J 306 -110.55 -40.59 -27.68
CA ALA J 306 -109.23 -40.96 -28.18
C ALA J 306 -108.77 -42.28 -27.58
N ALA J 307 -109.02 -42.48 -26.28
CA ALA J 307 -108.63 -43.73 -25.64
C ALA J 307 -109.41 -44.91 -26.21
N GLU J 308 -110.72 -44.72 -26.46
CA GLU J 308 -111.52 -45.78 -27.05
C GLU J 308 -111.04 -46.10 -28.46
N ALA J 309 -110.71 -45.07 -29.25
CA ALA J 309 -110.19 -45.30 -30.59
C ALA J 309 -108.87 -46.04 -30.56
N ALA J 310 -107.99 -45.68 -29.63
CA ALA J 310 -106.71 -46.37 -29.50
C ALA J 310 -106.91 -47.83 -29.09
N LEU J 311 -107.85 -48.09 -28.18
CA LEU J 311 -108.15 -49.46 -27.79
C LEU J 311 -108.68 -50.26 -28.96
N GLN J 312 -109.58 -49.67 -29.75
CA GLN J 312 -110.10 -50.36 -30.93
C GLN J 312 -109.00 -50.64 -31.94
N ALA J 313 -108.10 -49.68 -32.15
CA ALA J 313 -106.99 -49.88 -33.08
C ALA J 313 -106.07 -50.99 -32.60
N TYR J 314 -105.77 -51.03 -31.31
CA TYR J 314 -104.93 -52.10 -30.76
C TYR J 314 -105.62 -53.46 -30.89
N ALA J 315 -106.93 -53.50 -30.66
CA ALA J 315 -107.66 -54.75 -30.82
C ALA J 315 -107.64 -55.24 -32.25
N ARG J 316 -107.84 -54.32 -33.21
CA ARG J 316 -107.82 -54.71 -34.62
C ARG J 316 -106.41 -55.13 -35.05
N CYS J 317 -105.39 -54.42 -34.60
CA CYS J 317 -104.02 -54.75 -34.97
C CYS J 317 -103.52 -55.95 -34.19
N VAL J 318 -102.41 -56.52 -34.66
CA VAL J 318 -101.80 -57.67 -34.02
C VAL J 318 -100.28 -57.55 -34.06
N ALA K 4 -54.32 15.88 6.21
CA ALA K 4 -55.58 15.25 5.82
C ALA K 4 -55.41 14.48 4.51
N VAL K 5 -55.29 13.17 4.61
CA VAL K 5 -55.12 12.29 3.45
C VAL K 5 -56.21 11.23 3.50
N SER K 6 -56.87 11.01 2.37
CA SER K 6 -57.92 10.01 2.28
C SER K 6 -57.32 8.61 2.43
N LYS K 7 -58.18 7.68 2.87
CA LYS K 7 -57.72 6.31 3.09
C LYS K 7 -57.27 5.65 1.80
N VAL K 8 -57.99 5.90 0.71
CA VAL K 8 -57.62 5.30 -0.57
C VAL K 8 -56.24 5.79 -1.01
N GLU K 9 -55.99 7.09 -0.85
CA GLU K 9 -54.68 7.63 -1.19
C GLU K 9 -53.59 7.03 -0.31
N ARG K 10 -53.87 6.87 0.98
CA ARG K 10 -52.90 6.26 1.89
C ARG K 10 -52.58 4.83 1.48
N LEU K 11 -53.59 4.04 1.15
CA LEU K 11 -53.35 2.67 0.73
C LEU K 11 -52.59 2.61 -0.59
N MET K 12 -52.92 3.50 -1.51
CA MET K 12 -52.19 3.55 -2.78
C MET K 12 -50.72 3.90 -2.56
N ASN K 13 -50.45 4.88 -1.70
CA ASN K 13 -49.07 5.21 -1.38
C ASN K 13 -48.34 4.03 -0.75
N LEU K 14 -49.01 3.34 0.18
CA LEU K 14 -48.39 2.21 0.85
C LEU K 14 -48.05 1.09 -0.14
N VAL K 15 -48.99 0.76 -1.02
CA VAL K 15 -48.75 -0.33 -1.95
C VAL K 15 -47.68 0.05 -2.97
N ILE K 16 -47.67 1.32 -3.42
CA ILE K 16 -46.63 1.75 -4.35
C ILE K 16 -45.26 1.69 -3.68
N ALA K 17 -45.16 2.16 -2.44
CA ALA K 17 -43.89 2.12 -1.73
C ALA K 17 -43.41 0.69 -1.52
N LEU K 18 -44.33 -0.22 -1.17
CA LEU K 18 -43.93 -1.62 -1.00
C LEU K 18 -43.48 -2.24 -2.32
N LEU K 19 -44.19 -1.94 -3.41
CA LEU K 19 -43.86 -2.55 -4.69
C LEU K 19 -42.53 -2.03 -5.24
N SER K 20 -42.28 -0.73 -5.10
CA SER K 20 -41.10 -0.12 -5.70
C SER K 20 -39.84 -0.31 -4.87
N THR K 21 -39.94 -0.85 -3.66
CA THR K 21 -38.79 -1.04 -2.79
C THR K 21 -38.34 -2.50 -2.86
N ARG K 22 -37.07 -2.70 -3.17
CA ARG K 22 -36.50 -4.03 -3.34
C ARG K 22 -36.01 -4.64 -2.04
N THR K 23 -36.09 -3.92 -0.92
CA THR K 23 -35.65 -4.41 0.37
C THR K 23 -36.79 -4.28 1.37
N TYR K 24 -36.77 -5.14 2.39
CA TYR K 24 -37.80 -5.11 3.41
C TYR K 24 -37.72 -3.81 4.20
N LEU K 25 -38.89 -3.27 4.54
CA LEU K 25 -38.98 -2.01 5.24
C LEU K 25 -39.65 -2.21 6.61
N PRO K 26 -39.03 -1.76 7.69
CA PRO K 26 -39.67 -1.88 9.00
C PRO K 26 -40.80 -0.86 9.16
N ALA K 27 -41.51 -0.99 10.28
CA ALA K 27 -42.68 -0.15 10.52
C ALA K 27 -42.28 1.32 10.69
N GLU K 28 -41.16 1.58 11.34
CA GLU K 28 -40.75 2.97 11.60
C GLU K 28 -40.46 3.70 10.30
N LYS K 29 -39.79 3.04 9.35
CA LYS K 29 -39.49 3.68 8.07
C LYS K 29 -40.76 3.99 7.30
N ILE K 30 -41.74 3.08 7.33
CA ILE K 30 -43.02 3.34 6.67
C ILE K 30 -43.74 4.51 7.35
N ARG K 31 -43.68 4.56 8.68
CA ARG K 31 -44.31 5.66 9.40
C ARG K 31 -43.68 7.00 9.03
N THR K 32 -42.35 7.04 8.93
CA THR K 32 -41.67 8.30 8.64
C THR K 32 -41.83 8.72 7.18
N THR K 33 -41.77 7.75 6.25
CA THR K 33 -41.69 8.06 4.83
C THR K 33 -43.07 8.21 4.18
N VAL K 34 -43.88 7.16 4.25
CA VAL K 34 -45.16 7.15 3.53
C VAL K 34 -46.09 8.19 4.14
N ALA K 35 -46.70 9.01 3.28
CA ALA K 35 -47.60 10.05 3.73
C ALA K 35 -48.88 9.44 4.32
N GLY K 36 -49.47 10.18 5.26
CA GLY K 36 -50.67 9.74 5.95
C GLY K 36 -50.42 9.08 7.29
N TYR K 37 -49.21 8.59 7.53
CA TYR K 37 -48.84 7.98 8.80
C TYR K 37 -48.15 8.93 9.75
N ALA K 38 -48.00 10.21 9.36
CA ALA K 38 -47.34 11.19 10.20
C ALA K 38 -48.31 11.96 11.10
N ASP K 39 -49.60 11.68 11.02
CA ASP K 39 -50.60 12.36 11.81
C ASP K 39 -51.10 11.52 12.99
N SER K 40 -50.45 10.39 13.25
CA SER K 40 -50.89 9.52 14.34
C SER K 40 -50.53 10.14 15.68
N PRO K 41 -51.49 10.38 16.58
CA PRO K 41 -51.16 10.96 17.89
C PRO K 41 -50.21 10.12 18.71
N SER K 42 -50.29 8.79 18.62
CA SER K 42 -49.49 7.91 19.44
C SER K 42 -48.97 6.75 18.61
N ASP K 43 -47.91 6.12 19.10
CA ASP K 43 -47.33 4.98 18.41
C ASP K 43 -48.29 3.81 18.34
N GLU K 44 -49.04 3.56 19.42
CA GLU K 44 -49.99 2.46 19.44
C GLU K 44 -51.10 2.68 18.42
N ALA K 45 -51.59 3.91 18.30
CA ALA K 45 -52.60 4.21 17.29
C ALA K 45 -52.08 3.96 15.88
N PHE K 46 -50.83 4.38 15.62
CA PHE K 46 -50.24 4.11 14.32
C PHE K 46 -50.11 2.61 14.06
N SER K 47 -49.69 1.85 15.07
CA SER K 47 -49.55 0.42 14.90
C SER K 47 -50.89 -0.24 14.60
N ARG K 48 -51.94 0.18 15.30
CA ARG K 48 -53.28 -0.37 15.04
C ARG K 48 -53.75 -0.01 13.64
N MET K 49 -53.54 1.25 13.22
CA MET K 49 -53.94 1.65 11.87
C MET K 49 -53.18 0.87 10.81
N PHE K 50 -51.88 0.69 11.00
CA PHE K 50 -51.08 -0.05 10.03
C PHE K 50 -51.51 -1.51 9.98
N GLU K 51 -51.81 -2.11 11.13
CA GLU K 51 -52.28 -3.49 11.12
C GLU K 51 -53.61 -3.62 10.40
N ARG K 52 -54.53 -2.67 10.63
CA ARG K 52 -55.80 -2.71 9.92
C ARG K 52 -55.61 -2.57 8.42
N ASP K 53 -54.76 -1.63 7.99
CA ASP K 53 -54.51 -1.44 6.56
C ASP K 53 -53.86 -2.67 5.94
N LYS K 54 -52.90 -3.28 6.64
CA LYS K 54 -52.24 -4.47 6.14
C LYS K 54 -53.22 -5.64 6.03
N ASN K 55 -54.11 -5.79 7.02
CA ASN K 55 -55.12 -6.84 6.93
C ASN K 55 -56.06 -6.60 5.76
N GLU K 56 -56.47 -5.34 5.54
CA GLU K 56 -57.34 -5.03 4.43
C GLU K 56 -56.66 -5.33 3.09
N LEU K 57 -55.39 -4.95 2.96
CA LEU K 57 -54.66 -5.25 1.72
C LEU K 57 -54.50 -6.74 1.51
N ARG K 58 -54.19 -7.49 2.58
CA ARG K 58 -54.04 -8.93 2.46
C ARG K 58 -55.36 -9.60 2.10
N ASP K 59 -56.48 -9.03 2.54
CA ASP K 59 -57.79 -9.58 2.19
C ASP K 59 -58.07 -9.46 0.69
N LEU K 60 -57.43 -8.52 0.00
CA LEU K 60 -57.66 -8.32 -1.42
C LEU K 60 -56.81 -9.23 -2.30
N GLY K 61 -55.96 -10.06 -1.71
CA GLY K 61 -55.16 -11.01 -2.45
C GLY K 61 -53.75 -10.58 -2.77
N ILE K 62 -53.32 -9.41 -2.29
CA ILE K 62 -51.97 -8.94 -2.53
C ILE K 62 -51.00 -9.77 -1.68
N PRO K 63 -50.03 -10.45 -2.28
CA PRO K 63 -49.13 -11.34 -1.52
C PRO K 63 -47.98 -10.61 -0.82
N LEU K 64 -48.29 -10.03 0.34
CA LEU K 64 -47.25 -9.41 1.15
C LEU K 64 -46.34 -10.47 1.74
N GLU K 65 -45.04 -10.18 1.77
CA GLU K 65 -44.05 -11.08 2.35
C GLU K 65 -43.36 -10.38 3.51
N THR K 66 -43.23 -11.09 4.63
CA THR K 66 -42.62 -10.54 5.84
C THR K 66 -41.33 -11.29 6.13
N GLY K 67 -40.26 -10.54 6.39
CA GLY K 67 -38.97 -11.14 6.70
C GLY K 67 -38.07 -10.11 7.35
N ARG K 68 -36.88 -10.57 7.73
CA ARG K 68 -35.92 -9.69 8.36
C ARG K 68 -35.42 -8.64 7.37
N VAL K 69 -35.08 -7.47 7.90
CA VAL K 69 -34.55 -6.39 7.06
C VAL K 69 -33.23 -6.82 6.44
N SER K 70 -32.36 -7.45 7.22
CA SER K 70 -31.07 -7.92 6.74
C SER K 70 -30.68 -9.17 7.50
N LYS K 71 -29.74 -9.92 6.92
CA LYS K 71 -29.22 -11.11 7.59
C LYS K 71 -28.46 -10.76 8.87
N TRP K 72 -28.02 -9.51 9.01
CA TRP K 72 -27.29 -9.05 10.20
C TRP K 72 -28.17 -8.23 11.13
N ASP K 73 -29.47 -8.17 10.88
CA ASP K 73 -30.40 -7.40 11.71
C ASP K 73 -31.59 -8.27 12.08
N SER K 74 -32.24 -7.91 13.20
CA SER K 74 -33.32 -8.71 13.74
C SER K 74 -34.71 -8.16 13.42
N THR K 75 -34.83 -6.87 13.15
CA THR K 75 -36.14 -6.28 12.89
C THR K 75 -36.74 -6.85 11.60
N GLU K 76 -38.05 -7.05 11.62
CA GLU K 76 -38.76 -7.59 10.47
C GLU K 76 -39.24 -6.47 9.56
N GLY K 77 -39.34 -6.78 8.26
CA GLY K 77 -39.76 -5.82 7.27
C GLY K 77 -40.85 -6.38 6.37
N TYR K 78 -41.32 -5.52 5.47
CA TYR K 78 -42.41 -5.85 4.55
C TYR K 78 -41.95 -5.65 3.12
N ARG K 79 -42.42 -6.54 2.24
CA ARG K 79 -42.08 -6.47 0.82
C ARG K 79 -43.14 -7.23 0.03
N ILE K 80 -43.49 -6.70 -1.14
CA ILE K 80 -44.45 -7.33 -2.04
C ILE K 80 -43.69 -7.89 -3.23
N ASN K 81 -43.79 -9.19 -3.44
CA ASN K 81 -43.11 -9.82 -4.57
C ASN K 81 -43.74 -9.37 -5.88
N ARG K 82 -42.91 -8.91 -6.82
CA ARG K 82 -43.44 -8.44 -8.10
C ARG K 82 -43.85 -9.60 -8.99
N ASP K 83 -43.17 -10.75 -8.87
CA ASP K 83 -43.51 -11.90 -9.69
C ASP K 83 -44.90 -12.43 -9.35
N SER K 84 -45.21 -12.55 -8.05
CA SER K 84 -46.51 -13.06 -7.64
C SER K 84 -47.60 -12.02 -7.84
N TYR K 85 -47.26 -10.74 -7.73
CA TYR K 85 -48.25 -9.69 -7.92
C TYR K 85 -48.67 -9.52 -9.37
N ALA K 86 -47.82 -9.94 -10.32
CA ALA K 86 -48.08 -9.76 -11.74
C ALA K 86 -48.54 -11.08 -12.35
N LEU K 87 -49.73 -11.06 -12.96
CA LEU K 87 -50.21 -12.24 -13.67
C LEU K 87 -49.49 -12.39 -15.00
N PRO K 88 -49.28 -13.63 -15.46
CA PRO K 88 -48.61 -13.83 -16.74
C PRO K 88 -49.45 -13.28 -17.87
N PRO K 89 -48.81 -12.75 -18.91
CA PRO K 89 -49.58 -12.21 -20.05
C PRO K 89 -50.31 -13.31 -20.79
N ILE K 90 -51.47 -12.96 -21.32
CA ILE K 90 -52.32 -13.88 -22.08
C ILE K 90 -52.86 -13.17 -23.30
N GLY K 91 -52.88 -13.88 -24.43
CA GLY K 91 -53.42 -13.33 -25.67
C GLY K 91 -54.80 -13.90 -25.94
N LEU K 92 -55.75 -13.01 -26.14
CA LEU K 92 -57.15 -13.38 -26.37
C LEU K 92 -57.55 -12.97 -27.78
N THR K 93 -58.19 -13.88 -28.51
CA THR K 93 -58.66 -13.62 -29.85
C THR K 93 -60.05 -12.99 -29.81
N ALA K 94 -60.61 -12.72 -30.99
CA ALA K 94 -61.95 -12.14 -31.06
C ALA K 94 -63.00 -13.11 -30.53
N ASP K 95 -62.86 -14.40 -30.85
CA ASP K 95 -63.83 -15.39 -30.37
C ASP K 95 -63.81 -15.49 -28.86
N GLU K 96 -62.63 -15.51 -28.25
CA GLU K 96 -62.54 -15.58 -26.80
C GLU K 96 -63.09 -14.32 -26.15
N ALA K 97 -62.83 -13.15 -26.74
CA ALA K 97 -63.39 -11.91 -26.21
C ALA K 97 -64.92 -11.93 -26.28
N ALA K 98 -65.47 -12.42 -27.39
CA ALA K 98 -66.92 -12.53 -27.51
C ALA K 98 -67.48 -13.50 -26.48
N ALA K 99 -66.78 -14.62 -26.25
CA ALA K 99 -67.22 -15.58 -25.25
C ALA K 99 -67.25 -14.96 -23.85
N VAL K 100 -66.20 -14.21 -23.50
CA VAL K 100 -66.16 -13.56 -22.19
C VAL K 100 -67.26 -12.50 -22.09
N ALA K 101 -67.49 -11.75 -23.16
CA ALA K 101 -68.53 -10.72 -23.12
C ALA K 101 -69.91 -11.34 -22.97
N VAL K 102 -70.15 -12.50 -23.59
CA VAL K 102 -71.43 -13.17 -23.42
C VAL K 102 -71.56 -13.74 -22.01
N ALA K 103 -70.47 -14.30 -21.48
CA ALA K 103 -70.52 -14.95 -20.17
C ALA K 103 -70.58 -13.96 -19.02
N THR K 104 -70.16 -12.71 -19.22
CA THR K 104 -70.17 -11.75 -18.13
C THR K 104 -71.56 -11.22 -17.81
N GLN K 105 -72.59 -11.62 -18.54
CA GLN K 105 -73.93 -11.11 -18.32
C GLN K 105 -74.91 -12.23 -17.96
N LEU K 106 -74.49 -13.15 -17.09
CA LEU K 106 -75.30 -14.28 -16.67
C LEU K 106 -75.75 -14.19 -15.22
N TRP K 107 -74.85 -13.86 -14.31
CA TRP K 107 -75.19 -13.84 -12.90
C TRP K 107 -76.08 -12.65 -12.55
N GLN K 108 -76.82 -12.81 -11.45
CA GLN K 108 -77.71 -11.75 -10.97
C GLN K 108 -77.48 -11.37 -9.51
N SER K 109 -76.87 -12.23 -8.70
CA SER K 109 -76.61 -11.88 -7.31
C SER K 109 -75.58 -10.75 -7.24
N PRO K 110 -75.74 -9.80 -6.32
CA PRO K 110 -74.79 -8.68 -6.26
C PRO K 110 -73.35 -9.11 -6.05
N GLU K 111 -73.11 -10.14 -5.22
CA GLU K 111 -71.75 -10.60 -4.99
C GLU K 111 -71.15 -11.21 -6.24
N LEU K 112 -71.89 -12.08 -6.92
CA LEU K 112 -71.40 -12.70 -8.15
C LEU K 112 -71.21 -11.65 -9.24
N VAL K 113 -72.14 -10.70 -9.33
CA VAL K 113 -72.01 -9.64 -10.34
C VAL K 113 -70.77 -8.81 -10.08
N THR K 114 -70.53 -8.45 -8.82
CA THR K 114 -69.34 -7.67 -8.48
C THR K 114 -68.06 -8.44 -8.78
N ALA K 115 -68.03 -9.73 -8.43
CA ALA K 115 -66.84 -10.54 -8.71
C ALA K 115 -66.59 -10.66 -10.20
N THR K 116 -67.65 -10.89 -10.98
CA THR K 116 -67.49 -10.99 -12.43
C THR K 116 -67.03 -9.67 -13.03
N GLN K 117 -67.57 -8.55 -12.54
CA GLN K 117 -67.15 -7.25 -13.03
C GLN K 117 -65.68 -6.99 -12.74
N ASN K 118 -65.23 -7.34 -11.52
CA ASN K 118 -63.83 -7.17 -11.18
C ASN K 118 -62.94 -8.04 -12.04
N ALA K 119 -63.35 -9.29 -12.27
CA ALA K 119 -62.56 -10.19 -13.13
C ALA K 119 -62.47 -9.66 -14.55
N VAL K 120 -63.57 -9.16 -15.09
CA VAL K 120 -63.57 -8.62 -16.45
C VAL K 120 -62.70 -7.37 -16.52
N LEU K 121 -62.76 -6.52 -15.49
CA LEU K 121 -61.91 -5.33 -15.46
C LEU K 121 -60.45 -5.70 -15.44
N LYS K 122 -60.07 -6.68 -14.61
CA LYS K 122 -58.67 -7.11 -14.58
C LYS K 122 -58.24 -7.71 -15.91
N LEU K 123 -59.11 -8.53 -16.52
CA LEU K 123 -58.77 -9.14 -17.80
C LEU K 123 -58.58 -8.08 -18.89
N ARG K 124 -59.45 -7.06 -18.91
CA ARG K 124 -59.32 -5.99 -19.88
C ARG K 124 -58.05 -5.18 -19.63
N ALA K 125 -57.74 -4.90 -18.37
CA ALA K 125 -56.52 -4.18 -18.04
C ALA K 125 -55.27 -4.99 -18.33
N ALA K 126 -55.39 -6.32 -18.43
CA ALA K 126 -54.23 -7.15 -18.77
C ALA K 126 -53.68 -6.81 -20.15
N GLY K 127 -54.51 -6.27 -21.04
CA GLY K 127 -54.06 -5.88 -22.35
C GLY K 127 -55.05 -6.21 -23.46
N VAL K 128 -55.88 -7.22 -23.23
CA VAL K 128 -56.87 -7.63 -24.23
C VAL K 128 -58.10 -6.73 -24.13
N ASP K 129 -58.93 -6.79 -25.17
CA ASP K 129 -60.15 -5.98 -25.24
C ASP K 129 -61.35 -6.91 -25.33
N VAL K 130 -62.36 -6.63 -24.51
CA VAL K 130 -63.60 -7.40 -24.50
C VAL K 130 -64.75 -6.46 -24.83
N ASP K 131 -65.53 -6.83 -25.84
CA ASP K 131 -66.66 -6.03 -26.29
C ASP K 131 -67.89 -6.91 -26.46
N ALA K 132 -69.04 -6.42 -25.98
CA ALA K 132 -70.29 -7.14 -26.05
C ALA K 132 -71.28 -6.58 -27.06
N ASP K 133 -71.13 -5.31 -27.45
CA ASP K 133 -72.06 -4.71 -28.40
C ASP K 133 -71.92 -5.31 -29.80
N GLY K 134 -70.71 -5.76 -30.15
CA GLY K 134 -70.52 -6.34 -31.48
C GLY K 134 -71.28 -7.64 -31.67
N VAL K 135 -71.32 -8.48 -30.63
CA VAL K 135 -72.02 -9.75 -30.73
C VAL K 135 -73.52 -9.53 -30.83
N GLY K 136 -74.05 -8.60 -30.05
CA GLY K 136 -75.48 -8.31 -30.07
C GLY K 136 -76.35 -9.44 -29.53
N VAL K 137 -75.92 -10.10 -28.47
CA VAL K 137 -76.68 -11.16 -27.83
C VAL K 137 -76.96 -10.75 -26.39
N ALA K 138 -78.23 -10.79 -26.01
CA ALA K 138 -78.66 -10.42 -24.67
C ALA K 138 -79.36 -11.61 -24.00
N ILE K 139 -79.79 -11.39 -22.76
CA ILE K 139 -80.47 -12.40 -21.97
C ILE K 139 -81.88 -11.90 -21.67
N ALA K 140 -82.89 -12.70 -21.98
CA ALA K 140 -84.28 -12.32 -21.78
C ALA K 140 -84.76 -12.69 -20.39
N SER K 141 -84.71 -13.97 -20.04
CA SER K 141 -85.16 -14.43 -18.74
C SER K 141 -84.15 -14.08 -17.67
N THR K 142 -84.62 -13.45 -16.59
CA THR K 142 -83.76 -13.05 -15.50
C THR K 142 -84.23 -13.51 -14.13
N ALA K 143 -85.48 -13.99 -13.99
CA ALA K 143 -85.99 -14.42 -12.70
C ALA K 143 -86.81 -15.71 -12.79
N THR K 144 -86.79 -16.40 -13.93
CA THR K 144 -87.55 -17.64 -14.10
C THR K 144 -86.68 -18.86 -14.32
N LEU K 145 -85.35 -18.71 -14.33
CA LEU K 145 -84.47 -19.85 -14.53
C LEU K 145 -84.41 -20.69 -13.26
N PRO K 146 -84.72 -21.99 -13.34
CA PRO K 146 -84.65 -22.83 -12.13
C PRO K 146 -83.26 -23.40 -11.91
N GLY K 147 -82.41 -23.33 -12.92
CA GLY K 147 -81.06 -23.86 -12.81
C GLY K 147 -80.01 -22.81 -12.53
N VAL K 148 -80.08 -21.69 -13.25
CA VAL K 148 -79.08 -20.63 -13.10
C VAL K 148 -79.54 -19.60 -12.08
N ARG K 149 -80.67 -18.95 -12.37
CA ARG K 149 -81.17 -17.92 -11.47
C ARG K 149 -81.67 -18.52 -10.15
N GLY K 150 -82.43 -19.61 -10.23
CA GLY K 150 -82.95 -20.24 -9.02
C GLY K 150 -81.85 -20.79 -8.13
N SER K 151 -80.90 -21.50 -8.72
CA SER K 151 -79.78 -22.07 -7.99
C SER K 151 -78.56 -21.16 -8.09
N GLU K 152 -78.71 -19.97 -7.53
CA GLU K 152 -77.64 -18.97 -7.51
C GLU K 152 -76.99 -18.82 -6.15
N GLU K 153 -77.78 -18.57 -5.10
CA GLU K 153 -77.22 -18.49 -3.76
C GLU K 153 -76.65 -19.82 -3.30
N VAL K 154 -77.34 -20.92 -3.64
CA VAL K 154 -76.87 -22.24 -3.26
C VAL K 154 -75.52 -22.54 -3.93
N LEU K 155 -75.41 -22.22 -5.22
CA LEU K 155 -74.15 -22.45 -5.93
C LEU K 155 -73.03 -21.59 -5.35
N GLN K 156 -73.34 -20.33 -5.01
CA GLN K 156 -72.34 -19.47 -4.39
C GLN K 156 -71.87 -20.03 -3.06
N SER K 157 -72.80 -20.51 -2.23
CA SER K 157 -72.42 -21.08 -0.94
C SER K 157 -71.58 -22.34 -1.13
N LEU K 158 -71.95 -23.20 -2.08
CA LEU K 158 -71.17 -24.40 -2.35
C LEU K 158 -69.77 -24.06 -2.82
N LEU K 159 -69.63 -23.08 -3.72
CA LEU K 159 -68.32 -22.68 -4.19
C LEU K 159 -67.48 -22.10 -3.06
N SER K 160 -68.09 -21.28 -2.19
CA SER K 160 -67.36 -20.73 -1.05
C SER K 160 -66.89 -21.83 -0.12
N ALA K 161 -67.75 -22.82 0.14
CA ALA K 161 -67.37 -23.93 1.02
C ALA K 161 -66.24 -24.75 0.40
N ILE K 162 -66.31 -24.99 -0.92
CA ILE K 162 -65.24 -25.73 -1.59
C ILE K 162 -63.93 -24.97 -1.51
N ASP K 163 -63.98 -23.66 -1.73
CA ASP K 163 -62.77 -22.85 -1.63
C ASP K 163 -62.20 -22.87 -0.22
N GLU K 164 -63.07 -22.81 0.79
CA GLU K 164 -62.62 -22.86 2.18
C GLU K 164 -62.34 -24.28 2.66
N GLY K 165 -62.70 -25.30 1.88
CA GLY K 165 -62.45 -26.67 2.26
C GLY K 165 -63.20 -27.11 3.50
N ARG K 166 -64.49 -26.80 3.55
CA ARG K 166 -65.33 -27.12 4.71
C ARG K 166 -66.53 -27.94 4.27
N ALA K 167 -67.05 -28.76 5.18
CA ALA K 167 -68.22 -29.57 4.89
C ALA K 167 -69.47 -28.69 4.80
N VAL K 168 -70.51 -29.25 4.19
CA VAL K 168 -71.76 -28.54 3.96
C VAL K 168 -72.89 -29.33 4.61
N GLN K 169 -73.75 -28.63 5.35
CA GLN K 169 -74.95 -29.19 5.94
C GLN K 169 -76.15 -28.47 5.36
N PHE K 170 -77.10 -29.23 4.83
CA PHE K 170 -78.26 -28.65 4.15
C PHE K 170 -79.42 -29.63 4.24
N GLU K 171 -80.58 -29.19 3.76
CA GLU K 171 -81.78 -30.01 3.72
C GLU K 171 -82.13 -30.32 2.27
N HIS K 172 -82.29 -31.59 1.96
CA HIS K 172 -82.58 -32.05 0.61
C HIS K 172 -83.75 -33.01 0.63
N ARG K 173 -84.60 -32.92 -0.40
CA ARG K 173 -85.74 -33.81 -0.56
C ARG K 173 -85.73 -34.36 -1.98
N PRO K 174 -85.94 -35.66 -2.16
CA PRO K 174 -85.99 -36.21 -3.52
C PRO K 174 -87.10 -35.63 -4.36
N SER K 175 -88.23 -35.28 -3.76
CA SER K 175 -89.36 -34.71 -4.48
C SER K 175 -90.19 -33.88 -3.51
N ARG K 176 -91.07 -33.06 -4.08
CA ARG K 176 -91.94 -32.23 -3.25
C ARG K 176 -92.90 -33.09 -2.43
N SER K 177 -93.31 -34.24 -2.96
CA SER K 177 -94.18 -35.14 -2.21
C SER K 177 -93.48 -35.66 -0.96
N ALA K 178 -92.19 -35.97 -1.07
CA ALA K 178 -91.43 -36.47 0.07
C ALA K 178 -91.17 -35.35 1.08
N ASP K 179 -90.49 -35.70 2.16
CA ASP K 179 -90.19 -34.76 3.24
C ASP K 179 -88.72 -34.37 3.20
N TYR K 180 -88.43 -33.19 3.75
CA TYR K 180 -87.06 -32.70 3.81
C TYR K 180 -86.21 -33.59 4.71
N THR K 181 -84.97 -33.82 4.29
CA THR K 181 -84.01 -34.61 5.05
C THR K 181 -82.71 -33.84 5.15
N THR K 182 -82.19 -33.71 6.37
CA THR K 182 -80.94 -33.01 6.59
C THR K 182 -79.77 -33.88 6.17
N ARG K 183 -78.92 -33.35 5.29
CA ARG K 183 -77.78 -34.07 4.74
C ARG K 183 -76.51 -33.28 5.03
N THR K 184 -75.49 -33.97 5.53
CA THR K 184 -74.19 -33.37 5.81
C THR K 184 -73.13 -34.16 5.04
N VAL K 185 -72.61 -33.55 3.98
CA VAL K 185 -71.64 -34.21 3.10
C VAL K 185 -70.40 -33.33 2.98
N GLU K 186 -69.32 -33.93 2.50
CA GLU K 186 -68.09 -33.20 2.24
C GLU K 186 -68.03 -32.87 0.75
N PRO K 187 -68.11 -31.61 0.36
CA PRO K 187 -68.14 -31.28 -1.07
C PRO K 187 -66.83 -31.62 -1.77
N TRP K 188 -66.95 -32.00 -3.03
CA TRP K 188 -65.81 -32.28 -3.89
C TRP K 188 -65.72 -31.36 -5.10
N GLY K 189 -66.85 -30.98 -5.69
CA GLY K 189 -66.83 -30.10 -6.84
C GLY K 189 -68.23 -29.96 -7.41
N VAL K 190 -68.31 -29.11 -8.43
CA VAL K 190 -69.56 -28.82 -9.13
C VAL K 190 -69.39 -29.20 -10.60
N VAL K 191 -70.29 -30.03 -11.10
CA VAL K 191 -70.27 -30.48 -12.49
C VAL K 191 -71.63 -30.20 -13.10
N THR K 192 -71.63 -29.56 -14.27
CA THR K 192 -72.86 -29.25 -14.99
C THR K 192 -73.09 -30.24 -16.12
N HIS K 193 -74.34 -30.63 -16.31
CA HIS K 193 -74.72 -31.57 -17.36
C HIS K 193 -76.05 -31.14 -17.95
N ARG K 194 -76.06 -30.88 -19.27
CA ARG K 194 -77.25 -30.37 -19.96
C ARG K 194 -77.79 -29.11 -19.30
N GLY K 195 -76.86 -28.25 -18.86
CA GLY K 195 -77.26 -27.02 -18.19
C GLY K 195 -77.84 -27.21 -16.81
N ARG K 196 -77.60 -28.36 -16.18
CA ARG K 196 -78.11 -28.66 -14.85
C ARG K 196 -76.95 -28.95 -13.92
N TRP K 197 -76.94 -28.28 -12.76
CA TRP K 197 -75.88 -28.46 -11.80
C TRP K 197 -76.09 -29.73 -10.99
N TYR K 198 -74.98 -30.33 -10.55
CA TYR K 198 -75.03 -31.56 -9.76
C TYR K 198 -73.87 -31.53 -8.77
N LEU K 199 -74.17 -31.31 -7.50
CA LEU K 199 -73.14 -31.30 -6.48
C LEU K 199 -72.60 -32.70 -6.27
N VAL K 200 -71.27 -32.82 -6.22
CA VAL K 200 -70.59 -34.10 -6.04
C VAL K 200 -69.84 -34.07 -4.72
N GLY K 201 -70.07 -35.07 -3.88
CA GLY K 201 -69.42 -35.14 -2.60
C GLY K 201 -69.63 -36.49 -1.94
N HIS K 202 -69.02 -36.65 -0.78
CA HIS K 202 -69.10 -37.88 0.00
C HIS K 202 -69.92 -37.61 1.25
N ASP K 203 -70.96 -38.42 1.46
CA ASP K 203 -71.83 -38.23 2.62
C ASP K 203 -71.19 -38.83 3.86
N ARG K 204 -71.31 -38.11 4.98
CA ARG K 204 -70.81 -38.59 6.26
C ARG K 204 -71.84 -39.40 7.03
N ASP K 205 -73.08 -39.49 6.53
CA ASP K 205 -74.11 -40.29 7.16
C ASP K 205 -74.40 -41.60 6.45
N ARG K 206 -74.04 -41.71 5.18
CA ARG K 206 -74.23 -42.95 4.42
C ARG K 206 -72.92 -43.52 3.86
N GLU K 207 -71.84 -42.74 3.84
CA GLU K 207 -70.53 -43.19 3.36
C GLU K 207 -70.61 -43.70 1.93
N ASP K 208 -71.07 -42.82 1.04
CA ASP K 208 -71.17 -43.14 -0.38
C ASP K 208 -71.08 -41.85 -1.18
N THR K 209 -70.72 -41.99 -2.45
CA THR K 209 -70.63 -40.86 -3.36
C THR K 209 -71.98 -40.65 -4.03
N ARG K 210 -72.58 -39.48 -3.79
CA ARG K 210 -73.89 -39.16 -4.32
C ARG K 210 -73.84 -37.82 -5.04
N THR K 211 -74.71 -37.68 -6.03
CA THR K 211 -74.86 -36.45 -6.80
C THR K 211 -76.21 -35.83 -6.44
N PHE K 212 -76.18 -34.57 -6.01
CA PHE K 212 -77.38 -33.86 -5.58
C PHE K 212 -77.69 -32.74 -6.57
N ARG K 213 -78.91 -32.74 -7.08
CA ARG K 213 -79.34 -31.66 -7.96
C ARG K 213 -79.55 -30.39 -7.16
N LEU K 214 -78.94 -29.30 -7.61
CA LEU K 214 -78.96 -28.06 -6.84
C LEU K 214 -80.35 -27.42 -6.79
N SER K 215 -81.23 -27.74 -7.74
CA SER K 215 -82.59 -27.22 -7.69
C SER K 215 -83.34 -27.76 -6.47
N ARG K 216 -83.16 -29.05 -6.16
CA ARG K 216 -83.84 -29.63 -5.01
C ARG K 216 -83.32 -29.04 -3.70
N ILE K 217 -82.01 -28.78 -3.62
CA ILE K 217 -81.43 -28.26 -2.39
C ILE K 217 -81.90 -26.84 -2.15
N SER K 218 -82.33 -26.56 -0.93
CA SER K 218 -82.78 -25.23 -0.56
C SER K 218 -81.59 -24.29 -0.36
N ALA K 219 -81.88 -23.05 0.01
CA ALA K 219 -80.84 -22.03 0.18
C ALA K 219 -80.05 -22.19 1.46
N ALA K 220 -80.47 -23.08 2.37
CA ALA K 220 -79.80 -23.25 3.66
C ALA K 220 -78.60 -24.18 3.49
N ALA K 221 -77.57 -23.65 2.81
CA ALA K 221 -76.32 -24.38 2.61
C ALA K 221 -75.32 -23.89 3.65
N ARG K 222 -75.49 -24.34 4.88
CA ARG K 222 -74.65 -23.91 5.98
C ARG K 222 -73.30 -24.62 5.92
N PRO K 223 -72.18 -23.90 5.88
CA PRO K 223 -70.87 -24.58 5.88
C PRO K 223 -70.35 -24.83 7.28
N ILE K 224 -69.95 -26.07 7.57
CA ILE K 224 -69.44 -26.45 8.87
C ILE K 224 -68.14 -27.21 8.71
N GLY K 225 -67.37 -27.27 9.79
CA GLY K 225 -66.11 -27.96 9.79
C GLY K 225 -64.93 -27.04 9.63
N PRO K 226 -63.77 -27.41 10.15
CA PRO K 226 -62.58 -26.58 10.02
C PRO K 226 -62.10 -26.50 8.58
N ALA K 227 -61.48 -25.37 8.25
CA ALA K 227 -60.95 -25.19 6.91
C ALA K 227 -59.78 -26.12 6.65
N GLY K 228 -59.71 -26.65 5.43
CA GLY K 228 -58.65 -27.55 5.06
C GLY K 228 -58.84 -28.99 5.49
N ALA K 229 -59.99 -29.33 6.06
CA ALA K 229 -60.27 -30.69 6.53
C ALA K 229 -60.79 -31.60 5.43
N VAL K 230 -60.99 -31.09 4.22
CA VAL K 230 -61.50 -31.87 3.09
C VAL K 230 -60.35 -32.11 2.13
N GLN K 231 -60.02 -33.39 1.91
CA GLN K 231 -58.95 -33.80 1.01
C GLN K 231 -59.51 -34.86 0.07
N LYS K 232 -60.10 -34.42 -1.03
CA LYS K 232 -60.66 -35.35 -2.01
C LYS K 232 -59.53 -36.01 -2.81
N PRO K 233 -59.68 -37.28 -3.18
CA PRO K 233 -58.68 -37.94 -4.03
C PRO K 233 -58.57 -37.25 -5.38
N GLN K 234 -57.35 -37.17 -5.89
CA GLN K 234 -57.11 -36.53 -7.19
C GLN K 234 -57.52 -37.43 -8.36
N ASP K 235 -57.37 -38.74 -8.20
CA ASP K 235 -57.68 -39.66 -9.30
C ASP K 235 -59.17 -39.79 -9.59
N VAL K 236 -60.03 -39.25 -8.72
CA VAL K 236 -61.47 -39.36 -8.93
C VAL K 236 -61.90 -38.40 -10.03
N ASN K 237 -62.60 -38.94 -11.02
CA ASN K 237 -63.12 -38.15 -12.13
C ASN K 237 -64.58 -37.83 -11.86
N LEU K 238 -64.86 -36.56 -11.55
CA LEU K 238 -66.22 -36.15 -11.21
C LEU K 238 -67.15 -36.26 -12.42
N ARG K 239 -66.65 -35.92 -13.61
CA ARG K 239 -67.50 -35.94 -14.80
C ARG K 239 -67.96 -37.36 -15.11
N ASP K 240 -67.09 -38.35 -14.94
CA ASP K 240 -67.48 -39.74 -15.18
C ASP K 240 -68.56 -40.19 -14.19
N ILE K 241 -68.42 -39.79 -12.92
CA ILE K 241 -69.42 -40.14 -11.92
C ILE K 241 -70.77 -39.49 -12.26
N VAL K 242 -70.73 -38.22 -12.67
CA VAL K 242 -71.97 -37.54 -13.05
C VAL K 242 -72.62 -38.22 -14.25
N ARG K 243 -71.81 -38.60 -15.25
CA ARG K 243 -72.35 -39.28 -16.43
C ARG K 243 -72.97 -40.61 -16.05
N ARG K 244 -72.32 -41.37 -15.16
CA ARG K 244 -72.89 -42.63 -14.71
C ARG K 244 -74.19 -42.41 -13.94
N ALA K 245 -74.25 -41.34 -13.13
CA ALA K 245 -75.47 -41.07 -12.37
C ALA K 245 -76.61 -40.60 -13.25
N VAL K 246 -76.30 -39.97 -14.39
CA VAL K 246 -77.35 -39.47 -15.27
C VAL K 246 -78.16 -40.62 -15.84
N ALA K 247 -77.48 -41.65 -16.34
CA ALA K 247 -78.14 -42.80 -16.93
C ALA K 247 -77.44 -44.08 -16.49
N GLU K 248 -78.23 -45.08 -16.11
CA GLU K 248 -77.72 -46.37 -15.67
C GLU K 248 -77.97 -47.47 -16.67
N GLN K 249 -79.20 -47.60 -17.18
CA GLN K 249 -79.50 -48.62 -18.17
C GLN K 249 -78.98 -48.20 -19.53
N PRO K 250 -78.08 -48.96 -20.16
CA PRO K 250 -77.50 -48.54 -21.45
C PRO K 250 -78.53 -48.49 -22.57
N THR K 251 -79.17 -49.62 -22.87
CA THR K 251 -80.14 -49.68 -23.95
C THR K 251 -81.37 -50.51 -23.62
N GLY K 252 -81.49 -51.06 -22.41
CA GLY K 252 -82.61 -51.89 -22.06
C GLY K 252 -82.73 -53.12 -22.93
N GLU K 253 -83.80 -53.18 -23.72
CA GLU K 253 -84.01 -54.27 -24.67
C GLU K 253 -84.37 -53.70 -26.04
N ARG K 254 -84.74 -54.57 -26.97
CA ARG K 254 -85.16 -54.15 -28.31
C ARG K 254 -86.66 -54.39 -28.45
N ALA K 255 -87.40 -53.35 -28.83
CA ALA K 255 -88.84 -53.40 -28.96
C ALA K 255 -89.25 -52.94 -30.35
N ARG K 256 -90.20 -53.65 -30.94
CA ARG K 256 -90.71 -53.33 -32.27
C ARG K 256 -92.01 -52.55 -32.12
N ILE K 257 -92.05 -51.34 -32.66
CA ILE K 257 -93.20 -50.44 -32.54
C ILE K 257 -93.64 -50.03 -33.93
N TRP K 258 -94.94 -50.09 -34.19
CA TRP K 258 -95.52 -49.65 -35.45
C TRP K 258 -96.13 -48.27 -35.27
N ILE K 259 -95.75 -47.34 -36.15
CA ILE K 259 -96.24 -45.97 -36.10
C ILE K 259 -96.71 -45.57 -37.49
N ALA K 260 -97.83 -44.84 -37.54
CA ALA K 260 -98.35 -44.35 -38.81
C ALA K 260 -97.40 -43.33 -39.42
N GLY K 261 -97.31 -43.35 -40.75
CA GLY K 261 -96.43 -42.43 -41.43
C GLY K 261 -96.92 -40.99 -41.35
N GLY K 262 -95.96 -40.06 -41.40
CA GLY K 262 -96.26 -38.65 -41.37
C GLY K 262 -96.42 -38.06 -39.98
N ARG K 263 -96.38 -38.87 -38.94
CA ARG K 263 -96.53 -38.42 -37.56
C ARG K 263 -95.44 -39.07 -36.70
N ALA K 264 -95.52 -38.81 -35.40
CA ALA K 264 -94.56 -39.35 -34.42
C ALA K 264 -93.12 -39.01 -34.81
N THR K 265 -92.90 -37.76 -35.21
CA THR K 265 -91.57 -37.34 -35.64
C THR K 265 -90.55 -37.47 -34.51
N ALA K 266 -90.97 -37.16 -33.28
CA ALA K 266 -90.08 -37.35 -32.14
C ALA K 266 -89.68 -38.81 -31.97
N LEU K 267 -90.63 -39.73 -32.16
CA LEU K 267 -90.30 -41.15 -32.12
C LEU K 267 -89.60 -41.59 -33.39
N ARG K 268 -89.87 -40.92 -34.52
CA ARG K 268 -89.17 -41.23 -35.76
C ARG K 268 -87.67 -40.96 -35.63
N ARG K 269 -87.31 -39.84 -34.98
CA ARG K 269 -85.90 -39.52 -34.80
C ARG K 269 -85.21 -40.53 -33.88
N GLN K 270 -85.93 -41.09 -32.92
CA GLN K 270 -85.35 -42.07 -32.01
C GLN K 270 -85.27 -43.47 -32.62
N ALA K 271 -85.85 -43.69 -33.78
CA ALA K 271 -85.83 -45.00 -34.41
C ALA K 271 -84.42 -45.36 -34.87
N VAL K 272 -84.05 -46.62 -34.67
CA VAL K 272 -82.76 -47.12 -35.13
C VAL K 272 -82.88 -47.76 -36.51
N THR K 273 -83.85 -48.66 -36.67
CA THR K 273 -84.12 -49.28 -37.95
C THR K 273 -85.61 -49.11 -38.27
N SER K 274 -85.92 -49.08 -39.56
CA SER K 274 -87.29 -48.86 -40.01
C SER K 274 -87.68 -49.91 -41.03
N THR K 275 -88.97 -50.25 -41.04
CA THR K 275 -89.53 -51.22 -41.98
C THR K 275 -90.99 -50.89 -42.24
N PRO K 276 -91.33 -50.42 -43.45
CA PRO K 276 -92.72 -50.07 -43.74
C PRO K 276 -93.64 -51.28 -43.63
N ARG K 277 -94.86 -51.04 -43.15
CA ARG K 277 -95.87 -52.08 -43.00
C ARG K 277 -97.23 -51.43 -42.83
N THR K 278 -98.23 -51.98 -43.50
CA THR K 278 -99.61 -51.50 -43.42
C THR K 278 -100.44 -52.52 -42.65
N ILE K 279 -101.06 -52.08 -41.57
CA ILE K 279 -101.88 -52.94 -40.71
C ILE K 279 -103.23 -52.27 -40.52
N GLY K 280 -104.30 -53.03 -40.76
CA GLY K 280 -105.65 -52.52 -40.56
C GLY K 280 -106.02 -51.36 -41.46
N GLY K 281 -105.55 -51.38 -42.70
CA GLY K 281 -105.88 -50.32 -43.65
C GLY K 281 -105.16 -49.01 -43.43
N ARG K 282 -104.18 -48.96 -42.53
CA ARG K 282 -103.42 -47.75 -42.25
C ARG K 282 -101.95 -48.02 -42.53
N ALA K 283 -101.34 -47.16 -43.35
CA ALA K 283 -99.93 -47.29 -43.68
C ALA K 283 -99.06 -46.82 -42.53
N GLY K 284 -97.82 -47.30 -42.53
CA GLY K 284 -96.88 -46.93 -41.49
C GLY K 284 -95.59 -47.71 -41.62
N GLU K 285 -94.72 -47.53 -40.64
CA GLU K 285 -93.43 -48.19 -40.60
C GLU K 285 -93.22 -48.83 -39.23
N GLU K 286 -92.70 -50.06 -39.23
CA GLU K 286 -92.37 -50.76 -38.00
C GLU K 286 -90.90 -50.50 -37.67
N ILE K 287 -90.65 -49.98 -36.47
CA ILE K 287 -89.30 -49.59 -36.05
C ILE K 287 -88.91 -50.39 -34.82
N THR K 288 -87.68 -50.89 -34.82
CA THR K 288 -87.12 -51.60 -33.67
C THR K 288 -86.25 -50.61 -32.90
N VAL K 289 -86.71 -50.21 -31.72
CA VAL K 289 -86.02 -49.20 -30.93
C VAL K 289 -85.57 -49.79 -29.60
N ASP K 290 -84.88 -48.98 -28.80
CA ASP K 290 -84.39 -49.42 -27.51
C ASP K 290 -85.51 -49.30 -26.47
N ILE K 291 -85.19 -49.58 -25.21
CA ILE K 291 -86.15 -49.47 -24.11
C ILE K 291 -85.81 -48.31 -23.20
N GLY K 292 -84.62 -48.31 -22.59
CA GLY K 292 -84.26 -47.26 -21.66
C GLY K 292 -85.19 -47.28 -20.46
N THR K 293 -85.75 -46.12 -20.14
CA THR K 293 -86.74 -46.02 -19.07
C THR K 293 -88.06 -46.58 -19.56
N TRP K 294 -88.54 -47.64 -18.89
CA TRP K 294 -89.78 -48.29 -19.31
C TRP K 294 -90.96 -47.34 -19.19
N ASP K 295 -91.03 -46.58 -18.09
CA ASP K 295 -92.14 -45.66 -17.89
C ASP K 295 -92.14 -44.56 -18.95
N ARG K 296 -90.97 -44.02 -19.28
CA ARG K 296 -90.88 -42.97 -20.29
C ARG K 296 -91.33 -43.49 -21.65
N LEU K 297 -90.91 -44.69 -22.03
CA LEU K 297 -91.32 -45.26 -23.31
C LEU K 297 -92.82 -45.53 -23.33
N ALA K 298 -93.36 -46.03 -22.20
CA ALA K 298 -94.80 -46.27 -22.14
C ALA K 298 -95.58 -44.97 -22.28
N ARG K 299 -95.12 -43.91 -21.61
CA ARG K 299 -95.78 -42.61 -21.74
C ARG K 299 -95.71 -42.10 -23.17
N GLU K 300 -94.54 -42.23 -23.81
CA GLU K 300 -94.40 -41.76 -25.19
C GLU K 300 -95.31 -42.53 -26.13
N ILE K 301 -95.43 -43.84 -25.94
CA ILE K 301 -96.32 -44.63 -26.80
C ILE K 301 -97.77 -44.26 -26.56
N ALA K 302 -98.17 -44.12 -25.29
CA ALA K 302 -99.57 -43.84 -24.97
C ALA K 302 -99.97 -42.42 -25.36
N SER K 303 -99.02 -41.49 -25.43
CA SER K 303 -99.36 -40.12 -25.80
C SER K 303 -99.93 -40.05 -27.22
N TYR K 304 -99.33 -40.77 -28.16
CA TYR K 304 -99.77 -40.72 -29.54
C TYR K 304 -101.09 -41.45 -29.78
N GLY K 305 -101.53 -42.28 -28.84
CA GLY K 305 -102.79 -42.98 -29.02
C GLY K 305 -102.71 -43.97 -30.18
N SER K 306 -103.69 -43.87 -31.08
CA SER K 306 -103.74 -44.76 -32.24
C SER K 306 -102.63 -44.50 -33.23
N ASP K 307 -101.92 -43.38 -33.13
CA ASP K 307 -100.83 -43.10 -34.05
C ASP K 307 -99.70 -44.12 -33.89
N ALA K 308 -99.39 -44.49 -32.66
CA ALA K 308 -98.34 -45.46 -32.37
C ALA K 308 -98.96 -46.74 -31.81
N VAL K 309 -98.63 -47.87 -32.42
CA VAL K 309 -99.15 -49.17 -32.02
C VAL K 309 -97.96 -50.04 -31.60
N ALA K 310 -98.02 -50.57 -30.39
CA ALA K 310 -96.96 -51.42 -29.87
C ALA K 310 -97.16 -52.85 -30.32
N LEU K 311 -96.06 -53.50 -30.70
CA LEU K 311 -96.07 -54.90 -31.14
C LEU K 311 -95.35 -55.82 -30.16
N GLU K 312 -94.09 -55.52 -29.85
CA GLU K 312 -93.30 -56.28 -28.89
C GLU K 312 -92.58 -55.34 -27.96
N PRO K 313 -92.35 -55.75 -26.70
CA PRO K 313 -92.76 -57.01 -26.06
C PRO K 313 -94.23 -57.01 -25.67
N SER K 314 -94.78 -58.18 -25.32
CA SER K 314 -96.20 -58.26 -24.96
C SER K 314 -96.50 -57.50 -23.67
N SER K 315 -95.52 -57.43 -22.74
CA SER K 315 -95.75 -56.73 -21.48
C SER K 315 -96.02 -55.25 -21.71
N LEU K 316 -95.26 -54.62 -22.61
CA LEU K 316 -95.47 -53.20 -22.90
C LEU K 316 -96.84 -52.97 -23.52
N ARG K 317 -97.25 -53.85 -24.45
CA ARG K 317 -98.57 -53.74 -25.04
C ARG K 317 -99.66 -53.89 -24.00
N ASP K 318 -99.50 -54.85 -23.07
CA ASP K 318 -100.49 -55.03 -22.02
C ASP K 318 -100.56 -53.80 -21.12
N ASP K 319 -99.41 -53.21 -20.78
CA ASP K 319 -99.42 -52.00 -19.96
C ASP K 319 -100.11 -50.86 -20.68
N VAL K 320 -99.83 -50.68 -21.98
CA VAL K 320 -100.48 -49.62 -22.74
C VAL K 320 -101.99 -49.84 -22.80
N VAL K 321 -102.41 -51.09 -23.02
CA VAL K 321 -103.84 -51.39 -23.07
C VAL K 321 -104.50 -51.11 -21.73
N GLU K 322 -103.84 -51.49 -20.63
CA GLU K 322 -104.40 -51.21 -19.31
C GLU K 322 -104.52 -49.72 -19.06
N ARG K 323 -103.51 -48.95 -19.43
CA ARG K 323 -103.58 -47.49 -19.25
C ARG K 323 -104.70 -46.89 -20.09
N LEU K 324 -104.86 -47.36 -21.33
CA LEU K 324 -105.93 -46.84 -22.19
C LEU K 324 -107.30 -47.20 -21.63
N ARG K 325 -107.45 -48.42 -21.10
CA ARG K 325 -108.72 -48.81 -20.49
C ARG K 325 -109.01 -47.98 -19.25
N ALA K 326 -107.98 -47.69 -18.45
CA ALA K 326 -108.18 -46.83 -17.30
C ALA K 326 -108.60 -45.42 -17.72
N HIS K 327 -108.00 -44.90 -18.78
CA HIS K 327 -108.42 -43.60 -19.30
C HIS K 327 -109.85 -43.63 -19.80
N ALA K 328 -110.25 -44.71 -20.47
CA ALA K 328 -111.57 -44.83 -21.05
C ALA K 328 -112.65 -45.18 -20.03
N ALA K 329 -112.27 -45.46 -18.78
CA ALA K 329 -113.24 -45.80 -17.75
C ALA K 329 -114.16 -44.64 -17.38
N GLY K 330 -113.83 -43.43 -17.79
CA GLY K 330 -114.65 -42.27 -17.49
C GLY K 330 -114.18 -41.43 -16.32
N GLY K 331 -113.01 -41.72 -15.75
CA GLY K 331 -112.50 -40.97 -14.63
C GLY K 331 -113.03 -41.38 -13.28
N GLU K 332 -113.89 -42.41 -13.22
CA GLU K 332 -114.42 -42.86 -11.93
C GLU K 332 -113.30 -43.40 -11.04
N ARG K 333 -112.38 -44.16 -11.60
CA ARG K 333 -111.27 -44.72 -10.85
C ARG K 333 -109.97 -43.99 -11.14
#